data_6B3S
#
_entry.id   6B3S
#
_cell.length_a   151.943
_cell.length_b   80.756
_cell.length_c   172.901
_cell.angle_alpha   90.00
_cell.angle_beta   91.50
_cell.angle_gamma   90.00
#
_symmetry.space_group_name_H-M   'P 1 2 1'
#
loop_
_entity.id
_entity.type
_entity.pdbx_description
1 polymer 'Epidermal growth factor receptor'
2 polymer 'Necitumumab Fab Heavy chain'
3 polymer 'Necitumumab Fab Light chain'
4 branched 2-acetamido-2-deoxy-beta-D-glucopyranose-(1-4)-2-acetamido-2-deoxy-beta-D-glucopyranose
5 branched beta-D-mannopyranose-(1-4)-2-acetamido-2-deoxy-beta-D-glucopyranose-(1-4)-2-acetamido-2-deoxy-beta-D-glucopyranose
6 branched alpha-D-mannopyranose-(1-3)-beta-D-mannopyranose-(1-4)-2-acetamido-2-deoxy-beta-D-glucopyranose-(1-4)-2-acetamido-2-deoxy-beta-D-glucopyranose
7 non-polymer 2-acetamido-2-deoxy-beta-D-glucopyranose
8 water water
#
loop_
_entity_poly.entity_id
_entity_poly.type
_entity_poly.pdbx_seq_one_letter_code
_entity_poly.pdbx_strand_id
1 'polypeptide(L)'
;LEEKKVCNGIGIGEFKDSLSINATNIKHFKNCTSISGDLHILPVAFRGDSFTHTPPLDPQELDILKTVKEITGFLLIQAW
PENRTDLHAFENLEIIRGRTKQHGQFSLAVVSLNITSLGLRSLKEISDGDVIISGNKNLCYANTINWKKLFGTSGQKTKI
IRNRGENSCKATGQVCHALCSPEGCWGPEPRDCVSCRNVSRGRECVDKHHHHHH
;
A,B,E,I
2 'polypeptide(L)'
;QVQLQESGPGLVKPSQTLSLTCTVSGGSISSGDYYWSWIRQPPGKGLEWIGYIYYSGSTDYNPSLKSRVTMSVDTSKNQF
SLKVNSVTAADTAVYYCARVSIFGVGTFDYWGQGTLVTVSSASTKGPSVFPLAPSSKSTSGTAALGCLVKDYFPEPVTVS
WNSGALTSGVHTFPAVLQSSGLYSLSSVVTVPSSSLGTQTYICNVNHKPSNTKVDKKVEPKS
;
H,C,F,J
3 'polypeptide(L)'
;EIVMTQSPATLSLSPGERATLSCRASQSVSSYLAWYQQKPGQAPRLLIYDASNRATGIPARFSGSGSGTDFTLTISSLEP
EDFAVYYCHQYGSTPLTFGGGTKAEIKRTVAAPSVFIFPPSDEQLKSGTASVVCLLNNFYPREAKVQWKVDNALQSGNSQ
ESVTEQDSKDSTYSLSSTLTLSKADYEKHKVYACEVTHQGLSSPVTKSFNRGA
;
L,D,G,K
#
loop_
_chem_comp.id
_chem_comp.type
_chem_comp.name
_chem_comp.formula
BMA D-saccharide, beta linking beta-D-mannopyranose 'C6 H12 O6'
MAN D-saccharide, alpha linking alpha-D-mannopyranose 'C6 H12 O6'
NAG D-saccharide, beta linking 2-acetamido-2-deoxy-beta-D-glucopyranose 'C8 H15 N O6'
#
# COMPACT_ATOMS: atom_id res chain seq x y z
N LYS A 4 39.98 48.91 13.91
CA LYS A 4 38.85 47.99 14.07
C LYS A 4 37.90 48.50 15.15
N LYS A 5 36.61 48.44 14.87
CA LYS A 5 35.59 48.87 15.81
C LYS A 5 34.39 47.93 15.73
N VAL A 6 33.93 47.46 16.88
CA VAL A 6 32.78 46.55 16.96
C VAL A 6 31.57 47.36 17.39
N CYS A 7 30.41 47.07 16.77
CA CYS A 7 29.19 47.81 17.03
C CYS A 7 28.02 46.84 17.09
N ASN A 8 27.03 47.18 17.90
CA ASN A 8 25.84 46.36 18.03
C ASN A 8 25.00 46.43 16.75
N GLY A 9 24.23 45.37 16.52
CA GLY A 9 23.32 45.31 15.39
C GLY A 9 21.90 45.67 15.79
N ILE A 10 21.02 45.65 14.78
CA ILE A 10 19.63 46.03 15.01
C ILE A 10 18.97 45.02 15.94
N GLY A 11 18.20 45.52 16.89
CA GLY A 11 17.51 44.69 17.86
C GLY A 11 18.31 44.31 19.07
N ILE A 12 19.56 44.79 19.18
CA ILE A 12 20.47 44.39 20.23
C ILE A 12 21.09 45.64 20.85
N GLY A 13 21.10 45.70 22.17
CA GLY A 13 21.72 46.82 22.87
C GLY A 13 20.86 48.07 22.79
N GLU A 14 21.48 49.18 22.39
CA GLU A 14 20.75 50.43 22.24
C GLU A 14 19.73 50.38 21.09
N PHE A 15 19.92 49.46 20.14
CA PHE A 15 18.96 49.27 19.06
C PHE A 15 17.89 48.23 19.40
N LYS A 16 17.70 47.93 20.69
CA LYS A 16 16.90 46.77 21.07
C LYS A 16 15.54 46.78 20.39
N ASP A 17 14.85 47.91 20.42
CA ASP A 17 13.51 48.03 19.83
C ASP A 17 13.54 48.73 18.48
N SER A 18 14.71 48.85 17.86
CA SER A 18 14.82 49.45 16.54
C SER A 18 14.45 48.39 15.50
N LEU A 19 13.41 48.68 14.71
CA LEU A 19 13.00 47.74 13.66
C LEU A 19 13.98 47.72 12.50
N SER A 20 14.70 48.81 12.27
CA SER A 20 15.55 48.90 11.09
C SER A 20 16.56 50.01 11.27
N ILE A 21 17.71 49.86 10.59
CA ILE A 21 18.57 51.01 10.34
C ILE A 21 17.69 52.15 9.85
N ASN A 22 17.83 53.32 10.48
CA ASN A 22 17.04 54.46 10.08
C ASN A 22 17.84 55.74 10.31
N ALA A 23 17.19 56.88 10.07
CA ALA A 23 17.88 58.16 10.08
C ALA A 23 18.41 58.51 11.48
N THR A 24 17.76 58.02 12.53
CA THR A 24 18.19 58.34 13.87
C THR A 24 19.40 57.52 14.29
N ASN A 25 19.40 56.22 14.01
CA ASN A 25 20.43 55.33 14.53
C ASN A 25 21.59 55.11 13.58
N ILE A 26 21.48 55.54 12.32
CA ILE A 26 22.55 55.26 11.38
C ILE A 26 23.83 55.99 11.76
N LYS A 27 23.72 57.11 12.47
CA LYS A 27 24.91 57.85 12.88
C LYS A 27 25.82 57.00 13.75
N HIS A 28 25.24 56.17 14.62
CA HIS A 28 26.03 55.39 15.56
C HIS A 28 26.87 54.33 14.87
N PHE A 29 26.59 54.01 13.61
CA PHE A 29 27.35 53.01 12.88
C PHE A 29 28.60 53.60 12.22
N LYS A 30 28.96 54.84 12.53
CA LYS A 30 30.11 55.47 11.91
C LYS A 30 31.39 54.73 12.29
N ASN A 31 32.25 54.50 11.30
CA ASN A 31 33.53 53.78 11.48
C ASN A 31 33.33 52.38 12.02
N CYS A 32 32.19 51.75 11.79
CA CYS A 32 31.95 50.40 12.29
C CYS A 32 32.46 49.38 11.28
N THR A 33 33.47 48.60 11.69
CA THR A 33 34.04 47.57 10.83
C THR A 33 33.45 46.19 11.09
N SER A 34 32.86 45.97 12.25
CA SER A 34 32.28 44.66 12.60
C SER A 34 30.97 44.89 13.33
N ILE A 35 29.94 44.18 12.91
CA ILE A 35 28.61 44.28 13.50
C ILE A 35 28.34 43.00 14.27
N SER A 36 28.23 43.12 15.58
CA SER A 36 27.89 41.98 16.45
C SER A 36 26.37 41.90 16.52
N GLY A 37 25.77 41.21 15.56
CA GLY A 37 24.33 41.12 15.46
C GLY A 37 23.82 41.15 14.03
N ASP A 38 22.59 41.61 13.85
CA ASP A 38 21.95 41.60 12.54
C ASP A 38 21.93 43.01 11.95
N LEU A 39 21.61 43.08 10.66
CA LEU A 39 21.33 44.33 9.97
C LEU A 39 20.00 44.19 9.24
N HIS A 40 19.07 45.10 9.50
CA HIS A 40 17.82 45.19 8.78
C HIS A 40 17.75 46.52 8.05
N ILE A 41 17.37 46.47 6.78
CA ILE A 41 17.07 47.67 6.00
C ILE A 41 15.68 47.51 5.42
N LEU A 42 14.71 48.22 6.00
CA LEU A 42 13.30 48.04 5.68
C LEU A 42 12.70 49.32 5.14
N PRO A 43 11.49 49.26 4.57
CA PRO A 43 10.91 50.46 3.98
C PRO A 43 10.71 51.61 4.94
N VAL A 44 10.50 51.34 6.24
CA VAL A 44 10.34 52.43 7.19
C VAL A 44 11.55 53.34 7.15
N ALA A 45 12.74 52.75 6.99
CA ALA A 45 13.97 53.52 6.89
C ALA A 45 13.80 54.70 5.94
N PHE A 46 13.41 54.41 4.70
CA PHE A 46 13.30 55.44 3.67
C PHE A 46 11.97 56.17 3.66
N ARG A 47 10.97 55.67 4.39
CA ARG A 47 9.69 56.36 4.50
C ARG A 47 9.57 57.18 5.77
N GLY A 48 10.40 56.92 6.77
CA GLY A 48 10.21 57.50 8.09
C GLY A 48 9.07 56.84 8.83
N ASP A 49 8.97 57.07 10.13
CA ASP A 49 7.91 56.49 10.95
C ASP A 49 7.45 57.53 11.96
N SER A 50 6.16 57.85 11.95
CA SER A 50 5.64 58.89 12.83
C SER A 50 5.63 58.43 14.28
N PHE A 51 5.09 57.24 14.54
CA PHE A 51 4.91 56.78 15.91
C PHE A 51 6.23 56.80 16.68
N THR A 52 7.33 56.48 16.01
CA THR A 52 8.64 56.49 16.64
C THR A 52 9.40 57.80 16.46
N HIS A 53 8.77 58.79 15.83
CA HIS A 53 9.43 60.09 15.60
C HIS A 53 10.76 59.89 14.89
N THR A 54 10.73 59.13 13.81
CA THR A 54 11.93 58.85 13.02
C THR A 54 11.81 59.53 11.66
N PRO A 55 12.74 60.39 11.26
CA PRO A 55 12.65 61.02 9.95
C PRO A 55 13.09 60.07 8.86
N PRO A 56 12.64 60.28 7.62
CA PRO A 56 13.09 59.43 6.52
C PRO A 56 14.59 59.51 6.36
N LEU A 57 15.18 58.42 5.89
CA LEU A 57 16.62 58.33 5.73
C LEU A 57 17.05 58.97 4.43
N ASP A 58 18.18 59.67 4.48
CA ASP A 58 18.79 60.20 3.26
C ASP A 58 19.60 59.10 2.59
N PRO A 59 19.30 58.72 1.34
CA PRO A 59 20.06 57.63 0.71
C PRO A 59 21.56 57.85 0.68
N GLN A 60 22.03 59.09 0.88
CA GLN A 60 23.46 59.36 0.88
C GLN A 60 24.15 58.85 2.13
N GLU A 61 23.43 58.79 3.25
CA GLU A 61 24.03 58.35 4.51
C GLU A 61 24.30 56.86 4.55
N LEU A 62 23.73 56.08 3.63
CA LEU A 62 24.06 54.66 3.57
C LEU A 62 25.53 54.41 3.29
N ASP A 63 26.28 55.42 2.84
CA ASP A 63 27.72 55.27 2.67
C ASP A 63 28.44 55.04 4.00
N ILE A 64 27.79 55.35 5.12
CA ILE A 64 28.39 55.13 6.42
C ILE A 64 28.78 53.66 6.60
N LEU A 65 27.99 52.75 6.03
CA LEU A 65 28.23 51.32 6.19
C LEU A 65 29.40 50.81 5.34
N LYS A 66 30.02 51.67 4.53
CA LYS A 66 31.11 51.23 3.68
C LYS A 66 32.25 50.64 4.50
N THR A 67 32.40 51.08 5.74
CA THR A 67 33.47 50.59 6.60
C THR A 67 33.21 49.19 7.14
N VAL A 68 31.97 48.70 7.07
CA VAL A 68 31.65 47.40 7.62
C VAL A 68 32.35 46.31 6.83
N LYS A 69 33.08 45.44 7.54
CA LYS A 69 33.77 44.32 6.93
C LYS A 69 33.32 42.96 7.46
N GLU A 70 32.46 42.92 8.48
CA GLU A 70 32.05 41.66 9.07
C GLU A 70 30.68 41.84 9.71
N ILE A 71 29.84 40.81 9.59
CA ILE A 71 28.53 40.76 10.25
C ILE A 71 28.37 39.38 10.86
N THR A 72 28.22 39.31 12.17
CA THR A 72 28.09 38.03 12.84
C THR A 72 26.70 37.42 12.68
N GLY A 73 25.69 38.25 12.41
CA GLY A 73 24.34 37.76 12.23
C GLY A 73 23.98 37.62 10.75
N PHE A 74 22.83 38.15 10.36
CA PHE A 74 22.38 38.07 8.98
C PHE A 74 22.16 39.47 8.41
N LEU A 75 22.04 39.54 7.09
CA LEU A 75 21.82 40.78 6.36
C LEU A 75 20.50 40.68 5.62
N LEU A 76 19.55 41.55 5.98
CA LEU A 76 18.21 41.56 5.39
C LEU A 76 17.99 42.92 4.75
N ILE A 77 17.82 42.93 3.43
CA ILE A 77 17.60 44.16 2.68
C ILE A 77 16.27 44.00 1.95
N GLN A 78 15.22 44.60 2.49
CA GLN A 78 13.90 44.57 1.88
C GLN A 78 13.49 45.92 1.31
N ALA A 79 14.41 46.87 1.23
CA ALA A 79 14.12 48.20 0.69
C ALA A 79 15.44 48.85 0.31
N TRP A 80 15.40 49.71 -0.70
CA TRP A 80 16.62 50.28 -1.23
C TRP A 80 16.29 51.40 -2.21
N PRO A 81 17.06 52.49 -2.25
CA PRO A 81 16.75 53.55 -3.22
C PRO A 81 16.84 53.03 -4.64
N GLU A 82 15.88 53.46 -5.47
CA GLU A 82 15.80 52.96 -6.83
C GLU A 82 16.77 53.68 -7.77
N ASN A 83 17.12 54.93 -7.48
CA ASN A 83 18.12 55.63 -8.29
C ASN A 83 19.46 54.90 -8.32
N ARG A 84 19.67 53.96 -7.39
CA ARG A 84 20.94 53.27 -7.24
C ARG A 84 20.87 51.90 -7.88
N THR A 85 21.99 51.48 -8.50
CA THR A 85 22.02 50.27 -9.30
C THR A 85 22.52 49.04 -8.55
N ASP A 86 23.19 49.22 -7.42
CA ASP A 86 23.77 48.09 -6.70
C ASP A 86 23.88 48.45 -5.22
N LEU A 87 24.39 47.50 -4.44
CA LEU A 87 24.55 47.67 -2.99
C LEU A 87 25.92 48.28 -2.75
N HIS A 88 26.02 49.59 -3.00
CA HIS A 88 27.30 50.29 -2.87
C HIS A 88 27.77 50.35 -1.42
N ALA A 89 26.84 50.39 -0.47
CA ALA A 89 27.23 50.56 0.93
C ALA A 89 27.99 49.36 1.45
N PHE A 90 27.60 48.14 1.03
CA PHE A 90 28.27 46.93 1.47
C PHE A 90 29.40 46.52 0.53
N GLU A 91 30.05 47.50 -0.10
CA GLU A 91 31.14 47.22 -1.03
C GLU A 91 32.26 46.44 -0.35
N ASN A 92 32.57 46.78 0.89
CA ASN A 92 33.71 46.20 1.60
C ASN A 92 33.32 45.07 2.55
N LEU A 93 32.06 44.63 2.52
CA LEU A 93 31.65 43.52 3.37
C LEU A 93 32.35 42.25 2.93
N GLU A 94 33.09 41.62 3.85
CA GLU A 94 33.92 40.46 3.54
C GLU A 94 33.38 39.14 4.06
N ILE A 95 32.65 39.14 5.19
CA ILE A 95 32.20 37.92 5.81
C ILE A 95 30.81 38.12 6.40
N ILE A 96 29.98 37.07 6.32
CA ILE A 96 28.69 37.00 7.00
C ILE A 96 28.68 35.65 7.72
N ARG A 97 28.71 35.69 9.06
CA ARG A 97 28.84 34.46 9.83
C ARG A 97 27.51 33.77 10.08
N GLY A 98 26.41 34.52 10.13
CA GLY A 98 25.10 33.93 10.30
C GLY A 98 24.93 33.11 11.57
N ARG A 99 25.53 33.55 12.67
CA ARG A 99 25.27 32.90 13.96
C ARG A 99 23.83 33.10 14.39
N THR A 100 23.23 34.22 14.02
CA THR A 100 21.79 34.41 14.04
C THR A 100 21.28 34.42 12.60
N LYS A 101 20.05 33.99 12.40
CA LYS A 101 19.54 33.82 11.04
C LYS A 101 18.10 34.30 10.94
N GLN A 102 17.77 34.89 9.79
CA GLN A 102 16.40 35.31 9.49
C GLN A 102 15.48 34.11 9.50
N HIS A 103 14.46 34.15 10.36
CA HIS A 103 13.53 33.04 10.54
C HIS A 103 14.23 31.75 10.95
N GLY A 104 15.48 31.85 11.40
CA GLY A 104 16.24 30.67 11.76
C GLY A 104 16.77 29.88 10.59
N GLN A 105 16.95 30.51 9.42
CA GLN A 105 17.43 29.79 8.25
C GLN A 105 18.35 30.65 7.38
N PHE A 106 17.97 31.89 7.11
CA PHE A 106 18.62 32.70 6.10
C PHE A 106 19.60 33.69 6.73
N SER A 107 20.81 33.76 6.17
CA SER A 107 21.83 34.69 6.60
C SER A 107 22.00 35.87 5.65
N LEU A 108 21.38 35.84 4.48
CA LEU A 108 21.45 36.93 3.51
C LEU A 108 20.19 36.93 2.69
N ALA A 109 19.47 38.04 2.68
CA ALA A 109 18.18 38.12 1.99
C ALA A 109 18.08 39.45 1.26
N VAL A 110 17.83 39.39 -0.04
CA VAL A 110 17.59 40.56 -0.87
C VAL A 110 16.24 40.37 -1.55
N VAL A 111 15.28 41.22 -1.23
CA VAL A 111 13.89 41.02 -1.61
C VAL A 111 13.40 42.24 -2.37
N SER A 112 13.22 42.09 -3.69
CA SER A 112 12.48 43.05 -4.52
C SER A 112 13.14 44.44 -4.48
N LEU A 113 14.32 44.51 -5.07
CA LEU A 113 15.05 45.76 -5.22
C LEU A 113 15.19 46.09 -6.71
N ASN A 114 15.34 47.39 -6.99
CA ASN A 114 15.52 47.89 -8.35
C ASN A 114 16.97 47.75 -8.83
N ILE A 115 17.83 47.10 -8.04
CA ILE A 115 19.25 47.02 -8.41
C ILE A 115 19.42 46.16 -9.66
N THR A 116 20.51 46.43 -10.37
CA THR A 116 20.91 45.62 -11.52
C THR A 116 21.97 44.59 -11.17
N SER A 117 22.86 44.90 -10.22
CA SER A 117 23.88 43.97 -9.76
C SER A 117 23.95 44.05 -8.24
N LEU A 118 24.39 42.95 -7.62
CA LEU A 118 24.53 42.94 -6.17
C LEU A 118 25.66 43.84 -5.72
N GLY A 119 26.79 43.83 -6.42
CA GLY A 119 27.89 44.72 -6.09
C GLY A 119 28.60 44.41 -4.80
N LEU A 120 28.62 43.14 -4.39
CA LEU A 120 29.30 42.73 -3.16
C LEU A 120 30.68 42.18 -3.55
N ARG A 121 31.59 43.11 -3.85
CA ARG A 121 32.89 42.73 -4.39
C ARG A 121 33.72 41.94 -3.38
N SER A 122 33.73 42.39 -2.12
CA SER A 122 34.65 41.85 -1.13
C SER A 122 34.12 40.61 -0.42
N LEU A 123 32.87 40.21 -0.64
CA LEU A 123 32.30 39.08 0.08
C LEU A 123 33.03 37.81 -0.29
N LYS A 124 33.68 37.17 0.69
CA LYS A 124 34.48 35.99 0.45
C LYS A 124 34.08 34.78 1.30
N GLU A 125 33.07 34.91 2.16
CA GLU A 125 32.64 33.77 2.97
C GLU A 125 31.26 34.04 3.54
N ILE A 126 30.44 32.99 3.61
CA ILE A 126 29.18 33.00 4.34
C ILE A 126 29.19 31.74 5.20
N SER A 127 29.49 31.89 6.49
CA SER A 127 29.79 30.75 7.33
C SER A 127 28.58 29.85 7.54
N ASP A 128 27.40 30.44 7.74
CA ASP A 128 26.21 29.64 8.01
C ASP A 128 24.98 30.37 7.47
N GLY A 129 23.92 29.60 7.25
CA GLY A 129 22.65 30.13 6.82
C GLY A 129 22.47 30.06 5.31
N ASP A 130 21.21 30.13 4.89
CA ASP A 130 20.85 30.06 3.48
C ASP A 130 20.76 31.45 2.86
N VAL A 131 21.18 31.55 1.60
CA VAL A 131 21.04 32.78 0.83
C VAL A 131 19.71 32.75 0.11
N ILE A 132 19.05 33.90 0.02
CA ILE A 132 17.81 34.04 -0.74
C ILE A 132 17.83 35.38 -1.45
N ILE A 133 17.62 35.35 -2.76
CA ILE A 133 17.55 36.54 -3.60
C ILE A 133 16.26 36.45 -4.38
N SER A 134 15.29 37.30 -4.06
CA SER A 134 13.92 37.15 -4.52
C SER A 134 13.39 38.46 -5.09
N GLY A 135 12.74 38.38 -6.24
CA GLY A 135 11.90 39.45 -6.75
C GLY A 135 12.62 40.64 -7.34
N ASN A 136 13.93 40.57 -7.56
CA ASN A 136 14.69 41.67 -8.14
C ASN A 136 14.62 41.56 -9.65
N LYS A 137 13.65 42.25 -10.25
CA LYS A 137 13.31 42.04 -11.66
C LYS A 137 14.34 42.62 -12.62
N ASN A 138 15.32 43.39 -12.13
CA ASN A 138 16.38 43.92 -12.98
C ASN A 138 17.75 43.36 -12.63
N LEU A 139 17.81 42.36 -11.76
CA LEU A 139 19.07 41.88 -11.20
C LEU A 139 19.67 40.77 -12.06
N CYS A 140 20.83 41.05 -12.66
CA CYS A 140 21.61 40.08 -13.41
C CYS A 140 22.84 39.69 -12.60
N TYR A 141 23.62 38.76 -13.15
CA TYR A 141 24.91 38.31 -12.62
C TYR A 141 24.78 37.44 -11.38
N ALA A 142 23.56 37.08 -10.97
CA ALA A 142 23.38 36.37 -9.71
C ALA A 142 23.90 34.94 -9.81
N ASN A 143 23.40 34.16 -10.76
CA ASN A 143 23.76 32.75 -10.87
C ASN A 143 25.20 32.53 -11.30
N THR A 144 25.90 33.56 -11.76
CA THR A 144 27.26 33.38 -12.26
C THR A 144 28.18 32.88 -11.15
N ILE A 145 28.10 33.48 -9.96
CA ILE A 145 29.00 33.13 -8.86
C ILE A 145 28.73 31.71 -8.38
N ASN A 146 29.79 31.04 -7.93
CA ASN A 146 29.69 29.74 -7.28
C ASN A 146 29.54 30.00 -5.78
N TRP A 147 28.31 29.93 -5.29
CA TRP A 147 28.05 30.21 -3.88
C TRP A 147 28.56 29.10 -2.97
N LYS A 148 28.81 27.90 -3.50
CA LYS A 148 29.36 26.82 -2.69
C LYS A 148 30.77 27.12 -2.23
N LYS A 149 31.50 27.98 -2.94
CA LYS A 149 32.83 28.38 -2.50
C LYS A 149 32.75 29.31 -1.28
N LEU A 150 31.70 30.12 -1.20
CA LEU A 150 31.52 30.98 -0.03
C LEU A 150 31.02 30.21 1.18
N PHE A 151 30.18 29.20 0.97
CA PHE A 151 29.63 28.42 2.08
C PHE A 151 30.74 27.72 2.85
N GLY A 152 30.55 27.64 4.17
CA GLY A 152 31.50 26.97 5.03
C GLY A 152 30.84 25.96 5.96
N THR A 153 29.53 25.78 5.80
CA THR A 153 28.77 24.83 6.59
C THR A 153 27.94 23.96 5.66
N SER A 154 27.80 22.68 6.02
CA SER A 154 27.03 21.75 5.20
C SER A 154 25.53 22.03 5.39
N GLY A 155 24.80 21.97 4.27
CA GLY A 155 23.38 22.25 4.27
C GLY A 155 23.02 23.61 3.72
N GLN A 156 24.00 24.47 3.47
CA GLN A 156 23.72 25.78 2.90
C GLN A 156 23.33 25.66 1.43
N LYS A 157 22.29 26.40 1.04
CA LYS A 157 21.82 26.39 -0.34
C LYS A 157 21.29 27.77 -0.67
N THR A 158 21.47 28.18 -1.91
CA THR A 158 20.94 29.46 -2.37
C THR A 158 19.58 29.27 -3.01
N LYS A 159 18.75 30.31 -2.89
CA LYS A 159 17.39 30.30 -3.43
C LYS A 159 17.25 31.58 -4.26
N ILE A 160 17.61 31.50 -5.54
CA ILE A 160 17.49 32.60 -6.47
C ILE A 160 16.24 32.36 -7.29
N ILE A 161 15.18 33.14 -7.03
CA ILE A 161 13.89 32.93 -7.67
C ILE A 161 13.26 34.27 -8.03
N ARG A 162 12.37 34.22 -9.02
CA ARG A 162 11.57 35.36 -9.46
C ARG A 162 12.42 36.56 -9.85
N ASN A 163 13.71 36.33 -10.11
CA ASN A 163 14.59 37.40 -10.55
C ASN A 163 14.60 37.44 -12.08
N ARG A 164 15.30 38.43 -12.61
CA ARG A 164 15.38 38.58 -14.07
C ARG A 164 15.93 37.31 -14.70
N GLY A 165 15.18 36.74 -15.63
CA GLY A 165 15.59 35.52 -16.31
C GLY A 165 17.00 35.62 -16.85
N GLU A 166 17.75 34.52 -16.76
CA GLU A 166 19.13 34.54 -17.21
C GLU A 166 19.23 34.83 -18.70
N ASN A 167 18.26 34.37 -19.49
CA ASN A 167 18.29 34.61 -20.93
C ASN A 167 18.07 36.08 -21.25
N SER A 168 17.11 36.72 -20.59
CA SER A 168 16.87 38.15 -20.80
C SER A 168 18.11 38.98 -20.47
N CYS A 169 18.88 38.56 -19.47
CA CYS A 169 20.11 39.25 -19.14
C CYS A 169 21.15 39.08 -20.24
N LYS A 170 21.21 37.88 -20.84
CA LYS A 170 22.20 37.63 -21.88
C LYS A 170 21.95 38.47 -23.12
N ALA A 171 20.68 38.62 -23.51
CA ALA A 171 20.36 39.38 -24.71
C ALA A 171 20.91 40.80 -24.64
N THR A 172 20.63 41.51 -23.53
CA THR A 172 21.08 42.89 -23.40
C THR A 172 22.60 42.99 -23.56
N GLY A 173 23.34 42.14 -22.87
CA GLY A 173 24.80 42.21 -22.87
C GLY A 173 25.35 42.35 -21.47
N GLN A 174 24.49 42.14 -20.47
CA GLN A 174 24.89 42.23 -19.06
C GLN A 174 25.36 40.86 -18.60
N VAL A 175 26.61 40.54 -18.95
CA VAL A 175 27.23 39.27 -18.61
C VAL A 175 28.63 39.56 -18.09
N CYS A 176 29.20 38.59 -17.39
CA CYS A 176 30.56 38.73 -16.88
C CYS A 176 31.50 39.24 -17.96
N HIS A 177 32.43 40.10 -17.56
CA HIS A 177 33.36 40.72 -18.49
C HIS A 177 34.24 39.65 -19.15
N ALA A 178 34.95 40.06 -20.20
CA ALA A 178 35.86 39.15 -20.89
C ALA A 178 36.93 38.61 -19.95
N LEU A 179 37.65 39.51 -19.29
CA LEU A 179 38.75 39.08 -18.41
C LEU A 179 38.27 38.12 -17.32
N CYS A 180 36.98 38.17 -16.98
CA CYS A 180 36.45 37.32 -15.93
C CYS A 180 36.76 35.86 -16.19
N SER A 181 36.93 35.10 -15.11
CA SER A 181 37.11 33.67 -15.14
C SER A 181 35.82 32.97 -14.74
N PRO A 182 35.72 31.64 -14.95
CA PRO A 182 34.47 30.93 -14.65
C PRO A 182 33.95 31.12 -13.23
N GLU A 183 34.78 31.63 -12.32
CA GLU A 183 34.36 31.80 -10.94
C GLU A 183 33.08 32.61 -10.82
N GLY A 184 32.83 33.51 -11.77
CA GLY A 184 31.65 34.34 -11.79
C GLY A 184 32.01 35.81 -11.70
N CYS A 185 30.98 36.62 -11.49
CA CYS A 185 31.17 38.07 -11.42
C CYS A 185 30.09 38.67 -10.54
N TRP A 186 30.46 39.74 -9.83
CA TRP A 186 29.51 40.49 -9.03
C TRP A 186 28.87 41.64 -9.81
N GLY A 187 29.52 42.11 -10.87
CA GLY A 187 28.98 43.17 -11.70
C GLY A 187 29.54 43.08 -13.10
N PRO A 188 29.20 44.04 -13.95
CA PRO A 188 29.68 44.01 -15.34
C PRO A 188 31.12 44.46 -15.49
N GLU A 189 31.58 45.33 -14.60
CA GLU A 189 32.93 45.87 -14.71
C GLU A 189 33.96 44.83 -14.29
N PRO A 190 35.20 44.98 -14.75
CA PRO A 190 36.25 44.02 -14.33
C PRO A 190 36.54 44.08 -12.84
N ARG A 191 36.58 45.28 -12.27
CA ARG A 191 36.76 45.41 -10.82
C ARG A 191 35.66 44.68 -10.06
N ASP A 192 34.51 44.44 -10.69
CA ASP A 192 33.42 43.70 -10.07
C ASP A 192 33.58 42.20 -10.26
N CYS A 193 34.70 41.73 -10.79
CA CYS A 193 34.88 40.31 -11.03
C CYS A 193 35.53 39.63 -9.83
N VAL A 194 35.17 38.36 -9.62
CA VAL A 194 35.79 37.53 -8.59
C VAL A 194 37.28 37.42 -8.88
N GLN B 1 -7.25 32.61 11.23
CA GLN B 1 -6.41 31.95 10.21
C GLN B 1 -6.35 32.77 8.92
N VAL B 2 -5.36 32.47 8.07
CA VAL B 2 -5.18 33.21 6.83
C VAL B 2 -6.36 32.95 5.90
N GLN B 3 -6.97 34.02 5.42
CA GLN B 3 -8.11 33.92 4.52
C GLN B 3 -8.10 35.09 3.55
N LEU B 4 -8.23 34.79 2.26
CA LEU B 4 -8.30 35.79 1.21
C LEU B 4 -9.68 35.73 0.56
N GLN B 5 -10.24 36.89 0.24
CA GLN B 5 -11.54 36.97 -0.41
C GLN B 5 -11.52 38.11 -1.43
N GLU B 6 -12.00 37.82 -2.63
CA GLU B 6 -12.07 38.82 -3.69
C GLU B 6 -13.45 39.49 -3.71
N SER B 7 -13.50 40.68 -4.30
CA SER B 7 -14.74 41.41 -4.41
C SER B 7 -14.59 42.46 -5.50
N GLY B 8 -15.66 42.68 -6.26
CA GLY B 8 -15.65 43.63 -7.33
C GLY B 8 -16.70 43.32 -8.38
N PRO B 9 -16.98 44.28 -9.26
CA PRO B 9 -18.04 44.07 -10.26
C PRO B 9 -17.74 42.87 -11.13
N GLY B 10 -18.77 42.07 -11.40
CA GLY B 10 -18.65 40.91 -12.26
C GLY B 10 -18.87 41.19 -13.72
N LEU B 11 -19.34 42.38 -14.08
CA LEU B 11 -19.63 42.73 -15.47
C LEU B 11 -18.94 44.03 -15.82
N VAL B 12 -18.03 43.98 -16.79
CA VAL B 12 -17.30 45.14 -17.28
C VAL B 12 -17.54 45.25 -18.78
N LYS B 13 -17.60 46.51 -19.28
CA LYS B 13 -17.83 46.70 -20.71
C LYS B 13 -16.49 46.82 -21.44
N PRO B 14 -16.40 46.38 -22.70
CA PRO B 14 -15.13 46.47 -23.42
C PRO B 14 -14.62 47.91 -23.48
N SER B 15 -13.29 48.04 -23.43
CA SER B 15 -12.55 49.29 -23.44
C SER B 15 -12.59 49.99 -22.09
N GLN B 16 -13.43 49.57 -21.16
CA GLN B 16 -13.49 50.15 -19.82
C GLN B 16 -12.44 49.50 -18.94
N THR B 17 -12.49 49.77 -17.63
CA THR B 17 -11.48 49.30 -16.70
C THR B 17 -12.07 48.31 -15.70
N LEU B 18 -11.28 47.31 -15.34
CA LEU B 18 -11.68 46.23 -14.45
C LEU B 18 -10.98 46.43 -13.11
N SER B 19 -11.74 46.45 -12.02
CA SER B 19 -11.21 46.73 -10.70
C SER B 19 -11.62 45.65 -9.72
N LEU B 20 -10.64 45.07 -9.03
CA LEU B 20 -10.88 44.05 -8.02
C LEU B 20 -10.06 44.35 -6.78
N THR B 21 -10.61 44.00 -5.62
CA THR B 21 -9.94 44.19 -4.35
C THR B 21 -10.02 42.91 -3.52
N CYS B 22 -8.91 42.56 -2.89
CA CYS B 22 -8.76 41.33 -2.12
C CYS B 22 -8.62 41.69 -0.64
N THR B 23 -9.56 41.23 0.18
CA THR B 23 -9.56 41.49 1.61
C THR B 23 -8.87 40.34 2.34
N VAL B 24 -7.82 40.65 3.09
CA VAL B 24 -7.01 39.66 3.78
C VAL B 24 -7.43 39.60 5.26
N SER B 25 -7.41 38.40 5.82
CA SER B 25 -7.75 38.19 7.23
C SER B 25 -6.68 37.31 7.87
N GLY B 26 -6.65 37.33 9.19
CA GLY B 26 -5.70 36.51 9.93
C GLY B 26 -4.25 36.86 9.72
N GLY B 27 -3.96 38.08 9.27
CA GLY B 27 -2.60 38.50 9.04
C GLY B 27 -2.58 39.88 8.41
N SER B 28 -1.43 40.53 8.49
CA SER B 28 -1.25 41.89 7.99
C SER B 28 -0.53 41.86 6.65
N ILE B 29 -1.13 42.48 5.64
CA ILE B 29 -0.54 42.53 4.30
C ILE B 29 0.78 43.29 4.31
N SER B 30 0.99 44.15 5.29
CA SER B 30 2.23 44.90 5.41
C SER B 30 3.23 44.03 6.17
N SER B 31 4.03 43.28 5.43
CA SER B 31 5.04 42.43 6.02
C SER B 31 6.06 42.09 4.94
N GLY B 32 7.30 41.91 5.34
CA GLY B 32 8.36 41.55 4.42
C GLY B 32 8.43 40.08 4.11
N ASP B 33 7.50 39.28 4.63
CA ASP B 33 7.50 37.84 4.44
C ASP B 33 6.60 37.38 3.30
N TYR B 34 5.77 38.26 2.76
CA TYR B 34 4.69 37.83 1.88
C TYR B 34 4.63 38.70 0.63
N TYR B 35 4.56 38.05 -0.52
CA TYR B 35 4.10 38.66 -1.75
C TYR B 35 2.58 38.54 -1.84
N TRP B 36 1.96 39.46 -2.58
CA TRP B 36 0.52 39.45 -2.78
C TRP B 36 0.23 39.54 -4.27
N SER B 37 -0.35 38.48 -4.82
CA SER B 37 -0.40 38.27 -6.25
C SER B 37 -1.83 38.11 -6.73
N TRP B 38 -2.01 38.31 -8.04
CA TRP B 38 -3.27 38.05 -8.73
C TRP B 38 -3.04 37.04 -9.82
N ILE B 39 -3.90 36.02 -9.90
CA ILE B 39 -3.89 35.06 -10.98
C ILE B 39 -5.30 35.02 -11.56
N ARG B 40 -5.40 34.72 -12.85
CA ARG B 40 -6.69 34.58 -13.51
C ARG B 40 -6.75 33.28 -14.31
N GLN B 41 -7.98 32.84 -14.56
CA GLN B 41 -8.23 31.61 -15.30
C GLN B 41 -9.43 31.81 -16.21
N PRO B 42 -9.22 32.05 -17.50
CA PRO B 42 -10.35 32.12 -18.43
C PRO B 42 -11.16 30.84 -18.40
N PRO B 43 -12.50 30.92 -18.48
CA PRO B 43 -13.30 29.70 -18.37
C PRO B 43 -12.84 28.59 -19.30
N GLY B 44 -12.50 27.44 -18.73
CA GLY B 44 -12.07 26.30 -19.50
C GLY B 44 -10.63 26.31 -19.98
N LYS B 45 -9.80 27.20 -19.46
CA LYS B 45 -8.41 27.32 -19.91
C LYS B 45 -7.50 27.24 -18.70
N GLY B 46 -6.24 27.62 -18.91
CA GLY B 46 -5.21 27.52 -17.89
C GLY B 46 -5.12 28.74 -17.00
N LEU B 47 -4.07 28.75 -16.19
CA LEU B 47 -3.83 29.80 -15.19
C LEU B 47 -2.82 30.81 -15.72
N GLU B 48 -3.15 32.09 -15.60
CA GLU B 48 -2.26 33.17 -16.04
C GLU B 48 -1.88 34.05 -14.86
N TRP B 49 -0.58 34.23 -14.66
CA TRP B 49 -0.09 35.10 -13.60
C TRP B 49 -0.11 36.54 -14.06
N ILE B 50 -0.68 37.41 -13.22
CA ILE B 50 -0.83 38.83 -13.55
C ILE B 50 0.36 39.61 -12.97
N GLY B 51 0.53 39.54 -11.65
CA GLY B 51 1.63 40.24 -11.01
C GLY B 51 1.56 40.07 -9.50
N TYR B 52 2.53 40.68 -8.82
CA TYR B 52 2.51 40.73 -7.35
C TYR B 52 2.91 42.12 -6.89
N ILE B 53 2.51 42.45 -5.66
CA ILE B 53 2.86 43.70 -5.01
C ILE B 53 3.50 43.38 -3.67
N TYR B 54 4.50 44.17 -3.29
CA TYR B 54 5.26 44.00 -2.06
C TYR B 54 5.01 45.18 -1.13
N TYR B 55 5.19 44.95 0.17
CA TYR B 55 4.88 46.00 1.14
C TYR B 55 5.72 47.26 0.93
N SER B 56 6.88 47.13 0.28
CA SER B 56 7.72 48.28 -0.01
C SER B 56 7.24 49.07 -1.22
N GLY B 57 6.09 48.73 -1.79
CA GLY B 57 5.61 49.37 -2.99
C GLY B 57 6.11 48.76 -4.27
N SER B 58 7.14 47.91 -4.22
CA SER B 58 7.62 47.24 -5.42
C SER B 58 6.51 46.40 -6.04
N THR B 59 6.54 46.26 -7.37
CA THR B 59 5.57 45.45 -8.08
C THR B 59 6.26 44.74 -9.23
N ASP B 60 5.63 43.66 -9.69
CA ASP B 60 6.01 42.98 -10.91
C ASP B 60 4.76 42.60 -11.66
N TYR B 61 4.78 42.79 -12.97
CA TYR B 61 3.62 42.55 -13.81
C TYR B 61 3.99 41.66 -14.99
N ASN B 62 3.01 40.90 -15.46
CA ASN B 62 3.20 40.03 -16.61
C ASN B 62 3.27 40.85 -17.88
N PRO B 63 4.35 40.76 -18.68
CA PRO B 63 4.40 41.52 -19.93
C PRO B 63 3.24 41.21 -20.87
N SER B 64 2.59 40.07 -20.72
CA SER B 64 1.52 39.68 -21.64
C SER B 64 0.33 40.63 -21.59
N LEU B 65 0.23 41.46 -20.55
CA LEU B 65 -0.90 42.38 -20.42
C LEU B 65 -0.54 43.80 -20.86
N LYS B 66 0.66 44.00 -21.39
CA LYS B 66 1.02 45.24 -22.09
C LYS B 66 0.71 46.48 -21.25
N SER B 67 1.25 46.48 -20.02
CA SER B 67 1.23 47.65 -19.15
C SER B 67 -0.18 48.10 -18.78
N ARG B 68 -1.18 47.24 -18.96
CA ARG B 68 -2.56 47.60 -18.65
C ARG B 68 -2.92 47.33 -17.20
N VAL B 69 -1.96 46.90 -16.38
CA VAL B 69 -2.23 46.42 -15.03
C VAL B 69 -1.52 47.33 -14.03
N THR B 70 -2.24 47.68 -12.97
CA THR B 70 -1.64 48.32 -11.82
C THR B 70 -2.20 47.67 -10.56
N MET B 71 -1.39 47.65 -9.50
CA MET B 71 -1.80 47.11 -8.21
C MET B 71 -1.45 48.10 -7.11
N SER B 72 -2.29 48.15 -6.08
CA SER B 72 -2.09 49.04 -4.95
C SER B 72 -2.44 48.30 -3.67
N VAL B 73 -2.01 48.87 -2.54
CA VAL B 73 -2.32 48.31 -1.22
C VAL B 73 -2.97 49.40 -0.38
N ASP B 74 -3.84 48.96 0.54
CA ASP B 74 -4.50 49.84 1.50
C ASP B 74 -4.34 49.18 2.87
N THR B 75 -3.17 49.36 3.48
CA THR B 75 -2.88 48.73 4.76
C THR B 75 -3.92 49.09 5.82
N SER B 76 -4.60 50.22 5.68
CA SER B 76 -5.67 50.58 6.61
C SER B 76 -6.70 49.45 6.70
N LYS B 77 -7.30 49.10 5.56
CA LYS B 77 -8.30 48.04 5.51
C LYS B 77 -7.70 46.66 5.27
N ASN B 78 -6.37 46.55 5.16
CA ASN B 78 -5.72 45.27 4.94
C ASN B 78 -6.17 44.65 3.62
N GLN B 79 -6.09 45.44 2.56
CA GLN B 79 -6.51 45.04 1.23
C GLN B 79 -5.43 45.38 0.22
N PHE B 80 -5.44 44.65 -0.89
CA PHE B 80 -4.67 45.02 -2.06
C PHE B 80 -5.56 44.85 -3.28
N SER B 81 -5.34 45.69 -4.29
CA SER B 81 -6.28 45.84 -5.39
C SER B 81 -5.60 45.58 -6.73
N LEU B 82 -6.44 45.35 -7.72
CA LEU B 82 -6.01 45.13 -9.10
C LEU B 82 -6.85 46.01 -10.01
N LYS B 83 -6.20 46.73 -10.91
CA LYS B 83 -6.88 47.48 -11.95
C LYS B 83 -6.32 47.09 -13.31
N VAL B 84 -7.22 46.80 -14.24
CA VAL B 84 -6.87 46.38 -15.59
C VAL B 84 -7.73 47.22 -16.53
N ASN B 85 -7.10 48.08 -17.31
CA ASN B 85 -7.84 48.96 -18.21
C ASN B 85 -7.78 48.43 -19.64
N SER B 86 -8.68 48.96 -20.47
CA SER B 86 -8.76 48.59 -21.88
C SER B 86 -9.00 47.09 -22.05
N VAL B 87 -10.02 46.59 -21.35
CA VAL B 87 -10.31 45.15 -21.33
C VAL B 87 -11.15 44.77 -22.54
N THR B 88 -10.92 43.55 -23.02
CA THR B 88 -11.73 42.97 -24.08
C THR B 88 -12.26 41.63 -23.61
N ALA B 89 -12.80 40.82 -24.53
CA ALA B 89 -13.29 39.50 -24.16
C ALA B 89 -12.16 38.61 -23.64
N ALA B 90 -10.94 38.78 -24.17
CA ALA B 90 -9.81 37.98 -23.73
C ALA B 90 -9.43 38.22 -22.28
N ASP B 91 -10.06 39.15 -21.59
CA ASP B 91 -9.88 39.36 -20.16
C ASP B 91 -10.99 38.73 -19.33
N THR B 92 -11.99 38.13 -19.98
CA THR B 92 -12.98 37.34 -19.25
C THR B 92 -12.28 36.18 -18.56
N ALA B 93 -12.49 36.05 -17.25
CA ALA B 93 -11.79 35.03 -16.50
C ALA B 93 -12.22 35.09 -15.04
N VAL B 94 -11.92 34.02 -14.32
CA VAL B 94 -12.05 34.00 -12.87
C VAL B 94 -10.74 34.53 -12.30
N TYR B 95 -10.81 35.62 -11.56
CA TYR B 95 -9.62 36.25 -10.99
C TYR B 95 -9.43 35.79 -9.55
N TYR B 96 -8.24 35.30 -9.25
CA TYR B 96 -7.86 34.84 -7.92
C TYR B 96 -6.81 35.77 -7.34
N CYS B 97 -6.89 36.01 -6.03
CA CYS B 97 -5.77 36.58 -5.29
C CYS B 97 -5.13 35.49 -4.44
N ALA B 98 -3.80 35.50 -4.39
CA ALA B 98 -3.05 34.47 -3.69
C ALA B 98 -1.88 35.10 -2.97
N ARG B 99 -1.49 34.49 -1.86
CA ARG B 99 -0.31 34.91 -1.10
C ARG B 99 0.87 34.01 -1.46
N VAL B 100 2.07 34.50 -1.15
CA VAL B 100 3.29 33.73 -1.28
C VAL B 100 4.12 33.95 -0.02
N SER B 101 4.82 32.90 0.43
CA SER B 101 5.75 33.00 1.56
C SER B 101 7.16 33.03 1.00
N ILE B 102 7.78 34.21 1.02
CA ILE B 102 9.11 34.37 0.44
C ILE B 102 10.12 33.47 1.15
N PHE B 103 9.96 33.30 2.45
CA PHE B 103 10.90 32.52 3.27
C PHE B 103 10.36 31.15 3.65
N GLY B 104 9.19 30.77 3.15
CA GLY B 104 8.64 29.45 3.39
C GLY B 104 8.71 28.58 2.15
N VAL B 105 7.56 28.07 1.72
CA VAL B 105 7.52 27.21 0.54
C VAL B 105 8.03 27.96 -0.69
N GLY B 106 7.69 29.24 -0.80
CA GLY B 106 8.16 30.07 -1.90
C GLY B 106 7.22 30.19 -3.08
N THR B 107 5.98 29.76 -2.94
CA THR B 107 5.02 29.76 -4.04
C THR B 107 3.63 29.99 -3.45
N PHE B 108 2.66 30.19 -4.33
CA PHE B 108 1.29 30.41 -3.88
C PHE B 108 0.85 29.28 -2.95
N ASP B 109 0.52 29.65 -1.71
CA ASP B 109 0.05 28.69 -0.73
C ASP B 109 -1.40 28.92 -0.30
N TYR B 110 -1.87 30.16 -0.30
CA TYR B 110 -3.23 30.49 0.10
C TYR B 110 -3.91 31.23 -1.05
N TRP B 111 -5.11 30.77 -1.41
CA TRP B 111 -5.88 31.33 -2.50
C TRP B 111 -7.23 31.80 -1.99
N GLY B 112 -7.86 32.68 -2.77
CA GLY B 112 -9.20 33.13 -2.50
C GLY B 112 -10.23 32.27 -3.20
N GLN B 113 -11.50 32.60 -2.94
CA GLN B 113 -12.59 31.86 -3.57
C GLN B 113 -12.63 32.07 -5.09
N GLY B 114 -12.05 33.17 -5.58
CA GLY B 114 -12.12 33.50 -6.99
C GLY B 114 -13.42 34.21 -7.34
N THR B 115 -13.36 35.13 -8.30
CA THR B 115 -14.56 35.82 -8.78
C THR B 115 -14.53 35.88 -10.30
N LEU B 116 -15.70 35.70 -10.90
CA LEU B 116 -15.85 35.74 -12.34
C LEU B 116 -16.08 37.17 -12.79
N VAL B 117 -15.33 37.60 -13.80
CA VAL B 117 -15.54 38.89 -14.45
C VAL B 117 -15.75 38.64 -15.93
N THR B 118 -16.84 39.18 -16.47
CA THR B 118 -17.20 39.00 -17.88
C THR B 118 -17.12 40.34 -18.59
N VAL B 119 -16.35 40.39 -19.67
CA VAL B 119 -16.20 41.58 -20.49
C VAL B 119 -17.17 41.45 -21.66
N SER B 120 -18.28 42.18 -21.58
CA SER B 120 -19.29 42.16 -22.63
C SER B 120 -19.99 43.50 -22.68
N SER B 121 -20.34 43.93 -23.89
CA SER B 121 -21.15 45.13 -24.07
C SER B 121 -22.64 44.83 -24.04
N ALA B 122 -23.04 43.56 -23.98
CA ALA B 122 -24.45 43.20 -24.06
C ALA B 122 -25.22 43.74 -22.86
N SER B 123 -26.52 43.93 -23.07
CA SER B 123 -27.43 44.41 -22.04
C SER B 123 -28.26 43.25 -21.50
N THR B 124 -28.60 43.32 -20.22
CA THR B 124 -29.36 42.26 -19.58
C THR B 124 -30.65 42.00 -20.35
N LYS B 125 -30.92 40.72 -20.61
CA LYS B 125 -32.10 40.31 -21.36
C LYS B 125 -32.64 39.01 -20.77
N GLY B 126 -33.95 38.82 -20.90
CA GLY B 126 -34.61 37.65 -20.36
C GLY B 126 -34.63 36.49 -21.35
N PRO B 127 -34.60 35.26 -20.84
CA PRO B 127 -34.49 34.11 -21.73
C PRO B 127 -35.83 33.74 -22.37
N SER B 128 -35.75 33.32 -23.63
CA SER B 128 -36.87 32.71 -24.33
C SER B 128 -36.77 31.19 -24.15
N VAL B 129 -37.89 30.57 -23.78
CA VAL B 129 -37.93 29.14 -23.50
C VAL B 129 -38.76 28.46 -24.59
N PHE B 130 -38.10 27.63 -25.40
CA PHE B 130 -38.73 26.87 -26.46
C PHE B 130 -38.80 25.39 -26.09
N PRO B 131 -39.78 24.65 -26.60
CA PRO B 131 -39.87 23.22 -26.29
C PRO B 131 -39.07 22.37 -27.26
N LEU B 132 -38.43 21.34 -26.71
CA LEU B 132 -37.79 20.29 -27.51
C LEU B 132 -38.69 19.06 -27.37
N ALA B 133 -39.59 18.90 -28.34
CA ALA B 133 -40.62 17.88 -28.22
C ALA B 133 -40.12 16.54 -28.76
N PRO B 134 -40.53 15.42 -28.14
CA PRO B 134 -40.18 14.09 -28.66
C PRO B 134 -41.05 13.68 -29.85
N THR B 142 -37.52 4.16 -24.56
CA THR B 142 -37.02 5.41 -23.96
C THR B 142 -37.03 6.55 -24.98
N ALA B 143 -37.62 7.67 -24.58
CA ALA B 143 -37.67 8.88 -25.39
C ALA B 143 -36.96 10.02 -24.65
N ALA B 144 -36.69 11.08 -25.39
CA ALA B 144 -35.95 12.23 -24.87
C ALA B 144 -36.68 13.51 -25.21
N LEU B 145 -36.77 14.41 -24.23
CA LEU B 145 -37.38 15.72 -24.44
C LEU B 145 -36.57 16.76 -23.66
N GLY B 146 -36.90 18.02 -23.89
CA GLY B 146 -36.21 19.09 -23.23
C GLY B 146 -36.82 20.43 -23.58
N CYS B 147 -36.17 21.49 -23.12
CA CYS B 147 -36.58 22.85 -23.47
C CYS B 147 -35.32 23.68 -23.68
N LEU B 148 -35.39 24.59 -24.65
CA LEU B 148 -34.24 25.39 -25.07
C LEU B 148 -34.36 26.79 -24.47
N VAL B 149 -33.32 27.21 -23.75
CA VAL B 149 -33.27 28.52 -23.10
C VAL B 149 -32.37 29.39 -23.97
N LYS B 150 -32.98 30.26 -24.78
CA LYS B 150 -32.27 30.95 -25.85
C LYS B 150 -32.25 32.46 -25.64
N ASP B 151 -31.12 33.08 -25.99
CA ASP B 151 -30.97 34.52 -26.01
C ASP B 151 -31.19 35.16 -24.65
N TYR B 152 -30.21 35.07 -23.76
CA TYR B 152 -30.31 35.67 -22.44
C TYR B 152 -28.94 36.19 -22.01
N PHE B 153 -28.95 37.03 -20.99
CA PHE B 153 -27.73 37.62 -20.47
C PHE B 153 -28.02 38.33 -19.15
N PRO B 154 -27.16 38.20 -18.12
CA PRO B 154 -25.87 37.50 -18.10
C PRO B 154 -25.98 36.00 -17.81
N GLU B 155 -24.81 35.36 -17.74
CA GLU B 155 -24.74 33.89 -17.71
C GLU B 155 -25.61 33.23 -16.66
N PRO B 156 -25.69 33.70 -15.41
CA PRO B 156 -26.39 32.94 -14.36
C PRO B 156 -27.80 32.51 -14.75
N VAL B 157 -28.03 31.20 -14.88
CA VAL B 157 -29.34 30.66 -15.21
C VAL B 157 -29.48 29.28 -14.56
N THR B 158 -30.71 28.94 -14.17
CA THR B 158 -31.03 27.65 -13.59
C THR B 158 -32.26 27.08 -14.25
N VAL B 159 -32.33 25.75 -14.27
CA VAL B 159 -33.49 25.04 -14.83
C VAL B 159 -33.73 23.78 -14.02
N SER B 160 -34.98 23.57 -13.62
CA SER B 160 -35.42 22.37 -12.94
C SER B 160 -36.54 21.71 -13.75
N TRP B 161 -37.06 20.61 -13.23
CA TRP B 161 -38.03 19.80 -13.96
C TRP B 161 -39.14 19.36 -13.02
N ASN B 162 -40.38 19.74 -13.36
CA ASN B 162 -41.55 19.41 -12.55
C ASN B 162 -41.31 19.76 -11.08
N SER B 163 -41.03 21.04 -10.85
CA SER B 163 -40.78 21.57 -9.50
C SER B 163 -39.63 20.84 -8.81
N GLY B 164 -38.71 20.29 -9.59
CA GLY B 164 -37.52 19.66 -9.03
C GLY B 164 -37.72 18.25 -8.51
N ALA B 165 -38.57 17.45 -9.18
CA ALA B 165 -38.90 16.12 -8.71
C ALA B 165 -38.51 15.01 -9.66
N LEU B 166 -37.83 15.31 -10.77
CA LEU B 166 -37.40 14.27 -11.71
C LEU B 166 -35.96 13.85 -11.45
N THR B 167 -35.01 14.74 -11.73
CA THR B 167 -33.59 14.51 -11.43
C THR B 167 -32.99 13.37 -12.24
N SER B 168 -33.65 12.22 -12.28
CA SER B 168 -33.08 11.04 -12.93
C SER B 168 -33.07 11.22 -14.45
N GLY B 169 -31.90 11.01 -15.05
CA GLY B 169 -31.76 11.15 -16.49
C GLY B 169 -31.90 12.57 -16.98
N VAL B 170 -31.36 13.54 -16.24
CA VAL B 170 -31.43 14.95 -16.60
C VAL B 170 -30.04 15.42 -16.97
N HIS B 171 -29.96 16.25 -18.02
CA HIS B 171 -28.70 16.81 -18.48
C HIS B 171 -28.94 18.27 -18.84
N THR B 172 -28.32 19.17 -18.08
CA THR B 172 -28.30 20.59 -18.41
C THR B 172 -26.92 20.93 -18.92
N PHE B 173 -26.85 21.39 -20.17
CA PHE B 173 -25.57 21.62 -20.82
C PHE B 173 -25.01 22.99 -20.46
N PRO B 174 -23.69 23.15 -20.52
CA PRO B 174 -23.10 24.47 -20.31
C PRO B 174 -23.50 25.43 -21.42
N ALA B 175 -23.98 26.61 -21.04
CA ALA B 175 -24.41 27.59 -22.00
C ALA B 175 -23.29 27.89 -23.00
N VAL B 176 -23.70 28.37 -24.18
CA VAL B 176 -22.78 28.76 -25.23
C VAL B 176 -22.99 30.23 -25.54
N LEU B 177 -21.91 30.91 -25.91
CA LEU B 177 -21.95 32.32 -26.25
C LEU B 177 -22.21 32.44 -27.75
N GLN B 178 -23.37 32.98 -28.12
CA GLN B 178 -23.70 33.20 -29.51
C GLN B 178 -22.98 34.44 -30.03
N SER B 179 -22.86 34.53 -31.36
CA SER B 179 -22.19 35.65 -31.99
C SER B 179 -22.90 36.98 -31.73
N SER B 180 -24.18 36.93 -31.32
CA SER B 180 -24.91 38.14 -30.97
C SER B 180 -24.55 38.69 -29.60
N GLY B 181 -23.74 37.96 -28.82
CA GLY B 181 -23.40 38.37 -27.47
C GLY B 181 -24.29 37.80 -26.39
N LEU B 182 -25.35 37.08 -26.76
CA LEU B 182 -26.26 36.47 -25.80
C LEU B 182 -25.98 34.97 -25.66
N TYR B 183 -26.33 34.43 -24.50
CA TYR B 183 -26.08 33.04 -24.19
C TYR B 183 -27.29 32.18 -24.54
N SER B 184 -27.02 30.96 -24.98
CA SER B 184 -28.04 29.95 -25.21
C SER B 184 -27.69 28.71 -24.40
N LEU B 185 -28.72 27.94 -24.04
CA LEU B 185 -28.53 26.79 -23.18
C LEU B 185 -29.65 25.79 -23.42
N SER B 186 -29.30 24.50 -23.33
CA SER B 186 -30.26 23.41 -23.54
C SER B 186 -30.30 22.52 -22.31
N SER B 187 -31.49 22.02 -22.00
CA SER B 187 -31.69 21.03 -20.94
C SER B 187 -32.60 19.94 -21.46
N VAL B 188 -32.15 18.68 -21.35
CA VAL B 188 -32.88 17.53 -21.87
C VAL B 188 -33.02 16.48 -20.78
N VAL B 189 -34.03 15.64 -20.94
CA VAL B 189 -34.28 14.53 -20.03
C VAL B 189 -34.73 13.31 -20.83
N THR B 190 -34.36 12.13 -20.34
CA THR B 190 -34.81 10.87 -20.91
C THR B 190 -35.88 10.26 -20.01
N VAL B 191 -37.00 9.85 -20.61
CA VAL B 191 -38.13 9.32 -19.85
C VAL B 191 -38.68 8.11 -20.57
N PRO B 192 -39.44 7.26 -19.87
CA PRO B 192 -40.11 6.15 -20.54
C PRO B 192 -41.06 6.64 -21.60
N SER B 193 -41.02 5.99 -22.78
CA SER B 193 -41.87 6.41 -23.88
C SER B 193 -43.35 6.14 -23.59
N SER B 194 -43.65 5.17 -22.73
CA SER B 194 -45.04 4.86 -22.43
C SER B 194 -45.72 6.01 -21.70
N SER B 195 -45.00 6.67 -20.80
CA SER B 195 -45.57 7.74 -19.98
C SER B 195 -45.74 9.05 -20.74
N LEU B 196 -45.43 9.11 -22.04
CA LEU B 196 -45.62 10.34 -22.78
C LEU B 196 -47.10 10.70 -22.89
N GLY B 197 -47.96 9.71 -23.08
CA GLY B 197 -49.38 9.94 -23.18
C GLY B 197 -50.10 10.21 -21.88
N THR B 198 -49.39 10.16 -20.74
CA THR B 198 -50.01 10.37 -19.45
C THR B 198 -49.30 11.47 -18.67
N GLN B 199 -48.08 11.19 -18.21
CA GLN B 199 -47.33 12.14 -17.40
C GLN B 199 -47.11 13.45 -18.15
N THR B 200 -47.09 14.55 -17.40
CA THR B 200 -46.72 15.85 -17.93
C THR B 200 -45.30 16.18 -17.49
N TYR B 201 -44.61 16.96 -18.32
CA TYR B 201 -43.25 17.40 -18.04
C TYR B 201 -43.17 18.90 -18.23
N ILE B 202 -42.81 19.62 -17.16
CA ILE B 202 -42.62 21.06 -17.19
C ILE B 202 -41.20 21.37 -16.76
N CYS B 203 -40.52 22.20 -17.54
CA CYS B 203 -39.19 22.69 -17.17
C CYS B 203 -39.34 24.10 -16.61
N ASN B 204 -38.73 24.34 -15.45
CA ASN B 204 -38.83 25.61 -14.75
C ASN B 204 -37.55 26.39 -14.95
N VAL B 205 -37.60 27.43 -15.78
CA VAL B 205 -36.45 28.28 -16.04
C VAL B 205 -36.52 29.49 -15.13
N ASN B 206 -35.38 29.87 -14.56
CA ASN B 206 -35.27 31.02 -13.66
C ASN B 206 -34.05 31.83 -14.05
N HIS B 207 -34.25 33.10 -14.39
CA HIS B 207 -33.16 34.03 -14.68
C HIS B 207 -33.30 35.21 -13.72
N LYS B 208 -32.44 35.24 -12.69
CA LYS B 208 -32.55 36.28 -11.68
C LYS B 208 -32.31 37.67 -12.25
N PRO B 209 -31.20 37.95 -12.94
CA PRO B 209 -30.97 39.32 -13.43
C PRO B 209 -32.14 39.95 -14.15
N SER B 210 -32.87 39.19 -14.98
CA SER B 210 -34.04 39.71 -15.67
C SER B 210 -35.34 39.46 -14.92
N ASN B 211 -35.27 38.81 -13.76
CA ASN B 211 -36.45 38.51 -12.94
C ASN B 211 -37.55 37.89 -13.79
N THR B 212 -37.27 36.66 -14.24
CA THR B 212 -38.19 35.89 -15.07
C THR B 212 -38.51 34.57 -14.39
N LYS B 213 -39.79 34.20 -14.42
CA LYS B 213 -40.27 32.92 -13.88
C LYS B 213 -41.10 32.27 -14.98
N VAL B 214 -40.46 31.38 -15.74
CA VAL B 214 -41.14 30.65 -16.81
C VAL B 214 -41.38 29.22 -16.33
N ASP B 215 -42.57 28.70 -16.63
CA ASP B 215 -42.93 27.31 -16.39
C ASP B 215 -43.49 26.79 -17.70
N LYS B 216 -42.69 26.03 -18.44
CA LYS B 216 -43.02 25.60 -19.78
C LYS B 216 -43.29 24.11 -19.81
N LYS B 217 -44.41 23.71 -20.42
CA LYS B 217 -44.82 22.32 -20.51
C LYS B 217 -44.49 21.78 -21.89
N VAL B 218 -43.83 20.62 -21.92
CA VAL B 218 -43.38 19.98 -23.15
C VAL B 218 -44.26 18.78 -23.42
N GLU B 219 -44.67 18.63 -24.67
CA GLU B 219 -45.47 17.49 -25.09
C GLU B 219 -45.43 17.41 -26.62
N PRO B 220 -45.71 16.22 -27.19
CA PRO B 220 -45.69 16.01 -28.64
C PRO B 220 -46.51 17.05 -29.42
N GLU C 1 9.28 34.33 -22.01
CA GLU C 1 8.86 33.61 -20.78
C GLU C 1 9.23 32.14 -20.87
N ILE C 2 9.33 31.50 -19.71
CA ILE C 2 9.59 30.07 -19.65
C ILE C 2 8.25 29.35 -19.81
N VAL C 3 8.11 28.62 -20.91
CA VAL C 3 6.87 27.93 -21.24
C VAL C 3 6.89 26.56 -20.59
N MET C 4 5.81 26.23 -19.88
CA MET C 4 5.66 24.94 -19.21
C MET C 4 4.67 24.09 -20.00
N THR C 5 5.12 22.92 -20.45
CA THR C 5 4.32 22.02 -21.26
C THR C 5 4.01 20.75 -20.47
N GLN C 6 2.73 20.40 -20.41
CA GLN C 6 2.26 19.17 -19.77
C GLN C 6 1.67 18.25 -20.84
N SER C 7 2.24 17.05 -20.97
CA SER C 7 1.76 16.07 -21.92
C SER C 7 1.61 14.73 -21.20
N PRO C 8 0.47 14.02 -21.36
CA PRO C 8 -0.68 14.38 -22.18
C PRO C 8 -1.62 15.36 -21.47
N ALA C 9 -2.53 15.95 -22.23
CA ALA C 9 -3.52 16.87 -21.67
C ALA C 9 -4.73 16.15 -21.08
N THR C 10 -4.76 14.82 -21.13
CA THR C 10 -5.85 14.04 -20.55
C THR C 10 -5.32 12.64 -20.24
N LEU C 11 -5.67 12.13 -19.07
CA LEU C 11 -5.31 10.77 -18.66
C LEU C 11 -6.56 10.04 -18.20
N SER C 12 -6.92 8.99 -18.93
CA SER C 12 -8.03 8.12 -18.54
C SER C 12 -7.47 7.04 -17.62
N LEU C 13 -7.95 7.01 -16.37
CA LEU C 13 -7.39 6.12 -15.37
C LEU C 13 -8.52 5.59 -14.48
N SER C 14 -8.25 4.45 -13.85
CA SER C 14 -9.21 3.77 -12.98
C SER C 14 -8.76 3.88 -11.52
N PRO C 15 -9.69 3.93 -10.57
CA PRO C 15 -9.30 4.01 -9.15
C PRO C 15 -8.34 2.89 -8.77
N GLY C 16 -7.35 3.25 -7.96
CA GLY C 16 -6.32 2.32 -7.54
C GLY C 16 -5.10 2.26 -8.44
N GLU C 17 -5.18 2.81 -9.65
CA GLU C 17 -4.06 2.80 -10.57
C GLU C 17 -3.01 3.83 -10.15
N ARG C 18 -1.81 3.67 -10.70
CA ARG C 18 -0.74 4.62 -10.51
C ARG C 18 -0.74 5.61 -11.67
N ALA C 19 -0.82 6.91 -11.35
CA ALA C 19 -0.82 7.97 -12.35
C ALA C 19 0.56 8.62 -12.41
N THR C 20 0.96 9.03 -13.61
CA THR C 20 2.26 9.66 -13.82
C THR C 20 2.06 10.87 -14.74
N LEU C 21 2.13 12.06 -14.15
CA LEU C 21 1.94 13.31 -14.89
C LEU C 21 3.30 13.95 -15.17
N SER C 22 3.48 14.43 -16.39
CA SER C 22 4.76 14.95 -16.85
C SER C 22 4.66 16.45 -17.07
N CYS C 23 5.81 17.12 -16.95
CA CYS C 23 5.90 18.57 -17.14
C CYS C 23 7.28 18.88 -17.71
N ARG C 24 7.32 19.56 -18.84
CA ARG C 24 8.55 19.99 -19.47
C ARG C 24 8.67 21.51 -19.43
N ALA C 25 9.91 22.00 -19.42
CA ALA C 25 10.19 23.42 -19.39
C ALA C 25 11.09 23.79 -20.55
N SER C 26 10.79 24.91 -21.21
CA SER C 26 11.59 25.34 -22.35
C SER C 26 13.00 25.71 -21.92
N GLN C 27 13.15 26.26 -20.71
CA GLN C 27 14.45 26.54 -20.12
C GLN C 27 14.52 25.89 -18.76
N SER C 28 15.74 25.69 -18.28
CA SER C 28 15.94 25.09 -16.96
C SER C 28 15.33 25.97 -15.88
N VAL C 29 14.49 25.38 -15.05
CA VAL C 29 13.92 26.05 -13.88
C VAL C 29 14.52 25.48 -12.59
N SER C 30 15.68 24.84 -12.69
CA SER C 30 16.39 24.27 -11.53
C SER C 30 15.40 23.37 -10.78
N SER C 31 15.20 23.57 -9.49
CA SER C 31 14.25 22.80 -8.70
C SER C 31 13.02 23.63 -8.31
N TYR C 32 12.87 24.82 -8.89
CA TYR C 32 11.82 25.75 -8.47
C TYR C 32 10.55 25.47 -9.27
N LEU C 33 9.88 24.37 -8.90
CA LEU C 33 8.63 23.98 -9.56
C LEU C 33 7.67 23.37 -8.57
N ALA C 34 6.41 23.77 -8.66
CA ALA C 34 5.35 23.28 -7.80
C ALA C 34 4.29 22.58 -8.65
N TRP C 35 3.48 21.75 -7.98
CA TRP C 35 2.33 21.11 -8.59
C TRP C 35 1.07 21.53 -7.84
N TYR C 36 0.02 21.83 -8.60
CA TYR C 36 -1.24 22.25 -8.03
C TYR C 36 -2.37 21.33 -8.48
N GLN C 37 -3.38 21.22 -7.62
CA GLN C 37 -4.59 20.46 -7.92
C GLN C 37 -5.76 21.42 -7.92
N GLN C 38 -6.65 21.26 -8.90
CA GLN C 38 -7.81 22.12 -9.01
C GLN C 38 -9.03 21.28 -9.34
N LYS C 39 -10.02 21.33 -8.46
CA LYS C 39 -11.31 20.72 -8.70
C LYS C 39 -12.30 21.78 -9.19
N PRO C 40 -13.27 21.41 -10.01
CA PRO C 40 -14.14 22.41 -10.61
C PRO C 40 -14.82 23.27 -9.55
N GLY C 41 -14.77 24.58 -9.73
CA GLY C 41 -15.38 25.52 -8.83
C GLY C 41 -14.48 26.02 -7.71
N GLN C 42 -13.36 25.33 -7.45
CA GLN C 42 -12.44 25.69 -6.38
C GLN C 42 -11.15 26.24 -6.97
N ALA C 43 -10.33 26.78 -6.07
CA ALA C 43 -9.05 27.35 -6.45
C ALA C 43 -7.95 26.30 -6.36
N PRO C 44 -6.86 26.48 -7.10
CA PRO C 44 -5.76 25.51 -7.04
C PRO C 44 -5.28 25.30 -5.61
N ARG C 45 -4.93 24.05 -5.32
CA ARG C 45 -4.40 23.66 -4.01
C ARG C 45 -2.97 23.17 -4.21
N LEU C 46 -2.07 23.63 -3.35
CA LEU C 46 -0.66 23.28 -3.48
C LEU C 46 -0.42 21.85 -3.01
N LEU C 47 0.27 21.07 -3.85
CA LEU C 47 0.63 19.70 -3.53
C LEU C 47 2.13 19.56 -3.24
N ILE C 48 2.96 19.98 -4.20
CA ILE C 48 4.41 19.81 -4.13
C ILE C 48 5.06 21.15 -4.38
N TYR C 49 6.21 21.36 -3.73
CA TYR C 49 7.06 22.51 -4.03
C TYR C 49 8.51 22.04 -4.03
N ASP C 50 9.37 22.84 -4.64
CA ASP C 50 10.77 22.45 -4.85
C ASP C 50 10.85 21.10 -5.55
N ALA C 51 9.82 20.77 -6.33
CA ALA C 51 9.79 19.60 -7.19
C ALA C 51 9.62 18.29 -6.43
N SER C 52 9.92 18.28 -5.12
CA SER C 52 9.95 17.03 -4.38
C SER C 52 9.41 17.10 -2.96
N ASN C 53 9.07 18.27 -2.43
CA ASN C 53 8.65 18.40 -1.05
C ASN C 53 7.14 18.57 -0.98
N ARG C 54 6.46 17.63 -0.35
CA ARG C 54 5.01 17.72 -0.20
C ARG C 54 4.65 18.81 0.79
N ALA C 55 3.56 19.52 0.50
CA ALA C 55 3.06 20.55 1.39
C ALA C 55 2.28 19.92 2.54
N THR C 56 2.03 20.72 3.57
CA THR C 56 1.38 20.21 4.78
C THR C 56 -0.06 19.81 4.47
N GLY C 57 -0.44 18.61 4.91
CA GLY C 57 -1.79 18.12 4.69
C GLY C 57 -1.99 17.40 3.37
N ILE C 58 -0.92 17.00 2.70
CA ILE C 58 -1.00 16.34 1.40
C ILE C 58 -0.69 14.86 1.61
N PRO C 59 -1.64 13.94 1.32
CA PRO C 59 -1.35 12.51 1.51
C PRO C 59 -0.02 12.08 0.91
N ALA C 60 0.53 10.97 1.40
CA ALA C 60 1.83 10.52 0.92
C ALA C 60 1.77 9.99 -0.50
N ARG C 61 0.59 9.60 -1.00
CA ARG C 61 0.50 9.05 -2.34
C ARG C 61 0.94 10.05 -3.40
N PHE C 62 0.91 11.36 -3.09
CA PHE C 62 1.43 12.37 -3.99
C PHE C 62 2.93 12.52 -3.79
N SER C 63 3.68 12.58 -4.89
CA SER C 63 5.13 12.72 -4.82
C SER C 63 5.64 13.30 -6.12
N GLY C 64 6.75 14.03 -6.02
CA GLY C 64 7.32 14.68 -7.18
C GLY C 64 8.80 14.42 -7.31
N SER C 65 9.27 14.44 -8.56
CA SER C 65 10.69 14.29 -8.85
C SER C 65 11.01 15.14 -10.08
N GLY C 66 12.30 15.21 -10.39
CA GLY C 66 12.79 15.92 -11.56
C GLY C 66 13.63 17.13 -11.19
N SER C 67 14.31 17.63 -12.20
CA SER C 67 15.17 18.80 -12.05
C SER C 67 15.48 19.37 -13.43
N GLY C 68 15.69 20.68 -13.49
CA GLY C 68 16.05 21.33 -14.72
C GLY C 68 14.87 21.57 -15.63
N THR C 69 14.66 20.70 -16.62
CA THR C 69 13.60 20.87 -17.59
C THR C 69 12.54 19.78 -17.57
N ASP C 70 12.79 18.64 -16.91
CA ASP C 70 11.89 17.50 -16.95
C ASP C 70 11.47 17.13 -15.53
N PHE C 71 10.18 17.21 -15.25
CA PHE C 71 9.63 16.90 -13.94
C PHE C 71 8.52 15.87 -14.07
N THR C 72 8.17 15.27 -12.94
CA THR C 72 7.16 14.22 -12.89
C THR C 72 6.41 14.30 -11.56
N LEU C 73 5.08 14.28 -11.63
CA LEU C 73 4.22 14.10 -10.47
C LEU C 73 3.66 12.69 -10.51
N THR C 74 3.82 11.96 -9.41
CA THR C 74 3.42 10.55 -9.35
C THR C 74 2.37 10.38 -8.26
N ILE C 75 1.25 9.75 -8.61
CA ILE C 75 0.21 9.39 -7.66
C ILE C 75 0.22 7.88 -7.53
N SER C 76 0.56 7.38 -6.33
CA SER C 76 0.76 5.95 -6.14
C SER C 76 -0.53 5.16 -6.39
N SER C 77 -1.66 5.65 -5.89
CA SER C 77 -2.94 4.97 -6.07
C SER C 77 -4.05 6.02 -6.09
N LEU C 78 -4.68 6.22 -7.24
CA LEU C 78 -5.74 7.20 -7.36
C LEU C 78 -6.88 6.89 -6.41
N GLU C 79 -7.30 7.89 -5.66
CA GLU C 79 -8.52 7.80 -4.87
C GLU C 79 -9.65 8.52 -5.59
N PRO C 80 -10.91 8.24 -5.23
CA PRO C 80 -12.02 8.90 -5.94
C PRO C 80 -11.93 10.40 -5.96
N GLU C 81 -11.26 11.00 -4.97
CA GLU C 81 -11.16 12.45 -4.88
C GLU C 81 -10.13 13.03 -5.84
N ASP C 82 -9.14 12.24 -6.25
CA ASP C 82 -8.00 12.73 -7.00
C ASP C 82 -8.27 12.92 -8.48
N PHE C 83 -9.54 12.85 -8.91
CA PHE C 83 -9.88 13.06 -10.32
C PHE C 83 -10.15 14.55 -10.51
N ALA C 84 -9.16 15.25 -11.03
CA ALA C 84 -9.23 16.70 -11.23
C ALA C 84 -8.13 17.10 -12.18
N VAL C 85 -7.90 18.39 -12.33
CA VAL C 85 -6.86 18.92 -13.22
C VAL C 85 -5.62 19.21 -12.38
N TYR C 86 -4.45 18.97 -12.96
CA TYR C 86 -3.17 19.17 -12.28
C TYR C 86 -2.29 20.08 -13.09
N TYR C 87 -1.81 21.16 -12.47
CA TYR C 87 -0.95 22.14 -13.11
C TYR C 87 0.45 22.09 -12.50
N CYS C 88 1.48 22.15 -13.34
CA CYS C 88 2.81 22.43 -12.86
C CYS C 88 3.08 23.92 -12.98
N HIS C 89 3.91 24.43 -12.08
CA HIS C 89 4.13 25.87 -11.95
C HIS C 89 5.58 26.11 -11.62
N GLN C 90 6.19 27.09 -12.29
CA GLN C 90 7.57 27.47 -12.04
C GLN C 90 7.59 28.85 -11.42
N TYR C 91 8.33 28.98 -10.31
CA TYR C 91 8.48 30.26 -9.63
C TYR C 91 9.91 30.77 -9.66
N GLY C 92 10.78 30.16 -10.48
CA GLY C 92 12.18 30.50 -10.45
C GLY C 92 12.54 31.72 -11.26
N SER C 93 11.81 31.98 -12.34
CA SER C 93 12.07 33.13 -13.21
C SER C 93 10.78 33.88 -13.44
N THR C 94 10.87 35.20 -13.44
CA THR C 94 9.73 36.00 -13.82
C THR C 94 9.75 36.24 -15.33
N PRO C 95 8.59 36.29 -16.00
CA PRO C 95 7.24 36.14 -15.44
C PRO C 95 6.91 34.71 -15.04
N LEU C 96 6.05 34.58 -14.03
CA LEU C 96 5.66 33.26 -13.56
C LEU C 96 4.70 32.63 -14.55
N THR C 97 4.86 31.32 -14.75
CA THR C 97 4.10 30.60 -15.77
C THR C 97 3.56 29.31 -15.19
N PHE C 98 2.45 28.85 -15.78
CA PHE C 98 1.81 27.59 -15.42
C PHE C 98 1.76 26.68 -16.64
N GLY C 99 1.64 25.38 -16.37
CA GLY C 99 1.41 24.43 -17.43
C GLY C 99 0.01 24.57 -18.00
N GLY C 100 -0.21 23.90 -19.14
CA GLY C 100 -1.52 23.93 -19.76
C GLY C 100 -2.58 23.24 -18.92
N GLY C 101 -2.19 22.30 -18.09
CA GLY C 101 -3.12 21.51 -17.31
C GLY C 101 -3.23 20.10 -17.86
N THR C 102 -3.32 19.14 -16.94
CA THR C 102 -3.53 17.73 -17.28
C THR C 102 -4.73 17.23 -16.50
N LYS C 103 -5.81 16.91 -17.19
CA LYS C 103 -7.00 16.39 -16.53
C LYS C 103 -6.85 14.88 -16.31
N ALA C 104 -7.41 14.43 -15.19
CA ALA C 104 -7.51 13.00 -14.89
C ALA C 104 -8.99 12.63 -14.91
N GLU C 105 -9.41 11.88 -15.91
CA GLU C 105 -10.79 11.45 -16.03
C GLU C 105 -10.93 9.99 -15.62
N ILE C 106 -12.15 9.61 -15.29
CA ILE C 106 -12.46 8.24 -14.89
C ILE C 106 -12.58 7.39 -16.15
N LYS C 107 -11.83 6.30 -16.21
CA LYS C 107 -11.94 5.36 -17.30
C LYS C 107 -13.11 4.41 -17.06
N ARG C 108 -13.83 4.10 -18.14
CA ARG C 108 -14.96 3.17 -18.06
C ARG C 108 -15.05 2.41 -19.38
N THR C 109 -16.02 1.50 -19.45
CA THR C 109 -16.26 0.77 -20.68
C THR C 109 -16.77 1.71 -21.76
N VAL C 110 -16.52 1.33 -23.01
CA VAL C 110 -17.04 2.11 -24.14
C VAL C 110 -18.56 2.08 -24.12
N ALA C 111 -19.18 3.24 -24.33
CA ALA C 111 -20.63 3.38 -24.35
C ALA C 111 -21.04 4.22 -25.55
N ALA C 112 -21.85 3.63 -26.43
CA ALA C 112 -22.29 4.33 -27.62
C ALA C 112 -23.30 5.42 -27.25
N PRO C 113 -23.39 6.48 -28.04
CA PRO C 113 -24.36 7.53 -27.76
C PRO C 113 -25.76 7.17 -28.23
N SER C 114 -26.74 7.70 -27.51
CA SER C 114 -28.14 7.65 -27.92
C SER C 114 -28.45 8.98 -28.59
N VAL C 115 -28.74 8.93 -29.89
CA VAL C 115 -28.89 10.13 -30.70
C VAL C 115 -30.36 10.49 -30.80
N PHE C 116 -30.65 11.78 -30.66
CA PHE C 116 -31.99 12.32 -30.88
C PHE C 116 -31.86 13.61 -31.67
N ILE C 117 -32.91 13.96 -32.41
CA ILE C 117 -32.96 15.20 -33.16
C ILE C 117 -34.29 15.88 -32.89
N PHE C 118 -34.24 17.18 -32.62
CA PHE C 118 -35.42 17.98 -32.32
C PHE C 118 -35.61 19.04 -33.39
N PRO C 119 -36.75 19.10 -34.07
CA PRO C 119 -36.95 20.14 -35.08
C PRO C 119 -37.33 21.47 -34.43
N PRO C 120 -37.31 22.56 -35.19
CA PRO C 120 -37.73 23.85 -34.61
C PRO C 120 -39.20 23.86 -34.25
N SER C 121 -39.52 24.51 -33.14
CA SER C 121 -40.89 24.69 -32.73
C SER C 121 -41.55 25.79 -33.55
N ASP C 122 -42.84 25.61 -33.84
CA ASP C 122 -43.57 26.64 -34.58
C ASP C 122 -43.51 27.98 -33.86
N GLU C 123 -43.46 27.96 -32.54
CA GLU C 123 -43.32 29.21 -31.78
C GLU C 123 -42.06 29.96 -32.19
N GLN C 124 -40.95 29.24 -32.36
CA GLN C 124 -39.69 29.89 -32.71
C GLN C 124 -39.69 30.36 -34.17
N LEU C 125 -40.39 29.64 -35.04
CA LEU C 125 -40.45 30.05 -36.44
C LEU C 125 -41.24 31.33 -36.63
N LYS C 126 -42.08 31.71 -35.66
CA LYS C 126 -42.78 32.99 -35.73
C LYS C 126 -41.84 34.17 -35.50
N SER C 127 -40.72 33.95 -34.83
CA SER C 127 -39.78 35.02 -34.50
C SER C 127 -38.70 35.22 -35.58
N GLY C 128 -38.69 34.40 -36.62
CA GLY C 128 -37.74 34.56 -37.70
C GLY C 128 -36.46 33.78 -37.59
N THR C 129 -36.43 32.75 -36.74
CA THR C 129 -35.20 31.98 -36.51
C THR C 129 -35.58 30.52 -36.27
N ALA C 130 -34.71 29.62 -36.69
CA ALA C 130 -34.92 28.18 -36.55
C ALA C 130 -33.69 27.55 -35.91
N SER C 131 -33.90 26.80 -34.83
CA SER C 131 -32.82 26.11 -34.13
C SER C 131 -33.11 24.62 -34.16
N VAL C 132 -32.17 23.85 -34.74
CA VAL C 132 -32.26 22.40 -34.78
C VAL C 132 -31.23 21.85 -33.80
N VAL C 133 -31.69 21.00 -32.89
CA VAL C 133 -30.87 20.46 -31.80
C VAL C 133 -30.65 18.98 -32.04
N CYS C 134 -29.41 18.52 -31.81
CA CYS C 134 -29.06 17.11 -31.90
C CYS C 134 -28.39 16.71 -30.60
N LEU C 135 -28.96 15.71 -29.92
CA LEU C 135 -28.53 15.30 -28.60
C LEU C 135 -27.86 13.94 -28.67
N LEU C 136 -26.60 13.88 -28.23
CA LEU C 136 -25.87 12.63 -28.05
C LEU C 136 -25.82 12.34 -26.55
N ASN C 137 -26.50 11.29 -26.12
CA ASN C 137 -26.75 11.06 -24.69
C ASN C 137 -25.91 9.89 -24.17
N ASN C 138 -25.24 10.12 -23.04
CA ASN C 138 -24.60 9.08 -22.22
C ASN C 138 -23.70 8.18 -23.08
N PHE C 139 -22.54 8.72 -23.43
CA PHE C 139 -21.55 7.99 -24.21
C PHE C 139 -20.16 8.14 -23.62
N TYR C 140 -19.24 7.31 -24.12
CA TYR C 140 -17.85 7.30 -23.69
C TYR C 140 -17.03 6.51 -24.70
N PRO C 141 -15.83 6.97 -25.10
CA PRO C 141 -15.12 8.17 -24.68
C PRO C 141 -15.70 9.46 -25.27
N ARG C 142 -15.12 10.60 -24.88
CA ARG C 142 -15.70 11.90 -25.22
C ARG C 142 -15.61 12.20 -26.71
N GLU C 143 -14.63 11.62 -27.41
CA GLU C 143 -14.37 12.00 -28.80
C GLU C 143 -15.54 11.59 -29.67
N ALA C 144 -16.35 12.56 -30.10
CA ALA C 144 -17.47 12.30 -30.98
C ALA C 144 -17.47 13.34 -32.09
N LYS C 145 -18.00 12.93 -33.24
CA LYS C 145 -18.02 13.76 -34.44
C LYS C 145 -19.46 13.92 -34.89
N VAL C 146 -19.89 15.18 -35.06
CA VAL C 146 -21.27 15.51 -35.40
C VAL C 146 -21.26 16.40 -36.62
N GLN C 147 -21.85 15.93 -37.71
CA GLN C 147 -21.99 16.69 -38.95
C GLN C 147 -23.46 16.95 -39.22
N TRP C 148 -23.75 18.18 -39.64
CA TRP C 148 -25.10 18.57 -40.04
C TRP C 148 -25.21 18.53 -41.56
N LYS C 149 -26.29 17.96 -42.06
CA LYS C 149 -26.55 17.90 -43.49
C LYS C 149 -27.95 18.41 -43.76
N VAL C 150 -28.05 19.42 -44.61
CA VAL C 150 -29.33 19.97 -45.05
C VAL C 150 -29.46 19.67 -46.53
N ASP C 151 -30.37 18.78 -46.88
CA ASP C 151 -30.55 18.32 -48.27
C ASP C 151 -29.23 17.82 -48.84
N ASN C 152 -28.53 17.00 -48.06
CA ASN C 152 -27.25 16.39 -48.41
C ASN C 152 -26.11 17.39 -48.48
N ALA C 153 -26.35 18.66 -48.13
CA ALA C 153 -25.30 19.67 -48.14
C ALA C 153 -24.67 19.75 -46.75
N LEU C 154 -23.36 19.53 -46.68
CA LEU C 154 -22.67 19.57 -45.40
C LEU C 154 -22.58 21.01 -44.90
N GLN C 155 -22.87 21.20 -43.62
CA GLN C 155 -22.95 22.53 -43.02
C GLN C 155 -21.65 22.86 -42.29
N SER C 156 -21.26 24.14 -42.34
CA SER C 156 -20.07 24.62 -41.67
C SER C 156 -20.31 26.03 -41.15
N GLY C 157 -19.84 26.29 -39.93
CA GLY C 157 -19.87 27.63 -39.36
C GLY C 157 -21.20 28.06 -38.78
N ASN C 158 -22.24 27.25 -38.89
CA ASN C 158 -23.57 27.62 -38.40
C ASN C 158 -24.04 26.72 -37.26
N SER C 159 -23.13 26.08 -36.53
CA SER C 159 -23.51 25.21 -35.43
C SER C 159 -22.58 25.46 -34.24
N GLN C 160 -23.08 25.08 -33.06
CA GLN C 160 -22.32 25.20 -31.82
C GLN C 160 -22.57 23.97 -30.97
N GLU C 161 -21.51 23.42 -30.39
CA GLU C 161 -21.60 22.25 -29.54
C GLU C 161 -21.42 22.63 -28.07
N SER C 162 -21.94 21.78 -27.20
CA SER C 162 -21.81 21.95 -25.76
C SER C 162 -21.77 20.57 -25.13
N VAL C 163 -20.76 20.31 -24.32
CA VAL C 163 -20.54 19.01 -23.71
C VAL C 163 -20.61 19.16 -22.19
N THR C 164 -21.16 18.14 -21.54
CA THR C 164 -21.28 18.13 -20.09
C THR C 164 -19.99 17.59 -19.46
N GLU C 165 -19.94 17.64 -18.13
CA GLU C 165 -18.84 17.05 -17.39
C GLU C 165 -19.14 15.59 -17.12
N GLN C 166 -18.06 14.80 -17.04
CA GLN C 166 -18.20 13.36 -16.82
C GLN C 166 -19.14 13.08 -15.67
N ASP C 167 -20.17 12.29 -15.93
CA ASP C 167 -21.26 12.09 -14.98
C ASP C 167 -20.73 11.47 -13.69
N SER C 168 -21.38 11.82 -12.58
CA SER C 168 -20.96 11.30 -11.28
C SER C 168 -21.35 9.85 -11.10
N LYS C 169 -22.44 9.42 -11.74
CA LYS C 169 -22.91 8.05 -11.60
C LYS C 169 -22.23 7.11 -12.58
N ASP C 170 -22.61 7.18 -13.86
CA ASP C 170 -22.10 6.26 -14.86
C ASP C 170 -20.85 6.74 -15.56
N SER C 171 -20.38 7.96 -15.25
CA SER C 171 -19.12 8.47 -15.78
C SER C 171 -19.15 8.62 -17.31
N THR C 172 -20.30 8.98 -17.86
CA THR C 172 -20.47 9.14 -19.30
C THR C 172 -20.60 10.61 -19.65
N TYR C 173 -20.38 10.91 -20.92
CA TYR C 173 -20.51 12.25 -21.46
C TYR C 173 -21.83 12.40 -22.20
N SER C 174 -22.26 13.65 -22.36
CA SER C 174 -23.40 13.99 -23.20
C SER C 174 -23.05 15.23 -23.98
N LEU C 175 -23.64 15.36 -25.17
CA LEU C 175 -23.32 16.43 -26.09
C LEU C 175 -24.59 16.87 -26.80
N SER C 176 -24.75 18.18 -26.94
CA SER C 176 -25.84 18.76 -27.71
C SER C 176 -25.25 19.72 -28.73
N SER C 177 -25.55 19.50 -30.01
CA SER C 177 -25.13 20.38 -31.08
C SER C 177 -26.36 21.11 -31.61
N THR C 178 -26.27 22.43 -31.72
CA THR C 178 -27.39 23.26 -32.15
C THR C 178 -27.05 23.89 -33.50
N LEU C 179 -27.87 23.60 -34.50
CA LEU C 179 -27.77 24.25 -35.80
C LEU C 179 -28.73 25.43 -35.84
N THR C 180 -28.22 26.59 -36.23
CA THR C 180 -29.00 27.83 -36.20
C THR C 180 -29.13 28.39 -37.60
N LEU C 181 -30.36 28.68 -38.00
CA LEU C 181 -30.65 29.19 -39.34
C LEU C 181 -31.76 30.22 -39.26
N SER C 182 -31.89 31.01 -40.32
CA SER C 182 -32.97 31.97 -40.44
C SER C 182 -34.19 31.29 -41.04
N LYS C 183 -35.37 31.80 -40.68
CA LYS C 183 -36.62 31.21 -41.17
C LYS C 183 -36.61 31.10 -42.69
N ALA C 184 -35.93 32.01 -43.38
CA ALA C 184 -35.84 31.93 -44.84
C ALA C 184 -35.01 30.74 -45.27
N ASP C 185 -33.79 30.62 -44.74
CA ASP C 185 -32.92 29.53 -45.13
C ASP C 185 -33.42 28.18 -44.61
N TYR C 186 -34.21 28.17 -43.55
CA TYR C 186 -34.77 26.91 -43.06
C TYR C 186 -35.91 26.42 -43.95
N GLU C 187 -36.64 27.33 -44.59
CA GLU C 187 -37.75 26.96 -45.45
C GLU C 187 -37.32 26.71 -46.90
N LYS C 188 -36.04 26.92 -47.22
CA LYS C 188 -35.54 26.59 -48.55
C LYS C 188 -35.32 25.09 -48.73
N HIS C 189 -35.11 24.34 -47.65
CA HIS C 189 -34.67 22.95 -47.72
C HIS C 189 -35.63 22.04 -46.97
N LYS C 190 -35.49 20.73 -47.23
CA LYS C 190 -36.45 19.73 -46.75
C LYS C 190 -35.87 18.82 -45.69
N VAL C 191 -34.76 18.15 -45.97
CA VAL C 191 -34.23 17.09 -45.11
C VAL C 191 -33.15 17.69 -44.22
N TYR C 192 -33.33 17.59 -42.91
CA TYR C 192 -32.36 18.02 -41.92
C TYR C 192 -31.87 16.80 -41.16
N ALA C 193 -30.56 16.53 -41.26
CA ALA C 193 -29.99 15.31 -40.71
C ALA C 193 -28.83 15.65 -39.78
N CYS C 194 -28.62 14.76 -38.81
CA CYS C 194 -27.52 14.86 -37.86
C CYS C 194 -26.77 13.53 -37.88
N GLU C 195 -25.55 13.54 -38.40
CA GLU C 195 -24.76 12.32 -38.56
C GLU C 195 -23.73 12.22 -37.44
N VAL C 196 -23.85 11.21 -36.59
CA VAL C 196 -22.97 11.02 -35.44
C VAL C 196 -21.99 9.90 -35.75
N THR C 197 -20.74 10.07 -35.32
CA THR C 197 -19.72 9.06 -35.48
C THR C 197 -18.98 8.87 -34.15
N HIS C 198 -18.95 7.64 -33.66
CA HIS C 198 -18.33 7.33 -32.37
C HIS C 198 -17.83 5.89 -32.42
N GLN C 199 -16.72 5.64 -31.72
CA GLN C 199 -16.09 4.33 -31.78
C GLN C 199 -17.02 3.24 -31.28
N GLY C 200 -17.90 3.56 -30.32
CA GLY C 200 -18.85 2.59 -29.81
C GLY C 200 -19.92 2.17 -30.80
N LEU C 201 -20.04 2.87 -31.92
CA LEU C 201 -21.04 2.55 -32.94
C LEU C 201 -20.41 1.74 -34.06
N SER C 202 -21.11 0.69 -34.50
CA SER C 202 -20.67 -0.08 -35.66
C SER C 202 -20.44 0.83 -36.86
N SER C 203 -21.49 1.51 -37.29
CA SER C 203 -21.44 2.47 -38.38
C SER C 203 -22.06 3.78 -37.92
N PRO C 204 -21.79 4.87 -38.62
CA PRO C 204 -22.36 6.16 -38.21
C PRO C 204 -23.88 6.10 -38.11
N VAL C 205 -24.39 6.71 -37.05
CA VAL C 205 -25.84 6.86 -36.86
C VAL C 205 -26.25 8.21 -37.45
N THR C 206 -27.46 8.26 -38.01
CA THR C 206 -27.96 9.46 -38.66
C THR C 206 -29.44 9.60 -38.35
N LYS C 207 -29.79 10.62 -37.58
CA LYS C 207 -31.18 10.98 -37.32
C LYS C 207 -31.55 12.18 -38.17
N SER C 208 -32.79 12.19 -38.68
CA SER C 208 -33.23 13.24 -39.57
C SER C 208 -34.72 13.49 -39.41
N PHE C 209 -35.23 14.44 -40.17
CA PHE C 209 -36.66 14.72 -40.24
C PHE C 209 -36.90 15.58 -41.48
N ASN C 210 -38.10 15.48 -42.03
CA ASN C 210 -38.51 16.30 -43.16
C ASN C 210 -39.29 17.49 -42.63
N ARG C 211 -38.94 18.68 -43.11
CA ARG C 211 -39.57 19.91 -42.62
C ARG C 211 -41.07 19.84 -42.81
N GLY C 212 -41.81 20.05 -41.72
CA GLY C 212 -43.26 20.01 -41.76
C GLY C 212 -43.80 18.60 -41.88
N ALA C 213 -43.45 17.73 -40.95
CA ALA C 213 -43.92 16.35 -40.95
C ALA C 213 -43.72 15.71 -39.59
N GLU D 3 -70.12 10.10 -93.48
CA GLU D 3 -69.67 8.76 -93.83
C GLU D 3 -68.29 8.48 -93.23
N LYS D 4 -67.88 7.22 -93.25
CA LYS D 4 -66.59 6.79 -92.73
C LYS D 4 -65.58 6.70 -93.86
N LYS D 5 -64.30 6.87 -93.50
CA LYS D 5 -63.22 6.83 -94.49
C LYS D 5 -61.95 6.33 -93.80
N VAL D 6 -61.36 5.29 -94.37
CA VAL D 6 -60.15 4.66 -93.83
C VAL D 6 -58.95 5.12 -94.64
N CYS D 7 -57.87 5.47 -93.95
CA CYS D 7 -56.65 5.97 -94.58
C CYS D 7 -55.44 5.28 -93.99
N ASN D 8 -54.38 5.18 -94.80
CA ASN D 8 -53.16 4.53 -94.35
C ASN D 8 -52.40 5.42 -93.38
N GLY D 9 -51.61 4.77 -92.52
CA GLY D 9 -50.72 5.46 -91.62
C GLY D 9 -49.33 5.63 -92.21
N ILE D 10 -48.47 6.31 -91.44
CA ILE D 10 -47.12 6.58 -91.91
C ILE D 10 -46.34 5.28 -92.02
N GLY D 11 -45.56 5.16 -93.09
CA GLY D 11 -44.77 3.97 -93.34
C GLY D 11 -45.44 2.92 -94.20
N ILE D 12 -46.74 3.05 -94.46
CA ILE D 12 -47.50 2.07 -95.21
C ILE D 12 -48.13 2.74 -96.43
N GLY D 13 -48.27 1.97 -97.50
CA GLY D 13 -48.96 2.48 -98.67
C GLY D 13 -48.20 3.63 -99.31
N GLU D 14 -48.93 4.71 -99.61
CA GLU D 14 -48.35 5.88 -100.25
C GLU D 14 -47.47 6.70 -99.30
N PHE D 15 -47.48 6.37 -98.01
CA PHE D 15 -46.55 6.94 -97.04
C PHE D 15 -45.38 6.00 -96.76
N LYS D 16 -45.12 5.05 -97.68
CA LYS D 16 -44.22 3.94 -97.39
C LYS D 16 -42.85 4.42 -96.90
N ASP D 17 -42.31 5.46 -97.53
CA ASP D 17 -41.01 5.99 -97.17
C ASP D 17 -41.09 7.35 -96.50
N SER D 18 -42.24 7.67 -95.89
CA SER D 18 -42.42 8.92 -95.18
C SER D 18 -42.10 8.75 -93.71
N LEU D 19 -41.24 9.61 -93.18
CA LEU D 19 -40.82 9.53 -91.79
C LEU D 19 -41.83 10.14 -90.83
N SER D 20 -42.79 10.91 -91.32
CA SER D 20 -43.67 11.67 -90.44
C SER D 20 -44.77 12.28 -91.28
N ILE D 21 -45.92 12.55 -90.65
CA ILE D 21 -46.88 13.48 -91.22
C ILE D 21 -46.13 14.76 -91.54
N ASN D 22 -46.32 15.29 -92.74
CA ASN D 22 -45.59 16.49 -93.13
C ASN D 22 -46.42 17.28 -94.13
N ALA D 23 -45.89 18.44 -94.51
CA ALA D 23 -46.65 19.38 -95.33
C ALA D 23 -47.19 18.73 -96.60
N THR D 24 -46.39 17.86 -97.22
CA THR D 24 -46.80 17.26 -98.48
C THR D 24 -47.96 16.28 -98.28
N ASN D 25 -47.80 15.32 -97.38
CA ASN D 25 -48.75 14.21 -97.29
C ASN D 25 -49.94 14.50 -96.39
N ILE D 26 -49.90 15.53 -95.56
CA ILE D 26 -50.98 15.75 -94.59
C ILE D 26 -52.31 15.93 -95.30
N LYS D 27 -52.28 16.42 -96.53
CA LYS D 27 -53.54 16.63 -97.27
C LYS D 27 -54.27 15.31 -97.47
N HIS D 28 -53.54 14.23 -97.73
CA HIS D 28 -54.15 12.93 -97.96
C HIS D 28 -54.94 12.42 -96.76
N PHE D 29 -54.76 13.01 -95.58
CA PHE D 29 -55.50 12.61 -94.40
C PHE D 29 -56.84 13.31 -94.27
N LYS D 30 -57.23 14.11 -95.27
CA LYS D 30 -58.43 14.93 -95.17
C LYS D 30 -59.67 14.06 -95.09
N ASN D 31 -60.45 14.24 -94.03
CA ASN D 31 -61.70 13.51 -93.75
C ASN D 31 -61.48 12.07 -93.30
N CYS D 32 -60.26 11.68 -92.94
CA CYS D 32 -60.00 10.33 -92.49
C CYS D 32 -60.55 10.14 -91.09
N THR D 33 -61.52 9.22 -90.95
CA THR D 33 -62.08 8.92 -89.65
C THR D 33 -61.41 7.73 -88.98
N SER D 34 -60.61 6.97 -89.72
CA SER D 34 -59.89 5.82 -89.15
C SER D 34 -58.58 5.67 -89.91
N ILE D 35 -57.51 5.39 -89.16
CA ILE D 35 -56.19 5.24 -89.73
C ILE D 35 -55.73 3.80 -89.51
N SER D 36 -55.43 3.11 -90.60
CA SER D 36 -54.93 1.74 -90.55
C SER D 36 -53.41 1.82 -90.70
N GLY D 37 -52.75 1.99 -89.57
CA GLY D 37 -51.31 2.18 -89.53
C GLY D 37 -50.93 2.94 -88.28
N ASP D 38 -49.79 3.62 -88.36
CA ASP D 38 -49.23 4.38 -87.25
C ASP D 38 -49.09 5.85 -87.63
N LEU D 39 -49.25 6.73 -86.64
CA LEU D 39 -49.06 8.16 -86.82
C LEU D 39 -47.72 8.56 -86.23
N HIS D 40 -46.87 9.16 -87.04
CA HIS D 40 -45.61 9.75 -86.60
C HIS D 40 -45.68 11.25 -86.79
N ILE D 41 -45.48 12.00 -85.71
CA ILE D 41 -45.36 13.45 -85.77
C ILE D 41 -43.98 13.79 -85.23
N LEU D 42 -43.04 14.07 -86.12
CA LEU D 42 -41.64 14.28 -85.72
C LEU D 42 -41.17 15.71 -86.03
N PRO D 43 -40.00 16.10 -85.52
CA PRO D 43 -39.51 17.47 -85.78
C PRO D 43 -39.38 17.83 -87.25
N VAL D 44 -39.03 16.88 -88.12
CA VAL D 44 -38.90 17.22 -89.54
C VAL D 44 -40.19 17.83 -90.06
N ALA D 45 -41.33 17.36 -89.55
CA ALA D 45 -42.63 17.88 -89.97
C ALA D 45 -42.61 19.41 -90.02
N PHE D 46 -42.27 20.04 -88.90
CA PHE D 46 -42.36 21.48 -88.77
C PHE D 46 -41.13 22.22 -89.26
N ARG D 47 -40.00 21.52 -89.43
CA ARG D 47 -38.79 22.13 -89.96
C ARG D 47 -38.70 22.03 -91.48
N GLY D 48 -39.47 21.14 -92.10
CA GLY D 48 -39.30 20.87 -93.52
C GLY D 48 -38.04 20.06 -93.77
N ASP D 49 -37.80 19.65 -95.01
CA ASP D 49 -36.65 18.83 -95.33
C ASP D 49 -36.23 19.08 -96.77
N SER D 50 -34.94 19.40 -96.97
CA SER D 50 -34.45 19.72 -98.30
C SER D 50 -34.27 18.46 -99.14
N PHE D 51 -33.71 17.39 -98.56
CA PHE D 51 -33.46 16.18 -99.35
C PHE D 51 -34.73 15.67 -100.00
N THR D 52 -35.81 15.56 -99.23
CA THR D 52 -37.09 15.08 -99.75
C THR D 52 -37.94 16.20 -100.33
N HIS D 53 -37.40 17.41 -100.46
CA HIS D 53 -38.12 18.55 -101.02
C HIS D 53 -39.47 18.75 -100.32
N THR D 54 -39.43 18.69 -98.99
CA THR D 54 -40.64 18.84 -98.19
C THR D 54 -40.68 20.22 -97.56
N PRO D 55 -41.71 21.03 -97.81
CA PRO D 55 -41.81 22.31 -97.13
C PRO D 55 -42.23 22.14 -95.69
N PRO D 56 -41.95 23.11 -94.82
CA PRO D 56 -42.35 22.99 -93.42
C PRO D 56 -43.87 22.94 -93.29
N LEU D 57 -44.33 22.27 -92.25
CA LEU D 57 -45.76 22.11 -92.03
C LEU D 57 -46.34 23.34 -91.34
N ASP D 58 -47.53 23.74 -91.76
CA ASP D 58 -48.25 24.82 -91.10
C ASP D 58 -48.96 24.26 -89.87
N PRO D 59 -48.68 24.77 -88.67
CA PRO D 59 -49.34 24.23 -87.47
C PRO D 59 -50.86 24.24 -87.55
N GLN D 60 -51.42 25.05 -88.45
CA GLN D 60 -52.87 25.12 -88.59
C GLN D 60 -53.43 23.92 -89.35
N GLU D 61 -52.65 23.32 -90.25
CA GLU D 61 -53.13 22.16 -91.00
C GLU D 61 -53.24 20.92 -90.12
N LEU D 62 -52.72 20.93 -88.90
CA LEU D 62 -52.91 19.80 -88.00
C LEU D 62 -54.38 19.60 -87.65
N ASP D 63 -55.21 20.62 -87.82
CA ASP D 63 -56.64 20.45 -87.58
C ASP D 63 -57.28 19.47 -88.54
N ILE D 64 -56.58 19.08 -89.61
CA ILE D 64 -57.08 18.07 -90.53
C ILE D 64 -57.35 16.75 -89.80
N LEU D 65 -56.56 16.47 -88.76
CA LEU D 65 -56.71 15.23 -88.00
C LEU D 65 -57.88 15.28 -87.01
N LYS D 66 -58.68 16.35 -87.03
CA LYS D 66 -59.81 16.43 -86.11
C LYS D 66 -60.88 15.40 -86.44
N THR D 67 -60.88 14.88 -87.67
CA THR D 67 -61.87 13.89 -88.08
C THR D 67 -61.47 12.47 -87.69
N VAL D 68 -60.20 12.24 -87.35
CA VAL D 68 -59.74 10.91 -86.98
C VAL D 68 -60.34 10.53 -85.62
N LYS D 69 -60.98 9.37 -85.58
CA LYS D 69 -61.56 8.84 -84.34
C LYS D 69 -61.01 7.46 -83.97
N GLU D 70 -60.17 6.86 -84.81
CA GLU D 70 -59.65 5.53 -84.56
C GLU D 70 -58.27 5.40 -85.17
N ILE D 71 -57.32 4.88 -84.40
CA ILE D 71 -55.97 4.56 -84.87
C ILE D 71 -55.71 3.10 -84.52
N THR D 72 -55.55 2.26 -85.55
CA THR D 72 -55.31 0.84 -85.31
C THR D 72 -53.91 0.60 -84.80
N GLY D 73 -52.94 1.39 -85.24
CA GLY D 73 -51.57 1.26 -84.78
C GLY D 73 -51.30 2.06 -83.52
N PHE D 74 -50.21 2.84 -83.53
CA PHE D 74 -49.81 3.62 -82.37
C PHE D 74 -49.69 5.10 -82.73
N LEU D 75 -49.71 5.94 -81.71
CA LEU D 75 -49.58 7.38 -81.85
C LEU D 75 -48.27 7.81 -81.20
N LEU D 76 -47.40 8.45 -81.98
CA LEU D 76 -46.08 8.88 -81.52
C LEU D 76 -45.90 10.35 -81.85
N ILE D 77 -45.93 11.20 -80.82
CA ILE D 77 -45.78 12.64 -80.98
C ILE D 77 -44.49 13.05 -80.27
N GLN D 78 -43.47 13.39 -81.06
CA GLN D 78 -42.21 13.86 -80.53
C GLN D 78 -41.94 15.32 -80.87
N ALA D 79 -42.88 16.00 -81.51
CA ALA D 79 -42.76 17.40 -81.84
C ALA D 79 -44.16 17.99 -81.95
N TRP D 80 -44.27 19.27 -81.66
CA TRP D 80 -45.58 19.88 -81.57
C TRP D 80 -45.40 21.39 -81.48
N PRO D 81 -46.23 22.19 -82.15
CA PRO D 81 -46.05 23.65 -82.07
C PRO D 81 -46.12 24.12 -80.62
N GLU D 82 -45.02 24.66 -80.12
CA GLU D 82 -44.96 25.12 -78.74
C GLU D 82 -46.08 26.11 -78.44
N ASN D 83 -46.66 26.73 -79.46
CA ASN D 83 -47.72 27.71 -79.24
C ASN D 83 -49.02 27.08 -78.79
N ARG D 84 -49.18 25.76 -78.92
CA ARG D 84 -50.43 25.08 -78.62
C ARG D 84 -50.35 24.47 -77.23
N THR D 85 -51.39 24.68 -76.43
CA THR D 85 -51.37 24.24 -75.04
C THR D 85 -51.77 22.78 -74.86
N ASP D 86 -52.37 22.16 -75.88
CA ASP D 86 -52.78 20.77 -75.77
C ASP D 86 -52.80 20.15 -77.17
N LEU D 87 -53.26 18.91 -77.25
CA LEU D 87 -53.35 18.19 -78.52
C LEU D 87 -54.74 18.46 -79.12
N HIS D 88 -54.86 19.62 -79.76
CA HIS D 88 -56.15 20.05 -80.30
C HIS D 88 -56.60 19.18 -81.45
N ALA D 89 -55.66 18.64 -82.24
CA ALA D 89 -56.03 17.90 -83.43
C ALA D 89 -56.64 16.54 -83.12
N PHE D 90 -56.34 15.97 -81.94
CA PHE D 90 -56.83 14.65 -81.58
C PHE D 90 -57.94 14.72 -80.55
N GLU D 91 -58.65 15.85 -80.47
CA GLU D 91 -59.74 15.98 -79.51
C GLU D 91 -60.86 14.97 -79.75
N ASN D 92 -60.96 14.44 -80.97
CA ASN D 92 -62.00 13.48 -81.31
C ASN D 92 -61.48 12.05 -81.40
N LEU D 93 -60.19 11.82 -81.16
CA LEU D 93 -59.65 10.48 -81.18
C LEU D 93 -60.29 9.64 -80.09
N GLU D 94 -60.97 8.57 -80.48
CA GLU D 94 -61.74 7.75 -79.55
C GLU D 94 -61.04 6.46 -79.15
N ILE D 95 -60.30 5.82 -80.05
CA ILE D 95 -59.69 4.52 -79.76
C ILE D 95 -58.30 4.46 -80.37
N ILE D 96 -57.37 3.88 -79.61
CA ILE D 96 -56.05 3.50 -80.12
C ILE D 96 -55.91 2.01 -79.85
N ARG D 97 -55.94 1.20 -80.90
CA ARG D 97 -55.94 -0.25 -80.72
C ARG D 97 -54.53 -0.79 -80.48
N GLY D 98 -53.51 -0.09 -80.95
CA GLY D 98 -52.15 -0.56 -80.76
C GLY D 98 -51.90 -1.96 -81.28
N ARG D 99 -52.40 -2.28 -82.47
CA ARG D 99 -52.06 -3.57 -83.08
C ARG D 99 -50.60 -3.58 -83.52
N THR D 100 -50.11 -2.46 -84.02
CA THR D 100 -48.68 -2.21 -84.16
C THR D 100 -48.26 -1.26 -83.05
N LYS D 101 -47.01 -1.38 -82.61
CA LYS D 101 -46.56 -0.68 -81.41
C LYS D 101 -45.17 -0.10 -81.62
N GLN D 102 -44.93 1.06 -80.99
CA GLN D 102 -43.63 1.70 -80.99
C GLN D 102 -42.64 0.80 -80.25
N HIS D 103 -41.56 0.42 -80.94
CA HIS D 103 -40.58 -0.52 -80.36
C HIS D 103 -41.25 -1.80 -79.87
N GLY D 104 -42.33 -2.20 -80.53
CA GLY D 104 -43.04 -3.40 -80.16
C GLY D 104 -43.65 -3.38 -78.78
N GLN D 105 -43.82 -2.20 -78.19
CA GLN D 105 -44.31 -2.12 -76.81
C GLN D 105 -45.31 -0.98 -76.60
N PHE D 106 -44.98 0.22 -77.07
CA PHE D 106 -45.73 1.41 -76.74
C PHE D 106 -46.71 1.76 -77.85
N SER D 107 -47.96 2.01 -77.47
CA SER D 107 -49.00 2.42 -78.40
C SER D 107 -49.33 3.91 -78.33
N LEU D 108 -48.91 4.60 -77.27
CA LEU D 108 -49.05 6.04 -77.17
C LEU D 108 -47.79 6.62 -76.55
N ALA D 109 -47.19 7.60 -77.23
CA ALA D 109 -45.95 8.20 -76.75
C ALA D 109 -45.99 9.70 -77.01
N VAL D 110 -45.82 10.47 -75.95
CA VAL D 110 -45.72 11.93 -76.02
C VAL D 110 -44.43 12.33 -75.35
N VAL D 111 -43.52 12.95 -76.10
CA VAL D 111 -42.14 13.16 -75.66
C VAL D 111 -41.79 14.63 -75.76
N SER D 112 -41.51 15.26 -74.62
CA SER D 112 -40.88 16.59 -74.58
C SER D 112 -41.65 17.62 -75.39
N LEU D 113 -42.94 17.75 -75.10
CA LEU D 113 -43.76 18.78 -75.72
C LEU D 113 -43.89 19.96 -74.77
N ASN D 114 -44.55 21.02 -75.27
CA ASN D 114 -44.78 22.20 -74.46
C ASN D 114 -46.23 22.34 -74.02
N ILE D 115 -47.04 21.29 -74.21
CA ILE D 115 -48.45 21.35 -73.84
C ILE D 115 -48.58 21.47 -72.32
N THR D 116 -49.76 21.93 -71.90
CA THR D 116 -50.14 21.95 -70.49
C THR D 116 -51.14 20.86 -70.14
N SER D 117 -51.96 20.44 -71.10
CA SER D 117 -52.87 19.32 -70.92
C SER D 117 -52.80 18.44 -72.17
N LEU D 118 -53.18 17.17 -72.00
CA LEU D 118 -53.18 16.26 -73.15
C LEU D 118 -54.29 16.63 -74.13
N GLY D 119 -55.49 16.91 -73.62
CA GLY D 119 -56.59 17.31 -74.48
C GLY D 119 -57.28 16.18 -75.20
N LEU D 120 -57.03 14.93 -74.81
CA LEU D 120 -57.64 13.76 -75.46
C LEU D 120 -58.97 13.48 -74.79
N ARG D 121 -59.96 14.32 -75.11
CA ARG D 121 -61.26 14.22 -74.43
C ARG D 121 -62.05 13.01 -74.90
N SER D 122 -62.00 12.70 -76.20
CA SER D 122 -62.80 11.62 -76.75
C SER D 122 -62.17 10.24 -76.50
N LEU D 123 -60.92 10.17 -76.08
CA LEU D 123 -60.25 8.88 -75.92
C LEU D 123 -60.93 8.08 -74.82
N LYS D 124 -61.35 6.86 -75.14
CA LYS D 124 -62.07 6.01 -74.20
C LYS D 124 -61.54 4.58 -74.14
N GLU D 125 -60.55 4.22 -74.94
CA GLU D 125 -60.00 2.88 -74.91
C GLU D 125 -58.63 2.85 -75.57
N ILE D 126 -57.72 2.07 -74.99
CA ILE D 126 -56.42 1.77 -75.56
C ILE D 126 -56.28 0.26 -75.49
N SER D 127 -56.62 -0.43 -76.59
CA SER D 127 -56.74 -1.89 -76.55
C SER D 127 -55.45 -2.54 -76.07
N ASP D 128 -54.31 -2.18 -76.67
CA ASP D 128 -53.05 -2.84 -76.38
C ASP D 128 -51.93 -1.79 -76.37
N GLY D 129 -50.78 -2.19 -75.85
CA GLY D 129 -49.62 -1.33 -75.82
C GLY D 129 -49.53 -0.48 -74.57
N ASP D 130 -48.33 0.03 -74.32
CA ASP D 130 -48.06 0.86 -73.16
C ASP D 130 -48.16 2.34 -73.51
N VAL D 131 -48.46 3.15 -72.50
CA VAL D 131 -48.52 4.60 -72.63
C VAL D 131 -47.28 5.19 -71.97
N ILE D 132 -46.62 6.10 -72.67
CA ILE D 132 -45.41 6.75 -72.17
C ILE D 132 -45.54 8.25 -72.42
N ILE D 133 -45.65 9.03 -71.35
CA ILE D 133 -45.68 10.49 -71.42
C ILE D 133 -44.41 10.97 -70.73
N SER D 134 -43.44 11.43 -71.52
CA SER D 134 -42.09 11.72 -71.01
C SER D 134 -41.68 13.14 -71.35
N GLY D 135 -41.18 13.86 -70.34
CA GLY D 135 -40.45 15.09 -70.56
C GLY D 135 -41.27 16.34 -70.82
N ASN D 136 -42.57 16.32 -70.55
CA ASN D 136 -43.43 17.46 -70.83
C ASN D 136 -43.47 18.33 -69.58
N LYS D 137 -42.67 19.38 -69.57
CA LYS D 137 -42.40 20.11 -68.33
C LYS D 137 -43.53 21.03 -67.91
N ASN D 138 -44.47 21.35 -68.80
CA ASN D 138 -45.61 22.18 -68.44
C ASN D 138 -46.91 21.38 -68.35
N LEU D 139 -46.83 20.06 -68.46
CA LEU D 139 -48.02 19.21 -68.56
C LEU D 139 -48.53 18.84 -67.18
N CYS D 140 -49.81 19.13 -66.93
CA CYS D 140 -50.52 18.70 -65.74
C CYS D 140 -51.69 17.79 -66.13
N TYR D 141 -52.45 17.37 -65.11
CA TYR D 141 -53.69 16.62 -65.33
C TYR D 141 -53.42 15.17 -65.74
N ALA D 142 -52.16 14.81 -65.96
CA ALA D 142 -51.83 13.49 -66.50
C ALA D 142 -52.30 12.38 -65.56
N ASN D 143 -51.84 12.42 -64.30
CA ASN D 143 -52.12 11.33 -63.38
C ASN D 143 -53.57 11.31 -62.88
N THR D 144 -54.33 12.38 -63.11
CA THR D 144 -55.70 12.43 -62.61
C THR D 144 -56.53 11.28 -63.18
N ILE D 145 -56.38 11.00 -64.48
CA ILE D 145 -57.18 9.96 -65.12
C ILE D 145 -56.76 8.59 -64.60
N ASN D 146 -57.69 7.64 -64.66
CA ASN D 146 -57.44 6.24 -64.36
C ASN D 146 -57.19 5.52 -65.67
N TRP D 147 -55.92 5.28 -66.00
CA TRP D 147 -55.58 4.65 -67.26
C TRP D 147 -55.95 3.17 -67.30
N LYS D 148 -56.15 2.54 -66.13
CA LYS D 148 -56.53 1.14 -66.12
C LYS D 148 -57.88 0.91 -66.77
N LYS D 149 -58.77 1.92 -66.72
CA LYS D 149 -60.07 1.78 -67.35
C LYS D 149 -59.96 1.81 -68.88
N LEU D 150 -59.00 2.56 -69.41
CA LEU D 150 -58.81 2.62 -70.86
C LEU D 150 -58.16 1.35 -71.39
N PHE D 151 -57.34 0.68 -70.58
CA PHE D 151 -56.65 -0.51 -71.02
C PHE D 151 -57.64 -1.65 -71.26
N GLY D 152 -57.34 -2.48 -72.26
CA GLY D 152 -58.18 -3.60 -72.60
C GLY D 152 -57.41 -4.91 -72.73
N THR D 153 -56.11 -4.88 -72.40
CA THR D 153 -55.27 -6.06 -72.40
C THR D 153 -54.48 -6.10 -71.11
N SER D 154 -54.20 -7.30 -70.63
CA SER D 154 -53.41 -7.47 -69.43
C SER D 154 -51.96 -7.08 -69.69
N GLY D 155 -51.30 -6.56 -68.66
CA GLY D 155 -49.90 -6.20 -68.73
C GLY D 155 -49.64 -4.75 -69.11
N GLN D 156 -50.65 -4.02 -69.57
CA GLN D 156 -50.45 -2.63 -69.97
C GLN D 156 -50.10 -1.78 -68.76
N LYS D 157 -49.22 -0.81 -68.98
CA LYS D 157 -48.78 0.08 -67.91
C LYS D 157 -48.47 1.44 -68.50
N THR D 158 -48.56 2.47 -67.65
CA THR D 158 -48.23 3.82 -68.05
C THR D 158 -46.89 4.22 -67.43
N LYS D 159 -46.20 5.11 -68.13
CA LYS D 159 -45.00 5.76 -67.59
C LYS D 159 -45.20 7.26 -67.76
N ILE D 160 -45.60 7.93 -66.67
CA ILE D 160 -45.72 9.38 -66.63
C ILE D 160 -44.52 9.88 -65.83
N ILE D 161 -43.48 10.33 -66.54
CA ILE D 161 -42.19 10.62 -65.92
C ILE D 161 -41.65 11.95 -66.46
N ARG D 162 -40.79 12.57 -65.65
CA ARG D 162 -40.08 13.80 -66.02
C ARG D 162 -41.04 14.86 -66.52
N ASN D 163 -42.29 14.83 -66.03
CA ASN D 163 -43.27 15.86 -66.34
C ASN D 163 -43.35 16.83 -65.17
N ARG D 164 -44.24 17.80 -65.29
CA ARG D 164 -44.43 18.79 -64.23
C ARG D 164 -44.94 18.12 -62.97
N GLY D 165 -44.27 18.38 -61.84
CA GLY D 165 -44.64 17.78 -60.57
C GLY D 165 -46.10 17.98 -60.23
N GLU D 166 -46.70 16.98 -59.57
CA GLU D 166 -48.12 17.08 -59.21
C GLU D 166 -48.35 18.19 -58.20
N ASN D 167 -47.42 18.39 -57.28
CA ASN D 167 -47.56 19.47 -56.30
C ASN D 167 -47.42 20.84 -56.96
N SER D 168 -46.50 20.96 -57.92
CA SER D 168 -46.36 22.23 -58.64
C SER D 168 -47.61 22.57 -59.44
N CYS D 169 -48.38 21.56 -59.87
CA CYS D 169 -49.64 21.82 -60.53
C CYS D 169 -50.69 22.34 -59.55
N LYS D 170 -50.64 21.86 -58.30
CA LYS D 170 -51.58 22.33 -57.29
C LYS D 170 -51.35 23.80 -56.94
N ALA D 171 -50.08 24.21 -56.84
CA ALA D 171 -49.76 25.57 -56.44
C ALA D 171 -50.38 26.60 -57.37
N THR D 172 -50.33 26.32 -58.69
CA THR D 172 -50.88 27.24 -59.68
C THR D 172 -52.36 27.02 -59.94
N GLY D 173 -53.01 26.12 -59.21
CA GLY D 173 -54.44 25.92 -59.36
C GLY D 173 -54.84 25.20 -60.62
N GLN D 174 -53.95 24.38 -61.19
CA GLN D 174 -54.26 23.61 -62.39
C GLN D 174 -54.60 22.19 -61.97
N VAL D 175 -55.86 22.01 -61.57
CA VAL D 175 -56.40 20.73 -61.15
C VAL D 175 -57.78 20.56 -61.77
N CYS D 176 -58.25 19.31 -61.80
CA CYS D 176 -59.56 19.03 -62.37
C CYS D 176 -60.62 19.96 -61.80
N HIS D 177 -61.60 20.28 -62.63
CA HIS D 177 -62.61 21.26 -62.28
C HIS D 177 -63.49 20.75 -61.14
N ALA D 178 -64.33 21.65 -60.62
CA ALA D 178 -65.24 21.28 -59.53
C ALA D 178 -66.26 20.25 -60.00
N LEU D 179 -66.79 20.41 -61.21
CA LEU D 179 -67.84 19.53 -61.73
C LEU D 179 -67.29 18.25 -62.36
N CYS D 180 -66.05 17.86 -62.08
CA CYS D 180 -65.52 16.58 -62.50
C CYS D 180 -65.65 15.58 -61.36
N SER D 181 -65.72 14.31 -61.72
CA SER D 181 -65.78 13.21 -60.76
C SER D 181 -64.37 12.68 -60.49
N PRO D 182 -64.21 11.79 -59.51
CA PRO D 182 -62.87 11.23 -59.23
C PRO D 182 -62.25 10.51 -60.41
N GLU D 183 -62.98 10.29 -61.52
CA GLU D 183 -62.42 9.59 -62.66
C GLU D 183 -61.30 10.37 -63.32
N GLY D 184 -61.19 11.67 -63.08
CA GLY D 184 -60.11 12.47 -63.58
C GLY D 184 -60.59 13.50 -64.59
N CYS D 185 -59.62 14.08 -65.30
CA CYS D 185 -59.91 15.08 -66.32
C CYS D 185 -58.77 15.13 -67.32
N TRP D 186 -59.09 15.62 -68.52
CA TRP D 186 -58.09 15.83 -69.56
C TRP D 186 -57.66 17.29 -69.66
N GLY D 187 -58.29 18.19 -68.91
CA GLY D 187 -57.97 19.59 -68.95
C GLY D 187 -58.65 20.35 -67.83
N PRO D 188 -58.49 21.67 -67.82
CA PRO D 188 -59.07 22.47 -66.75
C PRO D 188 -60.56 22.70 -66.91
N GLU D 189 -60.98 23.08 -68.12
CA GLU D 189 -62.38 23.41 -68.36
C GLU D 189 -63.29 22.24 -67.96
N PRO D 190 -64.59 22.52 -67.75
CA PRO D 190 -65.51 21.41 -67.42
C PRO D 190 -65.72 20.45 -68.56
N ARG D 191 -65.79 20.95 -69.81
CA ARG D 191 -65.89 20.07 -70.96
C ARG D 191 -64.75 19.07 -71.03
N ASP D 192 -63.66 19.32 -70.31
CA ASP D 192 -62.51 18.42 -70.29
C ASP D 192 -62.60 17.38 -69.19
N CYS D 193 -63.65 17.39 -68.37
CA CYS D 193 -63.82 16.33 -67.39
C CYS D 193 -64.05 14.99 -68.10
N VAL D 194 -63.78 13.90 -67.38
CA VAL D 194 -64.15 12.58 -67.87
C VAL D 194 -65.64 12.35 -67.69
N SER D 195 -66.12 12.51 -66.45
CA SER D 195 -67.52 12.31 -66.12
C SER D 195 -67.97 13.37 -65.13
N CYS D 196 -69.11 14.01 -65.42
CA CYS D 196 -69.65 15.04 -64.56
C CYS D 196 -70.36 14.42 -63.36
N GLN E 1 -19.49 1.04 -81.33
CA GLN E 1 -20.30 1.08 -80.07
C GLN E 1 -20.48 2.52 -79.58
N VAL E 2 -21.48 2.72 -78.71
CA VAL E 2 -21.81 4.05 -78.23
C VAL E 2 -20.69 4.57 -77.34
N GLN E 3 -20.17 5.75 -77.67
CA GLN E 3 -19.07 6.36 -76.94
C GLN E 3 -19.28 7.87 -76.87
N LEU E 4 -19.09 8.44 -75.68
CA LEU E 4 -19.25 9.86 -75.44
C LEU E 4 -17.94 10.41 -74.89
N GLN E 5 -17.56 11.61 -75.32
CA GLN E 5 -16.30 12.21 -74.92
C GLN E 5 -16.47 13.71 -74.74
N GLU E 6 -16.01 14.22 -73.59
CA GLU E 6 -16.10 15.64 -73.29
C GLU E 6 -14.82 16.35 -73.71
N SER E 7 -14.95 17.62 -74.05
CA SER E 7 -13.82 18.45 -74.44
C SER E 7 -14.16 19.90 -74.17
N GLY E 8 -13.12 20.69 -73.90
CA GLY E 8 -13.29 22.10 -73.66
C GLY E 8 -12.27 22.65 -72.68
N PRO E 9 -12.27 23.97 -72.51
CA PRO E 9 -11.27 24.58 -71.63
C PRO E 9 -11.43 24.09 -70.19
N GLY E 10 -10.31 23.71 -69.58
CA GLY E 10 -10.28 23.25 -68.21
C GLY E 10 -10.11 24.33 -67.18
N LEU E 11 -10.01 25.60 -67.59
CA LEU E 11 -9.81 26.72 -66.68
C LEU E 11 -10.64 27.91 -67.15
N VAL E 12 -11.43 28.47 -66.24
CA VAL E 12 -12.38 29.53 -66.56
C VAL E 12 -12.35 30.56 -65.43
N LYS E 13 -12.36 31.88 -65.80
CA LYS E 13 -12.32 32.91 -64.77
C LYS E 13 -13.72 33.24 -64.26
N PRO E 14 -13.85 33.65 -63.01
CA PRO E 14 -15.19 33.97 -62.49
C PRO E 14 -15.90 35.01 -63.34
N SER E 15 -17.23 34.92 -63.36
CA SER E 15 -18.09 35.83 -64.11
C SER E 15 -18.10 35.52 -65.61
N GLN E 16 -17.10 34.79 -66.10
CA GLN E 16 -17.04 34.42 -67.50
C GLN E 16 -17.90 33.19 -67.75
N THR E 17 -17.85 32.65 -68.97
CA THR E 17 -18.73 31.58 -69.40
C THR E 17 -17.96 30.29 -69.58
N LEU E 18 -18.57 29.19 -69.14
CA LEU E 18 -18.03 27.85 -69.31
C LEU E 18 -18.65 27.22 -70.55
N SER E 19 -17.83 26.60 -71.39
CA SER E 19 -18.30 26.00 -72.63
C SER E 19 -17.70 24.61 -72.80
N LEU E 20 -18.55 23.59 -72.79
CA LEU E 20 -18.14 22.21 -73.04
C LEU E 20 -18.95 21.63 -74.19
N THR E 21 -18.35 20.67 -74.89
CA THR E 21 -19.00 19.99 -76.00
C THR E 21 -18.75 18.49 -75.88
N CYS E 22 -19.80 17.71 -76.13
CA CYS E 22 -19.76 16.25 -76.04
C CYS E 22 -19.86 15.68 -77.44
N THR E 23 -18.87 14.88 -77.84
CA THR E 23 -18.84 14.22 -79.13
C THR E 23 -19.32 12.79 -78.96
N VAL E 24 -20.35 12.41 -79.73
CA VAL E 24 -20.97 11.09 -79.64
C VAL E 24 -20.53 10.25 -80.82
N SER E 25 -20.27 8.96 -80.55
CA SER E 25 -19.88 8.00 -81.58
C SER E 25 -20.84 6.82 -81.56
N GLY E 26 -20.76 6.01 -82.62
CA GLY E 26 -21.57 4.81 -82.71
C GLY E 26 -23.06 5.06 -82.69
N GLY E 27 -23.49 6.23 -83.14
CA GLY E 27 -24.90 6.55 -83.16
C GLY E 27 -25.16 8.01 -83.50
N SER E 28 -26.37 8.31 -83.96
CA SER E 28 -26.75 9.67 -84.32
C SER E 28 -27.49 10.31 -83.16
N ILE E 29 -27.09 11.52 -82.79
CA ILE E 29 -27.77 12.22 -81.71
C ILE E 29 -29.18 12.62 -82.10
N SER E 30 -29.48 12.68 -83.39
CA SER E 30 -30.80 13.06 -83.86
C SER E 30 -31.68 11.81 -83.94
N SER E 31 -32.30 11.48 -82.81
CA SER E 31 -33.17 10.32 -82.71
C SER E 31 -34.10 10.52 -81.53
N GLY E 32 -35.38 10.24 -81.73
CA GLY E 32 -36.35 10.39 -80.67
C GLY E 32 -36.24 9.38 -79.54
N ASP E 33 -35.25 8.49 -79.59
CA ASP E 33 -35.08 7.47 -78.55
C ASP E 33 -34.22 7.93 -77.39
N TYR E 34 -33.59 9.10 -77.49
CA TYR E 34 -32.51 9.45 -76.59
C TYR E 34 -32.63 10.88 -76.10
N TYR E 35 -32.43 11.07 -74.80
CA TYR E 35 -32.07 12.34 -74.21
C TYR E 35 -30.55 12.43 -74.08
N TRP E 36 -30.03 13.65 -74.19
CA TRP E 36 -28.60 13.89 -74.03
C TRP E 36 -28.41 14.87 -72.87
N SER E 37 -27.74 14.41 -71.82
CA SER E 37 -27.71 15.12 -70.54
C SER E 37 -26.29 15.51 -70.15
N TRP E 38 -26.21 16.48 -69.24
CA TRP E 38 -24.95 16.87 -68.61
C TRP E 38 -25.09 16.67 -67.11
N ILE E 39 -24.10 16.02 -66.51
CA ILE E 39 -24.04 15.86 -65.06
C ILE E 39 -22.68 16.30 -64.58
N ARG E 40 -22.64 16.95 -63.41
CA ARG E 40 -21.39 17.44 -62.86
C ARG E 40 -21.19 16.93 -61.44
N GLN E 41 -19.93 16.78 -61.08
CA GLN E 41 -19.55 16.28 -59.75
C GLN E 41 -18.44 17.15 -59.19
N PRO E 42 -18.72 18.02 -58.21
CA PRO E 42 -17.64 18.78 -57.60
C PRO E 42 -16.63 17.85 -56.96
N PRO E 43 -15.36 18.24 -56.89
CA PRO E 43 -14.36 17.37 -56.28
C PRO E 43 -14.73 17.01 -54.84
N GLY E 44 -14.94 15.71 -54.60
CA GLY E 44 -15.23 15.22 -53.27
C GLY E 44 -16.70 15.22 -52.88
N LYS E 45 -17.60 15.59 -53.79
CA LYS E 45 -19.01 15.71 -53.46
C LYS E 45 -19.84 14.80 -54.36
N GLY E 46 -21.15 15.03 -54.40
CA GLY E 46 -22.08 14.19 -55.12
C GLY E 46 -22.32 14.64 -56.55
N LEU E 47 -23.31 14.01 -57.17
CA LEU E 47 -23.65 14.25 -58.57
C LEU E 47 -24.82 15.21 -58.66
N GLU E 48 -24.73 16.17 -59.59
CA GLU E 48 -25.77 17.15 -59.82
C GLU E 48 -26.19 17.12 -61.28
N TRP E 49 -27.49 16.99 -61.51
CA TRP E 49 -28.02 16.99 -62.86
C TRP E 49 -28.14 18.42 -63.36
N ILE E 50 -27.66 18.66 -64.58
CA ILE E 50 -27.69 20.00 -65.18
C ILE E 50 -28.93 20.15 -66.06
N GLY E 51 -29.03 19.33 -67.09
CA GLY E 51 -30.17 19.39 -68.00
C GLY E 51 -30.02 18.35 -69.09
N TYR E 52 -31.05 18.28 -69.94
CA TYR E 52 -31.01 17.42 -71.12
C TYR E 52 -31.57 18.17 -72.31
N ILE E 53 -31.10 17.80 -73.50
CA ILE E 53 -31.59 18.37 -74.74
C ILE E 53 -32.05 17.25 -75.66
N TYR E 54 -33.22 17.43 -76.25
CA TYR E 54 -33.84 16.46 -77.15
C TYR E 54 -33.60 16.88 -78.59
N TYR E 55 -33.72 15.92 -79.52
CA TYR E 55 -33.44 16.25 -80.91
C TYR E 55 -34.50 17.18 -81.51
N SER E 56 -35.69 17.26 -80.91
CA SER E 56 -36.69 18.23 -81.32
C SER E 56 -36.36 19.64 -80.85
N GLY E 57 -35.23 19.85 -80.17
CA GLY E 57 -34.87 21.15 -79.66
C GLY E 57 -35.31 21.43 -78.24
N SER E 58 -36.21 20.61 -77.68
CA SER E 58 -36.66 20.81 -76.32
C SER E 58 -35.50 20.66 -75.35
N THR E 59 -35.58 21.39 -74.24
CA THR E 59 -34.56 21.34 -73.20
C THR E 59 -35.23 21.37 -71.84
N ASP E 60 -34.52 20.84 -70.85
CA ASP E 60 -34.93 20.93 -69.46
C ASP E 60 -33.69 21.19 -68.63
N TYR E 61 -33.76 22.16 -67.73
CA TYR E 61 -32.61 22.55 -66.93
C TYR E 61 -32.98 22.51 -65.44
N ASN E 62 -31.99 22.14 -64.63
CA ASN E 62 -32.14 22.16 -63.18
C ASN E 62 -32.33 23.59 -62.71
N PRO E 63 -33.42 23.92 -62.02
CA PRO E 63 -33.57 25.30 -61.51
C PRO E 63 -32.39 25.76 -60.67
N SER E 64 -31.64 24.84 -60.05
CA SER E 64 -30.57 25.23 -59.15
C SER E 64 -29.53 26.11 -59.85
N LEU E 65 -29.39 26.02 -61.17
CA LEU E 65 -28.44 26.86 -61.89
C LEU E 65 -29.05 28.16 -62.38
N LYS E 66 -30.30 28.45 -61.99
CA LYS E 66 -30.88 29.78 -62.13
C LYS E 66 -30.74 30.32 -63.55
N SER E 67 -31.22 29.54 -64.51
CA SER E 67 -31.33 29.95 -65.90
C SER E 67 -29.98 30.31 -66.51
N ARG E 68 -28.88 29.92 -65.89
CA ARG E 68 -27.54 30.20 -66.41
C ARG E 68 -27.07 29.16 -67.40
N VAL E 69 -27.88 28.16 -67.71
CA VAL E 69 -27.48 27.04 -68.56
C VAL E 69 -28.23 27.12 -69.88
N THR E 70 -27.51 26.80 -70.96
CA THR E 70 -28.12 26.62 -72.27
C THR E 70 -27.39 25.50 -73.00
N MET E 71 -28.15 24.65 -73.69
CA MET E 71 -27.61 23.53 -74.43
C MET E 71 -28.03 23.61 -75.89
N SER E 72 -27.24 22.98 -76.75
CA SER E 72 -27.49 22.99 -78.18
C SER E 72 -26.97 21.69 -78.78
N VAL E 73 -27.45 21.38 -79.99
CA VAL E 73 -27.04 20.20 -80.73
C VAL E 73 -26.51 20.63 -82.09
N ASP E 74 -25.42 19.99 -82.52
CA ASP E 74 -24.85 20.19 -83.85
C ASP E 74 -24.87 18.83 -84.55
N THR E 75 -26.02 18.49 -85.13
CA THR E 75 -26.19 17.17 -85.74
C THR E 75 -25.15 16.91 -86.83
N SER E 76 -24.68 17.96 -87.50
CA SER E 76 -23.65 17.80 -88.52
C SER E 76 -22.46 17.02 -87.97
N LYS E 77 -21.85 17.53 -86.91
CA LYS E 77 -20.69 16.90 -86.30
C LYS E 77 -21.07 15.84 -85.29
N ASN E 78 -22.37 15.66 -85.01
CA ASN E 78 -22.84 14.68 -84.03
C ASN E 78 -22.35 15.07 -82.63
N GLN E 79 -22.70 16.29 -82.23
CA GLN E 79 -22.28 16.84 -80.96
C GLN E 79 -23.46 17.54 -80.30
N PHE E 80 -23.36 17.68 -78.97
CA PHE E 80 -24.24 18.55 -78.22
C PHE E 80 -23.40 19.21 -77.15
N SER E 81 -23.63 20.50 -76.94
CA SER E 81 -22.74 21.31 -76.14
C SER E 81 -23.46 21.90 -74.93
N LEU E 82 -22.65 22.41 -74.01
CA LEU E 82 -23.13 23.03 -72.79
C LEU E 82 -22.52 24.41 -72.66
N LYS E 83 -23.31 25.36 -72.14
CA LYS E 83 -22.80 26.67 -71.79
C LYS E 83 -23.36 27.08 -70.44
N VAL E 84 -22.48 27.57 -69.57
CA VAL E 84 -22.84 28.00 -68.22
C VAL E 84 -22.14 29.34 -68.00
N ASN E 85 -22.92 30.40 -67.86
CA ASN E 85 -22.37 31.75 -67.72
C ASN E 85 -22.43 32.20 -66.26
N SER E 86 -21.63 33.21 -65.96
CA SER E 86 -21.60 33.80 -64.62
C SER E 86 -21.10 32.80 -63.59
N VAL E 87 -20.03 32.09 -63.92
CA VAL E 87 -19.56 30.99 -63.09
C VAL E 87 -18.75 31.54 -61.93
N THR E 88 -18.82 30.84 -60.79
CA THR E 88 -18.02 31.11 -59.61
C THR E 88 -17.24 29.85 -59.25
N ALA E 89 -16.64 29.84 -58.06
CA ALA E 89 -15.95 28.64 -57.60
C ALA E 89 -16.91 27.47 -57.45
N ALA E 90 -18.19 27.76 -57.15
CA ALA E 90 -19.18 26.71 -56.95
C ALA E 90 -19.47 25.91 -58.21
N ASP E 91 -18.99 26.36 -59.37
CA ASP E 91 -19.13 25.60 -60.61
C ASP E 91 -17.88 24.79 -60.94
N THR E 92 -16.90 24.76 -60.03
CA THR E 92 -15.76 23.87 -60.20
C THR E 92 -16.21 22.42 -60.00
N ALA E 93 -16.05 21.61 -61.03
CA ALA E 93 -16.51 20.22 -60.95
C ALA E 93 -15.99 19.46 -62.15
N VAL E 94 -16.16 18.13 -62.10
CA VAL E 94 -15.99 17.28 -63.27
C VAL E 94 -17.32 17.22 -63.99
N TYR E 95 -17.31 17.54 -65.28
CA TYR E 95 -18.53 17.60 -66.08
C TYR E 95 -18.64 16.34 -66.93
N TYR E 96 -19.71 15.59 -66.72
CA TYR E 96 -19.99 14.38 -67.48
C TYR E 96 -21.14 14.62 -68.45
N CYS E 97 -21.01 14.12 -69.67
CA CYS E 97 -22.15 14.00 -70.57
C CYS E 97 -22.59 12.53 -70.61
N ALA E 98 -23.90 12.32 -70.59
CA ALA E 98 -24.46 10.97 -70.58
C ALA E 98 -25.62 10.89 -71.56
N ARG E 99 -26.12 9.67 -71.75
CA ARG E 99 -27.26 9.41 -72.61
C ARG E 99 -28.36 8.71 -71.83
N VAL E 100 -29.59 8.81 -72.32
CA VAL E 100 -30.74 8.17 -71.70
C VAL E 100 -31.62 7.59 -72.79
N SER E 101 -31.98 6.32 -72.66
CA SER E 101 -32.87 5.64 -73.60
C SER E 101 -34.30 5.76 -73.09
N ILE E 102 -35.08 6.63 -73.72
CA ILE E 102 -36.42 6.93 -73.24
C ILE E 102 -37.28 5.67 -73.20
N PHE E 103 -37.09 4.78 -74.17
CA PHE E 103 -37.88 3.56 -74.25
C PHE E 103 -37.12 2.33 -73.76
N GLY E 104 -35.90 2.50 -73.28
CA GLY E 104 -35.14 1.44 -72.68
C GLY E 104 -35.15 1.53 -71.17
N VAL E 105 -33.97 1.40 -70.53
CA VAL E 105 -33.91 1.43 -69.08
C VAL E 105 -34.52 2.72 -68.53
N GLY E 106 -34.29 3.84 -69.23
CA GLY E 106 -34.86 5.12 -68.84
C GLY E 106 -34.02 5.94 -67.89
N THR E 107 -32.73 5.63 -67.77
CA THR E 107 -31.83 6.35 -66.89
C THR E 107 -30.45 6.36 -67.55
N PHE E 108 -29.55 7.19 -67.03
CA PHE E 108 -28.23 7.33 -67.62
C PHE E 108 -27.57 5.96 -67.75
N ASP E 109 -27.33 5.52 -68.99
CA ASP E 109 -26.69 4.24 -69.25
C ASP E 109 -25.30 4.37 -69.86
N TYR E 110 -24.99 5.47 -70.54
CA TYR E 110 -23.69 5.67 -71.17
C TYR E 110 -23.13 7.01 -70.75
N TRP E 111 -21.89 7.01 -70.25
CA TRP E 111 -21.24 8.21 -69.74
C TRP E 111 -19.96 8.48 -70.52
N GLY E 112 -19.46 9.71 -70.35
CA GLY E 112 -18.15 10.07 -70.84
C GLY E 112 -17.10 9.97 -69.73
N GLN E 113 -15.85 10.20 -70.11
CA GLN E 113 -14.76 10.09 -69.14
C GLN E 113 -14.75 11.24 -68.15
N GLY E 114 -15.50 12.30 -68.40
CA GLY E 114 -15.50 13.46 -67.52
C GLY E 114 -14.29 14.34 -67.76
N THR E 115 -14.47 15.66 -67.66
CA THR E 115 -13.37 16.61 -67.71
C THR E 115 -13.49 17.57 -66.54
N LEU E 116 -12.37 17.87 -65.91
CA LEU E 116 -12.35 18.81 -64.81
C LEU E 116 -12.33 20.23 -65.35
N VAL E 117 -13.14 21.10 -64.75
CA VAL E 117 -13.17 22.52 -65.07
C VAL E 117 -13.11 23.30 -63.77
N THR E 118 -12.03 24.06 -63.59
CA THR E 118 -11.81 24.83 -62.37
C THR E 118 -12.10 26.30 -62.64
N VAL E 119 -12.84 26.93 -61.74
CA VAL E 119 -13.19 28.34 -61.83
C VAL E 119 -12.33 29.09 -60.82
N SER E 120 -11.32 29.80 -61.30
CA SER E 120 -10.43 30.57 -60.44
C SER E 120 -9.86 31.73 -61.24
N SER E 121 -9.61 32.84 -60.54
CA SER E 121 -8.99 34.02 -61.13
C SER E 121 -7.47 34.02 -60.97
N ALA E 122 -6.89 32.92 -60.51
CA ALA E 122 -5.45 32.86 -60.28
C ALA E 122 -4.70 32.76 -61.60
N SER E 123 -3.40 32.99 -61.54
CA SER E 123 -2.51 32.92 -62.68
C SER E 123 -1.52 31.77 -62.49
N THR E 124 -1.16 31.12 -63.59
CA THR E 124 -0.26 29.98 -63.52
C THR E 124 1.04 30.39 -62.84
N LYS E 125 1.40 29.68 -61.78
CA LYS E 125 2.60 29.97 -61.02
C LYS E 125 3.33 28.67 -60.72
N GLY E 126 4.65 28.78 -60.55
CA GLY E 126 5.48 27.63 -60.29
C GLY E 126 5.54 27.29 -58.82
N PRO E 127 5.67 26.01 -58.49
CA PRO E 127 5.69 25.60 -57.09
C PRO E 127 7.03 25.89 -56.43
N SER E 128 6.96 26.25 -55.16
CA SER E 128 8.12 26.33 -54.29
C SER E 128 8.24 25.03 -53.50
N VAL E 129 9.42 24.43 -53.52
CA VAL E 129 9.65 23.12 -52.90
C VAL E 129 10.47 23.33 -51.63
N PHE E 130 9.90 22.94 -50.49
CA PHE E 130 10.56 23.08 -49.21
C PHE E 130 10.84 21.71 -48.61
N PRO E 131 11.96 21.55 -47.91
CA PRO E 131 12.25 20.27 -47.27
C PRO E 131 11.49 20.09 -45.97
N LEU E 132 11.17 18.83 -45.66
CA LEU E 132 10.63 18.44 -44.36
C LEU E 132 11.68 17.52 -43.73
N ALA E 133 12.60 18.13 -42.98
CA ALA E 133 13.77 17.41 -42.49
C ALA E 133 13.41 16.58 -41.26
N PRO E 134 13.97 15.36 -41.14
CA PRO E 134 13.76 14.54 -39.94
C PRO E 134 14.61 14.99 -38.75
N THR E 142 12.58 3.74 -37.35
CA THR E 142 11.99 4.39 -38.51
C THR E 142 11.98 5.90 -38.37
N ALA E 143 12.23 6.59 -39.49
CA ALA E 143 12.20 8.04 -39.54
C ALA E 143 11.43 8.48 -40.77
N ALA E 144 10.90 9.70 -40.71
CA ALA E 144 10.04 10.24 -41.76
C ALA E 144 10.62 11.53 -42.30
N LEU E 145 10.57 11.68 -43.62
CA LEU E 145 10.99 12.90 -44.27
C LEU E 145 10.08 13.14 -45.46
N GLY E 146 10.20 14.32 -46.05
CA GLY E 146 9.38 14.68 -47.20
C GLY E 146 9.73 16.08 -47.65
N CYS E 147 9.01 16.52 -48.69
CA CYS E 147 9.16 17.87 -49.20
C CYS E 147 7.78 18.47 -49.43
N LEU E 148 7.69 19.77 -49.18
CA LEU E 148 6.43 20.51 -49.21
C LEU E 148 6.35 21.34 -50.49
N VAL E 149 5.39 21.03 -51.34
CA VAL E 149 5.16 21.73 -52.60
C VAL E 149 4.09 22.78 -52.34
N LYS E 150 4.52 24.04 -52.26
CA LYS E 150 3.67 25.12 -51.76
C LYS E 150 3.49 26.20 -52.82
N ASP E 151 2.31 26.79 -52.85
CA ASP E 151 2.01 27.95 -53.71
C ASP E 151 2.25 27.64 -55.18
N TYR E 152 1.29 26.99 -55.83
CA TYR E 152 1.37 26.70 -57.25
C TYR E 152 -0.02 26.71 -57.84
N PHE E 153 -0.09 26.78 -59.17
CA PHE E 153 -1.35 26.81 -59.91
C PHE E 153 -1.04 26.61 -61.38
N PRO E 154 -1.83 25.80 -62.12
CA PRO E 154 -3.02 25.05 -61.72
C PRO E 154 -2.72 23.69 -61.06
N GLU E 155 -3.78 22.90 -60.89
CA GLU E 155 -3.73 21.74 -59.99
C GLU E 155 -2.66 20.73 -60.35
N PRO E 156 -2.52 20.26 -61.59
CA PRO E 156 -1.65 19.10 -61.86
C PRO E 156 -0.23 19.28 -61.36
N VAL E 157 0.21 18.38 -60.48
CA VAL E 157 1.58 18.39 -59.97
C VAL E 157 1.94 16.97 -59.58
N THR E 158 3.13 16.52 -59.99
CA THR E 158 3.60 15.16 -59.72
C THR E 158 4.90 15.23 -58.93
N VAL E 159 5.08 14.26 -58.02
CA VAL E 159 6.28 14.17 -57.20
C VAL E 159 6.75 12.73 -57.22
N SER E 160 8.07 12.54 -57.19
CA SER E 160 8.67 11.22 -57.17
C SER E 160 9.93 11.28 -56.33
N TRP E 161 10.46 10.10 -56.00
CA TRP E 161 11.65 10.00 -55.15
C TRP E 161 12.68 9.12 -55.83
N ASN E 162 13.94 9.57 -55.79
CA ASN E 162 15.04 8.85 -56.43
C ASN E 162 14.68 8.46 -57.87
N SER E 163 14.22 9.46 -58.63
CA SER E 163 13.83 9.28 -60.03
C SER E 163 12.75 8.21 -60.17
N GLY E 164 11.75 8.28 -59.30
CA GLY E 164 10.61 7.38 -59.41
C GLY E 164 10.91 5.93 -59.09
N ALA E 165 11.93 5.67 -58.26
CA ALA E 165 12.29 4.32 -57.89
C ALA E 165 11.84 3.92 -56.50
N LEU E 166 11.78 4.88 -55.57
CA LEU E 166 11.39 4.60 -54.19
C LEU E 166 9.88 4.74 -54.09
N THR E 167 9.18 3.60 -54.02
CA THR E 167 7.73 3.58 -53.91
C THR E 167 7.24 3.05 -52.57
N SER E 168 8.12 2.47 -51.76
CA SER E 168 7.72 1.93 -50.46
C SER E 168 7.54 3.05 -49.45
N GLY E 169 6.46 2.98 -48.69
CA GLY E 169 6.20 3.96 -47.65
C GLY E 169 6.19 5.39 -48.16
N VAL E 170 5.56 5.62 -49.31
CA VAL E 170 5.45 6.94 -49.91
C VAL E 170 3.99 7.37 -49.85
N HIS E 171 3.75 8.59 -49.38
CA HIS E 171 2.41 9.16 -49.30
C HIS E 171 2.43 10.58 -49.84
N THR E 172 1.80 10.78 -50.98
CA THR E 172 1.64 12.11 -51.57
C THR E 172 0.19 12.52 -51.37
N PHE E 173 -0.03 13.51 -50.52
CA PHE E 173 -1.38 13.86 -50.12
C PHE E 173 -2.07 14.69 -51.19
N PRO E 174 -3.40 14.64 -51.26
CA PRO E 174 -4.12 15.53 -52.18
C PRO E 174 -3.84 16.98 -51.85
N ALA E 175 -3.67 17.78 -52.90
CA ALA E 175 -3.42 19.20 -52.71
C ALA E 175 -4.60 19.85 -52.00
N VAL E 176 -4.33 20.98 -51.37
CA VAL E 176 -5.35 21.80 -50.73
C VAL E 176 -5.39 23.14 -51.41
N LEU E 177 -6.54 23.79 -51.35
CA LEU E 177 -6.72 25.13 -51.89
C LEU E 177 -6.53 26.12 -50.76
N GLN E 178 -5.46 26.92 -50.84
CA GLN E 178 -5.22 27.95 -49.85
C GLN E 178 -6.13 29.16 -50.12
N SER E 179 -6.34 29.96 -49.08
CA SER E 179 -7.17 31.14 -49.22
C SER E 179 -6.65 32.07 -50.31
N SER E 180 -5.34 32.05 -50.57
CA SER E 180 -4.72 32.89 -51.58
C SER E 180 -5.05 32.46 -53.00
N GLY E 181 -5.77 31.36 -53.20
CA GLY E 181 -6.09 30.88 -54.52
C GLY E 181 -5.08 29.91 -55.11
N LEU E 182 -3.96 29.69 -54.44
CA LEU E 182 -2.95 28.74 -54.90
C LEU E 182 -3.04 27.44 -54.10
N TYR E 183 -2.49 26.39 -54.68
CA TYR E 183 -2.54 25.06 -54.09
C TYR E 183 -1.27 24.75 -53.32
N SER E 184 -1.40 23.88 -52.31
CA SER E 184 -0.28 23.43 -51.52
C SER E 184 -0.40 21.93 -51.31
N LEU E 185 0.74 21.25 -51.38
CA LEU E 185 0.77 19.80 -51.36
C LEU E 185 1.99 19.31 -50.59
N SER E 186 1.84 18.18 -49.92
CA SER E 186 2.91 17.56 -49.14
C SER E 186 3.15 16.15 -49.64
N SER E 187 4.42 15.74 -49.62
CA SER E 187 4.80 14.37 -50.01
C SER E 187 5.85 13.87 -49.04
N VAL E 188 5.53 12.81 -48.30
CA VAL E 188 6.37 12.30 -47.24
C VAL E 188 6.70 10.84 -47.50
N VAL E 189 7.80 10.38 -46.91
CA VAL E 189 8.22 8.99 -47.00
C VAL E 189 8.81 8.57 -45.66
N THR E 190 8.64 7.29 -45.33
CA THR E 190 9.22 6.70 -44.13
C THR E 190 10.41 5.83 -44.55
N VAL E 191 11.54 6.02 -43.87
CA VAL E 191 12.77 5.31 -44.23
C VAL E 191 13.48 4.87 -42.96
N PRO E 192 14.36 3.88 -43.07
CA PRO E 192 15.12 3.45 -41.89
C PRO E 192 15.97 4.58 -41.34
N SER E 193 16.01 4.68 -40.02
CA SER E 193 16.74 5.77 -39.37
C SER E 193 18.25 5.60 -39.47
N SER E 194 18.73 4.37 -39.70
CA SER E 194 20.16 4.16 -39.82
C SER E 194 20.71 4.71 -41.13
N SER E 195 19.91 4.68 -42.19
CA SER E 195 20.35 5.13 -43.52
C SER E 195 20.28 6.64 -43.70
N LEU E 196 19.98 7.41 -42.65
CA LEU E 196 19.96 8.87 -42.79
C LEU E 196 21.36 9.42 -42.99
N GLY E 197 22.35 8.84 -42.31
CA GLY E 197 23.72 9.28 -42.45
C GLY E 197 24.42 8.84 -43.72
N THR E 198 23.84 7.89 -44.46
CA THR E 198 24.45 7.37 -45.66
C THR E 198 23.58 7.65 -46.88
N GLN E 199 22.54 6.83 -47.08
CA GLN E 199 21.61 7.00 -48.18
C GLN E 199 21.16 8.45 -48.32
N THR E 200 20.71 8.85 -49.51
CA THR E 200 20.30 10.22 -49.78
C THR E 200 18.97 10.21 -50.53
N TYR E 201 18.13 11.20 -50.22
CA TYR E 201 16.77 11.26 -50.72
C TYR E 201 16.53 12.58 -51.41
N ILE E 202 16.02 12.52 -52.64
CA ILE E 202 15.67 13.69 -53.42
C ILE E 202 14.24 13.51 -53.94
N CYS E 203 13.44 14.56 -53.81
CA CYS E 203 12.06 14.54 -54.31
C CYS E 203 11.99 15.33 -55.60
N ASN E 204 11.43 14.71 -56.64
CA ASN E 204 11.41 15.28 -57.98
C ASN E 204 10.02 15.88 -58.22
N VAL E 205 9.92 17.20 -58.13
CA VAL E 205 8.67 17.90 -58.36
C VAL E 205 8.60 18.34 -59.81
N ASN E 206 7.46 18.09 -60.45
CA ASN E 206 7.25 18.45 -61.86
C ASN E 206 5.94 19.20 -61.98
N HIS E 207 6.00 20.41 -62.52
CA HIS E 207 4.82 21.22 -62.80
C HIS E 207 4.88 21.60 -64.27
N LYS E 208 4.01 20.99 -65.09
CA LYS E 208 4.07 21.22 -66.52
C LYS E 208 3.61 22.63 -66.89
N PRO E 209 2.43 23.10 -66.48
CA PRO E 209 1.97 24.43 -66.92
C PRO E 209 2.95 25.56 -66.68
N SER E 210 3.91 25.38 -65.77
CA SER E 210 4.91 26.38 -65.48
C SER E 210 6.28 26.05 -66.06
N ASN E 211 6.43 24.89 -66.67
CA ASN E 211 7.73 24.40 -67.17
C ASN E 211 8.73 24.16 -66.05
N THR E 212 8.26 24.11 -64.81
CA THR E 212 9.14 23.96 -63.65
C THR E 212 9.36 22.48 -63.34
N LYS E 213 10.62 22.09 -63.23
CA LYS E 213 10.99 20.73 -62.82
C LYS E 213 12.12 20.88 -61.80
N VAL E 214 11.80 20.67 -60.52
CA VAL E 214 12.73 20.89 -59.43
C VAL E 214 13.05 19.56 -58.74
N ASP E 215 14.28 19.45 -58.25
CA ASP E 215 14.72 18.31 -57.45
C ASP E 215 15.35 18.87 -56.18
N LYS E 216 14.69 18.63 -55.04
CA LYS E 216 15.14 19.16 -53.76
C LYS E 216 15.80 18.06 -52.94
N LYS E 217 16.94 18.38 -52.34
CA LYS E 217 17.71 17.44 -51.53
C LYS E 217 17.25 17.56 -50.07
N VAL E 218 16.64 16.51 -49.56
CA VAL E 218 16.14 16.47 -48.19
C VAL E 218 17.18 15.81 -47.31
N GLU E 219 17.70 16.55 -46.34
CA GLU E 219 18.68 16.03 -45.41
C GLU E 219 18.50 16.74 -44.07
N PRO E 220 18.99 16.13 -42.97
CA PRO E 220 18.86 16.73 -41.64
C PRO E 220 19.42 18.15 -41.57
N GLU F 1 -37.55 20.46 -55.15
CA GLU F 1 -37.04 19.20 -55.75
C GLU F 1 -37.25 18.04 -54.80
N ILE F 2 -37.13 16.82 -55.32
CA ILE F 2 -37.22 15.62 -54.51
C ILE F 2 -35.81 15.30 -54.01
N VAL F 3 -35.65 15.28 -52.69
CA VAL F 3 -34.35 15.03 -52.07
C VAL F 3 -34.19 13.54 -51.85
N MET F 4 -33.01 13.02 -52.19
CA MET F 4 -32.67 11.62 -51.97
C MET F 4 -31.66 11.54 -50.84
N THR F 5 -32.02 10.86 -49.76
CA THR F 5 -31.19 10.76 -48.56
C THR F 5 -30.68 9.34 -48.42
N GLN F 6 -29.36 9.19 -48.37
CA GLN F 6 -28.72 7.90 -48.18
C GLN F 6 -28.08 7.85 -46.80
N SER F 7 -28.36 6.77 -46.06
CA SER F 7 -27.77 6.55 -44.75
C SER F 7 -27.47 5.06 -44.57
N PRO F 8 -26.30 4.71 -44.04
CA PRO F 8 -25.24 5.62 -43.57
C PRO F 8 -24.40 6.18 -44.72
N ALA F 9 -23.66 7.24 -44.45
CA ALA F 9 -22.76 7.82 -45.45
C ALA F 9 -21.47 7.02 -45.60
N THR F 10 -21.25 6.00 -44.77
CA THR F 10 -20.09 5.14 -44.90
C THR F 10 -20.45 3.76 -44.37
N LEU F 11 -19.78 2.75 -44.92
CA LEU F 11 -19.94 1.37 -44.45
C LEU F 11 -18.57 0.72 -44.36
N SER F 12 -18.23 0.22 -43.18
CA SER F 12 -16.99 -0.51 -42.96
C SER F 12 -17.33 -2.00 -43.01
N LEU F 13 -16.81 -2.69 -44.02
CA LEU F 13 -17.19 -4.07 -44.28
C LEU F 13 -15.99 -4.83 -44.80
N SER F 14 -16.01 -6.14 -44.56
CA SER F 14 -14.95 -7.04 -45.02
C SER F 14 -15.43 -7.83 -46.23
N PRO F 15 -14.53 -8.30 -47.09
CA PRO F 15 -14.95 -9.15 -48.20
C PRO F 15 -15.81 -10.31 -47.70
N GLY F 16 -16.73 -10.74 -48.56
CA GLY F 16 -17.64 -11.81 -48.22
C GLY F 16 -18.80 -11.41 -47.34
N GLU F 17 -18.78 -10.22 -46.74
CA GLU F 17 -19.87 -9.80 -45.89
C GLU F 17 -21.06 -9.31 -46.71
N ARG F 18 -22.22 -9.31 -46.07
CA ARG F 18 -23.45 -8.82 -46.67
C ARG F 18 -23.55 -7.31 -46.44
N ALA F 19 -23.80 -6.56 -47.51
CA ALA F 19 -23.90 -5.11 -47.45
C ALA F 19 -25.33 -4.68 -47.79
N THR F 20 -25.85 -3.74 -47.01
CA THR F 20 -27.23 -3.27 -47.16
C THR F 20 -27.22 -1.74 -47.13
N LEU F 21 -27.38 -1.13 -48.30
CA LEU F 21 -27.43 0.32 -48.44
C LEU F 21 -28.88 0.77 -48.47
N SER F 22 -29.12 1.95 -47.93
CA SER F 22 -30.47 2.49 -47.82
C SER F 22 -30.55 3.85 -48.50
N CYS F 23 -31.71 4.13 -49.09
CA CYS F 23 -31.97 5.36 -49.82
C CYS F 23 -33.42 5.75 -49.58
N ARG F 24 -33.65 6.99 -49.19
CA ARG F 24 -34.99 7.51 -48.90
C ARG F 24 -35.27 8.72 -49.79
N ALA F 25 -36.56 8.95 -50.05
CA ALA F 25 -36.99 10.02 -50.94
C ALA F 25 -38.03 10.87 -50.23
N SER F 26 -37.83 12.20 -50.27
CA SER F 26 -38.75 13.11 -49.61
C SER F 26 -40.16 12.99 -50.16
N GLN F 27 -40.29 12.62 -51.44
CA GLN F 27 -41.58 12.38 -52.06
C GLN F 27 -41.57 11.04 -52.75
N SER F 28 -42.75 10.45 -52.89
CA SER F 28 -42.88 9.20 -53.63
C SER F 28 -42.29 9.35 -55.02
N VAL F 29 -41.40 8.43 -55.36
CA VAL F 29 -40.86 8.31 -56.71
C VAL F 29 -41.39 7.06 -57.40
N SER F 30 -42.40 6.42 -56.83
CA SER F 30 -42.97 5.19 -57.39
C SER F 30 -41.85 4.16 -57.43
N SER F 31 -41.55 3.56 -58.59
CA SER F 31 -40.43 2.63 -58.73
C SER F 31 -39.32 3.21 -59.59
N TYR F 32 -39.36 4.51 -59.88
CA TYR F 32 -38.45 5.12 -60.87
C TYR F 32 -37.15 5.53 -60.19
N LEU F 33 -36.41 4.54 -59.71
CA LEU F 33 -35.15 4.77 -59.02
C LEU F 33 -34.08 3.83 -59.53
N ALA F 34 -32.85 4.33 -59.60
CA ALA F 34 -31.69 3.57 -60.06
C ALA F 34 -30.58 3.67 -59.04
N TRP F 35 -29.66 2.71 -59.10
CA TRP F 35 -28.46 2.71 -58.28
C TRP F 35 -27.24 2.74 -59.17
N TYR F 36 -26.27 3.59 -58.83
CA TYR F 36 -25.06 3.77 -59.61
C TYR F 36 -23.84 3.49 -58.74
N GLN F 37 -22.83 2.88 -59.34
CA GLN F 37 -21.55 2.62 -58.71
C GLN F 37 -20.50 3.52 -59.33
N GLN F 38 -19.62 4.07 -58.50
CA GLN F 38 -18.57 4.97 -58.98
C GLN F 38 -17.28 4.68 -58.24
N LYS F 39 -16.28 4.22 -58.98
CA LYS F 39 -14.93 4.08 -58.46
C LYS F 39 -14.15 5.37 -58.68
N PRO F 40 -13.10 5.62 -57.90
CA PRO F 40 -12.38 6.89 -58.02
C PRO F 40 -11.81 7.08 -59.41
N GLY F 41 -12.08 8.26 -59.99
CA GLY F 41 -11.58 8.60 -61.30
C GLY F 41 -12.47 8.19 -62.46
N GLN F 42 -13.35 7.21 -62.25
CA GLN F 42 -14.24 6.72 -63.29
C GLN F 42 -15.61 7.38 -63.17
N ALA F 43 -16.45 7.13 -64.19
CA ALA F 43 -17.82 7.61 -64.21
C ALA F 43 -18.73 6.61 -63.53
N PRO F 44 -19.91 7.05 -63.09
CA PRO F 44 -20.87 6.11 -62.49
C PRO F 44 -21.28 5.02 -63.47
N ARG F 45 -21.41 3.79 -62.96
CA ARG F 45 -21.88 2.65 -63.73
C ARG F 45 -23.24 2.22 -63.21
N LEU F 46 -24.18 1.98 -64.12
CA LEU F 46 -25.54 1.63 -63.73
C LEU F 46 -25.57 0.21 -63.19
N LEU F 47 -26.18 0.04 -62.02
CA LEU F 47 -26.38 -1.27 -61.40
C LEU F 47 -27.82 -1.73 -61.47
N ILE F 48 -28.75 -0.88 -61.04
CA ILE F 48 -30.16 -1.24 -60.89
C ILE F 48 -31.01 -0.14 -61.50
N TYR F 49 -32.05 -0.51 -62.24
CA TYR F 49 -33.06 0.43 -62.69
C TYR F 49 -34.45 -0.10 -62.32
N ASP F 50 -35.44 0.80 -62.34
CA ASP F 50 -36.79 0.48 -61.89
C ASP F 50 -36.76 -0.18 -60.51
N ALA F 51 -35.81 0.25 -59.67
CA ALA F 51 -35.72 -0.20 -58.29
C ALA F 51 -35.16 -1.61 -58.14
N SER F 52 -35.63 -2.55 -58.96
CA SER F 52 -35.36 -3.96 -58.73
C SER F 52 -34.64 -4.67 -59.87
N ASN F 53 -34.51 -4.06 -61.04
CA ASN F 53 -33.97 -4.73 -62.22
C ASN F 53 -32.49 -4.43 -62.38
N ARG F 54 -31.70 -5.48 -62.60
CA ARG F 54 -30.27 -5.33 -62.83
C ARG F 54 -29.98 -5.01 -64.30
N ALA F 55 -29.07 -4.07 -64.52
CA ALA F 55 -28.60 -3.76 -65.87
C ALA F 55 -27.73 -4.89 -66.39
N THR F 56 -27.57 -4.91 -67.72
CA THR F 56 -26.77 -5.96 -68.35
C THR F 56 -25.33 -5.91 -67.87
N GLY F 57 -24.79 -7.09 -67.55
CA GLY F 57 -23.40 -7.22 -67.16
C GLY F 57 -23.12 -7.04 -65.69
N ILE F 58 -24.13 -7.01 -64.83
CA ILE F 58 -23.95 -6.76 -63.40
C ILE F 58 -24.02 -8.11 -62.67
N PRO F 59 -22.98 -8.47 -61.90
CA PRO F 59 -23.03 -9.74 -61.15
C PRO F 59 -24.32 -9.94 -60.37
N ALA F 60 -24.59 -11.18 -59.98
CA ALA F 60 -25.86 -11.50 -59.34
C ALA F 60 -25.90 -11.14 -57.87
N ARG F 61 -24.74 -10.89 -57.24
CA ARG F 61 -24.75 -10.48 -55.84
C ARG F 61 -25.51 -9.17 -55.64
N PHE F 62 -25.53 -8.30 -56.65
CA PHE F 62 -26.24 -7.03 -56.55
C PHE F 62 -27.74 -7.26 -56.73
N SER F 63 -28.53 -6.50 -55.98
CA SER F 63 -29.99 -6.59 -56.10
C SER F 63 -30.62 -5.42 -55.38
N GLY F 64 -31.69 -4.88 -55.95
CA GLY F 64 -32.40 -3.77 -55.37
C GLY F 64 -33.85 -4.07 -55.05
N SER F 65 -34.44 -3.27 -54.16
CA SER F 65 -35.81 -3.47 -53.73
C SER F 65 -36.35 -2.15 -53.20
N GLY F 66 -37.63 -2.14 -52.88
CA GLY F 66 -38.30 -0.97 -52.36
C GLY F 66 -39.30 -0.39 -53.37
N SER F 67 -40.09 0.55 -52.88
CA SER F 67 -41.10 1.22 -53.69
C SER F 67 -41.66 2.38 -52.87
N GLY F 68 -41.86 3.52 -53.54
CA GLY F 68 -42.40 4.69 -52.88
C GLY F 68 -41.31 5.63 -52.38
N THR F 69 -41.00 5.56 -51.09
CA THR F 69 -40.02 6.46 -50.48
C THR F 69 -38.87 5.72 -49.80
N ASP F 70 -38.90 4.39 -49.74
CA ASP F 70 -37.87 3.61 -49.06
C ASP F 70 -37.33 2.55 -50.01
N PHE F 71 -36.03 2.62 -50.30
CA PHE F 71 -35.37 1.68 -51.20
C PHE F 71 -34.15 1.08 -50.54
N THR F 72 -33.71 -0.06 -51.05
CA THR F 72 -32.57 -0.77 -50.52
C THR F 72 -31.78 -1.40 -51.65
N LEU F 73 -30.47 -1.20 -51.63
CA LEU F 73 -29.55 -1.95 -52.48
C LEU F 73 -28.82 -2.96 -51.59
N THR F 74 -28.73 -4.19 -52.07
CA THR F 74 -28.14 -5.28 -51.31
C THR F 74 -27.00 -5.90 -52.10
N ILE F 75 -25.91 -6.23 -51.41
CA ILE F 75 -24.82 -7.02 -51.96
C ILE F 75 -24.69 -8.27 -51.11
N SER F 76 -24.91 -9.43 -51.72
CA SER F 76 -24.91 -10.68 -50.97
C SER F 76 -23.56 -10.94 -50.32
N SER F 77 -22.48 -10.75 -51.08
CA SER F 77 -21.13 -10.96 -50.58
C SER F 77 -20.20 -9.99 -51.29
N LEU F 78 -19.49 -9.16 -50.51
CA LEU F 78 -18.63 -8.15 -51.11
C LEU F 78 -17.38 -8.78 -51.71
N GLU F 79 -17.12 -8.47 -52.96
CA GLU F 79 -15.86 -8.83 -53.61
C GLU F 79 -14.87 -7.69 -53.48
N PRO F 80 -13.59 -7.93 -53.77
CA PRO F 80 -12.61 -6.82 -53.69
C PRO F 80 -12.91 -5.69 -54.64
N GLU F 81 -13.67 -5.92 -55.71
CA GLU F 81 -14.00 -4.87 -56.68
C GLU F 81 -15.19 -4.03 -56.25
N ASP F 82 -15.91 -4.42 -55.21
CA ASP F 82 -17.17 -3.76 -54.84
C ASP F 82 -16.97 -2.58 -53.89
N PHE F 83 -15.74 -2.31 -53.44
CA PHE F 83 -15.50 -1.22 -52.50
C PHE F 83 -15.42 0.08 -53.28
N ALA F 84 -16.47 0.88 -53.21
CA ALA F 84 -16.59 2.11 -53.98
C ALA F 84 -17.77 2.89 -53.41
N VAL F 85 -18.19 3.93 -54.13
CA VAL F 85 -19.30 4.78 -53.72
C VAL F 85 -20.54 4.37 -54.49
N TYR F 86 -21.69 4.40 -53.82
CA TYR F 86 -22.97 4.01 -54.42
C TYR F 86 -23.94 5.17 -54.27
N TYR F 87 -24.47 5.64 -55.41
CA TYR F 87 -25.47 6.69 -55.43
C TYR F 87 -26.80 6.10 -55.85
N CYS F 88 -27.88 6.56 -55.21
CA CYS F 88 -29.22 6.31 -55.72
C CYS F 88 -29.69 7.53 -56.49
N HIS F 89 -30.59 7.30 -57.43
CA HIS F 89 -30.93 8.32 -58.41
C HIS F 89 -32.38 8.14 -58.86
N GLN F 90 -33.14 9.22 -58.87
CA GLN F 90 -34.50 9.20 -59.37
C GLN F 90 -34.53 9.76 -60.79
N TYR F 91 -35.43 9.22 -61.61
CA TYR F 91 -35.67 9.76 -62.94
C TYR F 91 -37.14 10.03 -63.20
N GLY F 92 -38.01 9.84 -62.21
CA GLY F 92 -39.43 10.00 -62.40
C GLY F 92 -39.90 11.44 -62.45
N SER F 93 -39.36 12.31 -61.60
CA SER F 93 -39.80 13.69 -61.55
C SER F 93 -38.62 14.61 -61.82
N THR F 94 -38.92 15.74 -62.48
CA THR F 94 -37.89 16.72 -62.77
C THR F 94 -37.93 17.83 -61.72
N PRO F 95 -36.78 18.39 -61.31
CA PRO F 95 -35.41 18.05 -61.73
C PRO F 95 -34.96 16.68 -61.24
N LEU F 96 -33.96 16.12 -61.93
CA LEU F 96 -33.40 14.83 -61.53
C LEU F 96 -32.39 15.02 -60.41
N THR F 97 -32.44 14.12 -59.44
CA THR F 97 -31.65 14.25 -58.23
C THR F 97 -30.92 12.95 -57.94
N PHE F 98 -29.76 13.08 -57.29
CA PHE F 98 -29.01 11.95 -56.78
C PHE F 98 -28.99 11.98 -55.27
N GLY F 99 -28.47 10.91 -54.68
CA GLY F 99 -28.26 10.86 -53.25
C GLY F 99 -26.87 11.31 -52.88
N GLY F 100 -26.67 11.55 -51.58
CA GLY F 100 -25.39 12.03 -51.10
C GLY F 100 -24.24 11.09 -51.39
N GLY F 101 -24.53 9.81 -51.48
CA GLY F 101 -23.49 8.82 -51.69
C GLY F 101 -23.22 8.01 -50.44
N THR F 102 -22.85 6.75 -50.65
CA THR F 102 -22.47 5.85 -49.56
C THR F 102 -21.19 5.15 -49.97
N LYS F 103 -20.14 5.33 -49.18
CA LYS F 103 -18.83 4.75 -49.47
C LYS F 103 -18.68 3.46 -48.69
N ALA F 104 -18.28 2.41 -49.38
CA ALA F 104 -17.93 1.14 -48.75
C ALA F 104 -16.42 1.09 -48.60
N GLU F 105 -15.94 1.09 -47.36
CA GLU F 105 -14.51 1.02 -47.08
C GLU F 105 -14.17 -0.37 -46.53
N ILE F 106 -13.01 -0.88 -46.92
CA ILE F 106 -12.52 -2.13 -46.38
C ILE F 106 -12.36 -1.97 -44.87
N LYS F 107 -12.89 -2.95 -44.12
CA LYS F 107 -12.66 -3.00 -42.69
C LYS F 107 -11.36 -3.75 -42.39
N ARG F 108 -10.69 -3.34 -41.32
CA ARG F 108 -9.45 -3.98 -40.90
C ARG F 108 -9.30 -3.80 -39.40
N THR F 109 -8.18 -4.28 -38.88
CA THR F 109 -7.89 -4.16 -37.46
C THR F 109 -7.46 -2.73 -37.13
N VAL F 110 -7.81 -2.29 -35.92
CA VAL F 110 -7.42 -0.97 -35.47
C VAL F 110 -5.89 -0.87 -35.49
N ALA F 111 -5.38 0.18 -36.13
CA ALA F 111 -3.96 0.50 -36.14
C ALA F 111 -3.78 1.94 -35.69
N ALA F 112 -2.91 2.14 -34.70
CA ALA F 112 -2.63 3.49 -34.23
C ALA F 112 -1.78 4.23 -35.26
N PRO F 113 -1.87 5.56 -35.30
CA PRO F 113 -1.00 6.32 -36.19
C PRO F 113 0.40 6.48 -35.63
N SER F 114 1.35 6.66 -36.54
CA SER F 114 2.70 7.07 -36.21
C SER F 114 2.80 8.57 -36.46
N VAL F 115 3.13 9.33 -35.42
CA VAL F 115 3.04 10.78 -35.45
C VAL F 115 4.44 11.36 -35.62
N PHE F 116 4.59 12.26 -36.60
CA PHE F 116 5.81 13.01 -36.79
C PHE F 116 5.47 14.49 -36.93
N ILE F 117 6.41 15.34 -36.53
CA ILE F 117 6.25 16.78 -36.63
C ILE F 117 7.47 17.35 -37.34
N PHE F 118 7.25 18.28 -38.26
CA PHE F 118 8.31 18.88 -39.06
C PHE F 118 8.31 20.39 -38.79
N PRO F 119 9.43 20.96 -38.35
CA PRO F 119 9.47 22.42 -38.18
C PRO F 119 9.67 23.11 -39.51
N PRO F 120 9.47 24.42 -39.58
CA PRO F 120 9.73 25.14 -40.84
C PRO F 120 11.20 25.13 -41.17
N SER F 121 11.48 25.14 -42.47
CA SER F 121 12.85 25.21 -42.96
C SER F 121 13.33 26.65 -42.99
N ASP F 122 14.60 26.86 -42.62
CA ASP F 122 15.17 28.21 -42.66
C ASP F 122 14.99 28.81 -44.04
N GLU F 123 15.10 28.00 -45.10
CA GLU F 123 14.85 28.48 -46.45
C GLU F 123 13.50 29.17 -46.53
N GLN F 124 12.44 28.53 -46.04
CA GLN F 124 11.12 29.13 -46.09
C GLN F 124 11.02 30.36 -45.20
N LEU F 125 11.71 30.36 -44.07
CA LEU F 125 11.62 31.50 -43.16
C LEU F 125 12.16 32.77 -43.80
N LYS F 126 13.12 32.65 -44.72
CA LYS F 126 13.60 33.82 -45.44
C LYS F 126 12.48 34.49 -46.24
N SER F 127 11.47 33.73 -46.64
CA SER F 127 10.40 34.23 -47.48
C SER F 127 9.22 34.78 -46.69
N GLY F 128 9.31 34.82 -45.36
CA GLY F 128 8.28 35.45 -44.55
C GLY F 128 7.09 34.59 -44.22
N THR F 129 7.24 33.26 -44.24
CA THR F 129 6.13 32.36 -43.94
C THR F 129 6.67 31.13 -43.23
N ALA F 130 5.85 30.55 -42.35
CA ALA F 130 6.22 29.36 -41.60
C ALA F 130 5.11 28.31 -41.70
N SER F 131 5.49 27.10 -42.15
CA SER F 131 4.55 26.00 -42.32
C SER F 131 5.01 24.83 -41.46
N VAL F 132 4.25 24.52 -40.42
CA VAL F 132 4.55 23.39 -39.54
C VAL F 132 3.65 22.23 -39.95
N VAL F 133 4.26 21.10 -40.30
CA VAL F 133 3.54 19.94 -40.80
C VAL F 133 3.53 18.87 -39.72
N CYS F 134 2.36 18.27 -39.49
CA CYS F 134 2.20 17.13 -38.61
C CYS F 134 1.68 15.95 -39.42
N LEU F 135 2.38 14.82 -39.34
CA LEU F 135 2.09 13.65 -40.16
C LEU F 135 1.59 12.51 -39.27
N LEU F 136 0.39 12.01 -39.58
CA LEU F 136 -0.14 10.80 -38.99
C LEU F 136 -0.07 9.70 -40.05
N ASN F 137 0.67 8.64 -39.76
CA ASN F 137 1.07 7.68 -40.78
C ASN F 137 0.46 6.30 -40.49
N ASN F 138 -0.32 5.79 -41.45
CA ASN F 138 -0.78 4.40 -41.49
C ASN F 138 -1.59 4.03 -40.24
N PHE F 139 -2.79 4.62 -40.17
CA PHE F 139 -3.71 4.36 -39.06
C PHE F 139 -5.07 3.94 -39.60
N TYR F 140 -5.88 3.35 -38.70
CA TYR F 140 -7.25 2.96 -39.01
C TYR F 140 -7.98 2.77 -37.69
N PRO F 141 -9.26 3.18 -37.59
CA PRO F 141 -10.10 3.84 -38.59
C PRO F 141 -9.70 5.28 -38.90
N ARG F 142 -10.46 5.93 -39.78
CA ARG F 142 -10.05 7.23 -40.31
C ARG F 142 -10.21 8.35 -39.28
N GLU F 143 -11.21 8.26 -38.41
CA GLU F 143 -11.47 9.33 -37.45
C GLU F 143 -10.25 9.59 -36.59
N ALA F 144 -9.63 10.76 -36.76
CA ALA F 144 -8.46 11.15 -35.98
C ALA F 144 -8.55 12.63 -35.64
N LYS F 145 -8.31 12.95 -34.38
CA LYS F 145 -8.35 14.32 -33.89
C LYS F 145 -6.92 14.86 -33.81
N VAL F 146 -6.73 16.08 -34.32
CA VAL F 146 -5.42 16.73 -34.34
C VAL F 146 -5.59 18.16 -33.84
N GLN F 147 -4.84 18.52 -32.81
CA GLN F 147 -4.89 19.86 -32.24
C GLN F 147 -3.50 20.44 -32.17
N TRP F 148 -3.33 21.65 -32.70
CA TRP F 148 -2.08 22.38 -32.60
C TRP F 148 -2.08 23.22 -31.34
N LYS F 149 -0.93 23.28 -30.68
CA LYS F 149 -0.76 24.09 -29.47
C LYS F 149 0.55 24.86 -29.57
N VAL F 150 0.45 26.18 -29.64
CA VAL F 150 1.60 27.07 -29.66
C VAL F 150 1.71 27.69 -28.27
N ASP F 151 2.76 27.34 -27.54
CA ASP F 151 2.96 27.80 -26.15
C ASP F 151 1.69 27.56 -25.34
N ASN F 152 1.14 26.35 -25.47
CA ASN F 152 -0.06 25.89 -24.79
C ASN F 152 -1.32 26.59 -25.27
N ALA F 153 -1.23 27.47 -26.26
CA ALA F 153 -2.41 28.13 -26.82
C ALA F 153 -2.97 27.28 -27.95
N LEU F 154 -4.20 26.81 -27.79
CA LEU F 154 -4.85 26.04 -28.84
C LEU F 154 -5.07 26.90 -30.07
N GLN F 155 -4.85 26.33 -31.24
CA GLN F 155 -4.94 27.06 -32.50
C GLN F 155 -6.27 26.76 -33.20
N SER F 156 -6.74 27.73 -33.97
CA SER F 156 -8.01 27.60 -34.69
C SER F 156 -7.96 28.42 -35.97
N GLY F 157 -8.41 27.81 -37.06
CA GLY F 157 -8.53 28.49 -38.33
C GLY F 157 -7.25 28.65 -39.12
N ASN F 158 -6.10 28.29 -38.55
CA ASN F 158 -4.81 28.45 -39.22
C ASN F 158 -4.17 27.13 -39.60
N SER F 159 -4.96 26.07 -39.73
CA SER F 159 -4.44 24.76 -40.10
C SER F 159 -5.36 24.11 -41.12
N GLN F 160 -4.77 23.24 -41.95
CA GLN F 160 -5.50 22.53 -42.99
C GLN F 160 -5.06 21.07 -43.02
N GLU F 161 -6.03 20.17 -43.11
CA GLU F 161 -5.77 18.74 -43.14
C GLU F 161 -5.96 18.17 -44.53
N SER F 162 -5.28 17.07 -44.80
CA SER F 162 -5.38 16.39 -46.09
C SER F 162 -5.18 14.89 -45.85
N VAL F 163 -6.16 14.09 -46.23
CA VAL F 163 -6.17 12.66 -45.95
C VAL F 163 -6.04 11.89 -47.26
N THR F 164 -5.26 10.83 -47.24
CA THR F 164 -5.09 10.00 -48.43
C THR F 164 -6.25 9.03 -48.57
N GLU F 165 -6.25 8.30 -49.69
CA GLU F 165 -7.23 7.26 -49.89
C GLU F 165 -6.78 5.98 -49.20
N GLN F 166 -7.74 5.18 -48.77
CA GLN F 166 -7.45 3.92 -48.11
C GLN F 166 -6.44 3.13 -48.95
N ASP F 167 -5.29 2.85 -48.36
CA ASP F 167 -4.18 2.25 -49.10
C ASP F 167 -4.61 0.93 -49.72
N SER F 168 -3.91 0.55 -50.79
CA SER F 168 -4.22 -0.69 -51.50
C SER F 168 -3.57 -1.91 -50.85
N LYS F 169 -2.49 -1.73 -50.09
CA LYS F 169 -1.78 -2.85 -49.46
C LYS F 169 -2.35 -3.15 -48.08
N ASP F 170 -2.17 -2.23 -47.13
CA ASP F 170 -2.57 -2.46 -45.75
C ASP F 170 -3.93 -1.86 -45.42
N SER F 171 -4.55 -1.11 -46.32
CA SER F 171 -5.89 -0.56 -46.12
C SER F 171 -5.94 0.50 -45.03
N THR F 172 -4.84 1.24 -44.84
CA THR F 172 -4.78 2.26 -43.81
C THR F 172 -4.89 3.66 -44.42
N TYR F 173 -5.15 4.62 -43.55
CA TYR F 173 -5.18 6.03 -43.92
C TYR F 173 -3.91 6.74 -43.46
N SER F 174 -3.62 7.85 -44.11
CA SER F 174 -2.55 8.74 -43.66
C SER F 174 -3.05 10.17 -43.78
N LEU F 175 -2.63 11.01 -42.84
CA LEU F 175 -3.15 12.37 -42.75
C LEU F 175 -1.98 13.31 -42.51
N SER F 176 -2.06 14.50 -43.09
CA SER F 176 -1.10 15.56 -42.83
C SER F 176 -1.87 16.82 -42.47
N SER F 177 -1.57 17.39 -41.31
CA SER F 177 -2.12 18.67 -40.91
C SER F 177 -1.02 19.71 -40.98
N THR F 178 -1.29 20.82 -41.67
CA THR F 178 -0.30 21.87 -41.88
C THR F 178 -0.74 23.15 -41.19
N LEU F 179 0.08 23.62 -40.26
CA LEU F 179 -0.15 24.88 -39.56
C LEU F 179 0.64 25.97 -40.25
N THR F 180 -0.05 27.01 -40.72
CA THR F 180 0.56 28.09 -41.49
C THR F 180 0.59 29.35 -40.64
N LEU F 181 1.78 29.96 -40.53
CA LEU F 181 1.97 31.18 -39.76
C LEU F 181 2.91 32.11 -40.50
N SER F 182 2.89 33.37 -40.11
CA SER F 182 3.83 34.36 -40.63
C SER F 182 5.12 34.34 -39.82
N LYS F 183 6.21 34.75 -40.46
CA LYS F 183 7.50 34.75 -39.77
C LYS F 183 7.41 35.45 -38.43
N ALA F 184 6.68 36.56 -38.37
CA ALA F 184 6.58 37.32 -37.12
C ALA F 184 5.86 36.52 -36.06
N ASP F 185 4.68 35.98 -36.38
CA ASP F 185 3.93 35.20 -35.39
C ASP F 185 4.67 33.91 -35.02
N TYR F 186 5.41 33.33 -35.96
CA TYR F 186 6.17 32.12 -35.65
C TYR F 186 7.28 32.40 -34.65
N GLU F 187 7.92 33.57 -34.75
CA GLU F 187 9.05 33.90 -33.89
C GLU F 187 8.64 34.46 -32.53
N LYS F 188 7.35 34.67 -32.30
CA LYS F 188 6.88 35.18 -31.01
C LYS F 188 6.57 34.08 -30.01
N HIS F 189 6.72 32.81 -30.38
CA HIS F 189 6.43 31.70 -29.49
C HIS F 189 7.53 30.64 -29.61
N LYS F 190 7.59 29.76 -28.60
CA LYS F 190 8.67 28.80 -28.47
C LYS F 190 8.23 27.37 -28.77
N VAL F 191 7.21 26.87 -28.08
CA VAL F 191 6.86 25.45 -28.12
C VAL F 191 5.70 25.25 -29.09
N TYR F 192 5.94 24.47 -30.14
CA TYR F 192 4.94 24.10 -31.13
C TYR F 192 4.66 22.61 -31.00
N ALA F 193 3.41 22.27 -30.72
CA ALA F 193 3.02 20.88 -30.46
C ALA F 193 1.93 20.41 -31.41
N CYS F 194 1.93 19.11 -31.67
CA CYS F 194 0.88 18.44 -32.42
C CYS F 194 0.31 17.33 -31.53
N GLU F 195 -0.94 17.47 -31.12
CA GLU F 195 -1.59 16.50 -30.25
C GLU F 195 -2.55 15.64 -31.08
N VAL F 196 -2.34 14.33 -31.07
CA VAL F 196 -3.09 13.39 -31.89
C VAL F 196 -3.87 12.46 -30.96
N THR F 197 -5.19 12.42 -31.13
CA THR F 197 -6.05 11.49 -30.42
C THR F 197 -6.65 10.49 -31.40
N HIS F 198 -6.56 9.21 -31.08
CA HIS F 198 -7.04 8.16 -31.95
C HIS F 198 -7.32 6.93 -31.10
N GLN F 199 -8.43 6.25 -31.39
CA GLN F 199 -8.86 5.15 -30.52
C GLN F 199 -7.79 4.07 -30.40
N GLY F 200 -6.96 3.90 -31.43
CA GLY F 200 -5.87 2.95 -31.35
C GLY F 200 -4.77 3.34 -30.36
N LEU F 201 -4.83 4.54 -29.79
CA LEU F 201 -3.86 5.02 -28.82
C LEU F 201 -4.49 5.02 -27.44
N SER F 202 -3.75 4.50 -26.46
CA SER F 202 -4.20 4.53 -25.07
C SER F 202 -4.51 5.96 -24.64
N SER F 203 -3.49 6.81 -24.60
CA SER F 203 -3.66 8.22 -24.31
C SER F 203 -3.12 9.04 -25.48
N PRO F 204 -3.60 10.27 -25.64
CA PRO F 204 -3.19 11.07 -26.81
C PRO F 204 -1.68 11.14 -26.96
N VAL F 205 -1.22 11.11 -28.21
CA VAL F 205 0.20 11.22 -28.53
C VAL F 205 0.48 12.67 -28.93
N THR F 206 1.59 13.20 -28.42
CA THR F 206 1.96 14.59 -28.64
C THR F 206 3.41 14.63 -29.10
N LYS F 207 3.63 15.28 -30.25
CA LYS F 207 4.97 15.62 -30.72
C LYS F 207 5.13 17.13 -30.73
N SER F 208 6.35 17.59 -30.43
CA SER F 208 6.61 19.01 -30.30
C SER F 208 8.07 19.30 -30.58
N PHE F 209 8.41 20.58 -30.55
CA PHE F 209 9.78 21.03 -30.74
C PHE F 209 9.89 22.47 -30.27
N ASN F 210 11.11 22.86 -29.88
CA ASN F 210 11.39 24.21 -29.45
C ASN F 210 11.99 24.99 -30.62
N ARG F 211 11.40 26.15 -30.91
CA ARG F 211 11.86 26.96 -32.03
C ARG F 211 13.35 27.26 -31.89
N GLY F 212 14.13 26.86 -32.89
CA GLY F 212 15.56 27.05 -32.86
C GLY F 212 16.28 26.12 -31.91
N ALA F 213 16.21 24.82 -32.18
CA ALA F 213 16.88 23.83 -31.35
C ALA F 213 17.08 22.52 -32.12
N GLU G 3 17.16 -49.52 112.40
CA GLU G 3 17.07 -48.06 112.47
C GLU G 3 18.00 -47.42 111.44
N LYS G 4 18.31 -46.15 111.63
CA LYS G 4 19.14 -45.42 110.68
C LYS G 4 20.59 -45.90 110.74
N LYS G 5 21.22 -46.03 109.57
CA LYS G 5 22.60 -46.45 109.46
C LYS G 5 23.34 -45.54 108.48
N VAL G 6 24.50 -45.05 108.89
CA VAL G 6 25.31 -44.14 108.07
C VAL G 6 26.44 -44.94 107.44
N CYS G 7 26.72 -44.66 106.17
CA CYS G 7 27.75 -45.36 105.43
C CYS G 7 28.53 -44.38 104.57
N ASN G 8 29.77 -44.74 104.27
CA ASN G 8 30.62 -43.89 103.44
C ASN G 8 30.26 -44.05 101.97
N GLY G 9 30.43 -42.96 101.22
CA GLY G 9 30.21 -42.96 99.79
C GLY G 9 31.43 -43.44 99.02
N ILE G 10 31.35 -43.31 97.71
CA ILE G 10 32.44 -43.74 96.84
C ILE G 10 33.56 -42.72 96.90
N GLY G 11 34.80 -43.21 96.85
CA GLY G 11 35.97 -42.36 96.92
C GLY G 11 36.36 -41.93 98.31
N ILE G 12 35.69 -42.43 99.34
CA ILE G 12 35.88 -42.00 100.72
C ILE G 12 35.89 -43.23 101.61
N GLY G 13 36.81 -43.23 102.58
CA GLY G 13 36.85 -44.33 103.54
C GLY G 13 37.37 -45.60 102.89
N GLU G 14 36.67 -46.71 103.13
CA GLU G 14 37.05 -48.00 102.58
C GLU G 14 36.84 -48.09 101.07
N PHE G 15 36.12 -47.13 100.48
CA PHE G 15 35.98 -47.03 99.04
C PHE G 15 36.91 -45.96 98.46
N LYS G 16 38.02 -45.69 99.13
CA LYS G 16 38.85 -44.54 98.80
C LYS G 16 39.22 -44.51 97.32
N ASP G 17 39.60 -45.66 96.77
CA ASP G 17 40.04 -45.74 95.38
C ASP G 17 39.02 -46.44 94.49
N SER G 18 37.81 -46.68 94.99
CA SER G 18 36.76 -47.32 94.20
C SER G 18 36.16 -46.31 93.22
N LEU G 19 36.24 -46.60 91.92
CA LEU G 19 35.70 -45.69 90.92
C LEU G 19 34.18 -45.66 90.95
N SER G 20 33.53 -46.77 91.28
CA SER G 20 32.08 -46.84 91.26
C SER G 20 31.61 -47.96 92.18
N ILE G 21 30.33 -47.87 92.57
CA ILE G 21 29.64 -49.05 93.07
C ILE G 21 29.91 -50.20 92.13
N ASN G 22 30.12 -51.39 92.68
CA ASN G 22 30.37 -52.54 91.84
C ASN G 22 30.12 -53.80 92.68
N ALA G 23 30.39 -54.96 92.06
CA ALA G 23 30.05 -56.22 92.70
C ALA G 23 30.75 -56.37 94.06
N THR G 24 31.99 -55.91 94.16
CA THR G 24 32.74 -56.09 95.40
C THR G 24 32.14 -55.25 96.52
N ASN G 25 31.95 -53.94 96.28
CA ASN G 25 31.61 -53.01 97.36
C ASN G 25 30.12 -52.87 97.61
N ILE G 26 29.26 -53.39 96.74
CA ILE G 26 27.84 -53.10 96.92
C ILE G 26 27.28 -53.80 98.15
N LYS G 27 27.87 -54.93 98.55
CA LYS G 27 27.38 -55.63 99.73
C LYS G 27 27.53 -54.79 100.99
N HIS G 28 28.58 -53.97 101.06
CA HIS G 28 28.78 -53.12 102.23
C HIS G 28 27.70 -52.07 102.38
N PHE G 29 26.96 -51.77 101.33
CA PHE G 29 25.88 -50.78 101.42
C PHE G 29 24.59 -51.37 101.94
N LYS G 30 24.59 -52.63 102.35
CA LYS G 30 23.38 -53.27 102.84
C LYS G 30 22.84 -52.54 104.06
N ASN G 31 21.55 -52.20 104.02
CA ASN G 31 20.82 -51.60 105.12
C ASN G 31 21.24 -50.15 105.40
N CYS G 32 22.03 -49.53 104.53
CA CYS G 32 22.43 -48.14 104.71
C CYS G 32 21.25 -47.22 104.39
N THR G 33 20.98 -46.28 105.29
CA THR G 33 19.93 -45.31 105.08
C THR G 33 20.43 -43.91 104.76
N SER G 34 21.72 -43.64 104.97
CA SER G 34 22.29 -42.33 104.67
C SER G 34 23.72 -42.54 104.20
N ILE G 35 24.09 -41.82 103.15
CA ILE G 35 25.42 -41.92 102.54
C ILE G 35 26.16 -40.63 102.84
N SER G 36 27.31 -40.75 103.48
CA SER G 36 28.16 -39.59 103.78
C SER G 36 29.21 -39.52 102.69
N GLY G 37 28.82 -38.93 101.57
CA GLY G 37 29.69 -38.81 100.42
C GLY G 37 28.87 -38.87 99.14
N ASP G 38 29.51 -39.37 98.09
CA ASP G 38 28.93 -39.43 96.76
C ASP G 38 28.60 -40.86 96.38
N LEU G 39 27.73 -40.99 95.38
CA LEU G 39 27.44 -42.27 94.75
C LEU G 39 27.78 -42.17 93.27
N HIS G 40 28.62 -43.08 92.80
CA HIS G 40 28.95 -43.21 91.38
C HIS G 40 28.45 -44.56 90.89
N ILE G 41 27.74 -44.54 89.77
CA ILE G 41 27.33 -45.76 89.08
C ILE G 41 27.80 -45.62 87.64
N LEU G 42 28.88 -46.29 87.30
CA LEU G 42 29.55 -46.11 86.01
C LEU G 42 29.50 -47.40 85.20
N PRO G 43 29.86 -47.35 83.92
CA PRO G 43 29.79 -48.57 83.11
C PRO G 43 30.61 -49.73 83.68
N VAL G 44 31.77 -49.45 84.27
CA VAL G 44 32.61 -50.53 84.78
C VAL G 44 31.84 -51.38 85.78
N ALA G 45 30.89 -50.78 86.49
CA ALA G 45 30.08 -51.53 87.44
C ALA G 45 29.50 -52.78 86.80
N PHE G 46 28.90 -52.63 85.62
CA PHE G 46 28.20 -53.72 84.96
C PHE G 46 29.09 -54.53 84.03
N ARG G 47 30.18 -53.95 83.55
CA ARG G 47 31.13 -54.68 82.71
C ARG G 47 32.16 -55.44 83.52
N GLY G 48 32.39 -55.07 84.77
CA GLY G 48 33.49 -55.60 85.55
C GLY G 48 34.82 -55.00 85.12
N ASP G 49 35.86 -55.35 85.88
CA ASP G 49 37.18 -54.79 85.61
C ASP G 49 38.25 -55.79 86.01
N SER G 50 39.13 -56.12 85.07
CA SER G 50 40.18 -57.09 85.34
C SER G 50 41.27 -56.52 86.24
N PHE G 51 41.70 -55.27 85.97
CA PHE G 51 42.84 -54.73 86.68
C PHE G 51 42.59 -54.65 88.18
N THR G 52 41.35 -54.41 88.60
CA THR G 52 40.99 -54.40 90.00
C THR G 52 40.31 -55.69 90.45
N HIS G 53 40.32 -56.72 89.60
CA HIS G 53 39.75 -58.01 89.94
C HIS G 53 38.32 -57.85 90.45
N THR G 54 37.53 -57.10 89.69
CA THR G 54 36.15 -56.80 90.05
C THR G 54 35.22 -57.54 89.11
N PRO G 55 34.39 -58.47 89.57
CA PRO G 55 33.45 -59.13 88.67
C PRO G 55 32.33 -58.20 88.28
N PRO G 56 31.67 -58.45 87.16
CA PRO G 56 30.56 -57.58 86.76
C PRO G 56 29.42 -57.62 87.78
N LEU G 57 28.70 -56.53 87.86
CA LEU G 57 27.63 -56.40 88.84
C LEU G 57 26.36 -57.07 88.34
N ASP G 58 25.64 -57.71 89.25
CA ASP G 58 24.34 -58.30 88.95
C ASP G 58 23.27 -57.22 89.10
N PRO G 59 22.53 -56.86 88.05
CA PRO G 59 21.54 -55.78 88.17
C PRO G 59 20.57 -55.96 89.33
N GLN G 60 20.37 -57.21 89.78
CA GLN G 60 19.48 -57.45 90.90
C GLN G 60 19.99 -56.79 92.17
N GLU G 61 21.31 -56.81 92.40
CA GLU G 61 21.87 -56.29 93.64
C GLU G 61 21.70 -54.79 93.79
N LEU G 62 21.31 -54.07 92.72
CA LEU G 62 21.02 -52.65 92.86
C LEU G 62 19.83 -52.39 93.75
N ASP G 63 19.02 -53.41 94.04
CA ASP G 63 17.93 -53.25 94.99
C ASP G 63 18.44 -53.01 96.41
N ILE G 64 19.73 -53.24 96.66
CA ILE G 64 20.31 -52.98 97.97
C ILE G 64 20.17 -51.52 98.35
N LEU G 65 20.21 -50.63 97.37
CA LEU G 65 20.15 -49.19 97.63
C LEU G 65 18.74 -48.70 97.94
N LYS G 66 17.75 -49.58 97.96
CA LYS G 66 16.38 -49.13 98.21
C LYS G 66 16.24 -48.50 99.59
N THR G 67 17.05 -48.94 100.55
CA THR G 67 16.99 -48.40 101.89
C THR G 67 17.54 -46.98 101.98
N VAL G 68 18.36 -46.56 101.01
CA VAL G 68 18.97 -45.24 101.06
C VAL G 68 17.90 -44.17 101.03
N LYS G 69 17.96 -43.26 102.00
CA LYS G 69 17.04 -42.13 102.07
C LYS G 69 17.73 -40.77 102.00
N GLU G 70 19.04 -40.70 102.19
CA GLU G 70 19.74 -39.43 102.22
C GLU G 70 21.13 -39.62 101.61
N ILE G 71 21.56 -38.62 100.82
CA ILE G 71 22.90 -38.57 100.25
C ILE G 71 23.43 -37.17 100.46
N THR G 72 24.53 -37.07 101.23
CA THR G 72 25.10 -35.75 101.51
C THR G 72 25.89 -35.19 100.33
N GLY G 73 26.32 -36.03 99.41
CA GLY G 73 27.09 -35.58 98.26
C GLY G 73 26.23 -35.42 97.02
N PHE G 74 26.69 -35.97 95.90
CA PHE G 74 25.96 -35.93 94.64
C PHE G 74 25.64 -37.35 94.18
N LEU G 75 24.69 -37.43 93.25
CA LEU G 75 24.27 -38.70 92.65
C LEU G 75 24.61 -38.64 91.16
N LEU G 76 25.55 -39.48 90.73
CA LEU G 76 26.00 -39.53 89.34
C LEU G 76 25.67 -40.90 88.78
N ILE G 77 24.83 -40.94 87.76
CA ILE G 77 24.45 -42.18 87.09
C ILE G 77 24.79 -42.05 85.61
N GLN G 78 25.79 -42.81 85.15
CA GLN G 78 26.22 -42.79 83.76
C GLN G 78 26.10 -44.17 83.13
N ALA G 79 25.34 -45.07 83.75
CA ALA G 79 25.15 -46.41 83.25
C ALA G 79 24.05 -47.06 84.07
N TRP G 80 23.28 -47.92 83.43
CA TRP G 80 22.12 -48.50 84.10
C TRP G 80 21.62 -49.69 83.29
N PRO G 81 21.13 -50.75 83.92
CA PRO G 81 20.63 -51.89 83.15
C PRO G 81 19.55 -51.44 82.17
N GLU G 82 19.70 -51.86 80.92
CA GLU G 82 18.89 -51.28 79.86
C GLU G 82 17.42 -51.67 79.96
N ASN G 83 17.11 -52.85 80.51
CA ASN G 83 15.72 -53.28 80.63
C ASN G 83 15.06 -52.79 81.91
N ARG G 84 15.66 -51.82 82.60
CA ARG G 84 15.03 -51.17 83.74
C ARG G 84 14.41 -49.87 83.26
N THR G 85 13.10 -49.73 83.43
CA THR G 85 12.38 -48.58 82.93
C THR G 85 12.52 -47.34 83.81
N ASP G 86 13.03 -47.49 85.03
CA ASP G 86 13.17 -46.36 85.93
C ASP G 86 14.26 -46.68 86.95
N LEU G 87 14.57 -45.70 87.79
CA LEU G 87 15.59 -45.85 88.83
C LEU G 87 14.92 -46.43 90.07
N HIS G 88 14.62 -47.74 89.99
CA HIS G 88 13.93 -48.41 91.08
C HIS G 88 14.73 -48.39 92.36
N ALA G 89 16.06 -48.43 92.26
CA ALA G 89 16.89 -48.59 93.44
C ALA G 89 16.84 -47.36 94.35
N PHE G 90 16.59 -46.18 93.78
CA PHE G 90 16.47 -44.94 94.54
C PHE G 90 15.02 -44.55 94.76
N GLU G 91 14.12 -45.53 94.86
CA GLU G 91 12.71 -45.24 95.03
C GLU G 91 12.44 -44.46 96.31
N ASN G 92 13.26 -44.68 97.35
CA ASN G 92 13.04 -44.07 98.66
C ASN G 92 13.99 -42.92 98.95
N LEU G 93 14.86 -42.55 98.00
CA LEU G 93 15.77 -41.43 98.20
C LEU G 93 14.98 -40.15 98.40
N GLU G 94 15.16 -39.52 99.57
CA GLU G 94 14.37 -38.36 99.95
C GLU G 94 15.12 -37.03 99.89
N ILE G 95 16.45 -37.05 100.01
CA ILE G 95 17.21 -35.80 100.04
C ILE G 95 18.56 -36.01 99.39
N ILE G 96 19.00 -35.02 98.62
CA ILE G 96 20.35 -34.93 98.10
C ILE G 96 20.88 -33.55 98.51
N ARG G 97 21.90 -33.52 99.35
CA ARG G 97 22.35 -32.26 99.93
C ARG G 97 23.41 -31.56 99.09
N GLY G 98 24.18 -32.32 98.30
CA GLY G 98 25.16 -31.70 97.43
C GLY G 98 26.23 -30.89 98.13
N ARG G 99 26.63 -31.28 99.34
CA ARG G 99 27.76 -30.63 99.98
C ARG G 99 29.04 -30.81 99.15
N THR G 100 29.17 -31.97 98.52
CA THR G 100 30.12 -32.16 97.43
C THR G 100 29.33 -32.26 96.12
N LYS G 101 29.97 -31.90 95.02
CA LYS G 101 29.27 -31.77 93.75
C LYS G 101 30.13 -32.26 92.60
N GLN G 102 29.48 -32.89 91.61
CA GLN G 102 30.16 -33.33 90.40
C GLN G 102 30.72 -32.13 89.65
N HIS G 103 32.04 -32.11 89.46
CA HIS G 103 32.73 -30.95 88.87
C HIS G 103 32.42 -29.68 89.64
N GLY G 104 32.10 -29.81 90.93
CA GLY G 104 31.79 -28.66 91.75
C GLY G 104 30.61 -27.86 91.26
N GLN G 105 29.64 -28.50 90.62
CA GLN G 105 28.46 -27.79 90.16
C GLN G 105 27.20 -28.64 90.27
N PHE G 106 27.27 -29.91 89.90
CA PHE G 106 26.08 -30.75 89.77
C PHE G 106 25.98 -31.71 90.96
N SER G 107 24.77 -31.80 91.51
CA SER G 107 24.49 -32.73 92.60
C SER G 107 23.67 -33.93 92.17
N LEU G 108 23.05 -33.89 90.99
CA LEU G 108 22.29 -35.02 90.46
C LEU G 108 22.52 -35.08 88.95
N ALA G 109 23.07 -36.19 88.47
CA ALA G 109 23.43 -36.34 87.07
C ALA G 109 22.93 -37.68 86.55
N VAL G 110 22.22 -37.65 85.43
CA VAL G 110 21.68 -38.84 84.79
C VAL G 110 22.00 -38.71 83.30
N VAL G 111 22.85 -39.59 82.78
CA VAL G 111 23.46 -39.41 81.46
C VAL G 111 23.22 -40.66 80.62
N SER G 112 22.45 -40.51 79.54
CA SER G 112 22.34 -41.52 78.48
C SER G 112 21.93 -42.88 79.03
N LEU G 113 20.80 -42.89 79.74
CA LEU G 113 20.19 -44.11 80.19
C LEU G 113 19.03 -44.48 79.26
N ASN G 114 18.68 -45.76 79.27
CA ASN G 114 17.56 -46.25 78.48
C ASN G 114 16.23 -46.16 79.23
N ILE G 115 16.22 -45.52 80.40
CA ILE G 115 15.00 -45.45 81.19
C ILE G 115 13.93 -44.67 80.44
N THR G 116 12.67 -44.83 80.90
CA THR G 116 11.55 -44.04 80.44
C THR G 116 11.06 -43.03 81.47
N SER G 117 11.34 -43.25 82.75
CA SER G 117 10.95 -42.33 83.81
C SER G 117 12.02 -42.38 84.90
N LEU G 118 12.11 -41.29 85.67
CA LEU G 118 13.12 -41.22 86.71
C LEU G 118 12.76 -42.10 87.91
N GLY G 119 11.48 -42.12 88.29
CA GLY G 119 11.03 -42.99 89.36
C GLY G 119 11.44 -42.57 90.75
N LEU G 120 11.88 -41.33 90.92
CA LEU G 120 12.32 -40.83 92.23
C LEU G 120 11.12 -40.21 92.94
N ARG G 121 10.18 -41.07 93.31
CA ARG G 121 8.90 -40.63 93.86
C ARG G 121 8.99 -40.14 95.30
N SER G 122 10.12 -40.33 95.97
CA SER G 122 10.29 -39.88 97.36
C SER G 122 11.16 -38.63 97.48
N LEU G 123 11.82 -38.21 96.39
CA LEU G 123 12.74 -37.09 96.45
C LEU G 123 11.98 -35.79 96.68
N LYS G 124 12.25 -35.13 97.81
CA LYS G 124 11.54 -33.91 98.19
C LYS G 124 12.45 -32.69 98.35
N GLU G 125 13.78 -32.86 98.24
CA GLU G 125 14.66 -31.72 98.41
C GLU G 125 16.01 -32.01 97.77
N ILE G 126 16.58 -30.99 97.14
CA ILE G 126 17.96 -31.01 96.65
C ILE G 126 18.59 -29.73 97.18
N SER G 127 19.33 -29.83 98.29
CA SER G 127 19.75 -28.64 99.02
C SER G 127 20.65 -27.74 98.18
N ASP G 128 21.61 -28.33 97.48
CA ASP G 128 22.58 -27.54 96.72
C ASP G 128 22.94 -28.31 95.46
N GLY G 129 23.52 -27.59 94.51
CA GLY G 129 24.01 -28.19 93.28
C GLY G 129 22.98 -28.20 92.17
N ASP G 130 23.49 -28.25 90.94
CA ASP G 130 22.65 -28.24 89.75
C ASP G 130 22.22 -29.66 89.38
N VAL G 131 21.04 -29.76 88.77
CA VAL G 131 20.54 -31.01 88.22
C VAL G 131 20.81 -31.01 86.73
N ILE G 132 21.25 -32.15 86.20
CA ILE G 132 21.47 -32.30 84.76
C ILE G 132 20.93 -33.67 84.35
N ILE G 133 20.09 -33.67 83.32
CA ILE G 133 19.47 -34.89 82.79
C ILE G 133 19.72 -34.85 81.28
N SER G 134 20.72 -35.60 80.82
CA SER G 134 21.25 -35.45 79.47
C SER G 134 21.20 -36.78 78.74
N GLY G 135 20.61 -36.76 77.55
CA GLY G 135 20.78 -37.84 76.59
C GLY G 135 19.97 -39.08 76.85
N ASN G 136 18.87 -38.99 77.60
CA ASN G 136 18.02 -40.14 77.88
C ASN G 136 16.89 -40.13 76.85
N LYS G 137 17.13 -40.81 75.73
CA LYS G 137 16.29 -40.65 74.55
C LYS G 137 14.87 -41.18 74.73
N ASN G 138 14.63 -42.03 75.73
CA ASN G 138 13.30 -42.59 75.98
C ASN G 138 12.64 -41.97 77.19
N LEU G 139 13.23 -40.94 77.79
CA LEU G 139 12.80 -40.43 79.08
C LEU G 139 11.74 -39.35 78.92
N CYS G 140 10.57 -39.58 79.51
CA CYS G 140 9.49 -38.61 79.57
C CYS G 140 9.36 -38.10 81.01
N TYR G 141 8.31 -37.29 81.23
CA TYR G 141 7.91 -36.90 82.58
C TYR G 141 8.87 -35.91 83.24
N ALA G 142 10.03 -35.66 82.63
CA ALA G 142 11.07 -34.88 83.29
C ALA G 142 10.61 -33.45 83.55
N ASN G 143 10.12 -32.78 82.51
CA ASN G 143 9.76 -31.36 82.64
C ASN G 143 8.51 -31.14 83.48
N THR G 144 7.75 -32.19 83.80
CA THR G 144 6.50 -32.01 84.55
C THR G 144 6.78 -31.50 85.96
N ILE G 145 7.78 -32.06 86.63
CA ILE G 145 8.04 -31.69 88.03
C ILE G 145 8.55 -30.26 88.11
N ASN G 146 8.25 -29.60 89.23
CA ASN G 146 8.75 -28.25 89.50
C ASN G 146 10.02 -28.38 90.33
N TRP G 147 11.17 -28.26 89.68
CA TRP G 147 12.44 -28.43 90.35
C TRP G 147 12.77 -27.29 91.30
N LYS G 148 12.20 -26.10 91.07
CA LYS G 148 12.45 -24.99 91.97
C LYS G 148 11.91 -25.27 93.37
N LYS G 149 10.88 -26.11 93.47
CA LYS G 149 10.37 -26.49 94.78
C LYS G 149 11.36 -27.37 95.53
N LEU G 150 12.09 -28.23 94.82
CA LEU G 150 13.07 -29.09 95.45
C LEU G 150 14.31 -28.31 95.86
N PHE G 151 14.69 -27.29 95.09
CA PHE G 151 15.88 -26.52 95.41
C PHE G 151 15.72 -25.82 96.75
N GLY G 152 16.85 -25.67 97.45
CA GLY G 152 16.87 -24.99 98.73
C GLY G 152 17.99 -23.96 98.81
N THR G 153 18.66 -23.72 97.69
CA THR G 153 19.73 -22.74 97.59
C THR G 153 19.54 -21.92 96.33
N SER G 154 19.93 -20.65 96.41
CA SER G 154 19.83 -19.76 95.26
C SER G 154 20.93 -20.06 94.25
N GLY G 155 20.59 -19.90 92.97
CA GLY G 155 21.50 -20.19 91.88
C GLY G 155 21.33 -21.56 91.27
N GLN G 156 20.59 -22.45 91.92
CA GLN G 156 20.36 -23.79 91.38
C GLN G 156 19.48 -23.71 90.13
N LYS G 157 19.86 -24.47 89.11
CA LYS G 157 19.09 -24.56 87.88
C LYS G 157 19.22 -25.97 87.32
N THR G 158 18.26 -26.33 86.48
CA THR G 158 18.22 -27.65 85.87
C THR G 158 18.55 -27.57 84.39
N LYS G 159 19.08 -28.68 83.87
CA LYS G 159 19.42 -28.81 82.45
C LYS G 159 18.85 -30.14 81.98
N ILE G 160 17.68 -30.09 81.34
CA ILE G 160 17.06 -31.27 80.73
C ILE G 160 17.27 -31.13 79.23
N ILE G 161 18.27 -31.83 78.69
CA ILE G 161 18.69 -31.65 77.31
C ILE G 161 18.85 -33.00 76.64
N ARG G 162 18.55 -33.03 75.34
CA ARG G 162 18.75 -34.19 74.48
C ARG G 162 17.92 -35.39 74.92
N ASN G 163 16.84 -35.15 75.66
CA ASN G 163 15.93 -36.21 76.06
C ASN G 163 14.77 -36.28 75.09
N ARG G 164 13.89 -37.24 75.32
CA ARG G 164 12.75 -37.43 74.43
C ARG G 164 11.92 -36.16 74.35
N GLY G 165 11.50 -35.82 73.12
CA GLY G 165 10.68 -34.64 72.90
C GLY G 165 9.43 -34.66 73.76
N GLU G 166 9.03 -33.49 74.27
CA GLU G 166 7.87 -33.42 75.15
C GLU G 166 6.59 -33.80 74.42
N ASN G 167 6.46 -33.37 73.15
CA ASN G 167 5.26 -33.69 72.38
C ASN G 167 5.28 -35.13 71.87
N SER G 168 6.47 -35.67 71.57
CA SER G 168 6.56 -37.09 71.24
C SER G 168 6.08 -37.95 72.41
N CYS G 169 6.28 -37.48 73.65
CA CYS G 169 5.73 -38.17 74.80
C CYS G 169 4.22 -38.08 74.82
N LYS G 170 3.66 -36.94 74.39
CA LYS G 170 2.21 -36.80 74.32
C LYS G 170 1.61 -37.74 73.29
N ALA G 171 2.30 -37.93 72.16
CA ALA G 171 1.76 -38.79 71.09
C ALA G 171 1.51 -40.20 71.61
N THR G 172 2.42 -40.73 72.41
CA THR G 172 2.32 -42.09 72.91
C THR G 172 1.51 -42.19 74.20
N GLY G 173 0.93 -41.09 74.68
CA GLY G 173 0.12 -41.12 75.88
C GLY G 173 0.89 -41.34 77.16
N GLN G 174 2.14 -40.88 77.22
CA GLN G 174 2.96 -41.02 78.42
C GLN G 174 3.03 -39.66 79.12
N VAL G 175 1.97 -39.35 79.85
CA VAL G 175 1.83 -38.08 80.57
C VAL G 175 1.27 -38.39 81.95
N CYS G 176 1.43 -37.42 82.86
CA CYS G 176 0.97 -37.59 84.23
C CYS G 176 -0.46 -38.11 84.26
N HIS G 177 -0.73 -38.92 85.28
CA HIS G 177 -2.02 -39.59 85.41
C HIS G 177 -3.16 -38.56 85.56
N ALA G 178 -4.39 -39.08 85.55
CA ALA G 178 -5.56 -38.21 85.69
C ALA G 178 -5.64 -37.63 87.10
N LEU G 179 -5.50 -38.48 88.12
CA LEU G 179 -5.58 -38.03 89.51
C LEU G 179 -4.46 -37.08 89.89
N CYS G 180 -3.49 -36.83 89.01
CA CYS G 180 -2.36 -35.98 89.33
C CYS G 180 -2.82 -34.54 89.56
N SER G 181 -1.87 -33.72 90.01
CA SER G 181 -2.06 -32.29 90.20
C SER G 181 -1.01 -31.55 89.38
N PRO G 182 -1.14 -30.24 89.19
CA PRO G 182 -0.16 -29.51 88.36
C PRO G 182 1.27 -29.60 88.87
N GLU G 183 1.50 -30.12 90.08
CA GLU G 183 2.85 -30.18 90.62
C GLU G 183 3.76 -31.12 89.84
N GLY G 184 3.20 -32.06 89.09
CA GLY G 184 3.97 -32.95 88.24
C GLY G 184 3.89 -34.39 88.69
N CYS G 185 4.71 -35.22 88.05
CA CYS G 185 4.73 -36.65 88.32
C CYS G 185 6.12 -37.20 87.98
N TRP G 186 6.46 -38.31 88.62
CA TRP G 186 7.71 -39.01 88.35
C TRP G 186 7.54 -40.22 87.45
N GLY G 187 6.30 -40.58 87.12
CA GLY G 187 6.04 -41.72 86.28
C GLY G 187 4.60 -41.71 85.79
N PRO G 188 4.18 -42.81 85.15
CA PRO G 188 2.81 -42.87 84.61
C PRO G 188 1.78 -43.24 85.67
N GLU G 189 2.10 -44.21 86.51
CA GLU G 189 1.14 -44.73 87.48
C GLU G 189 0.75 -43.63 88.47
N PRO G 190 -0.38 -43.81 89.17
CA PRO G 190 -0.78 -42.79 90.16
C PRO G 190 0.13 -42.75 91.38
N ARG G 191 0.69 -43.90 91.79
CA ARG G 191 1.63 -43.91 92.90
C ARG G 191 2.84 -43.05 92.60
N ASP G 192 3.18 -42.86 91.32
CA ASP G 192 4.33 -42.07 90.93
C ASP G 192 4.05 -40.57 90.90
N CYS G 193 2.87 -40.12 91.28
CA CYS G 193 2.54 -38.71 91.21
C CYS G 193 2.98 -37.99 92.47
N VAL G 194 3.25 -36.69 92.34
CA VAL G 194 3.72 -35.89 93.46
C VAL G 194 2.60 -35.70 94.48
N SER G 195 1.50 -35.10 94.06
CA SER G 195 0.38 -34.79 94.95
C SER G 195 -0.93 -35.07 94.23
N CYS G 196 -1.78 -35.88 94.86
CA CYS G 196 -3.08 -36.23 94.28
C CYS G 196 -4.06 -35.08 94.44
N GLN H 1 46.44 -30.37 73.32
CA GLN H 1 45.06 -29.80 73.41
C GLN H 1 44.09 -30.63 72.56
N VAL H 2 42.78 -30.45 72.80
CA VAL H 2 41.78 -31.27 72.14
C VAL H 2 41.79 -31.01 70.65
N GLN H 3 41.83 -32.10 69.87
CA GLN H 3 41.85 -32.00 68.41
C GLN H 3 41.15 -33.21 67.81
N LEU H 4 40.24 -32.95 66.86
CA LEU H 4 39.52 -34.00 66.16
C LEU H 4 39.94 -33.99 64.69
N GLN H 5 39.99 -35.18 64.09
CA GLN H 5 40.38 -35.30 62.69
C GLN H 5 39.63 -36.46 62.04
N GLU H 6 39.02 -36.18 60.89
CA GLU H 6 38.29 -37.19 60.13
C GLU H 6 39.20 -37.85 59.10
N SER H 7 38.89 -39.11 58.79
CA SER H 7 39.67 -39.87 57.82
C SER H 7 38.81 -40.99 57.25
N GLY H 8 38.94 -41.24 55.96
CA GLY H 8 38.19 -42.28 55.31
C GLY H 8 38.05 -42.07 53.82
N PRO H 9 37.48 -43.05 53.12
CA PRO H 9 37.29 -42.90 51.67
C PRO H 9 36.37 -41.74 51.35
N GLY H 10 36.79 -40.92 50.39
CA GLY H 10 36.00 -39.81 49.93
C GLY H 10 35.07 -40.12 48.78
N LEU H 11 35.09 -41.35 48.27
CA LEU H 11 34.25 -41.76 47.17
C LEU H 11 33.58 -43.08 47.51
N VAL H 12 32.25 -43.08 47.50
CA VAL H 12 31.45 -44.26 47.80
C VAL H 12 30.47 -44.47 46.65
N LYS H 13 30.17 -45.76 46.35
CA LYS H 13 29.19 -46.01 45.31
C LYS H 13 27.79 -46.15 45.90
N PRO H 14 26.75 -45.81 45.15
CA PRO H 14 25.39 -45.92 45.68
C PRO H 14 25.07 -47.36 46.07
N SER H 15 24.26 -47.50 47.12
CA SER H 15 23.82 -48.78 47.66
C SER H 15 24.89 -49.40 48.57
N GLN H 16 26.14 -48.97 48.44
CA GLN H 16 27.21 -49.49 49.28
C GLN H 16 27.19 -48.75 50.62
N THR H 17 28.24 -48.95 51.42
CA THR H 17 28.29 -48.40 52.77
C THR H 17 29.40 -47.35 52.89
N LEU H 18 29.12 -46.31 53.66
CA LEU H 18 30.06 -45.23 53.93
C LEU H 18 30.66 -45.42 55.32
N SER H 19 31.99 -45.38 55.40
CA SER H 19 32.70 -45.54 56.68
C SER H 19 33.66 -44.38 56.89
N LEU H 20 33.57 -43.74 58.05
CA LEU H 20 34.47 -42.68 58.44
C LEU H 20 34.89 -42.89 59.89
N THR H 21 36.10 -42.42 60.22
CA THR H 21 36.64 -42.57 61.56
C THR H 21 37.28 -41.26 62.01
N CYS H 22 37.00 -40.89 63.26
CA CYS H 22 37.53 -39.68 63.87
C CYS H 22 38.63 -40.06 64.85
N THR H 23 39.75 -39.34 64.80
CA THR H 23 40.88 -39.57 65.70
C THR H 23 41.00 -38.39 66.67
N VAL H 24 40.82 -38.68 67.95
CA VAL H 24 40.82 -37.66 68.98
C VAL H 24 42.23 -37.54 69.57
N SER H 25 42.61 -36.32 69.93
CA SER H 25 43.88 -36.05 70.59
C SER H 25 43.64 -35.11 71.77
N GLY H 26 44.58 -35.15 72.71
CA GLY H 26 44.48 -34.30 73.88
C GLY H 26 43.39 -34.69 74.86
N GLY H 27 42.92 -35.93 74.79
CA GLY H 27 41.88 -36.39 75.69
C GLY H 27 41.48 -37.80 75.31
N SER H 28 40.85 -38.47 76.27
CA SER H 28 40.40 -39.84 76.09
C SER H 28 38.92 -39.85 75.76
N ILE H 29 38.55 -40.61 74.72
CA ILE H 29 37.15 -40.74 74.36
C ILE H 29 36.35 -41.56 75.36
N SER H 30 37.02 -42.26 76.28
CA SER H 30 36.34 -43.03 77.32
C SER H 30 36.24 -42.15 78.57
N SER H 31 35.20 -41.32 78.61
CA SER H 31 34.98 -40.39 79.70
C SER H 31 33.52 -40.03 79.73
N GLY H 32 32.93 -40.02 80.92
CA GLY H 32 31.55 -39.65 81.09
C GLY H 32 31.24 -38.20 80.84
N ASP H 33 32.24 -37.38 80.51
CA ASP H 33 32.05 -35.95 80.38
C ASP H 33 31.72 -35.50 78.96
N TYR H 34 31.79 -36.39 77.97
CA TYR H 34 31.76 -35.96 76.58
C TYR H 34 30.87 -36.86 75.74
N TYR H 35 30.09 -36.24 74.86
CA TYR H 35 29.42 -36.94 73.76
C TYR H 35 30.26 -36.77 72.50
N TRP H 36 30.42 -37.86 71.76
CA TRP H 36 31.16 -37.83 70.50
C TRP H 36 30.16 -37.97 69.35
N SER H 37 30.10 -36.95 68.50
CA SER H 37 29.00 -36.77 67.56
C SER H 37 29.50 -36.71 66.13
N TRP H 38 28.56 -36.84 65.19
CA TRP H 38 28.82 -36.64 63.77
C TRP H 38 27.78 -35.69 63.21
N ILE H 39 28.24 -34.69 62.44
CA ILE H 39 27.37 -33.78 61.71
C ILE H 39 27.82 -33.80 60.26
N ARG H 40 26.87 -33.57 59.35
CA ARG H 40 27.18 -33.51 57.94
C ARG H 40 26.54 -32.29 57.30
N GLN H 41 27.19 -31.80 56.25
CA GLN H 41 26.73 -30.62 55.52
C GLN H 41 26.79 -30.92 54.03
N PRO H 42 25.66 -31.13 53.36
CA PRO H 42 25.68 -31.24 51.91
C PRO H 42 26.17 -29.94 51.29
N PRO H 43 26.98 -30.01 50.23
CA PRO H 43 27.54 -28.78 49.65
C PRO H 43 26.45 -27.74 49.36
N GLY H 44 26.66 -26.54 49.89
CA GLY H 44 25.73 -25.46 49.67
C GLY H 44 24.44 -25.56 50.45
N LYS H 45 24.40 -26.35 51.52
CA LYS H 45 23.19 -26.51 52.29
C LYS H 45 23.48 -26.41 53.79
N GLY H 46 22.50 -26.72 54.61
CA GLY H 46 22.60 -26.55 56.04
C GLY H 46 23.30 -27.72 56.73
N LEU H 47 23.19 -27.72 58.05
CA LEU H 47 23.83 -28.72 58.90
C LEU H 47 22.80 -29.74 59.34
N GLU H 48 23.14 -31.02 59.20
CA GLU H 48 22.28 -32.11 59.65
C GLU H 48 23.02 -32.93 60.71
N TRP H 49 22.39 -33.08 61.86
CA TRP H 49 22.93 -33.93 62.91
C TRP H 49 22.69 -35.39 62.58
N ILE H 50 23.69 -36.23 62.86
CA ILE H 50 23.61 -37.65 62.57
C ILE H 50 23.36 -38.43 63.85
N GLY H 51 24.28 -38.31 64.82
CA GLY H 51 24.13 -39.03 66.07
C GLY H 51 25.32 -38.80 66.98
N TYR H 52 25.22 -39.34 68.19
CA TYR H 52 26.33 -39.31 69.14
C TYR H 52 26.48 -40.66 69.82
N ILE H 53 27.72 -40.96 70.22
CA ILE H 53 28.02 -42.16 70.99
C ILE H 53 28.62 -41.72 72.34
N TYR H 54 28.37 -42.54 73.35
CA TYR H 54 28.82 -42.29 74.72
C TYR H 54 29.72 -43.44 75.16
N TYR H 55 30.57 -43.18 76.16
CA TYR H 55 31.52 -44.19 76.55
C TYR H 55 30.87 -45.40 77.21
N SER H 56 29.65 -45.25 77.72
CA SER H 56 28.93 -46.40 78.25
C SER H 56 28.40 -47.33 77.17
N GLY H 57 28.51 -46.94 75.89
CA GLY H 57 27.95 -47.68 74.79
C GLY H 57 26.70 -47.07 74.20
N SER H 58 26.01 -46.21 74.95
CA SER H 58 24.75 -45.64 74.48
C SER H 58 24.96 -44.82 73.21
N THR H 59 23.91 -44.75 72.40
CA THR H 59 23.93 -43.98 71.17
C THR H 59 22.58 -43.31 70.97
N ASP H 60 22.59 -42.25 70.19
CA ASP H 60 21.36 -41.65 69.68
C ASP H 60 21.58 -41.28 68.23
N TYR H 61 20.67 -41.69 67.36
CA TYR H 61 20.77 -41.43 65.94
C TYR H 61 19.56 -40.63 65.47
N ASN H 62 19.78 -39.81 64.46
CA ASN H 62 18.71 -39.04 63.83
C ASN H 62 17.73 -39.95 63.10
N PRO H 63 16.44 -39.91 63.41
CA PRO H 63 15.48 -40.73 62.64
C PRO H 63 15.48 -40.43 61.15
N SER H 64 15.93 -39.24 60.76
CA SER H 64 15.94 -38.89 59.34
C SER H 64 16.79 -39.86 58.52
N LEU H 65 17.75 -40.54 59.13
CA LEU H 65 18.60 -41.46 58.40
C LEU H 65 18.08 -42.90 58.45
N LYS H 66 16.90 -43.12 59.05
CA LYS H 66 16.14 -44.35 58.85
C LYS H 66 16.97 -45.59 59.21
N SER H 67 17.59 -45.54 60.39
CA SER H 67 18.31 -46.67 60.97
C SER H 67 19.47 -47.15 60.09
N ARG H 68 19.91 -46.31 59.15
CA ARG H 68 21.04 -46.64 58.30
C ARG H 68 22.38 -46.36 58.96
N VAL H 69 22.38 -45.72 60.13
CA VAL H 69 23.59 -45.26 60.79
C VAL H 69 23.93 -46.20 61.94
N THR H 70 25.21 -46.48 62.09
CA THR H 70 25.73 -47.10 63.30
C THR H 70 27.05 -46.43 63.65
N MET H 71 27.31 -46.28 64.95
CA MET H 71 28.56 -45.72 65.43
C MET H 71 29.21 -46.69 66.41
N SER H 72 30.53 -46.54 66.55
CA SER H 72 31.30 -47.40 67.44
C SER H 72 32.47 -46.60 68.01
N VAL H 73 33.08 -47.15 69.06
CA VAL H 73 34.27 -46.55 69.66
C VAL H 73 35.37 -47.60 69.71
N ASP H 74 36.61 -47.13 69.60
CA ASP H 74 37.80 -47.96 69.77
C ASP H 74 38.69 -47.25 70.79
N THR H 75 38.43 -47.51 72.08
CA THR H 75 39.20 -46.86 73.13
C THR H 75 40.70 -47.09 72.94
N SER H 76 41.07 -48.24 72.40
CA SER H 76 42.48 -48.54 72.15
C SER H 76 43.14 -47.41 71.36
N LYS H 77 42.70 -47.21 70.12
CA LYS H 77 43.27 -46.20 69.25
C LYS H 77 42.72 -44.80 69.51
N ASN H 78 41.82 -44.65 70.49
CA ASN H 78 41.21 -43.36 70.81
C ASN H 78 40.50 -42.80 69.57
N GLN H 79 39.53 -43.56 69.08
CA GLN H 79 38.79 -43.22 67.89
C GLN H 79 37.32 -43.60 68.08
N PHE H 80 36.46 -42.88 67.38
CA PHE H 80 35.08 -43.32 67.18
C PHE H 80 34.77 -43.21 65.70
N SER H 81 33.97 -44.16 65.21
CA SER H 81 33.74 -44.31 63.78
C SER H 81 32.27 -44.15 63.45
N LEU H 82 32.01 -44.02 62.15
CA LEU H 82 30.66 -43.86 61.63
C LEU H 82 30.50 -44.81 60.45
N LYS H 83 29.32 -45.43 60.36
CA LYS H 83 28.95 -46.25 59.22
C LYS H 83 27.54 -45.87 58.77
N VAL H 84 27.36 -45.72 57.46
CA VAL H 84 26.08 -45.35 56.88
C VAL H 84 25.91 -46.22 55.63
N ASN H 85 25.01 -47.19 55.69
CA ASN H 85 24.81 -48.11 54.58
C ASN H 85 23.66 -47.63 53.70
N SER H 86 23.61 -48.19 52.48
CA SER H 86 22.55 -47.89 51.52
C SER H 86 22.53 -46.41 51.17
N VAL H 87 23.70 -45.89 50.77
CA VAL H 87 23.83 -44.46 50.55
C VAL H 87 23.36 -44.10 49.14
N THR H 88 23.03 -42.82 48.96
CA THR H 88 22.65 -42.29 47.66
C THR H 88 23.32 -40.93 47.51
N ALA H 89 22.93 -40.19 46.46
CA ALA H 89 23.46 -38.85 46.28
C ALA H 89 23.10 -37.95 47.45
N ALA H 90 21.93 -38.16 48.06
CA ALA H 90 21.50 -37.38 49.21
C ALA H 90 22.37 -37.61 50.44
N ASP H 91 23.35 -38.51 50.39
CA ASP H 91 24.36 -38.65 51.43
C ASP H 91 25.68 -38.00 51.04
N THR H 92 25.78 -37.45 49.83
CA THR H 92 26.94 -36.65 49.48
C THR H 92 26.99 -35.40 50.34
N ALA H 93 28.06 -35.26 51.12
CA ALA H 93 28.15 -34.16 52.07
C ALA H 93 29.56 -34.13 52.63
N VAL H 94 29.90 -33.02 53.27
CA VAL H 94 31.08 -32.94 54.12
C VAL H 94 30.70 -33.42 55.50
N TYR H 95 31.45 -34.37 56.02
CA TYR H 95 31.16 -34.96 57.33
C TYR H 95 32.11 -34.40 58.37
N TYR H 96 31.56 -33.99 59.52
CA TYR H 96 32.32 -33.47 60.63
C TYR H 96 32.14 -34.37 61.85
N CYS H 97 33.21 -34.54 62.63
CA CYS H 97 33.09 -35.08 63.98
C CYS H 97 33.31 -33.96 64.98
N ALA H 98 32.49 -33.92 66.02
CA ALA H 98 32.52 -32.87 67.02
C ALA H 98 32.41 -33.49 68.41
N ARG H 99 32.80 -32.70 69.40
CA ARG H 99 32.70 -33.07 70.81
C ARG H 99 31.67 -32.18 71.51
N VAL H 100 31.13 -32.70 72.62
CA VAL H 100 30.22 -31.96 73.47
C VAL H 100 30.66 -32.17 74.92
N SER H 101 30.59 -31.11 75.73
CA SER H 101 30.82 -31.21 77.17
C SER H 101 29.46 -31.28 77.86
N ILE H 102 29.10 -32.47 78.33
CA ILE H 102 27.81 -32.65 78.98
C ILE H 102 27.69 -31.70 80.17
N PHE H 103 28.78 -31.53 80.93
CA PHE H 103 28.79 -30.72 82.13
C PHE H 103 29.42 -29.34 81.89
N GLY H 104 29.58 -28.95 80.63
CA GLY H 104 30.11 -27.65 80.28
C GLY H 104 29.11 -26.79 79.54
N VAL H 105 29.52 -26.24 78.39
CA VAL H 105 28.59 -25.46 77.56
C VAL H 105 27.40 -26.32 77.14
N GLY H 106 27.60 -27.62 76.96
CA GLY H 106 26.51 -28.50 76.59
C GLY H 106 26.17 -28.51 75.12
N THR H 107 27.11 -28.13 74.25
CA THR H 107 26.88 -28.10 72.82
C THR H 107 28.21 -28.34 72.11
N PHE H 108 28.14 -28.50 70.80
CA PHE H 108 29.34 -28.74 70.02
C PHE H 108 30.35 -27.62 70.21
N ASP H 109 31.47 -27.92 70.85
CA ASP H 109 32.51 -26.94 71.12
C ASP H 109 33.77 -27.14 70.28
N TYR H 110 34.10 -28.38 69.94
CA TYR H 110 35.29 -28.68 69.15
C TYR H 110 34.85 -29.48 67.92
N TRP H 111 35.36 -29.08 66.76
CA TRP H 111 35.01 -29.72 65.49
C TRP H 111 36.27 -30.19 64.78
N GLY H 112 36.07 -31.02 63.77
CA GLY H 112 37.15 -31.41 62.89
C GLY H 112 37.18 -30.53 61.64
N GLN H 113 38.22 -30.74 60.82
CA GLN H 113 38.32 -29.97 59.58
C GLN H 113 37.25 -30.38 58.56
N GLY H 114 36.61 -31.53 58.74
CA GLY H 114 35.64 -32.03 57.78
C GLY H 114 36.30 -32.83 56.68
N THR H 115 35.53 -33.76 56.10
CA THR H 115 35.96 -34.51 54.93
C THR H 115 34.77 -34.71 54.00
N LEU H 116 35.00 -34.47 52.71
CA LEU H 116 33.95 -34.62 51.72
C LEU H 116 33.83 -36.08 51.28
N VAL H 117 32.61 -36.61 51.30
CA VAL H 117 32.31 -37.94 50.79
C VAL H 117 31.29 -37.78 49.67
N THR H 118 31.64 -38.24 48.48
CA THR H 118 30.77 -38.14 47.31
C THR H 118 30.19 -39.51 47.00
N VAL H 119 28.89 -39.56 46.75
CA VAL H 119 28.19 -40.79 46.44
C VAL H 119 27.83 -40.75 44.97
N SER H 120 28.55 -41.53 44.16
CA SER H 120 28.29 -41.56 42.72
C SER H 120 28.82 -42.86 42.15
N SER H 121 28.12 -43.36 41.12
CA SER H 121 28.58 -44.52 40.38
C SER H 121 29.55 -44.17 39.27
N ALA H 122 29.88 -42.88 39.11
CA ALA H 122 30.78 -42.45 38.06
C ALA H 122 32.19 -42.97 38.31
N SER H 123 32.94 -43.12 37.21
CA SER H 123 34.33 -43.54 37.25
C SER H 123 35.22 -42.35 36.97
N THR H 124 36.43 -42.38 37.53
CA THR H 124 37.36 -41.28 37.34
C THR H 124 37.59 -41.04 35.85
N LYS H 125 37.42 -39.78 35.43
CA LYS H 125 37.63 -39.39 34.05
C LYS H 125 38.42 -38.09 34.04
N GLY H 126 39.32 -37.97 33.06
CA GLY H 126 40.11 -36.77 32.91
C GLY H 126 39.32 -35.66 32.22
N PRO H 127 39.46 -34.43 32.71
CA PRO H 127 38.73 -33.32 32.09
C PRO H 127 39.26 -33.02 30.70
N SER H 128 38.34 -32.75 29.77
CA SER H 128 38.69 -32.12 28.51
C SER H 128 38.59 -30.62 28.68
N VAL H 129 39.63 -29.90 28.26
CA VAL H 129 39.69 -28.45 28.42
C VAL H 129 39.43 -27.81 27.06
N PHE H 130 38.43 -26.93 27.01
CA PHE H 130 38.02 -26.28 25.78
C PHE H 130 38.30 -24.78 25.85
N PRO H 131 38.61 -24.15 24.72
CA PRO H 131 38.88 -22.72 24.74
C PRO H 131 37.61 -21.90 24.58
N LEU H 132 37.43 -20.90 25.45
CA LEU H 132 36.39 -19.89 25.27
C LEU H 132 37.08 -18.65 24.71
N ALA H 133 37.01 -18.48 23.40
CA ALA H 133 37.70 -17.40 22.71
C ALA H 133 36.85 -16.15 22.70
N PRO H 134 37.48 -14.98 22.55
CA PRO H 134 36.70 -13.72 22.51
C PRO H 134 36.34 -13.28 21.10
N SER H 135 35.64 -12.14 20.99
CA SER H 135 35.21 -11.62 19.70
C SER H 135 34.53 -10.26 19.88
N THR H 142 38.05 -3.71 26.83
CA THR H 142 38.07 -4.93 27.63
C THR H 142 37.41 -6.10 26.91
N ALA H 143 38.11 -7.23 26.85
CA ALA H 143 37.61 -8.43 26.20
C ALA H 143 37.71 -9.61 27.16
N ALA H 144 36.73 -10.50 27.11
CA ALA H 144 36.64 -11.64 28.01
C ALA H 144 36.96 -12.92 27.28
N LEU H 145 37.78 -13.76 27.90
CA LEU H 145 38.09 -15.08 27.37
C LEU H 145 38.19 -16.06 28.53
N GLY H 146 38.29 -17.33 28.21
CA GLY H 146 38.38 -18.34 29.24
C GLY H 146 38.63 -19.71 28.67
N CYS H 147 38.49 -20.71 29.53
CA CYS H 147 38.58 -22.11 29.10
C CYS H 147 37.54 -22.91 29.87
N LEU H 148 36.95 -23.88 29.19
CA LEU H 148 35.85 -24.69 29.71
C LEU H 148 36.35 -26.08 30.06
N VAL H 149 36.22 -26.45 31.33
CA VAL H 149 36.71 -27.74 31.84
C VAL H 149 35.49 -28.65 31.97
N LYS H 150 35.32 -29.55 30.99
CA LYS H 150 34.08 -30.30 30.83
C LYS H 150 34.31 -31.79 31.04
N ASP H 151 33.26 -32.44 31.57
CA ASP H 151 33.21 -33.90 31.71
C ASP H 151 34.40 -34.46 32.47
N TYR H 152 34.37 -34.36 33.80
CA TYR H 152 35.42 -34.93 34.64
C TYR H 152 34.80 -35.46 35.93
N PHE H 153 35.59 -36.25 36.65
CA PHE H 153 35.16 -36.81 37.91
C PHE H 153 36.35 -37.46 38.62
N PRO H 154 36.53 -37.27 39.93
CA PRO H 154 35.67 -36.54 40.87
C PRO H 154 36.06 -35.07 41.00
N GLU H 155 35.56 -34.44 42.06
CA GLU H 155 35.44 -32.99 42.23
C GLU H 155 36.73 -32.20 42.04
N PRO H 156 37.80 -32.46 42.81
CA PRO H 156 38.94 -31.52 42.82
C PRO H 156 39.46 -31.15 41.43
N VAL H 157 39.34 -29.88 41.06
CA VAL H 157 39.94 -29.37 39.82
C VAL H 157 40.45 -27.96 40.07
N THR H 158 41.77 -27.82 40.20
CA THR H 158 42.41 -26.52 40.34
C THR H 158 42.77 -25.98 38.96
N VAL H 159 42.59 -24.67 38.78
CA VAL H 159 42.91 -24.01 37.52
C VAL H 159 43.62 -22.71 37.81
N SER H 160 44.68 -22.44 37.06
CA SER H 160 45.43 -21.20 37.13
C SER H 160 45.57 -20.63 35.73
N TRP H 161 45.91 -19.36 35.65
CA TRP H 161 46.02 -18.65 34.39
C TRP H 161 47.44 -18.13 34.19
N ASN H 162 47.93 -18.24 32.95
CA ASN H 162 49.28 -17.82 32.60
C ASN H 162 50.30 -18.36 33.60
N SER H 163 50.20 -19.66 33.87
CA SER H 163 51.18 -20.37 34.68
C SER H 163 51.43 -19.65 36.01
N GLY H 164 50.34 -19.23 36.66
CA GLY H 164 50.42 -18.61 37.96
C GLY H 164 50.81 -17.14 37.94
N ALA H 165 50.69 -16.47 36.80
CA ALA H 165 51.12 -15.07 36.68
C ALA H 165 49.97 -14.11 36.43
N LEU H 166 48.74 -14.60 36.30
CA LEU H 166 47.58 -13.77 35.97
C LEU H 166 46.48 -14.04 36.98
N THR H 167 46.21 -13.06 37.83
CA THR H 167 45.14 -13.17 38.82
C THR H 167 44.13 -12.03 38.77
N SER H 168 44.43 -10.93 38.07
CA SER H 168 43.51 -9.81 37.99
C SER H 168 42.34 -10.15 37.08
N GLY H 169 41.12 -9.96 37.59
CA GLY H 169 39.93 -10.19 36.78
C GLY H 169 39.66 -11.64 36.45
N VAL H 170 40.16 -12.57 37.26
CA VAL H 170 39.98 -14.00 37.03
C VAL H 170 38.79 -14.48 37.83
N HIS H 171 37.91 -15.25 37.19
CA HIS H 171 36.73 -15.81 37.82
C HIS H 171 36.64 -17.29 37.47
N THR H 172 36.88 -18.15 38.46
CA THR H 172 36.67 -19.59 38.30
C THR H 172 35.40 -19.97 39.04
N PHE H 173 34.41 -20.42 38.29
CA PHE H 173 33.10 -20.70 38.85
C PHE H 173 33.08 -22.05 39.53
N PRO H 174 32.14 -22.27 40.45
CA PRO H 174 31.99 -23.59 41.06
C PRO H 174 31.45 -24.60 40.06
N ALA H 175 31.99 -25.81 40.10
CA ALA H 175 31.58 -26.84 39.16
C ALA H 175 30.10 -27.14 39.29
N VAL H 176 29.54 -27.70 38.23
CA VAL H 176 28.15 -28.14 38.21
C VAL H 176 28.13 -29.62 37.87
N LEU H 177 27.18 -30.34 38.45
CA LEU H 177 27.04 -31.77 38.24
C LEU H 177 26.07 -32.00 37.09
N GLN H 178 26.58 -32.49 35.96
CA GLN H 178 25.76 -32.73 34.78
C GLN H 178 24.91 -34.00 34.98
N SER H 179 23.84 -34.09 34.18
CA SER H 179 22.96 -35.24 34.24
C SER H 179 23.65 -36.54 33.86
N SER H 180 24.85 -36.47 33.27
CA SER H 180 25.62 -37.67 32.97
C SER H 180 26.35 -38.22 34.19
N GLY H 181 26.46 -37.44 35.27
CA GLY H 181 27.22 -37.83 36.43
C GLY H 181 28.61 -37.24 36.48
N LEU H 182 29.03 -36.54 35.44
CA LEU H 182 30.32 -35.86 35.40
C LEU H 182 30.15 -34.37 35.67
N TYR H 183 31.23 -33.74 36.11
CA TYR H 183 31.22 -32.35 36.49
C TYR H 183 31.73 -31.47 35.35
N SER H 184 31.30 -30.21 35.36
CA SER H 184 31.72 -29.22 34.38
C SER H 184 32.00 -27.91 35.09
N LEU H 185 32.99 -27.18 34.57
CA LEU H 185 33.47 -25.97 35.24
C LEU H 185 33.98 -24.99 34.18
N SER H 186 33.68 -23.71 34.39
CA SER H 186 34.12 -22.65 33.50
C SER H 186 35.04 -21.69 34.24
N SER H 187 36.07 -21.22 33.54
CA SER H 187 36.99 -20.22 34.07
C SER H 187 37.20 -19.14 33.02
N VAL H 188 36.97 -17.88 33.40
CA VAL H 188 37.03 -16.76 32.48
C VAL H 188 37.91 -15.66 33.07
N VAL H 189 38.48 -14.85 32.18
CA VAL H 189 39.28 -13.70 32.56
C VAL H 189 38.94 -12.55 31.62
N THR H 190 39.11 -11.33 32.13
CA THR H 190 38.97 -10.13 31.33
C THR H 190 40.33 -9.51 31.10
N VAL H 191 40.59 -9.05 29.88
CA VAL H 191 41.89 -8.52 29.50
C VAL H 191 41.69 -7.33 28.58
N PRO H 192 42.73 -6.51 28.39
CA PRO H 192 42.62 -5.41 27.43
C PRO H 192 42.43 -5.94 26.01
N SER H 193 41.44 -5.38 25.32
CA SER H 193 41.16 -5.83 23.95
C SER H 193 42.36 -5.62 23.05
N SER H 194 43.14 -4.56 23.27
CA SER H 194 44.28 -4.28 22.42
C SER H 194 45.40 -5.27 22.62
N SER H 195 45.56 -5.81 23.83
CA SER H 195 46.64 -6.73 24.16
C SER H 195 46.29 -8.19 23.87
N LEU H 196 45.43 -8.45 22.88
CA LEU H 196 45.00 -9.81 22.60
C LEU H 196 45.95 -10.53 21.64
N GLY H 197 46.54 -9.81 20.69
CA GLY H 197 47.40 -10.44 19.70
C GLY H 197 48.84 -10.57 20.15
N THR H 198 49.24 -9.76 21.13
CA THR H 198 50.63 -9.76 21.61
C THR H 198 50.81 -10.67 22.82
N GLN H 199 50.03 -10.45 23.87
CA GLN H 199 50.09 -11.28 25.06
C GLN H 199 49.38 -12.61 24.83
N THR H 200 49.97 -13.69 25.33
CA THR H 200 49.39 -15.02 25.21
C THR H 200 48.78 -15.45 26.55
N TYR H 201 47.70 -16.21 26.47
CA TYR H 201 46.94 -16.62 27.64
C TYR H 201 46.78 -18.13 27.65
N ILE H 202 47.26 -18.77 28.71
CA ILE H 202 47.19 -20.21 28.88
C ILE H 202 46.56 -20.50 30.23
N CYS H 203 45.52 -21.34 30.24
CA CYS H 203 44.88 -21.76 31.48
C CYS H 203 45.37 -23.17 31.83
N ASN H 204 45.86 -23.33 33.06
CA ASN H 204 46.49 -24.56 33.50
C ASN H 204 45.49 -25.35 34.35
N VAL H 205 44.97 -26.44 33.80
CA VAL H 205 43.96 -27.26 34.46
C VAL H 205 44.66 -28.45 35.09
N ASN H 206 44.31 -28.75 36.34
CA ASN H 206 44.93 -29.83 37.09
C ASN H 206 43.86 -30.59 37.84
N HIS H 207 43.69 -31.87 37.48
CA HIS H 207 42.77 -32.77 38.14
C HIS H 207 43.60 -33.80 38.91
N LYS H 208 43.48 -33.81 40.25
CA LYS H 208 44.35 -34.65 41.05
C LYS H 208 44.01 -36.13 40.90
N PRO H 209 42.80 -36.59 41.25
CA PRO H 209 42.51 -38.04 41.17
C PRO H 209 42.94 -38.68 39.87
N SER H 210 42.39 -38.22 38.73
CA SER H 210 42.79 -38.78 37.44
C SER H 210 44.26 -38.54 37.15
N ASN H 211 44.94 -37.69 37.92
CA ASN H 211 46.34 -37.36 37.71
C ASN H 211 46.56 -36.87 36.27
N THR H 212 45.90 -35.76 35.95
CA THR H 212 46.01 -35.14 34.64
C THR H 212 46.35 -33.66 34.81
N LYS H 213 47.28 -33.18 33.99
CA LYS H 213 47.67 -31.78 33.94
C LYS H 213 47.63 -31.33 32.49
N VAL H 214 46.81 -30.33 32.21
CA VAL H 214 46.60 -29.84 30.85
C VAL H 214 46.81 -28.34 30.84
N ASP H 215 47.60 -27.86 29.89
CA ASP H 215 47.85 -26.42 29.69
C ASP H 215 47.27 -26.04 28.35
N LYS H 216 46.09 -25.42 28.35
CA LYS H 216 45.38 -25.06 27.14
C LYS H 216 45.65 -23.60 26.81
N LYS H 217 46.03 -23.34 25.56
CA LYS H 217 46.29 -21.98 25.09
C LYS H 217 45.02 -21.43 24.45
N VAL H 218 44.55 -20.30 24.95
CA VAL H 218 43.36 -19.64 24.43
C VAL H 218 43.80 -18.51 23.53
N GLU H 219 43.39 -18.58 22.27
CA GLU H 219 43.69 -17.53 21.29
C GLU H 219 42.46 -17.30 20.44
N PRO H 220 42.36 -16.13 19.79
CA PRO H 220 41.22 -15.84 18.89
C PRO H 220 41.10 -16.85 17.76
N GLU I 1 10.47 -33.86 64.52
CA GLU I 1 11.63 -33.07 65.01
C GLU I 1 11.24 -31.62 65.22
N ILE I 2 12.10 -30.86 65.90
CA ILE I 2 11.87 -29.45 66.13
C ILE I 2 12.58 -28.69 65.02
N VAL I 3 11.80 -28.03 64.16
CA VAL I 3 12.34 -27.35 62.99
C VAL I 3 12.75 -25.93 63.40
N MET I 4 13.97 -25.54 63.05
CA MET I 4 14.51 -24.22 63.36
C MET I 4 14.48 -23.38 62.10
N THR I 5 13.64 -22.34 62.10
CA THR I 5 13.48 -21.45 60.96
C THR I 5 14.24 -20.15 61.19
N GLN I 6 15.06 -19.76 60.22
CA GLN I 6 15.81 -18.51 60.26
C GLN I 6 15.35 -17.63 59.11
N SER I 7 14.85 -16.43 59.44
CA SER I 7 14.39 -15.49 58.43
C SER I 7 14.92 -14.10 58.76
N PRO I 8 15.47 -13.36 57.79
CA PRO I 8 15.64 -13.73 56.38
C PRO I 8 16.88 -14.59 56.13
N ALA I 9 16.90 -15.28 54.99
CA ALA I 9 18.05 -16.10 54.63
C ALA I 9 19.27 -15.27 54.25
N THR I 10 19.11 -13.97 54.03
CA THR I 10 20.21 -13.12 53.61
C THR I 10 20.05 -11.74 54.23
N LEU I 11 21.18 -11.11 54.55
CA LEU I 11 21.20 -9.75 55.06
C LEU I 11 22.30 -8.98 54.35
N SER I 12 21.91 -7.93 53.62
CA SER I 12 22.86 -7.03 52.98
C SER I 12 23.16 -5.89 53.95
N LEU I 13 24.40 -5.82 54.42
CA LEU I 13 24.78 -4.86 55.44
C LEU I 13 26.18 -4.33 55.16
N SER I 14 26.47 -3.15 55.72
CA SER I 14 27.77 -2.51 55.58
C SER I 14 28.52 -2.52 56.92
N PRO I 15 29.86 -2.56 56.90
CA PRO I 15 30.60 -2.60 58.17
C PRO I 15 30.21 -1.43 59.07
N GLY I 16 30.13 -1.72 60.36
CA GLY I 16 29.68 -0.76 61.34
C GLY I 16 28.19 -0.78 61.63
N GLU I 17 27.38 -1.29 60.71
CA GLU I 17 25.94 -1.35 60.94
C GLU I 17 25.62 -2.47 61.93
N ARG I 18 24.44 -2.36 62.54
CA ARG I 18 23.93 -3.38 63.44
C ARG I 18 23.23 -4.47 62.64
N ALA I 19 23.44 -5.73 63.07
CA ALA I 19 22.81 -6.88 62.45
C ALA I 19 21.88 -7.55 63.46
N THR I 20 20.70 -7.95 63.00
CA THR I 20 19.72 -8.64 63.83
C THR I 20 19.26 -9.89 63.09
N LEU I 21 19.73 -11.04 63.56
CA LEU I 21 19.36 -12.33 62.98
C LEU I 21 18.28 -12.97 63.84
N SER I 22 17.36 -13.68 63.19
CA SER I 22 16.23 -14.27 63.87
C SER I 22 16.23 -15.78 63.70
N CYS I 23 15.70 -16.46 64.71
CA CYS I 23 15.58 -17.92 64.74
C CYS I 23 14.31 -18.25 65.50
N ARG I 24 13.44 -19.04 64.87
CA ARG I 24 12.19 -19.47 65.49
C ARG I 24 12.17 -21.00 65.58
N ALA I 25 11.42 -21.52 66.54
CA ALA I 25 11.31 -22.95 66.76
C ALA I 25 9.85 -23.36 66.68
N SER I 26 9.59 -24.49 66.02
CA SER I 26 8.22 -25.00 65.92
C SER I 26 7.69 -25.44 67.28
N GLN I 27 8.58 -25.90 68.16
CA GLN I 27 8.23 -26.26 69.53
C GLN I 27 9.17 -25.54 70.48
N SER I 28 8.76 -25.45 71.74
CA SER I 28 9.56 -24.76 72.73
C SER I 28 10.88 -25.51 72.95
N VAL I 29 11.98 -24.79 72.83
CA VAL I 29 13.31 -25.31 73.13
C VAL I 29 13.84 -24.72 74.44
N SER I 30 12.97 -24.12 75.25
CA SER I 30 13.36 -23.49 76.51
C SER I 30 14.50 -22.52 76.21
N SER I 31 15.62 -22.57 76.93
CA SER I 31 16.75 -21.70 76.70
C SER I 31 17.94 -22.45 76.09
N TYR I 32 17.67 -23.61 75.48
CA TYR I 32 18.73 -24.48 74.99
C TYR I 32 18.97 -24.24 73.51
N LEU I 33 19.61 -23.11 73.21
CA LEU I 33 19.86 -22.69 71.84
C LEU I 33 21.26 -22.10 71.71
N ALA I 34 21.99 -22.53 70.69
CA ALA I 34 23.31 -22.00 70.40
C ALA I 34 23.33 -21.38 69.01
N TRP I 35 24.27 -20.47 68.81
CA TRP I 35 24.49 -19.81 67.54
C TRP I 35 25.90 -20.14 67.04
N TYR I 36 26.00 -20.54 65.78
CA TYR I 36 27.28 -20.89 65.17
C TYR I 36 27.56 -19.99 63.98
N GLN I 37 28.83 -19.67 63.78
CA GLN I 37 29.29 -18.88 62.65
C GLN I 37 30.15 -19.80 61.78
N GLN I 38 29.91 -19.77 60.47
CA GLN I 38 30.65 -20.60 59.54
C GLN I 38 31.13 -19.75 58.36
N LYS I 39 32.43 -19.69 58.20
CA LYS I 39 33.04 -19.11 57.01
C LYS I 39 33.31 -20.21 55.99
N PRO I 40 33.35 -19.88 54.70
CA PRO I 40 33.50 -20.93 53.68
C PRO I 40 34.77 -21.73 53.88
N GLY I 41 34.64 -23.06 53.76
CA GLY I 41 35.74 -23.97 53.91
C GLY I 41 35.97 -24.47 55.33
N GLN I 42 35.70 -23.64 56.32
CA GLN I 42 35.94 -23.99 57.71
C GLN I 42 34.70 -24.59 58.36
N ALA I 43 34.88 -25.07 59.60
CA ALA I 43 33.79 -25.63 60.37
C ALA I 43 33.08 -24.55 61.17
N PRO I 44 31.85 -24.80 61.60
CA PRO I 44 31.15 -23.79 62.41
C PRO I 44 31.89 -23.52 63.71
N ARG I 45 31.77 -22.27 64.18
CA ARG I 45 32.43 -21.81 65.40
C ARG I 45 31.35 -21.37 66.38
N LEU I 46 31.43 -21.85 67.62
CA LEU I 46 30.42 -21.53 68.61
C LEU I 46 30.54 -20.07 69.03
N LEU I 47 29.41 -19.35 68.98
CA LEU I 47 29.33 -17.97 69.45
C LEU I 47 28.55 -17.89 70.77
N ILE I 48 27.32 -18.39 70.79
CA ILE I 48 26.42 -18.28 71.92
C ILE I 48 25.92 -19.67 72.27
N TYR I 49 25.78 -19.92 73.57
CA TYR I 49 25.09 -21.09 74.07
C TYR I 49 24.13 -20.67 75.18
N ASP I 50 23.13 -21.50 75.43
CA ASP I 50 22.05 -21.15 76.36
C ASP I 50 21.36 -19.86 75.94
N ALA I 51 21.30 -19.60 74.64
CA ALA I 51 20.61 -18.45 74.06
C ALA I 51 21.37 -17.15 74.26
N SER I 52 21.96 -16.95 75.43
CA SER I 52 22.46 -15.64 75.83
C SER I 52 23.93 -15.61 76.22
N ASN I 53 24.55 -16.75 76.52
CA ASN I 53 25.90 -16.78 77.08
C ASN I 53 26.94 -16.84 75.97
N ARG I 54 27.84 -15.86 75.95
CA ARG I 54 28.91 -15.85 74.97
C ARG I 54 29.96 -16.90 75.31
N ALA I 55 30.44 -17.61 74.30
CA ALA I 55 31.54 -18.54 74.48
C ALA I 55 32.84 -17.78 74.72
N THR I 56 33.88 -18.51 75.09
CA THR I 56 35.17 -17.89 75.37
C THR I 56 35.81 -17.39 74.08
N GLY I 57 36.37 -16.18 74.15
CA GLY I 57 37.06 -15.61 73.01
C GLY I 57 36.16 -15.00 71.96
N ILE I 58 34.91 -14.70 72.30
CA ILE I 58 33.94 -14.15 71.36
C ILE I 58 33.82 -12.65 71.64
N PRO I 59 34.07 -11.78 70.66
CA PRO I 59 33.99 -10.34 70.93
C PRO I 59 32.65 -9.92 71.49
N ALA I 60 32.64 -8.73 72.11
CA ALA I 60 31.44 -8.26 72.82
C ALA I 60 30.31 -7.92 71.86
N ARG I 61 30.61 -7.64 70.59
CA ARG I 61 29.55 -7.25 69.66
C ARG I 61 28.54 -8.36 69.46
N PHE I 62 28.95 -9.62 69.61
CA PHE I 62 28.03 -10.74 69.49
C PHE I 62 27.22 -10.91 70.77
N SER I 63 25.90 -11.01 70.63
CA SER I 63 25.04 -11.20 71.78
C SER I 63 23.76 -11.89 71.32
N GLY I 64 23.14 -12.63 72.25
CA GLY I 64 21.92 -13.33 71.95
C GLY I 64 20.90 -13.14 73.06
N SER I 65 19.63 -13.29 72.68
CA SER I 65 18.52 -13.21 73.61
C SER I 65 17.42 -14.14 73.13
N GLY I 66 16.37 -14.24 73.92
CA GLY I 66 15.20 -15.05 73.57
C GLY I 66 15.03 -16.26 74.46
N SER I 67 13.83 -16.84 74.37
CA SER I 67 13.47 -18.01 75.15
C SER I 67 12.20 -18.61 74.54
N GLY I 68 12.12 -19.94 74.55
CA GLY I 68 10.93 -20.63 74.10
C GLY I 68 10.94 -20.93 72.61
N THR I 69 10.33 -20.06 71.82
CA THR I 69 10.21 -20.27 70.38
C THR I 69 10.76 -19.12 69.55
N ASP I 70 11.20 -18.02 70.17
CA ASP I 70 11.70 -16.86 69.44
C ASP I 70 13.04 -16.43 70.03
N PHE I 71 14.06 -16.38 69.20
CA PHE I 71 15.40 -16.01 69.60
C PHE I 71 15.97 -14.99 68.64
N THR I 72 17.07 -14.35 69.04
CA THR I 72 17.66 -13.27 68.26
C THR I 72 19.17 -13.28 68.48
N LEU I 73 19.92 -13.14 67.40
CA LEU I 73 21.35 -12.89 67.45
C LEU I 73 21.59 -11.46 66.97
N THR I 74 22.19 -10.65 67.84
CA THR I 74 22.49 -9.26 67.50
C THR I 74 24.00 -9.08 67.41
N ILE I 75 24.44 -8.36 66.38
CA ILE I 75 25.82 -7.91 66.25
C ILE I 75 25.78 -6.40 66.28
N SER I 76 26.36 -5.80 67.32
CA SER I 76 26.25 -4.36 67.51
C SER I 76 26.80 -3.60 66.30
N SER I 77 28.03 -3.91 65.91
CA SER I 77 28.66 -3.23 64.77
C SER I 77 29.48 -4.25 63.99
N LEU I 78 29.10 -4.47 62.73
CA LEU I 78 29.78 -5.44 61.90
C LEU I 78 31.22 -5.00 61.65
N GLU I 79 32.14 -5.96 61.74
CA GLU I 79 33.51 -5.81 61.27
C GLU I 79 33.67 -6.60 59.98
N PRO I 80 34.73 -6.35 59.22
CA PRO I 80 34.92 -7.09 57.96
C PRO I 80 34.96 -8.60 58.15
N GLU I 81 35.32 -9.09 59.34
CA GLU I 81 35.44 -10.52 59.58
C GLU I 81 34.12 -11.20 59.85
N ASP I 82 33.05 -10.45 60.08
CA ASP I 82 31.76 -11.00 60.49
C ASP I 82 30.85 -11.37 59.32
N PHE I 83 31.33 -11.24 58.08
CA PHE I 83 30.52 -11.61 56.92
C PHE I 83 30.69 -13.10 56.66
N ALA I 84 29.61 -13.85 56.85
CA ALA I 84 29.65 -15.31 56.80
C ALA I 84 28.23 -15.86 56.98
N VAL I 85 28.11 -17.16 57.25
CA VAL I 85 26.81 -17.78 57.47
C VAL I 85 26.62 -18.02 58.96
N TYR I 86 25.40 -17.83 59.45
CA TYR I 86 25.09 -18.00 60.87
C TYR I 86 23.94 -18.98 61.02
N TYR I 87 24.13 -19.98 61.89
CA TYR I 87 23.16 -21.04 62.13
C TYR I 87 22.73 -21.03 63.59
N CYS I 88 21.45 -21.30 63.82
CA CYS I 88 20.94 -21.52 65.17
C CYS I 88 20.68 -23.01 65.35
N HIS I 89 20.79 -23.45 66.60
CA HIS I 89 20.87 -24.88 66.90
C HIS I 89 20.26 -25.14 68.26
N GLN I 90 19.26 -26.02 68.31
CA GLN I 90 18.63 -26.39 69.57
C GLN I 90 19.18 -27.74 70.04
N TYR I 91 19.51 -27.81 71.33
CA TYR I 91 19.97 -29.05 71.96
C TYR I 91 19.04 -29.51 73.08
N GLY I 92 17.83 -28.96 73.17
CA GLY I 92 16.95 -29.32 74.26
C GLY I 92 16.24 -30.63 74.05
N SER I 93 16.03 -31.03 72.80
CA SER I 93 15.30 -32.24 72.47
C SER I 93 16.01 -33.00 71.35
N THR I 94 15.99 -34.31 71.45
CA THR I 94 16.51 -35.11 70.34
C THR I 94 15.39 -35.40 69.34
N PRO I 95 15.65 -35.41 68.03
CA PRO I 95 16.96 -35.20 67.38
C PRO I 95 17.40 -33.75 67.36
N LEU I 96 18.72 -33.55 67.40
CA LEU I 96 19.27 -32.20 67.37
C LEU I 96 19.13 -31.62 65.97
N THR I 97 18.73 -30.35 65.90
CA THR I 97 18.43 -29.72 64.63
C THR I 97 19.15 -28.38 64.52
N PHE I 98 19.42 -27.99 63.28
CA PHE I 98 20.01 -26.69 62.97
C PHE I 98 19.02 -25.88 62.12
N GLY I 99 19.25 -24.57 62.09
CA GLY I 99 18.47 -23.72 61.23
C GLY I 99 18.92 -23.79 59.78
N GLY I 100 18.14 -23.14 58.91
CA GLY I 100 18.47 -23.14 57.50
C GLY I 100 19.74 -22.37 57.20
N GLY I 101 19.97 -21.28 57.94
CA GLY I 101 21.13 -20.43 57.72
C GLY I 101 20.76 -19.03 57.31
N THR I 102 21.55 -18.05 57.74
CA THR I 102 21.41 -16.67 57.30
C THR I 102 22.78 -16.16 56.89
N LYS I 103 22.92 -15.78 55.63
CA LYS I 103 24.17 -15.26 55.10
C LYS I 103 24.19 -13.74 55.25
N ALA I 104 25.29 -13.21 55.75
CA ALA I 104 25.50 -11.78 55.81
C ALA I 104 26.44 -11.39 54.69
N GLU I 105 25.91 -10.74 53.66
CA GLU I 105 26.72 -10.28 52.53
C GLU I 105 27.02 -8.80 52.67
N ILE I 106 28.18 -8.41 52.13
CA ILE I 106 28.54 -7.00 52.08
C ILE I 106 27.60 -6.29 51.12
N LYS I 107 27.02 -5.18 51.57
CA LYS I 107 26.20 -4.34 50.70
C LYS I 107 27.09 -3.37 49.94
N ARG I 108 26.65 -2.99 48.74
CA ARG I 108 27.41 -2.07 47.91
C ARG I 108 26.42 -1.39 46.96
N THR I 109 26.96 -0.64 46.00
CA THR I 109 26.13 0.03 45.01
C THR I 109 25.69 -0.95 43.92
N VAL I 110 24.52 -0.68 43.35
CA VAL I 110 24.05 -1.47 42.22
C VAL I 110 25.06 -1.38 41.09
N ALA I 111 25.40 -2.54 40.53
CA ALA I 111 26.37 -2.64 39.45
C ALA I 111 25.81 -3.53 38.36
N ALA I 112 25.67 -2.99 37.17
CA ALA I 112 25.10 -3.77 36.08
C ALA I 112 26.12 -4.78 35.56
N PRO I 113 25.66 -5.92 35.05
CA PRO I 113 26.59 -6.92 34.53
C PRO I 113 27.06 -6.58 33.12
N SER I 114 28.29 -7.02 32.83
CA SER I 114 28.84 -6.99 31.48
C SER I 114 28.62 -8.37 30.87
N VAL I 115 27.80 -8.44 29.82
CA VAL I 115 27.38 -9.71 29.24
C VAL I 115 28.32 -10.09 28.11
N PHE I 116 28.70 -11.36 28.07
CA PHE I 116 29.47 -11.92 26.97
C PHE I 116 28.87 -13.25 26.57
N ILE I 117 29.09 -13.64 25.31
CA ILE I 117 28.61 -14.91 24.79
C ILE I 117 29.74 -15.59 24.03
N PHE I 118 29.86 -16.90 24.23
CA PHE I 118 30.93 -17.68 23.63
C PHE I 118 30.32 -18.77 22.76
N PRO I 119 30.54 -18.79 21.46
CA PRO I 119 30.02 -19.88 20.64
C PRO I 119 30.85 -21.14 20.83
N PRO I 120 30.30 -22.31 20.51
CA PRO I 120 31.07 -23.54 20.63
C PRO I 120 32.31 -23.50 19.75
N SER I 121 33.36 -24.17 20.22
CA SER I 121 34.59 -24.26 19.44
C SER I 121 34.50 -25.41 18.45
N ASP I 122 35.01 -25.18 17.23
CA ASP I 122 34.99 -26.24 16.22
C ASP I 122 35.63 -27.51 16.74
N GLU I 123 36.61 -27.38 17.63
CA GLU I 123 37.19 -28.55 18.29
C GLU I 123 36.11 -29.36 19.01
N GLN I 124 35.27 -28.68 19.79
CA GLN I 124 34.23 -29.39 20.54
C GLN I 124 33.19 -29.98 19.60
N LEU I 125 32.85 -29.26 18.53
CA LEU I 125 31.84 -29.76 17.60
C LEU I 125 32.27 -31.08 16.96
N LYS I 126 33.56 -31.25 16.74
CA LYS I 126 34.06 -32.52 16.20
C LYS I 126 33.73 -33.70 17.10
N SER I 127 33.42 -33.45 18.38
CA SER I 127 33.12 -34.50 19.33
C SER I 127 31.63 -34.78 19.48
N GLY I 128 30.78 -34.04 18.77
CA GLY I 128 29.36 -34.29 18.78
C GLY I 128 28.56 -33.58 19.85
N THR I 129 29.10 -32.51 20.43
CA THR I 129 28.42 -31.76 21.48
C THR I 129 28.73 -30.28 21.31
N ALA I 130 27.78 -29.44 21.69
CA ALA I 130 27.93 -27.98 21.60
C ALA I 130 27.57 -27.34 22.92
N SER I 131 28.49 -26.55 23.47
CA SER I 131 28.28 -25.82 24.70
C SER I 131 28.35 -24.33 24.41
N VAL I 132 27.24 -23.63 24.62
CA VAL I 132 27.17 -22.18 24.43
C VAL I 132 27.20 -21.55 25.81
N VAL I 133 28.20 -20.71 26.06
CA VAL I 133 28.45 -20.13 27.38
C VAL I 133 28.05 -18.66 27.36
N CYS I 134 27.39 -18.22 28.42
CA CYS I 134 27.01 -16.82 28.60
C CYS I 134 27.54 -16.36 29.94
N LEU I 135 28.34 -15.29 29.91
CA LEU I 135 29.03 -14.79 31.10
C LEU I 135 28.42 -13.46 31.54
N LEU I 136 28.07 -13.37 32.81
CA LEU I 136 27.66 -12.12 33.45
C LEU I 136 28.73 -11.75 34.47
N ASN I 137 29.40 -10.62 34.25
CA ASN I 137 30.63 -10.29 34.95
C ASN I 137 30.42 -9.08 35.86
N ASN I 138 30.80 -9.25 37.13
CA ASN I 138 30.94 -8.17 38.11
C ASN I 138 29.68 -7.32 38.23
N PHE I 139 28.63 -7.95 38.77
CA PHE I 139 27.35 -7.30 38.97
C PHE I 139 26.87 -7.45 40.40
N TYR I 140 25.91 -6.59 40.78
CA TYR I 140 25.31 -6.58 42.10
C TYR I 140 23.99 -5.86 42.02
N PRO I 141 22.93 -6.33 42.69
CA PRO I 141 22.84 -7.52 43.55
C PRO I 141 22.84 -8.83 42.77
N ARG I 142 22.75 -9.94 43.51
CA ARG I 142 22.94 -11.27 42.92
C ARG I 142 21.79 -11.66 42.00
N GLU I 143 20.60 -11.14 42.24
CA GLU I 143 19.42 -11.58 41.51
C GLU I 143 19.50 -11.17 40.05
N ALA I 144 19.58 -12.16 39.16
CA ALA I 144 19.64 -11.92 37.73
C ALA I 144 18.96 -13.08 37.00
N LYS I 145 18.25 -12.76 35.93
CA LYS I 145 17.58 -13.75 35.10
C LYS I 145 18.32 -13.90 33.78
N VAL I 146 18.48 -15.14 33.33
CA VAL I 146 19.19 -15.46 32.10
C VAL I 146 18.30 -16.42 31.29
N GLN I 147 17.80 -15.95 30.16
CA GLN I 147 16.96 -16.75 29.27
C GLN I 147 17.70 -17.00 27.97
N TRP I 148 17.80 -18.27 27.59
CA TRP I 148 18.38 -18.65 26.31
C TRP I 148 17.30 -18.71 25.24
N LYS I 149 17.61 -18.16 24.06
CA LYS I 149 16.68 -18.14 22.94
C LYS I 149 17.41 -18.62 21.69
N VAL I 150 16.88 -19.68 21.08
CA VAL I 150 17.40 -20.22 19.84
C VAL I 150 16.35 -19.96 18.76
N ASP I 151 16.70 -19.13 17.79
CA ASP I 151 15.77 -18.72 16.73
C ASP I 151 14.45 -18.23 17.34
N ASN I 152 14.57 -17.49 18.44
CA ASN I 152 13.48 -16.86 19.17
C ASN I 152 12.71 -17.85 20.03
N ALA I 153 13.12 -19.11 20.08
CA ALA I 153 12.43 -20.12 20.87
C ALA I 153 13.05 -20.19 22.26
N LEU I 154 12.26 -19.93 23.29
CA LEU I 154 12.75 -19.98 24.65
C LEU I 154 13.17 -21.41 25.00
N GLN I 155 14.27 -21.54 25.73
CA GLN I 155 14.83 -22.83 26.08
C GLN I 155 14.53 -23.16 27.54
N SER I 156 14.45 -24.46 27.83
CA SER I 156 14.18 -24.92 29.18
C SER I 156 14.82 -26.28 29.37
N GLY I 157 15.40 -26.49 30.55
CA GLY I 157 15.94 -27.78 30.92
C GLY I 157 17.29 -28.13 30.33
N ASN I 158 17.80 -27.33 29.38
CA ASN I 158 19.07 -27.63 28.74
C ASN I 158 20.16 -26.62 29.09
N SER I 159 20.05 -25.95 30.24
CA SER I 159 21.08 -25.00 30.66
C SER I 159 21.36 -25.15 32.15
N GLN I 160 22.54 -24.70 32.56
CA GLN I 160 22.96 -24.74 33.95
C GLN I 160 23.66 -23.45 34.31
N GLU I 161 23.46 -23.00 35.54
CA GLU I 161 24.06 -21.76 36.03
C GLU I 161 25.01 -22.05 37.20
N SER I 162 26.04 -21.23 37.29
CA SER I 162 26.99 -21.27 38.40
C SER I 162 27.36 -19.83 38.75
N VAL I 163 27.38 -19.53 40.04
CA VAL I 163 27.61 -18.18 40.53
C VAL I 163 28.82 -18.19 41.47
N THR I 164 29.68 -17.19 41.33
CA THR I 164 30.83 -17.06 42.19
C THR I 164 30.43 -16.51 43.56
N GLU I 165 31.35 -16.64 44.51
CA GLU I 165 31.20 -15.96 45.78
C GLU I 165 31.50 -14.47 45.62
N GLN I 166 30.87 -13.67 46.46
CA GLN I 166 31.06 -12.22 46.43
C GLN I 166 32.54 -11.89 46.45
N ASP I 167 32.98 -11.12 45.45
CA ASP I 167 34.41 -10.85 45.28
C ASP I 167 34.97 -10.16 46.51
N SER I 168 36.25 -10.44 46.78
CA SER I 168 36.91 -9.83 47.94
C SER I 168 37.22 -8.36 47.71
N LYS I 169 37.46 -7.96 46.47
CA LYS I 169 37.82 -6.57 46.18
C LYS I 169 36.61 -5.67 46.01
N ASP I 170 35.91 -5.80 44.89
CA ASP I 170 34.80 -4.91 44.58
C ASP I 170 33.45 -5.41 45.09
N SER I 171 33.40 -6.62 45.66
CA SER I 171 32.19 -7.15 46.28
C SER I 171 31.07 -7.40 45.27
N THR I 172 31.42 -7.76 44.04
CA THR I 172 30.43 -8.05 43.01
C THR I 172 30.30 -9.55 42.81
N TYR I 173 29.25 -9.93 42.07
CA TYR I 173 29.01 -11.31 41.68
C TYR I 173 29.28 -11.48 40.20
N SER I 174 29.62 -12.70 39.82
CA SER I 174 29.79 -13.08 38.41
C SER I 174 29.08 -14.41 38.18
N LEU I 175 28.47 -14.54 37.00
CA LEU I 175 27.63 -15.69 36.71
C LEU I 175 27.95 -16.21 35.32
N SER I 176 27.94 -17.54 35.17
CA SER I 176 28.07 -18.16 33.87
C SER I 176 26.92 -19.14 33.66
N SER I 177 26.29 -19.06 32.49
CA SER I 177 25.21 -19.96 32.11
C SER I 177 25.65 -20.72 30.87
N THR I 178 25.57 -22.05 30.95
CA THR I 178 26.02 -22.93 29.89
C THR I 178 24.82 -23.61 29.26
N LEU I 179 24.58 -23.34 27.98
CA LEU I 179 23.57 -24.06 27.19
C LEU I 179 24.26 -25.21 26.46
N THR I 180 23.73 -26.42 26.65
CA THR I 180 24.36 -27.63 26.12
C THR I 180 23.41 -28.32 25.15
N LEU I 181 23.86 -28.49 23.91
CA LEU I 181 23.08 -29.15 22.88
C LEU I 181 23.98 -30.15 22.15
N SER I 182 23.34 -31.03 21.39
CA SER I 182 24.06 -31.96 20.54
C SER I 182 24.46 -31.28 19.24
N LYS I 183 25.41 -31.88 18.53
CA LYS I 183 25.84 -31.32 17.25
C LYS I 183 24.66 -31.25 16.27
N ALA I 184 23.78 -32.24 16.32
CA ALA I 184 22.63 -32.24 15.42
C ALA I 184 21.70 -31.07 15.72
N ASP I 185 21.24 -30.97 16.98
CA ASP I 185 20.32 -29.90 17.35
C ASP I 185 20.96 -28.54 17.13
N TYR I 186 22.26 -28.41 17.42
CA TYR I 186 22.93 -27.13 17.25
C TYR I 186 22.91 -26.67 15.81
N GLU I 187 23.05 -27.60 14.86
CA GLU I 187 23.09 -27.26 13.45
C GLU I 187 21.71 -27.07 12.85
N LYS I 188 20.63 -27.32 13.60
CA LYS I 188 19.29 -27.07 13.12
C LYS I 188 18.93 -25.60 13.11
N HIS I 189 19.57 -24.77 13.94
CA HIS I 189 19.15 -23.39 14.16
C HIS I 189 20.31 -22.43 13.91
N LYS I 190 19.96 -21.16 13.72
CA LYS I 190 20.88 -20.14 13.27
C LYS I 190 21.29 -19.15 14.36
N VAL I 191 20.33 -18.54 15.05
CA VAL I 191 20.61 -17.47 15.99
C VAL I 191 20.57 -18.03 17.41
N TYR I 192 21.66 -17.83 18.14
CA TYR I 192 21.74 -18.18 19.55
C TYR I 192 21.92 -16.91 20.36
N ALA I 193 21.05 -16.70 21.34
CA ALA I 193 20.98 -15.45 22.07
C ALA I 193 20.99 -15.72 23.58
N CYS I 194 21.51 -14.75 24.32
CA CYS I 194 21.51 -14.77 25.78
C CYS I 194 20.89 -13.46 26.26
N GLU I 195 19.66 -13.52 26.77
CA GLU I 195 18.97 -12.34 27.27
C GLU I 195 19.15 -12.24 28.79
N VAL I 196 19.74 -11.15 29.25
CA VAL I 196 20.01 -10.92 30.67
C VAL I 196 19.08 -9.83 31.18
N THR I 197 18.54 -10.04 32.38
CA THR I 197 17.70 -9.06 33.04
C THR I 197 18.26 -8.82 34.44
N HIS I 198 18.39 -7.54 34.80
CA HIS I 198 18.98 -7.15 36.08
C HIS I 198 18.54 -5.71 36.37
N GLN I 199 18.33 -5.42 37.65
CA GLN I 199 17.81 -4.11 38.03
C GLN I 199 18.76 -2.99 37.63
N GLY I 200 20.06 -3.25 37.65
CA GLY I 200 21.03 -2.24 37.24
C GLY I 200 21.03 -1.90 35.77
N LEU I 201 20.20 -2.55 34.97
CA LEU I 201 20.10 -2.29 33.54
C LEU I 201 18.79 -1.57 33.25
N SER I 202 18.87 -0.57 32.36
CA SER I 202 17.67 0.12 31.90
C SER I 202 16.66 -0.86 31.32
N SER I 203 17.05 -1.56 30.27
CA SER I 203 16.26 -2.61 29.65
C SER I 203 17.14 -3.84 29.47
N PRO I 204 16.53 -5.02 29.34
CA PRO I 204 17.33 -6.25 29.22
C PRO I 204 18.37 -6.15 28.11
N VAL I 205 19.50 -6.83 28.33
CA VAL I 205 20.62 -6.83 27.39
C VAL I 205 20.70 -8.22 26.77
N THR I 206 20.82 -8.26 25.45
CA THR I 206 20.81 -9.50 24.69
C THR I 206 22.09 -9.58 23.87
N LYS I 207 22.89 -10.61 24.12
CA LYS I 207 24.05 -10.94 23.32
C LYS I 207 23.76 -12.20 22.51
N SER I 208 24.09 -12.17 21.23
CA SER I 208 23.77 -13.29 20.36
C SER I 208 24.86 -13.46 19.31
N PHE I 209 24.70 -14.49 18.49
CA PHE I 209 25.59 -14.74 17.36
C PHE I 209 24.87 -15.67 16.39
N ASN I 210 25.28 -15.60 15.13
CA ASN I 210 24.76 -16.49 14.09
C ASN I 210 25.73 -17.66 13.92
N ARG I 211 25.19 -18.88 13.97
CA ARG I 211 26.03 -20.06 13.85
C ARG I 211 26.85 -20.01 12.56
N GLY I 212 28.17 -20.12 12.70
CA GLY I 212 29.06 -20.03 11.57
C GLY I 212 29.19 -18.63 11.02
N ALA I 213 29.73 -17.72 11.82
CA ALA I 213 29.96 -16.34 11.40
C ALA I 213 30.93 -15.65 12.35
N GLU J 3 8.27 -10.98 -42.84
CA GLU J 3 8.91 -9.81 -42.26
C GLU J 3 8.15 -9.32 -41.04
N LYS J 4 8.29 -8.04 -40.71
CA LYS J 4 7.67 -7.49 -39.51
C LYS J 4 6.16 -7.49 -39.63
N LYS J 5 5.48 -7.80 -38.52
CA LYS J 5 4.03 -7.79 -38.46
C LYS J 5 3.61 -7.29 -37.08
N VAL J 6 2.70 -6.31 -37.05
CA VAL J 6 2.21 -5.71 -35.81
C VAL J 6 0.83 -6.25 -35.51
N CYS J 7 0.58 -6.58 -34.24
CA CYS J 7 -0.66 -7.21 -33.81
C CYS J 7 -1.11 -6.60 -32.50
N ASN J 8 -2.42 -6.41 -32.36
CA ASN J 8 -2.97 -5.83 -31.15
C ASN J 8 -2.83 -6.80 -29.97
N GLY J 9 -2.71 -6.23 -28.77
CA GLY J 9 -2.62 -7.01 -27.56
C GLY J 9 -3.97 -7.19 -26.90
N ILE J 10 -3.94 -7.87 -25.75
CA ILE J 10 -5.16 -8.14 -25.01
C ILE J 10 -5.73 -6.83 -24.47
N GLY J 11 -7.05 -6.68 -24.54
CA GLY J 11 -7.71 -5.48 -24.09
C GLY J 11 -7.72 -4.34 -25.09
N ILE J 12 -7.50 -4.63 -26.37
CA ILE J 12 -7.50 -3.62 -27.42
C ILE J 12 -7.96 -4.26 -28.72
N GLY J 13 -8.68 -3.49 -29.53
CA GLY J 13 -9.09 -3.97 -30.83
C GLY J 13 -9.98 -5.19 -30.73
N GLU J 14 -9.65 -6.23 -31.51
CA GLU J 14 -10.43 -7.45 -31.51
C GLU J 14 -10.27 -8.25 -30.21
N PHE J 15 -9.31 -7.88 -29.35
CA PHE J 15 -9.15 -8.49 -28.03
C PHE J 15 -9.55 -7.52 -26.93
N LYS J 16 -10.48 -6.61 -27.23
CA LYS J 16 -10.86 -5.57 -26.27
C LYS J 16 -11.50 -6.16 -25.03
N ASP J 17 -12.26 -7.25 -25.18
CA ASP J 17 -12.95 -7.88 -24.07
C ASP J 17 -12.35 -9.21 -23.67
N SER J 18 -11.25 -9.62 -24.29
CA SER J 18 -10.57 -10.85 -23.93
C SER J 18 -9.78 -10.65 -22.64
N LEU J 19 -9.97 -11.55 -21.67
CA LEU J 19 -9.25 -11.45 -20.41
C LEU J 19 -7.79 -11.90 -20.53
N SER J 20 -7.53 -12.90 -21.37
CA SER J 20 -6.20 -13.49 -21.44
C SER J 20 -5.98 -14.12 -22.81
N ILE J 21 -4.71 -14.27 -23.18
CA ILE J 21 -4.35 -15.13 -24.29
C ILE J 21 -4.95 -16.50 -24.02
N ASN J 22 -5.83 -16.97 -24.91
CA ASN J 22 -6.53 -18.21 -24.64
C ASN J 22 -6.63 -19.01 -25.94
N ALA J 23 -7.34 -20.14 -25.88
CA ALA J 23 -7.33 -21.11 -26.96
C ALA J 23 -7.89 -20.52 -28.26
N THR J 24 -8.84 -19.60 -28.15
CA THR J 24 -9.50 -19.08 -29.34
C THR J 24 -8.67 -18.01 -30.04
N ASN J 25 -8.09 -17.08 -29.28
CA ASN J 25 -7.42 -15.93 -29.88
C ASN J 25 -5.95 -16.16 -30.16
N ILE J 26 -5.34 -17.20 -29.58
CA ILE J 26 -3.90 -17.36 -29.76
C ILE J 26 -3.53 -17.58 -31.21
N LYS J 27 -4.48 -18.04 -32.03
CA LYS J 27 -4.21 -18.23 -33.45
C LYS J 27 -3.90 -16.91 -34.14
N HIS J 28 -4.62 -15.84 -33.77
CA HIS J 28 -4.45 -14.54 -34.40
C HIS J 28 -3.07 -13.93 -34.14
N PHE J 29 -2.28 -14.50 -33.23
CA PHE J 29 -0.94 -14.00 -32.97
C PHE J 29 0.13 -14.68 -33.82
N LYS J 30 -0.27 -15.61 -34.69
CA LYS J 30 0.70 -16.33 -35.51
C LYS J 30 1.54 -15.37 -36.34
N ASN J 31 2.87 -15.58 -36.30
CA ASN J 31 3.82 -14.79 -37.06
C ASN J 31 3.83 -13.31 -36.65
N CYS J 32 3.35 -12.99 -35.46
CA CYS J 32 3.40 -11.63 -34.96
C CYS J 32 4.78 -11.35 -34.38
N THR J 33 5.38 -10.23 -34.77
CA THR J 33 6.69 -9.84 -34.28
C THR J 33 6.66 -8.67 -33.31
N SER J 34 5.55 -7.96 -33.22
CA SER J 34 5.43 -6.82 -32.30
C SER J 34 4.00 -6.75 -31.81
N ILE J 35 3.83 -6.62 -30.51
CA ILE J 35 2.52 -6.53 -29.88
C ILE J 35 2.26 -5.08 -29.52
N SER J 36 1.23 -4.49 -30.12
CA SER J 36 0.81 -3.13 -29.80
C SER J 36 -0.22 -3.21 -28.68
N GLY J 37 0.27 -3.32 -27.46
CA GLY J 37 -0.58 -3.47 -26.30
C GLY J 37 0.08 -4.38 -25.27
N ASP J 38 -0.76 -5.05 -24.49
CA ASP J 38 -0.31 -5.88 -23.38
C ASP J 38 -0.52 -7.35 -23.69
N LEU J 39 0.16 -8.20 -22.94
CA LEU J 39 -0.06 -9.65 -22.97
C LEU J 39 -0.43 -10.10 -21.57
N HIS J 40 -1.64 -10.62 -21.42
CA HIS J 40 -2.07 -11.28 -20.19
C HIS J 40 -2.10 -12.78 -20.42
N ILE J 41 -1.50 -13.53 -19.51
CA ILE J 41 -1.57 -14.99 -19.51
C ILE J 41 -2.04 -15.38 -18.12
N LEU J 42 -3.32 -15.74 -18.01
CA LEU J 42 -3.95 -15.98 -16.72
C LEU J 42 -4.43 -17.41 -16.62
N PRO J 43 -4.89 -17.86 -15.43
CA PRO J 43 -5.32 -19.26 -15.31
C PRO J 43 -6.40 -19.66 -16.31
N VAL J 44 -7.40 -18.80 -16.55
CA VAL J 44 -8.48 -19.17 -17.48
C VAL J 44 -7.93 -19.66 -18.80
N ALA J 45 -6.78 -19.13 -19.21
CA ALA J 45 -6.16 -19.59 -20.46
C ALA J 45 -6.04 -21.11 -20.48
N PHE J 46 -5.53 -21.68 -19.39
CA PHE J 46 -5.29 -23.12 -19.33
C PHE J 46 -6.47 -23.90 -18.75
N ARG J 47 -7.39 -23.22 -18.07
CA ARG J 47 -8.57 -23.88 -17.51
C ARG J 47 -9.75 -23.87 -18.47
N GLY J 48 -9.77 -22.95 -19.43
CA GLY J 48 -10.94 -22.76 -20.26
C GLY J 48 -12.05 -22.07 -19.49
N ASP J 49 -13.07 -21.57 -20.19
CA ASP J 49 -14.17 -20.87 -19.55
C ASP J 49 -15.47 -21.24 -20.25
N SER J 50 -16.48 -21.59 -19.45
CA SER J 50 -17.76 -22.00 -20.01
C SER J 50 -18.61 -20.82 -20.46
N PHE J 51 -18.58 -19.72 -19.69
CA PHE J 51 -19.41 -18.56 -20.03
C PHE J 51 -19.01 -17.96 -21.37
N THR J 52 -17.70 -17.90 -21.66
CA THR J 52 -17.20 -17.36 -22.91
C THR J 52 -16.94 -18.44 -23.97
N HIS J 53 -17.42 -19.68 -23.73
CA HIS J 53 -17.26 -20.78 -24.68
C HIS J 53 -15.82 -20.87 -25.19
N THR J 54 -14.87 -20.87 -24.26
CA THR J 54 -13.46 -20.91 -24.58
C THR J 54 -12.87 -22.24 -24.13
N PRO J 55 -12.34 -23.07 -25.02
CA PRO J 55 -11.74 -24.33 -24.58
C PRO J 55 -10.41 -24.08 -23.89
N PRO J 56 -9.94 -25.02 -23.08
CA PRO J 56 -8.63 -24.86 -22.44
C PRO J 56 -7.52 -24.81 -23.47
N LEU J 57 -6.53 -23.97 -23.20
CA LEU J 57 -5.42 -23.80 -24.11
C LEU J 57 -4.47 -25.00 -24.04
N ASP J 58 -3.98 -25.41 -25.20
CA ASP J 58 -2.94 -26.43 -25.27
C ASP J 58 -1.59 -25.78 -24.99
N PRO J 59 -0.85 -26.21 -23.96
CA PRO J 59 0.45 -25.59 -23.69
C PRO J 59 1.38 -25.56 -24.90
N GLN J 60 1.15 -26.47 -25.86
CA GLN J 60 2.00 -26.52 -27.03
C GLN J 60 1.86 -25.28 -27.90
N GLU J 61 0.67 -24.67 -27.91
CA GLU J 61 0.41 -23.53 -28.78
C GLU J 61 1.09 -22.25 -28.30
N LEU J 62 1.58 -22.20 -27.05
CA LEU J 62 2.32 -21.03 -26.60
C LEU J 62 3.59 -20.79 -27.41
N ASP J 63 4.06 -21.80 -28.16
CA ASP J 63 5.20 -21.60 -29.03
C ASP J 63 4.91 -20.59 -30.13
N ILE J 64 3.64 -20.33 -30.41
CA ILE J 64 3.28 -19.30 -31.39
C ILE J 64 3.93 -17.97 -31.03
N LEU J 65 4.14 -17.71 -29.75
CA LEU J 65 4.69 -16.43 -29.31
C LEU J 65 6.20 -16.36 -29.46
N LYS J 66 6.84 -17.39 -30.01
CA LYS J 66 8.29 -17.37 -30.17
C LYS J 66 8.74 -16.32 -31.18
N THR J 67 7.84 -15.81 -32.01
CA THR J 67 8.20 -14.78 -32.97
C THR J 67 8.13 -13.37 -32.38
N VAL J 68 7.41 -13.18 -31.27
CA VAL J 68 7.29 -11.86 -30.68
C VAL J 68 8.66 -11.38 -30.23
N LYS J 69 9.06 -10.21 -30.75
CA LYS J 69 10.32 -9.57 -30.37
C LYS J 69 10.11 -8.25 -29.64
N GLU J 70 8.89 -7.71 -29.64
CA GLU J 70 8.65 -6.41 -29.02
C GLU J 70 7.24 -6.39 -28.43
N ILE J 71 7.12 -5.75 -27.28
CA ILE J 71 5.84 -5.49 -26.63
C ILE J 71 5.84 -4.03 -26.19
N THR J 72 4.93 -3.24 -26.74
CA THR J 72 4.84 -1.84 -26.35
C THR J 72 4.16 -1.65 -25.00
N GLY J 73 3.43 -2.65 -24.52
CA GLY J 73 2.77 -2.58 -23.23
C GLY J 73 3.52 -3.34 -22.15
N PHE J 74 2.81 -4.16 -21.38
CA PHE J 74 3.39 -4.92 -20.30
C PHE J 74 3.14 -6.41 -20.48
N LEU J 75 3.94 -7.22 -19.80
CA LEU J 75 3.88 -8.67 -19.88
C LEU J 75 3.47 -9.21 -18.51
N LEU J 76 2.25 -9.73 -18.41
CA LEU J 76 1.70 -10.20 -17.15
C LEU J 76 1.45 -11.71 -17.26
N ILE J 77 2.22 -12.50 -16.51
CA ILE J 77 2.10 -13.95 -16.51
C ILE J 77 1.75 -14.40 -15.10
N GLN J 78 0.51 -14.83 -14.90
CA GLN J 78 0.03 -15.31 -13.61
C GLN J 78 -0.33 -16.79 -13.64
N ALA J 79 0.01 -17.49 -14.73
CA ALA J 79 -0.20 -18.92 -14.83
C ALA J 79 0.73 -19.45 -15.91
N TRP J 80 1.04 -20.73 -15.82
CA TRP J 80 2.03 -21.29 -16.72
C TRP J 80 2.04 -22.81 -16.56
N PRO J 81 2.17 -23.59 -17.63
CA PRO J 81 2.17 -25.04 -17.48
C PRO J 81 3.26 -25.50 -16.52
N GLU J 82 2.89 -26.39 -15.59
CA GLU J 82 3.83 -26.77 -14.54
C GLU J 82 4.96 -27.64 -15.08
N ASN J 83 4.71 -28.40 -16.14
CA ASN J 83 5.75 -29.24 -16.74
C ASN J 83 6.89 -28.43 -17.33
N ARG J 84 6.75 -27.11 -17.47
CA ARG J 84 7.72 -26.27 -18.16
C ARG J 84 8.61 -25.56 -17.15
N THR J 85 9.92 -25.58 -17.40
CA THR J 85 10.90 -25.07 -16.46
C THR J 85 11.26 -23.60 -16.69
N ASP J 86 10.82 -23.01 -17.79
CA ASP J 86 11.14 -21.61 -18.05
C ASP J 86 10.15 -21.06 -19.07
N LEU J 87 10.26 -19.75 -19.33
CA LEU J 87 9.39 -19.07 -20.29
C LEU J 87 9.98 -19.25 -21.69
N HIS J 88 9.76 -20.43 -22.26
CA HIS J 88 10.29 -20.74 -23.58
C HIS J 88 9.63 -19.86 -24.64
N ALA J 89 8.34 -19.58 -24.50
CA ALA J 89 7.61 -18.85 -25.54
C ALA J 89 8.20 -17.48 -25.78
N PHE J 90 8.70 -16.82 -24.74
CA PHE J 90 9.26 -15.47 -24.87
C PHE J 90 10.78 -15.51 -25.00
N GLU J 91 11.31 -16.60 -25.54
CA GLU J 91 12.75 -16.74 -25.73
C GLU J 91 13.32 -15.60 -26.57
N ASN J 92 12.57 -15.13 -27.56
CA ASN J 92 13.07 -14.14 -28.50
C ASN J 92 12.60 -12.72 -28.17
N LEU J 93 11.82 -12.54 -27.11
CA LEU J 93 11.40 -11.20 -26.71
C LEU J 93 12.62 -10.34 -26.40
N GLU J 94 12.72 -9.19 -27.06
CA GLU J 94 13.90 -8.34 -26.96
C GLU J 94 13.66 -7.01 -26.26
N ILE J 95 12.43 -6.50 -26.25
CA ILE J 95 12.14 -5.21 -25.64
C ILE J 95 10.73 -5.24 -25.05
N ILE J 96 10.58 -4.61 -23.89
CA ILE J 96 9.28 -4.34 -23.29
C ILE J 96 9.26 -2.84 -23.00
N ARG J 97 8.43 -2.10 -23.74
CA ARG J 97 8.47 -0.65 -23.65
C ARG J 97 7.66 -0.13 -22.47
N GLY J 98 6.63 -0.84 -22.05
CA GLY J 98 5.87 -0.45 -20.88
C GLY J 98 5.18 0.90 -21.01
N ARG J 99 4.75 1.28 -22.22
CA ARG J 99 3.96 2.49 -22.37
C ARG J 99 2.64 2.37 -21.63
N THR J 100 2.06 1.17 -21.60
CA THR J 100 0.96 0.82 -20.72
C THR J 100 1.51 -0.14 -19.66
N LYS J 101 1.01 -0.02 -18.43
CA LYS J 101 1.62 -0.73 -17.31
C LYS J 101 0.54 -1.35 -16.44
N GLN J 102 0.85 -2.53 -15.89
CA GLN J 102 -0.03 -3.20 -14.95
C GLN J 102 -0.25 -2.30 -13.73
N HIS J 103 -1.51 -1.96 -13.48
CA HIS J 103 -1.91 -1.04 -12.41
C HIS J 103 -1.19 0.31 -12.52
N GLY J 104 -0.74 0.66 -13.72
CA GLY J 104 -0.03 1.91 -13.93
C GLY J 104 1.39 1.92 -13.42
N GLN J 105 1.97 0.77 -13.09
CA GLN J 105 3.29 0.73 -12.50
C GLN J 105 4.19 -0.32 -13.14
N PHE J 106 3.69 -1.54 -13.31
CA PHE J 106 4.52 -2.70 -13.59
C PHE J 106 4.45 -3.07 -15.07
N SER J 107 5.61 -3.23 -15.69
CA SER J 107 5.70 -3.61 -17.09
C SER J 107 6.02 -5.08 -17.29
N LEU J 108 6.54 -5.76 -16.27
CA LEU J 108 6.80 -7.19 -16.32
C LEU J 108 6.42 -7.80 -14.98
N ALA J 109 5.52 -8.78 -15.00
CA ALA J 109 5.00 -9.37 -13.76
C ALA J 109 4.92 -10.87 -13.92
N VAL J 110 5.66 -11.60 -13.07
CA VAL J 110 5.66 -13.06 -13.05
C VAL J 110 5.29 -13.47 -11.64
N VAL J 111 4.18 -14.20 -11.50
CA VAL J 111 3.54 -14.40 -10.21
C VAL J 111 3.23 -15.88 -10.03
N SER J 112 3.95 -16.54 -9.13
CA SER J 112 3.56 -17.85 -8.61
C SER J 112 3.56 -18.92 -9.70
N LEU J 113 4.64 -18.95 -10.48
CA LEU J 113 4.83 -20.00 -11.47
C LEU J 113 5.73 -21.08 -10.90
N ASN J 114 5.80 -22.21 -11.62
CA ASN J 114 6.64 -23.33 -11.22
C ASN J 114 7.97 -23.36 -11.97
N ILE J 115 8.34 -22.25 -12.61
CA ILE J 115 9.55 -22.22 -13.42
C ILE J 115 10.79 -22.23 -12.52
N THR J 116 11.89 -22.73 -13.07
CA THR J 116 13.19 -22.67 -12.39
C THR J 116 14.08 -21.56 -12.92
N SER J 117 13.86 -21.13 -14.16
CA SER J 117 14.57 -19.99 -14.73
C SER J 117 13.60 -19.19 -15.59
N LEU J 118 13.90 -17.89 -15.74
CA LEU J 118 13.06 -17.05 -16.58
C LEU J 118 13.25 -17.37 -18.05
N GLY J 119 14.50 -17.58 -18.47
CA GLY J 119 14.78 -17.96 -19.85
C GLY J 119 14.55 -16.87 -20.87
N LEU J 120 14.61 -15.60 -20.45
CA LEU J 120 14.44 -14.47 -21.36
C LEU J 120 15.82 -14.02 -21.86
N ARG J 121 16.43 -14.88 -22.67
CA ARG J 121 17.80 -14.66 -23.09
C ARG J 121 17.95 -13.59 -24.15
N SER J 122 16.85 -13.10 -24.74
CA SER J 122 16.92 -12.04 -25.73
C SER J 122 16.57 -10.67 -25.16
N LEU J 123 16.06 -10.61 -23.93
CA LEU J 123 15.57 -9.35 -23.38
C LEU J 123 16.76 -8.43 -23.07
N LYS J 124 16.78 -7.26 -23.72
CA LYS J 124 17.87 -6.31 -23.57
C LYS J 124 17.43 -4.89 -23.20
N GLU J 125 16.14 -4.66 -22.97
CA GLU J 125 15.71 -3.33 -22.57
C GLU J 125 14.29 -3.40 -22.03
N ILE J 126 14.04 -2.66 -20.94
CA ILE J 126 12.70 -2.42 -20.41
C ILE J 126 12.57 -0.91 -20.27
N SER J 127 11.95 -0.26 -21.27
CA SER J 127 11.99 1.20 -21.37
C SER J 127 11.39 1.86 -20.14
N ASP J 128 10.27 1.35 -19.64
CA ASP J 128 9.57 1.97 -18.53
C ASP J 128 8.81 0.90 -17.77
N GLY J 129 8.48 1.20 -16.52
CA GLY J 129 7.70 0.30 -15.70
C GLY J 129 8.57 -0.56 -14.80
N ASP J 130 7.98 -1.03 -13.71
CA ASP J 130 8.68 -1.82 -12.72
C ASP J 130 8.54 -3.32 -13.00
N VAL J 131 9.59 -4.06 -12.69
CA VAL J 131 9.60 -5.51 -12.81
C VAL J 131 9.23 -6.09 -11.46
N ILE J 132 8.33 -7.07 -11.45
CA ILE J 132 7.93 -7.74 -10.21
C ILE J 132 7.89 -9.24 -10.49
N ILE J 133 8.64 -10.01 -9.70
CA ILE J 133 8.68 -11.45 -9.79
C ILE J 133 8.38 -11.98 -8.40
N SER J 134 7.19 -12.55 -8.22
CA SER J 134 6.65 -12.84 -6.90
C SER J 134 6.23 -14.29 -6.80
N GLY J 135 6.74 -14.98 -5.78
CA GLY J 135 6.20 -16.27 -5.39
C GLY J 135 6.57 -17.45 -6.27
N ASN J 136 7.66 -17.37 -7.01
CA ASN J 136 8.09 -18.48 -7.88
C ASN J 136 9.05 -19.35 -7.09
N LYS J 137 8.49 -20.30 -6.34
CA LYS J 137 9.23 -20.97 -5.28
C LYS J 137 10.38 -21.84 -5.79
N ASN J 138 10.46 -22.13 -7.08
CA ASN J 138 11.55 -22.90 -7.65
C ASN J 138 12.47 -22.05 -8.52
N LEU J 139 12.30 -20.73 -8.53
CA LEU J 139 12.97 -19.86 -9.48
C LEU J 139 14.32 -19.41 -8.95
N CYS J 140 15.38 -19.74 -9.66
CA CYS J 140 16.73 -19.27 -9.39
C CYS J 140 17.18 -18.31 -10.49
N TYR J 141 18.41 -17.81 -10.36
CA TYR J 141 19.07 -16.98 -11.36
C TYR J 141 18.49 -15.57 -11.46
N ALA J 142 17.47 -15.23 -10.68
CA ALA J 142 16.78 -13.97 -10.85
C ALA J 142 17.68 -12.78 -10.54
N ASN J 143 18.37 -12.82 -9.40
CA ASN J 143 19.16 -11.68 -8.96
C ASN J 143 20.51 -11.58 -9.66
N THR J 144 20.92 -12.60 -10.43
CA THR J 144 22.21 -12.55 -11.11
C THR J 144 22.23 -11.45 -12.17
N ILE J 145 21.10 -11.24 -12.87
CA ILE J 145 21.05 -10.23 -13.92
C ILE J 145 21.05 -8.84 -13.29
N ASN J 146 21.69 -7.90 -13.99
CA ASN J 146 21.69 -6.49 -13.58
C ASN J 146 20.53 -5.80 -14.29
N TRP J 147 19.42 -5.63 -13.58
CA TRP J 147 18.22 -5.05 -14.19
C TRP J 147 18.41 -3.57 -14.52
N LYS J 148 19.28 -2.88 -13.79
CA LYS J 148 19.52 -1.46 -14.06
C LYS J 148 20.04 -1.26 -15.48
N LYS J 149 20.73 -2.25 -16.04
CA LYS J 149 21.22 -2.15 -17.41
C LYS J 149 20.07 -2.20 -18.42
N LEU J 150 18.98 -2.90 -18.08
CA LEU J 150 17.83 -2.97 -18.97
C LEU J 150 16.95 -1.72 -18.87
N PHE J 151 16.89 -1.10 -17.69
CA PHE J 151 16.05 0.06 -17.50
C PHE J 151 16.52 1.24 -18.35
N GLY J 152 15.56 1.99 -18.89
CA GLY J 152 15.85 3.15 -19.70
C GLY J 152 15.18 4.41 -19.18
N THR J 153 14.48 4.29 -18.06
CA THR J 153 13.80 5.42 -17.43
C THR J 153 14.21 5.49 -15.96
N SER J 154 14.18 6.71 -15.42
CA SER J 154 14.52 6.92 -14.02
C SER J 154 13.33 6.57 -13.14
N GLY J 155 13.61 5.92 -12.01
CA GLY J 155 12.59 5.49 -11.07
C GLY J 155 12.20 4.03 -11.18
N GLN J 156 12.61 3.35 -12.26
CA GLN J 156 12.33 1.93 -12.37
C GLN J 156 13.04 1.17 -11.27
N LYS J 157 12.37 0.15 -10.74
CA LYS J 157 12.95 -0.70 -9.71
C LYS J 157 12.39 -2.11 -9.85
N THR J 158 13.09 -3.06 -9.25
CA THR J 158 12.70 -4.46 -9.30
C THR J 158 12.23 -4.94 -7.94
N LYS J 159 11.32 -5.90 -7.95
CA LYS J 159 10.81 -6.54 -6.74
C LYS J 159 10.89 -8.06 -6.96
N ILE J 160 12.02 -8.64 -6.58
CA ILE J 160 12.21 -10.08 -6.55
C ILE J 160 11.96 -10.53 -5.11
N ILE J 161 10.83 -11.17 -4.86
CA ILE J 161 10.41 -11.50 -3.50
C ILE J 161 9.70 -12.84 -3.49
N ARG J 162 9.78 -13.51 -2.34
CA ARG J 162 9.06 -14.76 -2.10
C ARG J 162 9.43 -15.84 -3.11
N ASN J 163 10.64 -15.77 -3.65
CA ASN J 163 11.13 -16.79 -4.57
C ASN J 163 12.09 -17.73 -3.83
N ARG J 164 12.70 -18.65 -4.58
CA ARG J 164 13.65 -19.58 -4.00
C ARG J 164 14.89 -18.84 -3.52
N GLY J 165 15.26 -19.06 -2.26
CA GLY J 165 16.42 -18.41 -1.70
C GLY J 165 17.67 -18.57 -2.54
N GLU J 166 18.49 -17.51 -2.62
CA GLU J 166 19.72 -17.60 -3.40
C GLU J 166 20.67 -18.62 -2.80
N ASN J 167 20.68 -18.77 -1.47
CA ASN J 167 21.53 -19.75 -0.83
C ASN J 167 21.13 -21.17 -1.23
N SER J 168 19.84 -21.49 -1.12
CA SER J 168 19.37 -22.82 -1.50
C SER J 168 19.63 -23.10 -2.98
N CYS J 169 19.65 -22.06 -3.81
CA CYS J 169 20.00 -22.25 -5.22
C CYS J 169 21.47 -22.64 -5.36
N LYS J 170 22.34 -22.08 -4.52
CA LYS J 170 23.76 -22.43 -4.58
C LYS J 170 23.99 -23.86 -4.08
N ALA J 171 23.22 -24.28 -3.08
CA ALA J 171 23.38 -25.63 -2.54
C ALA J 171 23.19 -26.69 -3.62
N THR J 172 22.17 -26.52 -4.46
CA THR J 172 21.90 -27.48 -5.52
C THR J 172 22.73 -27.24 -6.77
N GLY J 173 23.65 -26.28 -6.74
CA GLY J 173 24.51 -26.03 -7.88
C GLY J 173 23.84 -25.31 -9.03
N GLN J 174 22.74 -24.60 -8.79
CA GLN J 174 22.03 -23.87 -9.83
C GLN J 174 22.50 -22.41 -9.78
N VAL J 175 23.61 -22.15 -10.47
CA VAL J 175 24.20 -20.83 -10.57
C VAL J 175 24.74 -20.68 -11.98
N CYS J 176 24.99 -19.43 -12.38
CA CYS J 176 25.47 -19.15 -13.72
C CYS J 176 26.67 -20.01 -14.07
N HIS J 177 26.73 -20.40 -15.35
CA HIS J 177 27.77 -21.32 -15.83
C HIS J 177 29.16 -20.72 -15.63
N ALA J 178 30.17 -21.52 -15.95
CA ALA J 178 31.55 -21.06 -15.87
C ALA J 178 31.82 -19.97 -16.89
N LEU J 179 31.37 -20.16 -18.13
CA LEU J 179 31.66 -19.21 -19.20
C LEU J 179 30.91 -17.89 -19.04
N CYS J 180 29.86 -17.86 -18.22
CA CYS J 180 29.10 -16.63 -18.05
C CYS J 180 29.95 -15.57 -17.36
N SER J 181 30.04 -14.40 -18.00
CA SER J 181 30.72 -13.26 -17.41
C SER J 181 30.00 -12.83 -16.13
N PRO J 182 30.53 -11.86 -15.38
CA PRO J 182 29.84 -11.41 -14.16
C PRO J 182 28.52 -10.69 -14.43
N GLU J 183 28.09 -10.58 -15.69
CA GLU J 183 26.85 -9.85 -15.99
C GLU J 183 25.62 -10.58 -15.46
N GLY J 184 25.65 -11.91 -15.46
CA GLY J 184 24.54 -12.72 -14.98
C GLY J 184 24.15 -13.78 -15.98
N CYS J 185 22.99 -14.39 -15.76
CA CYS J 185 22.50 -15.44 -16.64
C CYS J 185 20.99 -15.54 -16.50
N TRP J 186 20.33 -15.93 -17.59
CA TRP J 186 18.89 -16.15 -17.60
C TRP J 186 18.52 -17.61 -17.36
N GLY J 187 19.49 -18.52 -17.36
CA GLY J 187 19.24 -19.92 -17.12
C GLY J 187 20.50 -20.65 -16.75
N PRO J 188 20.40 -21.97 -16.60
CA PRO J 188 21.58 -22.76 -16.19
C PRO J 188 22.60 -22.98 -17.29
N GLU J 189 22.19 -22.92 -18.56
CA GLU J 189 23.02 -23.33 -19.67
C GLU J 189 23.95 -22.20 -20.11
N PRO J 190 24.97 -22.51 -20.91
CA PRO J 190 25.87 -21.44 -21.39
C PRO J 190 25.20 -20.50 -22.37
N ARG J 191 24.27 -21.01 -23.20
CA ARG J 191 23.56 -20.15 -24.13
C ARG J 191 22.72 -19.08 -23.42
N ASP J 192 22.60 -19.16 -22.09
CA ASP J 192 21.82 -18.20 -21.32
C ASP J 192 22.68 -17.17 -20.61
N CYS J 193 23.97 -17.08 -20.96
CA CYS J 193 24.82 -16.05 -20.36
C CYS J 193 24.48 -14.69 -20.95
N VAL J 194 24.50 -13.66 -20.10
CA VAL J 194 24.34 -12.29 -20.58
C VAL J 194 25.48 -11.92 -21.51
N SER J 195 26.65 -12.52 -21.30
CA SER J 195 27.82 -12.28 -22.14
C SER J 195 28.93 -13.25 -21.77
N CYS J 196 29.51 -13.92 -22.77
CA CYS J 196 30.56 -14.91 -22.53
C CYS J 196 31.88 -14.24 -22.20
N GLN K 1 -16.83 -3.20 2.49
CA GLN K 1 -15.35 -3.16 2.70
C GLN K 1 -14.79 -4.57 2.87
N VAL K 2 -13.47 -4.70 2.71
CA VAL K 2 -12.80 -5.99 2.89
C VAL K 2 -12.93 -6.42 4.35
N GLN K 3 -13.41 -7.64 4.55
CA GLN K 3 -13.53 -8.20 5.89
C GLN K 3 -13.28 -9.70 5.81
N LEU K 4 -12.44 -10.21 6.70
CA LEU K 4 -12.14 -11.63 6.78
C LEU K 4 -12.65 -12.16 8.11
N GLN K 5 -13.19 -13.38 8.10
CA GLN K 5 -13.73 -13.99 9.32
C GLN K 5 -13.35 -15.46 9.34
N GLU K 6 -12.66 -15.88 10.40
CA GLU K 6 -12.30 -17.27 10.61
C GLU K 6 -13.43 -18.01 11.30
N SER K 7 -13.53 -19.32 11.02
CA SER K 7 -14.52 -20.16 11.67
C SER K 7 -14.05 -21.60 11.63
N GLY K 8 -14.50 -22.38 12.62
CA GLY K 8 -14.15 -23.77 12.72
C GLY K 8 -14.14 -24.25 14.15
N PRO K 9 -13.94 -25.55 14.34
CA PRO K 9 -13.92 -26.09 15.71
C PRO K 9 -12.78 -25.48 16.51
N GLY K 10 -13.06 -25.21 17.78
CA GLY K 10 -12.06 -24.68 18.69
C GLY K 10 -11.31 -25.70 19.49
N LEU K 11 -11.68 -26.98 19.40
CA LEU K 11 -11.05 -28.04 20.19
C LEU K 11 -10.82 -29.25 19.29
N VAL K 12 -9.55 -29.67 19.18
CA VAL K 12 -9.13 -30.80 18.38
C VAL K 12 -8.33 -31.74 19.25
N LYS K 13 -8.41 -33.09 18.94
CA LYS K 13 -7.64 -34.06 19.71
C LYS K 13 -6.29 -34.32 19.05
N PRO K 14 -5.25 -34.65 19.82
CA PRO K 14 -3.95 -34.92 19.21
C PRO K 14 -4.04 -36.06 18.20
N SER K 15 -3.22 -35.96 17.15
CA SER K 15 -3.14 -36.93 16.06
C SER K 15 -4.24 -36.70 15.03
N GLN K 16 -5.31 -35.99 15.43
CA GLN K 16 -6.42 -35.71 14.53
C GLN K 16 -6.12 -34.47 13.70
N THR K 17 -7.09 -34.06 12.89
CA THR K 17 -6.88 -33.01 11.89
C THR K 17 -7.60 -31.73 12.30
N LEU K 18 -6.97 -30.60 12.00
CA LEU K 18 -7.48 -29.26 12.28
C LEU K 18 -7.95 -28.62 10.99
N SER K 19 -9.17 -28.08 10.99
CA SER K 19 -9.76 -27.48 9.79
C SER K 19 -10.38 -26.13 10.13
N LEU K 20 -9.92 -25.09 9.45
CA LEU K 20 -10.47 -23.74 9.58
C LEU K 20 -10.82 -23.22 8.19
N THR K 21 -11.79 -22.30 8.15
CA THR K 21 -12.22 -21.69 6.90
C THR K 21 -12.35 -20.17 7.07
N CYS K 22 -11.85 -19.42 6.10
CA CYS K 22 -11.86 -17.97 6.12
C CYS K 22 -12.88 -17.47 5.09
N THR K 23 -13.94 -16.83 5.57
CA THR K 23 -14.94 -16.20 4.71
C THR K 23 -14.53 -14.77 4.40
N VAL K 24 -14.52 -14.42 3.12
CA VAL K 24 -14.09 -13.10 2.67
C VAL K 24 -15.31 -12.34 2.15
N SER K 25 -15.37 -11.06 2.51
CA SER K 25 -16.43 -10.15 2.07
C SER K 25 -15.82 -8.96 1.37
N GLY K 26 -16.68 -8.14 0.77
CA GLY K 26 -16.25 -6.91 0.12
C GLY K 26 -15.15 -7.12 -0.88
N GLY K 27 -15.17 -8.25 -1.59
CA GLY K 27 -14.16 -8.54 -2.57
C GLY K 27 -14.11 -10.01 -2.93
N SER K 28 -13.65 -10.33 -4.14
CA SER K 28 -13.60 -11.70 -4.62
C SER K 28 -12.21 -12.26 -4.38
N ILE K 29 -12.14 -13.45 -3.78
CA ILE K 29 -10.85 -14.11 -3.56
C ILE K 29 -10.23 -14.59 -4.86
N SER K 30 -10.98 -14.61 -5.96
CA SER K 30 -10.48 -15.08 -7.25
C SER K 30 -9.98 -13.87 -8.02
N SER K 31 -8.74 -13.50 -7.77
CA SER K 31 -8.13 -12.33 -8.39
C SER K 31 -6.62 -12.46 -8.34
N GLY K 32 -5.95 -12.02 -9.39
CA GLY K 32 -4.51 -12.08 -9.43
C GLY K 32 -3.81 -11.03 -8.61
N ASP K 33 -4.56 -10.16 -7.93
CA ASP K 33 -3.97 -9.08 -7.16
C ASP K 33 -3.64 -9.46 -5.74
N TYR K 34 -4.02 -10.65 -5.28
CA TYR K 34 -4.01 -10.94 -3.86
C TYR K 34 -3.49 -12.35 -3.59
N TYR K 35 -2.69 -12.46 -2.53
CA TYR K 35 -2.42 -13.73 -1.87
C TYR K 35 -3.34 -13.88 -0.67
N TRP K 36 -3.70 -15.12 -0.35
CA TRP K 36 -4.53 -15.41 0.81
C TRP K 36 -3.77 -16.37 1.71
N SER K 37 -3.52 -15.94 2.96
CA SER K 37 -2.54 -16.57 3.82
C SER K 37 -3.17 -16.94 5.16
N TRP K 38 -2.48 -17.82 5.88
CA TRP K 38 -2.82 -18.17 7.25
C TRP K 38 -1.62 -17.87 8.14
N ILE K 39 -1.87 -17.23 9.27
CA ILE K 39 -0.86 -17.02 10.29
C ILE K 39 -1.43 -17.50 11.61
N ARG K 40 -0.56 -18.02 12.47
CA ARG K 40 -0.98 -18.49 13.78
C ARG K 40 -0.08 -17.90 14.86
N GLN K 41 -0.61 -17.87 16.08
CA GLN K 41 0.11 -17.33 17.22
C GLN K 41 -0.22 -18.15 18.46
N PRO K 42 0.71 -18.97 18.95
CA PRO K 42 0.48 -19.66 20.23
C PRO K 42 0.27 -18.67 21.35
N PRO K 43 -0.61 -18.98 22.30
CA PRO K 43 -0.83 -18.04 23.42
C PRO K 43 0.47 -17.61 24.09
N GLY K 44 0.73 -16.30 24.09
CA GLY K 44 1.90 -15.75 24.75
C GLY K 44 3.18 -15.82 23.95
N LYS K 45 3.13 -16.19 22.67
CA LYS K 45 4.32 -16.30 21.85
C LYS K 45 4.17 -15.44 20.60
N GLY K 46 5.07 -15.63 19.64
CA GLY K 46 5.10 -14.81 18.44
C GLY K 46 4.32 -15.40 17.28
N LEU K 47 4.33 -14.67 16.18
CA LEU K 47 3.55 -15.00 14.99
C LEU K 47 4.33 -15.94 14.08
N GLU K 48 3.64 -16.97 13.59
CA GLU K 48 4.23 -17.96 12.68
C GLU K 48 3.42 -18.00 11.40
N TRP K 49 4.11 -17.85 10.28
CA TRP K 49 3.45 -17.92 8.97
C TRP K 49 3.26 -19.37 8.57
N ILE K 50 2.08 -19.68 8.02
CA ILE K 50 1.74 -21.05 7.64
C ILE K 50 1.91 -21.21 6.13
N GLY K 51 1.20 -20.42 5.35
CA GLY K 51 1.26 -20.53 3.91
C GLY K 51 0.27 -19.59 3.26
N TYR K 52 0.28 -19.59 1.93
CA TYR K 52 -0.70 -18.82 1.16
C TYR K 52 -1.17 -19.63 -0.04
N ILE K 53 -2.35 -19.25 -0.54
CA ILE K 53 -2.92 -19.86 -1.73
C ILE K 53 -3.26 -18.76 -2.72
N TYR K 54 -2.90 -18.97 -3.98
CA TYR K 54 -3.15 -18.03 -5.07
C TYR K 54 -4.26 -18.58 -5.95
N TYR K 55 -5.02 -17.67 -6.59
CA TYR K 55 -6.21 -18.12 -7.30
C TYR K 55 -5.88 -19.04 -8.48
N SER K 56 -4.62 -19.15 -8.87
CA SER K 56 -4.21 -20.12 -9.88
C SER K 56 -4.02 -21.52 -9.33
N GLY K 57 -4.39 -21.76 -8.07
CA GLY K 57 -4.12 -23.02 -7.41
C GLY K 57 -2.76 -23.10 -6.75
N SER K 58 -1.82 -22.23 -7.10
CA SER K 58 -0.49 -22.28 -6.52
C SER K 58 -0.57 -22.11 -5.01
N THR K 59 0.41 -22.68 -4.31
CA THR K 59 0.48 -22.54 -2.86
C THR K 59 1.94 -22.51 -2.43
N ASP K 60 2.14 -22.06 -1.19
CA ASP K 60 3.46 -22.05 -0.57
C ASP K 60 3.26 -22.27 0.92
N TYR K 61 3.94 -23.27 1.46
CA TYR K 61 3.77 -23.64 2.86
C TYR K 61 5.09 -23.48 3.60
N ASN K 62 4.98 -23.20 4.90
CA ASN K 62 6.15 -23.10 5.77
C ASN K 62 6.73 -24.49 6.00
N PRO K 63 8.00 -24.73 5.69
CA PRO K 63 8.56 -26.07 5.92
C PRO K 63 8.48 -26.51 7.38
N SER K 64 8.35 -25.57 8.31
CA SER K 64 8.30 -25.92 9.72
C SER K 64 7.14 -26.83 10.07
N LEU K 65 6.09 -26.86 9.25
CA LEU K 65 4.94 -27.72 9.50
C LEU K 65 5.02 -29.03 8.73
N LYS K 66 6.18 -29.34 8.14
CA LYS K 66 6.52 -30.68 7.69
C LYS K 66 5.39 -31.31 6.86
N SER K 67 4.97 -30.59 5.82
CA SER K 67 4.00 -31.10 4.85
C SER K 67 2.67 -31.50 5.49
N ARG K 68 2.39 -31.01 6.69
CA ARG K 68 1.12 -31.31 7.36
C ARG K 68 0.03 -30.31 7.01
N VAL K 69 0.34 -29.30 6.20
CA VAL K 69 -0.58 -28.22 5.87
C VAL K 69 -1.06 -28.40 4.43
N THR K 70 -2.34 -28.09 4.21
CA THR K 70 -2.88 -27.99 2.86
C THR K 70 -3.98 -26.93 2.88
N MET K 71 -4.06 -26.17 1.80
CA MET K 71 -5.04 -25.10 1.66
C MET K 71 -5.83 -25.27 0.37
N SER K 72 -7.05 -24.73 0.38
CA SER K 72 -7.92 -24.80 -0.79
C SER K 72 -8.74 -23.51 -0.85
N VAL K 73 -9.41 -23.32 -1.98
CA VAL K 73 -10.31 -22.20 -2.19
C VAL K 73 -11.65 -22.73 -2.67
N ASP K 74 -12.72 -22.02 -2.32
CA ASP K 74 -14.08 -22.32 -2.79
C ASP K 74 -14.64 -20.99 -3.30
N THR K 75 -14.42 -20.72 -4.59
CA THR K 75 -14.83 -19.44 -5.15
C THR K 75 -16.35 -19.26 -5.09
N SER K 76 -17.11 -20.36 -5.10
CA SER K 76 -18.56 -20.27 -4.96
C SER K 76 -18.95 -19.47 -3.72
N LYS K 77 -18.46 -19.91 -2.56
CA LYS K 77 -18.78 -19.26 -1.29
C LYS K 77 -17.80 -18.15 -0.93
N ASN K 78 -16.80 -17.89 -1.76
CA ASN K 78 -15.80 -16.85 -1.49
C ASN K 78 -15.06 -17.14 -0.19
N GLN K 79 -14.45 -18.33 -0.15
CA GLN K 79 -13.77 -18.82 1.05
C GLN K 79 -12.46 -19.49 0.64
N PHE K 80 -11.52 -19.52 1.59
CA PHE K 80 -10.34 -20.36 1.47
C PHE K 80 -10.11 -21.01 2.83
N SER K 81 -9.73 -22.29 2.79
CA SER K 81 -9.70 -23.11 3.98
C SER K 81 -8.28 -23.61 4.26
N LEU K 82 -8.11 -24.10 5.49
CA LEU K 82 -6.85 -24.62 5.97
C LEU K 82 -7.09 -26.01 6.55
N LYS K 83 -6.10 -26.89 6.38
CA LYS K 83 -6.13 -28.19 7.02
C LYS K 83 -4.73 -28.54 7.52
N VAL K 84 -4.66 -28.90 8.80
CA VAL K 84 -3.43 -29.30 9.46
C VAL K 84 -3.72 -30.62 10.15
N ASN K 85 -3.05 -31.68 9.71
CA ASN K 85 -3.25 -33.00 10.30
C ASN K 85 -2.09 -33.36 11.21
N SER K 86 -2.31 -34.39 12.03
CA SER K 86 -1.31 -34.86 12.99
C SER K 86 -0.94 -33.77 13.99
N VAL K 87 -1.96 -33.05 14.48
CA VAL K 87 -1.70 -31.91 15.36
C VAL K 87 -1.37 -32.39 16.75
N THR K 88 -0.48 -31.65 17.41
CA THR K 88 -0.13 -31.86 18.81
C THR K 88 -0.46 -30.59 19.59
N ALA K 89 0.05 -30.51 20.82
CA ALA K 89 -0.17 -29.30 21.62
C ALA K 89 0.60 -28.11 21.03
N ALA K 90 1.70 -28.38 20.33
CA ALA K 90 2.45 -27.31 19.69
C ALA K 90 1.63 -26.57 18.64
N ASP K 91 0.49 -27.14 18.22
CA ASP K 91 -0.40 -26.49 17.26
C ASP K 91 -1.52 -25.72 17.93
N THR K 92 -1.64 -25.80 19.26
CA THR K 92 -2.54 -24.89 19.97
C THR K 92 -2.10 -23.46 19.71
N ALA K 93 -3.01 -22.66 19.15
CA ALA K 93 -2.67 -21.29 18.76
C ALA K 93 -3.94 -20.56 18.38
N VAL K 94 -3.80 -19.24 18.24
CA VAL K 94 -4.84 -18.43 17.62
C VAL K 94 -4.50 -18.31 16.14
N TYR K 95 -5.40 -18.77 15.29
CA TYR K 95 -5.18 -18.80 13.85
C TYR K 95 -5.81 -17.56 13.21
N TYR K 96 -5.02 -16.86 12.41
CA TYR K 96 -5.48 -15.69 11.66
C TYR K 96 -5.45 -16.00 10.18
N CYS K 97 -6.41 -15.46 9.44
CA CYS K 97 -6.35 -15.41 7.98
C CYS K 97 -6.19 -13.98 7.53
N ALA K 98 -5.23 -13.74 6.63
CA ALA K 98 -4.89 -12.39 6.21
C ALA K 98 -4.72 -12.35 4.70
N ARG K 99 -4.80 -11.13 4.16
CA ARG K 99 -4.66 -10.89 2.73
C ARG K 99 -3.40 -10.08 2.44
N VAL K 100 -2.85 -10.28 1.25
CA VAL K 100 -1.68 -9.54 0.77
C VAL K 100 -2.03 -8.94 -0.59
N SER K 101 -1.62 -7.69 -0.81
CA SER K 101 -1.79 -7.03 -2.10
C SER K 101 -0.46 -7.11 -2.85
N ILE K 102 -0.38 -8.04 -3.80
CA ILE K 102 0.89 -8.34 -4.46
C ILE K 102 1.44 -7.11 -5.17
N PHE K 103 0.56 -6.19 -5.59
CA PHE K 103 0.96 -4.99 -6.30
C PHE K 103 0.75 -3.72 -5.47
N GLY K 104 0.28 -3.87 -4.23
CA GLY K 104 0.14 -2.74 -3.32
C GLY K 104 1.26 -2.71 -2.29
N VAL K 105 0.89 -2.66 -1.00
CA VAL K 105 1.90 -2.63 0.05
C VAL K 105 2.80 -3.86 -0.05
N GLY K 106 2.24 -5.01 -0.40
CA GLY K 106 3.02 -6.22 -0.55
C GLY K 106 3.21 -7.02 0.72
N THR K 107 2.48 -6.70 1.79
CA THR K 107 2.54 -7.42 3.04
C THR K 107 1.14 -7.44 3.64
N PHE K 108 0.95 -8.26 4.66
CA PHE K 108 -0.37 -8.43 5.26
C PHE K 108 -0.98 -7.09 5.63
N ASP K 109 -2.13 -6.78 5.03
CA ASP K 109 -2.81 -5.52 5.25
C ASP K 109 -4.22 -5.69 5.81
N TYR K 110 -4.79 -6.88 5.78
CA TYR K 110 -6.13 -7.14 6.27
C TYR K 110 -6.14 -8.47 7.00
N TRP K 111 -6.65 -8.47 8.23
CA TRP K 111 -6.65 -9.67 9.06
C TRP K 111 -8.07 -9.94 9.54
N GLY K 112 -8.28 -11.16 10.02
CA GLY K 112 -9.50 -11.51 10.69
C GLY K 112 -9.37 -11.35 12.19
N GLN K 113 -10.50 -11.55 12.88
CA GLN K 113 -10.47 -11.45 14.34
C GLN K 113 -9.60 -12.54 14.96
N GLY K 114 -9.44 -13.67 14.29
CA GLY K 114 -8.69 -14.81 14.82
C GLY K 114 -9.58 -15.72 15.66
N THR K 115 -9.23 -17.00 15.67
CA THR K 115 -9.92 -17.99 16.49
C THR K 115 -8.90 -18.87 17.19
N LEU K 116 -9.15 -19.13 18.47
CA LEU K 116 -8.29 -20.04 19.22
C LEU K 116 -8.67 -21.48 18.92
N VAL K 117 -7.66 -22.33 18.69
CA VAL K 117 -7.85 -23.76 18.55
C VAL K 117 -6.92 -24.43 19.53
N THR K 118 -7.48 -25.24 20.42
CA THR K 118 -6.71 -25.94 21.45
C THR K 118 -6.65 -27.42 21.13
N VAL K 119 -5.47 -28.00 21.25
CA VAL K 119 -5.24 -29.42 21.01
C VAL K 119 -5.11 -30.08 22.38
N SER K 120 -6.07 -30.95 22.71
CA SER K 120 -6.05 -31.63 24.00
C SER K 120 -6.95 -32.86 23.95
N SER K 121 -6.48 -33.96 24.54
CA SER K 121 -7.26 -35.18 24.65
C SER K 121 -8.16 -35.19 25.88
N ALA K 122 -8.18 -34.11 26.65
CA ALA K 122 -8.96 -34.08 27.89
C ALA K 122 -10.45 -34.01 27.60
N SER K 123 -11.23 -34.45 28.57
CA SER K 123 -12.68 -34.51 28.46
C SER K 123 -13.31 -33.51 29.41
N THR K 124 -14.33 -32.79 28.92
CA THR K 124 -14.95 -31.71 29.68
C THR K 124 -15.18 -32.13 31.12
N LYS K 125 -14.82 -31.26 32.05
CA LYS K 125 -14.94 -31.55 33.47
C LYS K 125 -15.23 -30.26 34.22
N GLY K 126 -16.07 -30.36 35.25
CA GLY K 126 -16.45 -29.22 36.04
C GLY K 126 -15.41 -28.90 37.10
N PRO K 127 -15.33 -27.63 37.49
CA PRO K 127 -14.30 -27.23 38.46
C PRO K 127 -14.66 -27.61 39.88
N SER K 128 -13.63 -27.82 40.68
CA SER K 128 -13.75 -27.94 42.13
C SER K 128 -13.26 -26.63 42.76
N VAL K 129 -14.07 -26.07 43.65
CA VAL K 129 -13.81 -24.75 44.23
C VAL K 129 -13.39 -24.93 45.68
N PHE K 130 -12.13 -24.63 45.98
CA PHE K 130 -11.58 -24.71 47.32
C PHE K 130 -11.25 -23.32 47.86
N PRO K 131 -11.48 -23.04 49.14
CA PRO K 131 -11.30 -21.68 49.65
C PRO K 131 -9.86 -21.37 50.05
N LEU K 132 -9.47 -20.12 49.81
CA LEU K 132 -8.20 -19.58 50.30
C LEU K 132 -8.55 -18.65 51.46
N ALA K 133 -8.40 -19.16 52.68
CA ALA K 133 -8.90 -18.47 53.86
C ALA K 133 -7.83 -17.57 54.46
N PRO K 134 -8.20 -16.36 54.92
CA PRO K 134 -7.23 -15.45 55.55
C PRO K 134 -6.95 -15.82 57.01
N THR K 142 -4.90 -4.66 56.17
CA THR K 142 -5.45 -5.26 54.96
C THR K 142 -5.18 -6.76 54.90
N ALA K 143 -6.23 -7.54 54.66
CA ALA K 143 -6.14 -8.98 54.54
C ALA K 143 -6.47 -9.42 53.12
N ALA K 144 -6.11 -10.66 52.81
CA ALA K 144 -6.33 -11.23 51.50
C ALA K 144 -7.01 -12.59 51.62
N LEU K 145 -7.96 -12.84 50.73
CA LEU K 145 -8.65 -14.11 50.66
C LEU K 145 -8.89 -14.43 49.19
N GLY K 146 -9.42 -15.62 48.92
CA GLY K 146 -9.66 -15.99 47.53
C GLY K 146 -10.24 -17.38 47.43
N CYS K 147 -10.57 -17.75 46.19
CA CYS K 147 -11.04 -19.07 45.84
C CYS K 147 -10.07 -19.71 44.88
N LEU K 148 -9.85 -21.02 45.04
CA LEU K 148 -9.07 -21.80 44.10
C LEU K 148 -10.02 -22.64 43.25
N VAL K 149 -10.03 -22.38 41.94
CA VAL K 149 -10.78 -23.17 40.98
C VAL K 149 -9.82 -24.19 40.39
N LYS K 150 -10.04 -25.48 40.67
CA LYS K 150 -9.07 -26.50 40.40
C LYS K 150 -9.67 -27.66 39.61
N ASP K 151 -8.92 -28.12 38.60
CA ASP K 151 -9.26 -29.31 37.85
C ASP K 151 -10.53 -29.17 37.03
N TYR K 152 -10.46 -28.38 35.94
CA TYR K 152 -11.60 -28.20 35.05
C TYR K 152 -11.09 -28.21 33.61
N PHE K 153 -12.04 -28.22 32.68
CA PHE K 153 -11.75 -28.23 31.25
C PHE K 153 -13.06 -28.09 30.49
N PRO K 154 -13.11 -27.33 29.38
CA PRO K 154 -12.06 -26.55 28.74
C PRO K 154 -11.80 -25.19 29.39
N GLU K 155 -11.04 -24.34 28.69
CA GLU K 155 -10.48 -23.13 29.28
C GLU K 155 -11.52 -22.19 29.87
N PRO K 156 -12.60 -21.83 29.17
CA PRO K 156 -13.43 -20.69 29.62
C PRO K 156 -14.00 -20.90 31.01
N VAL K 157 -13.70 -19.96 31.91
CA VAL K 157 -14.19 -20.00 33.28
C VAL K 157 -14.23 -18.58 33.81
N THR K 158 -15.31 -18.24 34.50
CA THR K 158 -15.51 -16.88 35.03
C THR K 158 -15.78 -16.94 36.52
N VAL K 159 -15.35 -15.91 37.22
CA VAL K 159 -15.48 -15.81 38.67
C VAL K 159 -15.79 -14.37 39.05
N SER K 160 -16.74 -14.21 39.98
CA SER K 160 -17.05 -12.90 40.55
C SER K 160 -17.19 -13.05 42.06
N TRP K 161 -17.28 -11.93 42.75
CA TRP K 161 -17.35 -11.91 44.21
C TRP K 161 -18.61 -11.21 44.67
N ASN K 162 -19.34 -11.86 45.57
CA ASN K 162 -20.57 -11.31 46.15
C ASN K 162 -21.50 -10.79 45.06
N SER K 163 -21.51 -11.49 43.92
CA SER K 163 -22.41 -11.18 42.81
C SER K 163 -22.24 -9.72 42.35
N GLY K 164 -21.03 -9.43 41.86
CA GLY K 164 -20.72 -8.08 41.40
C GLY K 164 -20.62 -7.04 42.48
N ALA K 165 -20.89 -7.39 43.74
CA ALA K 165 -20.86 -6.43 44.84
C ALA K 165 -19.44 -6.17 45.34
N LEU K 166 -18.42 -6.65 44.63
CA LEU K 166 -17.04 -6.48 45.09
C LEU K 166 -16.14 -6.63 43.87
N THR K 167 -15.58 -5.51 43.40
CA THR K 167 -14.66 -5.50 42.27
C THR K 167 -13.35 -4.79 42.55
N SER K 168 -13.23 -4.07 43.66
CA SER K 168 -12.00 -3.38 43.99
C SER K 168 -11.00 -4.36 44.62
N GLY K 169 -9.75 -4.27 44.20
CA GLY K 169 -8.73 -5.15 44.73
C GLY K 169 -9.00 -6.61 44.45
N VAL K 170 -9.51 -6.92 43.26
CA VAL K 170 -9.76 -8.28 42.84
C VAL K 170 -8.75 -8.65 41.77
N HIS K 171 -8.27 -9.89 41.81
CA HIS K 171 -7.33 -10.39 40.82
C HIS K 171 -7.72 -11.83 40.49
N THR K 172 -8.17 -12.06 39.26
CA THR K 172 -8.40 -13.41 38.75
C THR K 172 -7.23 -13.75 37.83
N PHE K 173 -6.41 -14.71 38.25
CA PHE K 173 -5.19 -15.01 37.53
C PHE K 173 -5.50 -15.88 36.31
N PRO K 174 -4.68 -15.78 35.26
CA PRO K 174 -4.87 -16.69 34.12
C PRO K 174 -4.70 -18.13 34.55
N ALA K 175 -5.49 -19.01 33.94
CA ALA K 175 -5.44 -20.43 34.27
C ALA K 175 -4.09 -21.02 33.89
N VAL K 176 -3.66 -22.01 34.67
CA VAL K 176 -2.44 -22.77 34.38
C VAL K 176 -2.83 -24.17 33.97
N LEU K 177 -2.11 -24.72 33.00
CA LEU K 177 -2.37 -26.07 32.51
C LEU K 177 -1.56 -27.05 33.35
N GLN K 178 -2.26 -27.90 34.11
CA GLN K 178 -1.58 -28.89 34.93
C GLN K 178 -1.17 -30.09 34.08
N SER K 179 -0.15 -30.80 34.57
CA SER K 179 0.32 -31.99 33.88
C SER K 179 -0.79 -33.01 33.66
N SER K 180 -1.85 -32.96 34.48
CA SER K 180 -2.97 -33.88 34.33
C SER K 180 -3.88 -33.55 33.16
N GLY K 181 -3.64 -32.45 32.46
CA GLY K 181 -4.50 -32.04 31.37
C GLY K 181 -5.65 -31.13 31.74
N LEU K 182 -5.82 -30.82 33.02
CA LEU K 182 -6.89 -29.97 33.49
C LEU K 182 -6.34 -28.63 33.97
N TYR K 183 -7.14 -27.58 33.82
CA TYR K 183 -6.72 -26.23 34.16
C TYR K 183 -6.96 -25.92 35.63
N SER K 184 -6.14 -25.01 36.15
CA SER K 184 -6.28 -24.54 37.52
C SER K 184 -6.14 -23.03 37.53
N LEU K 185 -6.92 -22.39 38.40
CA LEU K 185 -7.05 -20.93 38.39
C LEU K 185 -7.36 -20.44 39.78
N SER K 186 -6.81 -19.29 40.14
CA SER K 186 -7.01 -18.68 41.45
C SER K 186 -7.62 -17.29 41.30
N SER K 187 -8.49 -16.93 42.25
CA SER K 187 -9.07 -15.60 42.30
C SER K 187 -8.98 -15.09 43.72
N VAL K 188 -8.27 -13.98 43.92
CA VAL K 188 -8.02 -13.42 45.24
C VAL K 188 -8.56 -12.00 45.31
N VAL K 189 -8.81 -11.54 46.53
CA VAL K 189 -9.27 -10.18 46.77
C VAL K 189 -8.67 -9.68 48.08
N THR K 190 -8.36 -8.40 48.11
CA THR K 190 -7.86 -7.74 49.32
C THR K 190 -8.98 -6.90 49.92
N VAL K 191 -9.17 -7.04 51.23
CA VAL K 191 -10.26 -6.35 51.92
C VAL K 191 -9.77 -5.83 53.26
N PRO K 192 -10.47 -4.87 53.84
CA PRO K 192 -10.10 -4.39 55.18
C PRO K 192 -10.15 -5.51 56.21
N SER K 193 -9.12 -5.60 57.03
CA SER K 193 -9.04 -6.66 58.03
C SER K 193 -10.17 -6.56 59.05
N SER K 194 -10.65 -5.35 59.32
CA SER K 194 -11.69 -5.17 60.33
C SER K 194 -13.00 -5.83 59.93
N SER K 195 -13.28 -5.94 58.62
CA SER K 195 -14.55 -6.46 58.14
C SER K 195 -14.59 -8.00 58.09
N LEU K 196 -13.52 -8.68 58.49
CA LEU K 196 -13.52 -10.14 58.44
C LEU K 196 -14.53 -10.74 59.41
N GLY K 197 -14.80 -10.07 60.52
CA GLY K 197 -15.76 -10.55 61.49
C GLY K 197 -17.18 -10.08 61.26
N THR K 198 -17.42 -9.28 60.22
CA THR K 198 -18.76 -8.77 59.94
C THR K 198 -19.15 -9.09 58.51
N GLN K 199 -18.48 -8.47 57.54
CA GLN K 199 -18.78 -8.72 56.14
C GLN K 199 -18.58 -10.19 55.79
N THR K 200 -19.40 -10.66 54.85
CA THR K 200 -19.31 -12.03 54.34
C THR K 200 -18.80 -12.00 52.90
N TYR K 201 -17.96 -12.97 52.55
CA TYR K 201 -17.32 -13.01 51.24
C TYR K 201 -17.58 -14.35 50.60
N ILE K 202 -18.17 -14.33 49.40
CA ILE K 202 -18.50 -15.52 48.63
C ILE K 202 -18.05 -15.31 47.19
N CYS K 203 -17.47 -16.34 46.59
CA CYS K 203 -17.05 -16.32 45.20
C CYS K 203 -18.02 -17.15 44.37
N ASN K 204 -18.30 -16.66 43.16
CA ASN K 204 -19.28 -17.27 42.26
C ASN K 204 -18.54 -17.83 41.06
N VAL K 205 -18.28 -19.13 41.08
CA VAL K 205 -17.56 -19.80 40.00
C VAL K 205 -18.57 -20.34 39.01
N ASN K 206 -18.45 -19.93 37.75
CA ASN K 206 -19.32 -20.36 36.67
C ASN K 206 -18.49 -21.03 35.59
N HIS K 207 -18.89 -22.22 35.17
CA HIS K 207 -18.23 -22.97 34.11
C HIS K 207 -19.31 -23.38 33.11
N LYS K 208 -19.38 -22.68 31.98
CA LYS K 208 -20.43 -22.95 31.00
C LYS K 208 -20.35 -24.36 30.43
N PRO K 209 -19.19 -24.83 29.92
CA PRO K 209 -19.17 -26.14 29.27
C PRO K 209 -19.75 -27.28 30.07
N SER K 210 -19.59 -27.28 31.40
CA SER K 210 -20.12 -28.35 32.24
C SER K 210 -21.34 -27.90 33.04
N ASN K 211 -21.91 -26.75 32.71
CA ASN K 211 -23.08 -26.21 33.41
C ASN K 211 -22.91 -26.36 34.93
N THR K 212 -21.87 -25.70 35.44
CA THR K 212 -21.52 -25.74 36.85
C THR K 212 -21.60 -24.35 37.43
N LYS K 213 -22.34 -24.20 38.53
CA LYS K 213 -22.42 -22.96 39.27
C LYS K 213 -22.19 -23.27 40.75
N VAL K 214 -21.18 -22.63 41.33
CA VAL K 214 -20.81 -22.85 42.73
C VAL K 214 -20.64 -21.50 43.41
N ASP K 215 -21.13 -21.40 44.64
CA ASP K 215 -20.98 -20.22 45.48
C ASP K 215 -20.35 -20.69 46.78
N LYS K 216 -19.04 -20.44 46.94
CA LYS K 216 -18.30 -20.91 48.10
C LYS K 216 -18.09 -19.76 49.08
N LYS K 217 -18.33 -20.03 50.36
CA LYS K 217 -18.09 -19.06 51.42
C LYS K 217 -16.67 -19.21 51.93
N VAL K 218 -15.93 -18.11 51.96
CA VAL K 218 -14.55 -18.08 52.43
C VAL K 218 -14.56 -17.46 53.82
N GLU K 219 -14.30 -18.26 54.83
CA GLU K 219 -14.31 -17.80 56.22
C GLU K 219 -12.97 -18.07 56.89
N PRO K 220 -12.55 -17.21 57.83
CA PRO K 220 -11.36 -17.52 58.62
C PRO K 220 -11.48 -18.82 59.40
N GLU L 1 15.60 -20.67 6.87
CA GLU L 1 14.71 -19.49 7.02
C GLU L 1 15.48 -18.28 7.54
N ILE L 2 15.07 -17.09 7.15
CA ILE L 2 15.70 -15.87 7.62
C ILE L 2 15.12 -15.55 9.00
N VAL L 3 15.96 -15.66 10.02
CA VAL L 3 15.54 -15.44 11.40
C VAL L 3 15.59 -13.95 11.70
N MET L 4 14.50 -13.42 12.25
CA MET L 4 14.42 -12.02 12.63
C MET L 4 14.53 -11.94 14.15
N THR L 5 15.56 -11.23 14.62
CA THR L 5 15.82 -11.07 16.05
C THR L 5 15.48 -9.64 16.45
N GLN L 6 14.69 -9.50 17.51
CA GLN L 6 14.33 -8.21 18.07
C GLN L 6 14.92 -8.06 19.46
N SER L 7 15.50 -6.89 19.72
CA SER L 7 16.10 -6.58 21.01
C SER L 7 15.85 -5.12 21.33
N PRO L 8 15.49 -4.78 22.58
CA PRO L 8 15.21 -5.71 23.69
C PRO L 8 13.84 -6.36 23.58
N ALA L 9 13.63 -7.44 24.33
CA ALA L 9 12.33 -8.09 24.35
C ALA L 9 11.28 -7.29 25.10
N THR L 10 11.70 -6.29 25.89
CA THR L 10 10.76 -5.47 26.65
C THR L 10 11.35 -4.07 26.79
N LEU L 11 10.50 -3.06 26.63
CA LEU L 11 10.87 -1.67 26.87
C LEU L 11 9.92 -1.09 27.90
N SER L 12 10.47 -0.62 29.01
CA SER L 12 9.69 0.09 30.02
C SER L 12 9.82 1.58 29.76
N LEU L 13 8.71 2.22 29.42
CA LEU L 13 8.71 3.61 29.00
C LEU L 13 7.51 4.32 29.60
N SER L 14 7.59 5.65 29.59
CA SER L 14 6.52 6.49 30.09
C SER L 14 5.88 7.28 28.95
N PRO L 15 4.63 7.70 29.09
CA PRO L 15 4.01 8.52 28.04
C PRO L 15 4.85 9.75 27.75
N GLY L 16 4.91 10.12 26.46
CA GLY L 16 5.70 11.25 26.02
C GLY L 16 7.14 10.93 25.69
N GLU L 17 7.63 9.74 26.03
CA GLU L 17 9.03 9.40 25.79
C GLU L 17 9.25 8.97 24.33
N ARG L 18 10.52 8.86 23.98
CA ARG L 18 10.95 8.45 22.65
C ARG L 18 11.33 6.98 22.68
N ALA L 19 10.58 6.16 21.96
CA ALA L 19 10.81 4.71 21.90
C ALA L 19 11.59 4.36 20.64
N THR L 20 12.56 3.45 20.79
CA THR L 20 13.41 3.01 19.68
C THR L 20 13.50 1.50 19.73
N LEU L 21 12.81 0.83 18.80
CA LEU L 21 12.79 -0.62 18.70
C LEU L 21 13.76 -1.07 17.61
N SER L 22 14.38 -2.22 17.83
CA SER L 22 15.37 -2.75 16.91
C SER L 22 14.97 -4.13 16.41
N CYS L 23 15.35 -4.40 15.16
CA CYS L 23 15.09 -5.67 14.49
C CYS L 23 16.30 -6.00 13.64
N ARG L 24 16.77 -7.24 13.74
CA ARG L 24 17.92 -7.71 13.00
C ARG L 24 17.56 -8.95 12.18
N ALA L 25 18.28 -9.16 11.08
CA ALA L 25 18.03 -10.27 10.19
C ALA L 25 19.30 -11.08 9.99
N SER L 26 19.17 -12.40 10.00
CA SER L 26 20.34 -13.26 9.82
C SER L 26 20.90 -13.15 8.41
N GLN L 27 20.08 -12.75 7.45
CA GLN L 27 20.51 -12.48 6.08
C GLN L 27 19.90 -11.16 5.64
N SER L 28 20.49 -10.57 4.61
CA SER L 28 19.94 -9.34 4.06
C SER L 28 18.53 -9.59 3.52
N VAL L 29 17.59 -8.75 3.95
CA VAL L 29 16.24 -8.73 3.42
C VAL L 29 16.01 -7.50 2.55
N SER L 30 17.08 -6.81 2.16
CA SER L 30 16.99 -5.60 1.35
C SER L 30 16.06 -4.63 2.08
N SER L 31 15.06 -4.05 1.42
CA SER L 31 14.13 -3.14 2.07
C SER L 31 12.80 -3.80 2.41
N TYR L 32 12.65 -5.10 2.20
CA TYR L 32 11.37 -5.79 2.36
C TYR L 32 11.19 -6.16 3.82
N LEU L 33 10.77 -5.18 4.62
CA LEU L 33 10.46 -5.40 6.02
C LEU L 33 9.25 -4.55 6.40
N ALA L 34 8.35 -5.14 7.18
CA ALA L 34 7.21 -4.42 7.73
C ALA L 34 7.27 -4.44 9.25
N TRP L 35 6.61 -3.47 9.87
CA TRP L 35 6.41 -3.43 11.31
C TRP L 35 4.92 -3.51 11.60
N TYR L 36 4.57 -4.32 12.61
CA TYR L 36 3.18 -4.52 13.01
C TYR L 36 3.03 -4.16 14.49
N GLN L 37 1.83 -3.72 14.84
CA GLN L 37 1.45 -3.45 16.22
C GLN L 37 0.31 -4.38 16.60
N GLN L 38 0.40 -4.98 17.78
CA GLN L 38 -0.62 -5.92 18.24
C GLN L 38 -0.93 -5.65 19.70
N LYS L 39 -2.17 -5.25 19.97
CA LYS L 39 -2.71 -5.14 21.31
C LYS L 39 -3.36 -6.44 21.73
N PRO L 40 -3.41 -6.73 23.02
CA PRO L 40 -3.94 -8.03 23.46
C PRO L 40 -5.36 -8.25 22.96
N GLY L 41 -5.59 -9.45 22.39
CA GLY L 41 -6.91 -9.84 21.93
C GLY L 41 -7.28 -9.35 20.54
N GLN L 42 -6.36 -8.72 19.83
CA GLN L 42 -6.62 -8.22 18.49
C GLN L 42 -5.56 -8.74 17.54
N ALA L 43 -5.75 -8.44 16.25
CA ALA L 43 -4.86 -8.90 15.21
C ALA L 43 -3.81 -7.85 14.88
N PRO L 44 -2.63 -8.26 14.43
CA PRO L 44 -1.58 -7.29 14.11
C PRO L 44 -2.08 -6.24 13.12
N ARG L 45 -1.69 -4.99 13.35
CA ARG L 45 -2.04 -3.86 12.50
C ARG L 45 -0.78 -3.33 11.84
N LEU L 46 -0.83 -3.18 10.52
CA LEU L 46 0.35 -2.74 9.77
C LEU L 46 0.70 -1.30 10.11
N LEU L 47 1.96 -1.07 10.47
CA LEU L 47 2.49 0.27 10.71
C LEU L 47 3.38 0.73 9.57
N ILE L 48 4.45 -0.01 9.30
CA ILE L 48 5.46 0.37 8.32
C ILE L 48 5.64 -0.77 7.34
N TYR L 49 5.72 -0.46 6.05
CA TYR L 49 6.13 -1.42 5.03
C TYR L 49 7.27 -0.82 4.23
N ASP L 50 7.98 -1.69 3.50
CA ASP L 50 9.19 -1.30 2.78
C ASP L 50 10.17 -0.57 3.70
N ALA L 51 10.12 -0.90 5.00
CA ALA L 51 11.05 -0.40 5.99
C ALA L 51 10.77 1.04 6.41
N SER L 52 10.31 1.88 5.50
CA SER L 52 10.22 3.32 5.75
C SER L 52 8.88 3.96 5.41
N ASN L 53 7.95 3.24 4.78
CA ASN L 53 6.68 3.83 4.36
C ASN L 53 5.59 3.53 5.37
N ARG L 54 4.92 4.57 5.84
CA ARG L 54 3.79 4.40 6.76
C ARG L 54 2.55 3.98 5.99
N ALA L 55 1.76 3.10 6.60
CA ALA L 55 0.50 2.68 6.02
C ALA L 55 -0.56 3.77 6.22
N THR L 56 -1.71 3.57 5.59
CA THR L 56 -2.79 4.55 5.65
C THR L 56 -3.32 4.66 7.08
N GLY L 57 -3.56 5.89 7.51
CA GLY L 57 -4.14 6.15 8.81
C GLY L 57 -3.20 6.04 9.99
N ILE L 58 -1.90 5.92 9.75
CA ILE L 58 -0.92 5.69 10.81
C ILE L 58 -0.40 7.05 11.27
N PRO L 59 -0.51 7.37 12.57
CA PRO L 59 0.00 8.67 13.04
C PRO L 59 1.44 8.92 12.64
N ALA L 60 1.84 10.19 12.63
CA ALA L 60 3.17 10.56 12.17
C ALA L 60 4.27 10.27 13.19
N ARG L 61 3.90 10.04 14.45
CA ARG L 61 4.90 9.72 15.46
C ARG L 61 5.63 8.42 15.13
N PHE L 62 4.96 7.48 14.46
CA PHE L 62 5.61 6.26 14.02
C PHE L 62 6.47 6.54 12.80
N SER L 63 7.64 5.89 12.74
CA SER L 63 8.53 6.02 11.60
C SER L 63 9.54 4.89 11.63
N GLY L 64 10.01 4.50 10.45
CA GLY L 64 10.90 3.37 10.32
C GLY L 64 12.10 3.73 9.45
N SER L 65 13.12 2.88 9.53
CA SER L 65 14.36 3.12 8.81
C SER L 65 15.19 1.84 8.85
N GLY L 66 16.24 1.83 8.04
CA GLY L 66 17.16 0.72 7.97
C GLY L 66 17.12 0.01 6.63
N SER L 67 18.17 -0.77 6.38
CA SER L 67 18.25 -1.58 5.17
C SER L 67 19.21 -2.72 5.43
N GLY L 68 19.10 -3.75 4.60
CA GLY L 68 19.98 -4.90 4.70
C GLY L 68 19.62 -5.84 5.83
N THR L 69 20.31 -5.72 6.96
CA THR L 69 20.11 -6.61 8.10
C THR L 69 19.76 -5.89 9.40
N ASP L 70 19.79 -4.56 9.43
CA ASP L 70 19.56 -3.80 10.66
C ASP L 70 18.50 -2.74 10.40
N PHE L 71 17.40 -2.81 11.16
CA PHE L 71 16.27 -1.91 10.99
C PHE L 71 15.89 -1.31 12.35
N THR L 72 15.08 -0.26 12.31
CA THR L 72 14.75 0.48 13.53
C THR L 72 13.37 1.12 13.38
N LEU L 73 12.44 0.73 14.26
CA LEU L 73 11.19 1.44 14.43
C LEU L 73 11.37 2.50 15.52
N THR L 74 10.90 3.71 15.25
CA THR L 74 10.97 4.81 16.21
C THR L 74 9.57 5.35 16.46
N ILE L 75 9.31 5.70 17.71
CA ILE L 75 8.10 6.42 18.09
C ILE L 75 8.54 7.71 18.78
N SER L 76 8.20 8.85 18.18
CA SER L 76 8.68 10.13 18.70
C SER L 76 8.19 10.35 20.13
N SER L 77 6.88 10.21 20.36
CA SER L 77 6.29 10.43 21.67
C SER L 77 5.21 9.38 21.90
N LEU L 78 5.39 8.57 22.95
CA LEU L 78 4.42 7.52 23.25
C LEU L 78 3.11 8.13 23.76
N GLU L 79 2.01 7.74 23.16
CA GLU L 79 0.68 8.03 23.66
C GLU L 79 0.16 6.84 24.45
N PRO L 80 -0.93 7.01 25.22
CA PRO L 80 -1.45 5.88 26.00
C PRO L 80 -1.79 4.67 25.15
N GLU L 81 -2.14 4.87 23.87
CA GLU L 81 -2.59 3.80 23.01
C GLU L 81 -1.45 3.03 22.35
N ASP L 82 -0.23 3.52 22.45
CA ASP L 82 0.90 2.88 21.77
C ASP L 82 1.52 1.74 22.56
N PHE L 83 1.10 1.53 23.81
CA PHE L 83 1.66 0.43 24.59
C PHE L 83 1.09 -0.88 24.09
N ALA L 84 1.96 -1.69 23.50
CA ALA L 84 1.56 -2.96 22.90
C ALA L 84 2.79 -3.70 22.39
N VAL L 85 2.61 -4.85 21.79
CA VAL L 85 3.72 -5.61 21.22
C VAL L 85 3.93 -5.15 19.79
N TYR L 86 5.19 -5.04 19.39
CA TYR L 86 5.56 -4.65 18.03
C TYR L 86 6.41 -5.74 17.41
N TYR L 87 5.98 -6.24 16.25
CA TYR L 87 6.70 -7.26 15.52
C TYR L 87 7.30 -6.67 14.25
N CYS L 88 8.45 -7.19 13.86
CA CYS L 88 9.02 -6.95 12.53
C CYS L 88 8.87 -8.21 11.70
N HIS L 89 8.64 -8.03 10.41
CA HIS L 89 8.27 -9.13 9.53
C HIS L 89 8.87 -8.90 8.15
N GLN L 90 9.63 -9.88 7.67
CA GLN L 90 10.10 -9.86 6.30
C GLN L 90 9.05 -10.46 5.37
N TYR L 91 9.00 -9.95 4.14
CA TYR L 91 8.16 -10.54 3.11
C TYR L 91 8.94 -10.80 1.83
N GLY L 92 10.27 -10.72 1.87
CA GLY L 92 11.08 -10.81 0.68
C GLY L 92 11.50 -12.22 0.32
N SER L 93 11.75 -13.06 1.32
CA SER L 93 12.16 -14.44 1.08
C SER L 93 11.15 -15.39 1.70
N THR L 94 10.95 -16.51 1.03
CA THR L 94 10.09 -17.54 1.58
C THR L 94 10.93 -18.60 2.27
N PRO L 95 10.52 -19.14 3.43
CA PRO L 95 9.29 -18.83 4.16
C PRO L 95 9.28 -17.44 4.80
N LEU L 96 8.10 -16.89 5.02
CA LEU L 96 7.97 -15.60 5.68
C LEU L 96 8.15 -15.77 7.18
N THR L 97 8.81 -14.78 7.80
CA THR L 97 9.19 -14.89 9.19
C THR L 97 8.86 -13.60 9.94
N PHE L 98 8.54 -13.75 11.21
CA PHE L 98 8.31 -12.64 12.12
C PHE L 98 9.39 -12.64 13.21
N GLY L 99 9.57 -11.48 13.82
CA GLY L 99 10.43 -11.38 14.97
C GLY L 99 9.75 -11.84 16.23
N GLY L 100 10.52 -11.94 17.31
CA GLY L 100 9.99 -12.41 18.58
C GLY L 100 9.00 -11.47 19.23
N GLY L 101 9.01 -10.20 18.84
CA GLY L 101 8.16 -9.21 19.46
C GLY L 101 8.92 -8.37 20.47
N THR L 102 8.47 -7.12 20.63
CA THR L 102 8.97 -6.23 21.68
C THR L 102 7.75 -5.62 22.37
N LYS L 103 7.63 -5.85 23.67
CA LYS L 103 6.50 -5.34 24.43
C LYS L 103 6.85 -3.99 25.02
N ALA L 104 6.01 -2.99 24.74
CA ALA L 104 6.14 -1.69 25.37
C ALA L 104 5.24 -1.68 26.59
N GLU L 105 5.84 -1.67 27.78
CA GLU L 105 5.10 -1.62 29.03
C GLU L 105 5.15 -0.21 29.60
N ILE L 106 4.13 0.13 30.39
CA ILE L 106 4.11 1.41 31.10
C ILE L 106 5.10 1.36 32.24
N LYS L 107 6.07 2.28 32.24
CA LYS L 107 6.96 2.42 33.38
C LYS L 107 6.22 3.09 34.53
N ARG L 108 6.56 2.67 35.75
CA ARG L 108 5.92 3.21 36.94
C ARG L 108 6.89 3.16 38.11
N THR L 109 6.54 3.86 39.17
CA THR L 109 7.35 3.83 40.38
C THR L 109 7.43 2.42 40.94
N VAL L 110 8.64 2.04 41.35
CA VAL L 110 8.85 0.73 41.97
C VAL L 110 7.86 0.55 43.11
N ALA L 111 7.29 -0.64 43.20
CA ALA L 111 6.39 -1.00 44.29
C ALA L 111 6.75 -2.40 44.77
N ALA L 112 6.77 -2.57 46.08
CA ALA L 112 7.07 -3.88 46.65
C ALA L 112 5.82 -4.76 46.66
N PRO L 113 6.00 -6.08 46.53
CA PRO L 113 4.85 -6.98 46.62
C PRO L 113 4.38 -7.15 48.06
N SER L 114 3.07 -7.27 48.22
CA SER L 114 2.46 -7.66 49.48
C SER L 114 2.24 -9.18 49.44
N VAL L 115 2.93 -9.89 50.31
CA VAL L 115 2.99 -11.34 50.27
C VAL L 115 1.98 -11.92 51.24
N PHE L 116 1.21 -12.91 50.77
CA PHE L 116 0.33 -13.68 51.62
C PHE L 116 0.52 -15.16 51.32
N ILE L 117 0.37 -15.99 52.34
CA ILE L 117 0.48 -17.44 52.20
C ILE L 117 -0.83 -18.07 52.65
N PHE L 118 -1.29 -19.06 51.89
CA PHE L 118 -2.53 -19.75 52.17
C PHE L 118 -2.28 -21.23 52.36
N PRO L 119 -2.72 -21.83 53.47
CA PRO L 119 -2.53 -23.28 53.63
C PRO L 119 -3.63 -24.06 52.94
N PRO L 120 -3.48 -25.38 52.82
CA PRO L 120 -4.54 -26.18 52.20
C PRO L 120 -5.81 -26.19 53.06
N SER L 121 -6.95 -26.15 52.39
CA SER L 121 -8.22 -26.29 53.09
C SER L 121 -8.41 -27.74 53.55
N ASP L 122 -9.18 -27.90 54.63
CA ASP L 122 -9.52 -29.25 55.07
C ASP L 122 -10.33 -29.98 54.01
N GLU L 123 -11.18 -29.26 53.28
CA GLU L 123 -11.98 -29.88 52.23
C GLU L 123 -11.09 -30.56 51.19
N GLN L 124 -10.06 -29.87 50.73
CA GLN L 124 -9.18 -30.46 49.71
C GLN L 124 -8.41 -31.64 50.27
N LEU L 125 -7.94 -31.53 51.52
CA LEU L 125 -7.16 -32.62 52.12
C LEU L 125 -7.94 -33.92 52.19
N LYS L 126 -9.27 -33.85 52.18
CA LYS L 126 -10.07 -35.07 52.10
C LYS L 126 -9.87 -35.78 50.77
N SER L 127 -9.61 -35.04 49.69
CA SER L 127 -9.45 -35.62 48.37
C SER L 127 -8.04 -36.14 48.10
N GLY L 128 -7.13 -36.03 49.06
CA GLY L 128 -5.79 -36.60 48.91
C GLY L 128 -4.76 -35.70 48.27
N THR L 129 -5.00 -34.39 48.20
CA THR L 129 -4.06 -33.45 47.59
C THR L 129 -3.99 -32.20 48.45
N ALA L 130 -2.84 -31.53 48.41
CA ALA L 130 -2.62 -30.31 49.18
C ALA L 130 -2.02 -29.23 48.28
N SER L 131 -2.72 -28.11 48.14
CA SER L 131 -2.25 -26.98 47.36
C SER L 131 -1.96 -25.81 48.30
N VAL L 132 -0.73 -25.29 48.26
CA VAL L 132 -0.32 -24.15 49.07
C VAL L 132 -0.11 -22.98 48.13
N VAL L 133 -0.86 -21.90 48.35
CA VAL L 133 -0.90 -20.75 47.45
C VAL L 133 -0.16 -19.60 48.09
N CYS L 134 0.75 -19.00 47.33
CA CYS L 134 1.52 -17.83 47.76
C CYS L 134 1.21 -16.68 46.81
N LEU L 135 0.71 -15.58 47.35
CA LEU L 135 0.24 -14.46 46.55
C LEU L 135 1.22 -13.28 46.68
N LEU L 136 1.63 -12.73 45.53
CA LEU L 136 2.43 -11.51 45.46
C LEU L 136 1.55 -10.45 44.81
N ASN L 137 1.08 -9.50 45.61
CA ASN L 137 0.03 -8.58 45.20
C ASN L 137 0.60 -7.20 44.89
N ASN L 138 0.25 -6.68 43.70
CA ASN L 138 0.47 -5.30 43.29
C ASN L 138 1.93 -4.86 43.49
N PHE L 139 2.78 -5.25 42.54
CA PHE L 139 4.19 -4.92 42.62
C PHE L 139 4.70 -4.52 41.24
N TYR L 140 5.86 -3.86 41.23
CA TYR L 140 6.50 -3.43 39.99
C TYR L 140 7.96 -3.16 40.32
N PRO L 141 8.91 -3.51 39.44
CA PRO L 141 8.75 -4.16 38.12
C PRO L 141 8.29 -5.62 38.24
N ARG L 142 8.27 -6.32 37.10
CA ARG L 142 7.70 -7.66 37.07
C ARG L 142 8.64 -8.72 37.62
N GLU L 143 9.95 -8.50 37.51
CA GLU L 143 10.91 -9.51 37.95
C GLU L 143 10.74 -9.78 39.44
N ALA L 144 10.35 -11.01 39.77
CA ALA L 144 10.20 -11.42 41.16
C ALA L 144 10.57 -12.89 41.27
N LYS L 145 11.27 -13.24 42.34
CA LYS L 145 11.74 -14.60 42.58
C LYS L 145 10.98 -15.19 43.75
N VAL L 146 10.40 -16.37 43.55
CA VAL L 146 9.61 -17.04 44.58
C VAL L 146 10.18 -18.43 44.78
N GLN L 147 10.60 -18.73 46.00
CA GLN L 147 11.10 -20.04 46.36
C GLN L 147 10.23 -20.65 47.46
N TRP L 148 9.89 -21.92 47.31
CA TRP L 148 9.18 -22.65 48.34
C TRP L 148 10.18 -23.40 49.21
N LYS L 149 9.88 -23.48 50.50
CA LYS L 149 10.72 -24.20 51.45
C LYS L 149 9.83 -24.97 52.40
N VAL L 150 10.06 -26.26 52.51
CA VAL L 150 9.32 -27.14 53.41
C VAL L 150 10.33 -27.65 54.44
N ASP L 151 10.13 -27.29 55.70
CA ASP L 151 11.08 -27.62 56.78
C ASP L 151 12.50 -27.25 56.37
N ASN L 152 12.64 -26.06 55.77
CA ASN L 152 13.90 -25.48 55.31
C ASN L 152 14.42 -26.13 54.03
N ALA L 153 13.73 -27.13 53.48
CA ALA L 153 14.16 -27.80 52.27
C ALA L 153 13.62 -27.06 51.05
N LEU L 154 14.51 -26.61 50.18
CA LEU L 154 14.09 -25.90 48.98
C LEU L 154 13.40 -26.85 48.01
N GLN L 155 12.31 -26.38 47.43
CA GLN L 155 11.49 -27.18 46.53
C GLN L 155 11.84 -26.91 45.08
N SER L 156 11.57 -27.90 44.23
CA SER L 156 11.85 -27.81 42.81
C SER L 156 10.86 -28.65 42.03
N GLY L 157 10.30 -28.09 40.95
CA GLY L 157 9.46 -28.82 40.04
C GLY L 157 8.09 -29.20 40.56
N ASN L 158 7.70 -28.72 41.74
CA ASN L 158 6.38 -29.01 42.30
C ASN L 158 5.56 -27.74 42.51
N SER L 159 5.87 -26.66 41.80
CA SER L 159 5.14 -25.41 41.91
C SER L 159 4.90 -24.84 40.53
N GLN L 160 3.86 -24.01 40.43
CA GLN L 160 3.51 -23.37 39.17
C GLN L 160 3.10 -21.93 39.43
N GLU L 161 3.61 -21.01 38.61
CA GLU L 161 3.33 -19.59 38.75
C GLU L 161 2.31 -19.12 37.72
N SER L 162 1.64 -18.02 38.06
CA SER L 162 0.71 -17.37 37.15
C SER L 162 0.75 -15.88 37.41
N VAL L 163 1.01 -15.09 36.37
CA VAL L 163 1.17 -13.65 36.49
C VAL L 163 0.06 -12.97 35.71
N THR L 164 -0.49 -11.90 36.28
CA THR L 164 -1.52 -11.14 35.57
C THR L 164 -0.87 -10.20 34.57
N GLU L 165 -1.72 -9.54 33.80
CA GLU L 165 -1.27 -8.50 32.89
C GLU L 165 -1.28 -7.16 33.61
N GLN L 166 -0.32 -6.31 33.24
CA GLN L 166 -0.16 -5.01 33.88
C GLN L 166 -1.51 -4.34 34.06
N ASP L 167 -1.89 -4.10 35.33
CA ASP L 167 -3.22 -3.63 35.64
C ASP L 167 -3.55 -2.36 34.87
N SER L 168 -4.84 -2.16 34.61
CA SER L 168 -5.29 -0.98 33.88
C SER L 168 -5.36 0.26 34.74
N LYS L 169 -5.48 0.11 36.06
CA LYS L 169 -5.51 1.25 36.97
C LYS L 169 -4.11 1.61 37.43
N ASP L 170 -3.54 0.82 38.34
CA ASP L 170 -2.25 1.14 38.95
C ASP L 170 -1.06 0.58 38.18
N SER L 171 -1.28 -0.14 37.09
CA SER L 171 -0.20 -0.65 36.25
C SER L 171 0.72 -1.61 37.01
N THR L 172 0.19 -2.29 38.01
CA THR L 172 0.96 -3.25 38.79
C THR L 172 0.81 -4.66 38.22
N TYR L 173 1.68 -5.55 38.68
CA TYR L 173 1.58 -6.97 38.41
C TYR L 173 1.15 -7.70 39.67
N SER L 174 0.59 -8.88 39.47
CA SER L 174 0.30 -9.79 40.58
C SER L 174 0.71 -11.20 40.15
N LEU L 175 1.16 -11.98 41.13
CA LEU L 175 1.68 -13.31 40.86
C LEU L 175 1.19 -14.25 41.95
N SER L 176 0.79 -15.45 41.54
CA SER L 176 0.42 -16.50 42.47
C SER L 176 1.22 -17.76 42.12
N SER L 177 1.86 -18.34 43.14
CA SER L 177 2.61 -19.57 42.99
C SER L 177 1.90 -20.64 43.82
N THR L 178 1.72 -21.81 43.22
CA THR L 178 0.93 -22.89 43.82
C THR L 178 1.81 -24.12 43.98
N LEU L 179 2.08 -24.49 45.23
CA LEU L 179 2.84 -25.69 45.56
C LEU L 179 1.86 -26.84 45.75
N THR L 180 2.08 -27.93 45.02
CA THR L 180 1.13 -29.03 44.96
C THR L 180 1.79 -30.29 45.50
N LEU L 181 1.26 -30.80 46.61
CA LEU L 181 1.79 -31.98 47.27
C LEU L 181 0.67 -32.97 47.53
N SER L 182 1.05 -34.24 47.69
CA SER L 182 0.09 -35.25 48.10
C SER L 182 -0.17 -35.13 49.60
N LYS L 183 -1.34 -35.62 50.02
CA LYS L 183 -1.68 -35.58 51.43
C LYS L 183 -0.61 -36.25 52.27
N ALA L 184 0.01 -37.32 51.75
CA ALA L 184 1.08 -37.99 52.49
C ALA L 184 2.27 -37.07 52.67
N ASP L 185 2.83 -36.58 51.56
CA ASP L 185 4.01 -35.72 51.65
C ASP L 185 3.74 -34.47 52.47
N TYR L 186 2.53 -33.89 52.34
CA TYR L 186 2.21 -32.69 53.08
C TYR L 186 2.24 -32.93 54.58
N GLU L 187 1.82 -34.12 55.02
CA GLU L 187 1.78 -34.42 56.44
C GLU L 187 3.14 -34.82 57.01
N LYS L 188 4.15 -35.07 56.14
CA LYS L 188 5.47 -35.41 56.62
C LYS L 188 6.20 -34.23 57.25
N HIS L 189 5.76 -33.00 56.98
CA HIS L 189 6.53 -31.81 57.33
C HIS L 189 5.64 -30.78 58.02
N LYS L 190 6.30 -29.84 58.69
CA LYS L 190 5.64 -28.89 59.59
C LYS L 190 5.64 -27.46 59.07
N VAL L 191 6.79 -26.92 58.66
CA VAL L 191 6.91 -25.51 58.34
C VAL L 191 6.90 -25.36 56.82
N TYR L 192 5.94 -24.57 56.32
CA TYR L 192 5.84 -24.23 54.91
C TYR L 192 6.07 -22.74 54.73
N ALA L 193 7.00 -22.39 53.85
CA ALA L 193 7.45 -21.01 53.70
C ALA L 193 7.46 -20.61 52.23
N CYS L 194 7.19 -19.32 51.99
CA CYS L 194 7.27 -18.71 50.68
C CYS L 194 8.24 -17.53 50.78
N GLU L 195 9.40 -17.63 50.13
CA GLU L 195 10.43 -16.60 50.19
C GLU L 195 10.40 -15.77 48.91
N VAL L 196 9.97 -14.51 49.02
CA VAL L 196 9.83 -13.62 47.88
C VAL L 196 11.00 -12.65 47.85
N THR L 197 11.62 -12.51 46.69
CA THR L 197 12.71 -11.57 46.48
C THR L 197 12.31 -10.59 45.39
N HIS L 198 12.48 -9.29 45.66
CA HIS L 198 12.07 -8.24 44.74
C HIS L 198 12.84 -6.98 45.08
N GLN L 199 13.21 -6.21 44.05
CA GLN L 199 14.10 -5.06 44.24
C GLN L 199 13.47 -4.01 45.15
N GLY L 200 12.14 -3.93 45.19
CA GLY L 200 11.46 -3.01 46.08
C GLY L 200 11.50 -3.41 47.55
N LEU L 201 12.20 -4.48 47.89
CA LEU L 201 12.30 -4.97 49.25
C LEU L 201 13.74 -4.88 49.73
N SER L 202 13.92 -4.44 50.98
CA SER L 202 15.23 -4.44 51.62
C SER L 202 15.83 -5.84 51.55
N SER L 203 15.28 -6.76 52.33
CA SER L 203 15.70 -8.15 52.35
C SER L 203 14.53 -9.03 51.90
N PRO L 204 14.81 -10.26 51.49
CA PRO L 204 13.72 -11.15 51.07
C PRO L 204 12.67 -11.30 52.15
N VAL L 205 11.41 -11.22 51.74
CA VAL L 205 10.29 -11.43 52.63
C VAL L 205 9.96 -12.92 52.66
N THR L 206 9.42 -13.38 53.79
CA THR L 206 9.11 -14.80 53.97
C THR L 206 7.86 -14.91 54.82
N LYS L 207 6.79 -15.39 54.21
CA LYS L 207 5.59 -15.79 54.93
C LYS L 207 5.61 -17.30 55.14
N SER L 208 5.04 -17.74 56.26
CA SER L 208 5.07 -19.16 56.57
C SER L 208 3.92 -19.52 57.51
N PHE L 209 3.69 -20.81 57.66
CA PHE L 209 2.70 -21.34 58.59
C PHE L 209 3.16 -22.72 59.05
N ASN L 210 2.64 -23.13 60.21
CA ASN L 210 2.90 -24.47 60.75
C ASN L 210 1.67 -25.33 60.54
N ARG L 211 1.86 -26.50 59.93
CA ARG L 211 0.74 -27.36 59.58
C ARG L 211 -0.14 -27.62 60.80
N GLY L 212 -1.45 -27.42 60.63
CA GLY L 212 -2.40 -27.63 61.71
C GLY L 212 -2.22 -26.65 62.85
N ALA L 213 -2.36 -25.37 62.57
CA ALA L 213 -2.23 -24.34 63.59
C ALA L 213 -2.89 -23.04 63.15
C1 NAG M . 14.91 50.57 -11.99
C2 NAG M . 14.92 52.08 -12.00
C3 NAG M . 15.01 52.60 -13.43
C4 NAG M . 16.19 51.95 -14.16
C5 NAG M . 16.23 50.44 -13.95
C6 NAG M . 17.52 49.82 -14.44
C7 NAG M . 13.69 53.86 -10.82
C8 NAG M . 12.39 54.25 -10.17
N2 NAG M . 13.74 52.62 -11.33
O3 NAG M . 15.15 54.01 -13.43
O4 NAG M . 16.04 52.20 -15.56
O5 NAG M . 16.11 50.09 -12.57
O6 NAG M . 18.65 50.60 -14.03
O7 NAG M . 14.66 54.62 -10.85
C1 NAG M . 17.08 53.05 -16.06
C2 NAG M . 17.09 52.94 -17.58
C3 NAG M . 18.14 53.87 -18.18
C4 NAG M . 17.94 55.29 -17.68
C5 NAG M . 17.89 55.31 -16.16
C6 NAG M . 17.56 56.68 -15.59
C7 NAG M . 16.34 50.76 -18.43
C8 NAG M . 16.76 49.38 -18.84
N2 NAG M . 17.32 51.57 -18.00
O3 NAG M . 18.07 53.83 -19.59
O4 NAG M . 18.99 56.13 -18.13
O5 NAG M . 16.87 54.42 -15.68
O6 NAG M . 18.72 57.49 -15.49
O7 NAG M . 15.17 51.13 -18.51
C1 NAG N . 14.75 54.17 14.46
C2 NAG N . 13.66 53.33 15.11
C3 NAG N . 13.35 53.87 16.50
C4 NAG N . 14.62 53.98 17.33
C5 NAG N . 15.72 54.72 16.55
C6 NAG N . 17.06 54.70 17.26
C7 NAG N . 12.23 52.36 13.35
C8 NAG N . 10.93 52.46 12.62
N2 NAG N . 12.45 53.28 14.30
O3 NAG N . 12.40 53.03 17.14
O4 NAG N . 14.35 54.73 18.51
O5 NAG N . 15.93 54.12 15.26
O6 NAG N . 17.60 53.39 17.32
O7 NAG N . 13.06 51.49 13.09
C1 NAG N . 14.18 53.90 19.68
C2 NAG N . 14.49 54.74 20.93
C3 NAG N . 14.28 53.90 22.18
C4 NAG N . 12.89 53.29 22.18
C5 NAG N . 12.65 52.53 20.89
C6 NAG N . 11.25 51.97 20.76
C7 NAG N . 16.14 56.49 20.42
C8 NAG N . 17.59 56.86 20.44
N2 NAG N . 15.85 55.26 20.87
O3 NAG N . 14.43 54.73 23.33
O4 NAG N . 12.77 52.38 23.28
O5 NAG N . 12.86 53.39 19.77
O6 NAG N . 10.29 53.02 20.67
O7 NAG N . 15.28 57.26 20.02
C1 BMA N . 11.52 52.58 23.98
C2 BMA N . 11.18 51.32 24.78
C3 BMA N . 9.85 51.50 25.51
C4 BMA N . 9.83 52.84 26.30
C5 BMA N . 10.19 54.01 25.36
C6 BMA N . 10.26 55.34 26.08
O2 BMA N . 12.17 51.08 25.78
O3 BMA N . 9.56 50.41 26.38
O4 BMA N . 8.53 53.06 26.85
O5 BMA N . 11.50 53.74 24.79
O6 BMA N . 11.29 55.28 27.06
C1 NAG O . -44.87 26.90 -73.89
C2 NAG O . -44.96 28.27 -74.53
C3 NAG O . -44.91 29.35 -73.46
C4 NAG O . -45.95 29.09 -72.37
C5 NAG O . -45.87 27.65 -71.87
C6 NAG O . -47.00 27.28 -70.94
C7 NAG O . -44.08 29.16 -76.65
C8 NAG O . -42.87 29.26 -77.53
N2 NAG O . -43.90 28.48 -75.51
O3 NAG O . -45.13 30.63 -74.03
O4 NAG O . -45.74 29.96 -71.27
O5 NAG O . -45.93 26.74 -72.97
O6 NAG O . -48.26 27.42 -71.56
O7 NAG O . -45.16 29.67 -76.94
C1 NAG O . -46.88 30.81 -71.11
C2 NAG O . -46.74 31.50 -69.75
C3 NAG O . -47.85 32.53 -69.56
C4 NAG O . -47.91 33.49 -70.74
C5 NAG O . -48.01 32.70 -72.05
C6 NAG O . -47.96 33.57 -73.27
C7 NAG O . -45.65 30.02 -68.13
C8 NAG O . -45.85 29.02 -67.02
N2 NAG O . -46.76 30.53 -68.66
O3 NAG O . -47.63 33.25 -68.35
O4 NAG O . -49.03 34.35 -70.63
O5 NAG O . -46.91 31.78 -72.14
O6 NAG O . -49.26 33.94 -73.70
O7 NAG O . -44.52 30.36 -68.50
C1 NAG P . -43.02 13.99 -96.55
C2 NAG P . -41.82 13.06 -96.58
C3 NAG P . -41.46 12.74 -98.03
C4 NAG P . -42.68 12.19 -98.76
C5 NAG P . -43.89 13.11 -98.56
C6 NAG P . -45.17 12.53 -99.12
C7 NAG P . -40.36 13.35 -94.64
C8 NAG P . -39.15 14.03 -94.08
N2 NAG P . -40.67 13.65 -95.90
O3 NAG P . -40.40 11.78 -98.04
O4 NAG P . -42.40 12.14 -100.16
O5 NAG P . -44.12 13.35 -97.16
O6 NAG P . -45.53 11.34 -98.44
O7 NAG P . -41.03 12.57 -93.97
C1 NAG P . -42.04 10.80 -100.59
C2 NAG P . -42.27 10.72 -102.09
C3 NAG P . -41.86 9.33 -102.62
C4 NAG P . -40.47 8.95 -102.14
C5 NAG P . -40.35 9.13 -100.63
C6 NAG P . -38.96 8.89 -100.11
C7 NAG P . -44.07 12.21 -102.86
C8 NAG P . -45.53 12.32 -103.15
N2 NAG P . -43.65 11.00 -102.43
O3 NAG P . -41.90 9.34 -104.04
O4 NAG P . -40.23 7.59 -102.45
O5 NAG P . -40.70 10.48 -100.28
O6 NAG P . -38.04 9.86 -100.60
O7 NAG P . -43.30 13.15 -103.02
C1 BMA P . -38.94 7.41 -103.09
C2 BMA P . -38.51 5.95 -102.97
C3 BMA P . -37.20 5.68 -103.74
C4 BMA P . -37.18 6.38 -105.13
C5 BMA P . -37.68 7.82 -105.05
C6 BMA P . -37.83 8.46 -106.42
O2 BMA P . -39.50 5.08 -103.54
O3 BMA P . -36.99 4.28 -103.92
O4 BMA P . -35.85 6.37 -105.63
O5 BMA P . -38.97 7.84 -104.43
O6 BMA P . -38.91 7.81 -107.08
C1 MAN P . -36.05 3.74 -102.98
C2 MAN P . -34.80 3.25 -103.77
C3 MAN P . -33.92 2.24 -103.00
C4 MAN P . -34.59 1.77 -101.70
C5 MAN P . -36.05 1.52 -101.99
C6 MAN P . -36.79 0.76 -100.89
O2 MAN P . -33.93 4.33 -104.08
O3 MAN P . -32.62 2.76 -102.74
O4 MAN P . -33.96 0.58 -101.25
O5 MAN P . -36.70 2.79 -102.15
O6 MAN P . -37.27 1.72 -99.94
C1 NAG Q . 15.51 -49.82 76.02
C2 NAG Q . 15.34 -51.32 75.89
C3 NAG Q . 14.27 -51.63 74.85
C4 NAG Q . 12.98 -50.87 75.15
C5 NAG Q . 13.27 -49.38 75.35
C6 NAG Q . 12.06 -48.60 75.82
C7 NAG Q . 16.98 -53.14 76.03
C8 NAG Q . 18.31 -53.64 75.56
N2 NAG Q . 16.59 -51.96 75.54
O3 NAG Q . 14.01 -53.03 74.84
O4 NAG Q . 12.05 -51.02 74.10
O5 NAG Q . 14.28 -49.22 76.36
O6 NAG Q . 11.52 -49.15 77.00
O7 NAG Q . 16.29 -53.77 76.83
C1 NAG Q . 10.91 -51.71 74.63
C2 NAG Q . 9.74 -51.67 73.67
C3 NAG Q . 8.54 -52.42 74.27
C4 NAG Q . 8.96 -53.83 74.66
C5 NAG Q . 10.20 -53.80 75.56
C6 NAG Q . 10.76 -55.18 75.82
C7 NAG Q . 10.07 -49.54 72.49
C8 NAG Q . 9.54 -48.16 72.26
N2 NAG Q . 9.36 -50.31 73.34
O3 NAG Q . 7.48 -52.46 73.34
O4 NAG Q . 7.89 -54.48 75.35
O5 NAG Q . 11.25 -53.05 74.92
O6 NAG Q . 9.91 -55.94 76.67
O7 NAG Q . 11.09 -49.96 71.95
C1 NAG R . 35.09 -52.06 93.05
C2 NAG R . 36.29 -51.23 92.65
C3 NAG R . 37.54 -51.75 93.36
C4 NAG R . 37.30 -51.84 94.86
C5 NAG R . 35.99 -52.56 95.18
C6 NAG R . 35.63 -52.52 96.64
C7 NAG R . 35.96 -50.30 90.40
C8 NAG R . 36.27 -50.44 88.95
N2 NAG R . 36.48 -51.22 91.22
O3 NAG R . 38.64 -50.90 93.08
O4 NAG R . 38.36 -52.59 95.46
O5 NAG R . 34.89 -51.98 94.45
O6 NAG R . 35.54 -51.18 97.11
O7 NAG R . 35.26 -49.38 90.84
C1 NAG R . 39.32 -51.74 96.12
C2 NAG R . 40.05 -52.55 97.19
C3 NAG R . 41.12 -51.70 97.86
C4 NAG R . 42.04 -51.06 96.83
C5 NAG R . 41.21 -50.33 95.77
C6 NAG R . 42.04 -49.78 94.64
C7 NAG R . 38.63 -54.31 98.15
C8 NAG R . 37.68 -54.68 99.26
N2 NAG R . 39.12 -53.07 98.19
O3 NAG R . 41.89 -52.51 98.74
O4 NAG R . 42.90 -50.13 97.47
O5 NAG R . 40.26 -51.23 95.19
O6 NAG R . 42.67 -50.82 93.91
O7 NAG R . 38.94 -55.11 97.27
C1 BMA R . 44.26 -50.32 97.03
C2 BMA R . 45.06 -49.06 97.35
C3 BMA R . 46.55 -49.25 96.99
C4 BMA R . 47.11 -50.61 97.43
C5 BMA R . 46.16 -51.76 97.07
C6 BMA R . 46.62 -53.09 97.63
O2 BMA R . 45.01 -48.78 98.74
O3 BMA R . 47.33 -48.23 97.59
O4 BMA R . 48.37 -50.82 96.81
O5 BMA R . 44.85 -51.47 97.60
O6 BMA R . 46.71 -52.97 99.05
C1 MAN R . 47.64 -47.17 96.66
C2 MAN R . 49.19 -47.17 96.44
C3 MAN R . 49.71 -45.87 95.82
C4 MAN R . 48.65 -44.78 95.77
C5 MAN R . 47.89 -44.79 97.10
C6 MAN R . 46.99 -43.59 97.31
O2 MAN R . 49.55 -48.19 95.51
O3 MAN R . 50.28 -46.07 94.53
O4 MAN R . 49.25 -43.51 95.57
O5 MAN R . 47.06 -45.96 97.10
O6 MAN R . 45.81 -43.77 96.53
C1 NAG S . -10.89 -15.94 -25.16
C2 NAG S . -11.76 -14.98 -24.37
C3 NAG S . -13.03 -14.70 -25.15
C4 NAG S . -12.70 -14.23 -26.57
C5 NAG S . -11.68 -15.14 -27.23
C6 NAG S . -11.15 -14.57 -28.54
C7 NAG S . -11.27 -15.34 -21.99
C8 NAG S . -11.75 -15.94 -20.71
N2 NAG S . -12.07 -15.51 -23.05
O3 NAG S . -13.77 -13.69 -24.46
O4 NAG S . -13.89 -14.28 -27.34
O5 NAG S . -10.54 -15.36 -26.38
O6 NAG S . -10.48 -13.34 -28.32
O7 NAG S . -10.20 -14.75 -22.07
C1 NAG S . -14.51 -13.00 -27.45
C2 NAG S . -15.48 -13.01 -28.63
C3 NAG S . -16.21 -11.67 -28.76
C4 NAG S . -16.83 -11.27 -27.43
C5 NAG S . -15.79 -11.34 -26.31
C6 NAG S . -16.38 -11.07 -24.94
C7 NAG S . -14.81 -14.55 -30.43
C8 NAG S . -14.02 -14.71 -31.69
N2 NAG S . -14.79 -13.34 -29.87
O3 NAG S . -17.21 -11.76 -29.75
O4 NAG S . -17.34 -9.95 -27.51
O5 NAG S . -15.22 -12.65 -26.27
O6 NAG S . -17.22 -12.13 -24.52
O7 NAG S . -15.44 -15.48 -29.93
C1 NAG T . 7.16 -28.07 -10.65
C2 NAG T . 6.84 -29.47 -11.12
C3 NAG T . 7.68 -30.50 -10.36
C4 NAG T . 9.16 -30.14 -10.42
C5 NAG T . 9.37 -28.69 -9.98
C6 NAG T . 10.79 -28.22 -10.13
C7 NAG T . 4.68 -30.39 -11.88
C8 NAG T . 3.24 -30.60 -11.54
N2 NAG T . 5.42 -29.77 -10.96
O3 NAG T . 7.48 -31.79 -10.93
O4 NAG T . 9.91 -30.99 -9.56
O5 NAG T . 8.56 -27.82 -10.79
O6 NAG T . 11.20 -28.20 -11.49
O7 NAG T . 5.17 -30.76 -12.95
C1 NAG T . 10.74 -31.80 -10.41
C2 NAG T . 11.74 -32.60 -9.57
C3 NAG T . 12.60 -33.46 -10.49
C4 NAG T . 11.74 -34.33 -11.39
C5 NAG T . 10.71 -33.47 -12.12
C6 NAG T . 9.70 -34.28 -12.91
C7 NAG T . 12.20 -31.25 -7.57
C8 NAG T . 13.20 -30.37 -6.88
N2 NAG T . 12.58 -31.72 -8.77
O3 NAG T . 13.46 -34.29 -9.70
O4 NAG T . 12.54 -34.99 -12.35
O5 NAG T . 9.95 -32.70 -11.17
O6 NAG T . 10.25 -34.76 -14.12
O7 NAG T . 11.11 -31.52 -7.08
C1 NAG U . 35.54 58.15 12.95
C2 NAG U . 35.67 58.49 14.44
C3 NAG U . 35.93 59.98 14.62
C4 NAG U . 37.17 60.37 13.82
C5 NAG U . 37.00 59.96 12.36
C6 NAG U . 38.23 60.24 11.52
C7 NAG U . 33.25 58.44 14.84
C8 NAG U . 32.14 57.90 15.71
N2 NAG U . 34.49 58.07 15.18
O3 NAG U . 36.14 60.26 16.00
O4 NAG U . 37.37 61.78 13.91
O5 NAG U . 36.73 58.56 12.27
O6 NAG U . 38.01 59.92 10.16
O7 NAG U . 33.02 59.20 13.90
C1 NAG V . 18.35 59.55 -5.82
C2 NAG V . 19.08 60.69 -6.48
C3 NAG V . 18.73 61.97 -5.76
C4 NAG V . 17.22 62.16 -5.77
C5 NAG V . 16.44 60.89 -5.38
C6 NAG V . 14.97 60.97 -5.74
C7 NAG V . 21.25 60.24 -7.60
C8 NAG V . 20.50 60.21 -8.90
N2 NAG V . 20.52 60.47 -6.50
O3 NAG V . 19.38 63.07 -6.38
O4 NAG V . 16.88 63.19 -4.84
O5 NAG V . 16.96 59.71 -6.03
O6 NAG V . 14.17 61.29 -4.61
O7 NAG V . 22.46 60.06 -7.55
C1 NAG W . -64.76 16.12 -96.60
C2 NAG W . -64.52 15.95 -98.11
C3 NAG W . -65.25 17.03 -98.91
C4 NAG W . -66.72 17.06 -98.52
C5 NAG W . -66.84 17.28 -97.02
C6 NAG W . -68.27 17.31 -96.53
C7 NAG W . -62.41 15.06 -99.06
C8 NAG W . -63.19 13.87 -99.56
N2 NAG W . -63.08 16.00 -98.39
O3 NAG W . -65.12 16.73 -100.29
O4 NAG W . -67.40 18.09 -99.22
O5 NAG W . -66.17 16.21 -96.34
O6 NAG W . -68.79 16.01 -96.34
O7 NAG W . -61.20 15.16 -99.26
C1 NAG X . -49.53 30.05 -82.52
C2 NAG X . -50.86 30.76 -82.83
C3 NAG X . -51.09 30.89 -84.34
C4 NAG X . -49.87 31.46 -85.04
C5 NAG X . -48.66 30.61 -84.70
C6 NAG X . -47.37 31.13 -85.29
C7 NAG X . -52.57 30.37 -81.06
C8 NAG X . -52.03 31.55 -80.32
N2 NAG X . -51.98 30.05 -82.22
O3 NAG X . -52.21 31.73 -84.59
O4 NAG X . -50.09 31.48 -86.44
O5 NAG X . -48.49 30.60 -83.29
O6 NAG X . -47.09 30.55 -86.56
O7 NAG X . -53.51 29.72 -80.62
C1 NAG Y . 20.22 -56.03 107.76
C2 NAG Y . 21.36 -56.52 108.65
C3 NAG Y . 21.10 -57.96 109.09
C4 NAG Y . 19.72 -58.07 109.73
C5 NAG Y . 18.65 -57.51 108.82
C6 NAG Y . 17.27 -57.48 109.46
C7 NAG Y . 22.94 -57.12 106.85
C8 NAG Y . 24.31 -56.89 106.30
N2 NAG Y . 22.64 -56.42 107.97
O3 NAG Y . 22.10 -58.36 110.00
O4 NAG Y . 19.44 -59.44 110.00
O5 NAG Y . 18.97 -56.16 108.46
O6 NAG Y . 16.38 -56.66 108.73
O7 NAG Y . 22.14 -57.88 106.33
C1 NAG Z . 17.45 -57.62 82.29
C2 NAG Z . 16.53 -58.68 82.87
C3 NAG Z . 17.31 -59.64 83.75
C4 NAG Z . 18.45 -60.26 82.95
C5 NAG Z . 19.33 -59.16 82.37
C6 NAG Z . 20.41 -59.69 81.45
C7 NAG Z . 14.19 -57.91 83.12
C8 NAG Z . 13.94 -58.36 81.72
N2 NAG Z . 15.43 -58.08 83.61
O3 NAG Z . 16.45 -60.66 84.25
O4 NAG Z . 19.22 -61.11 83.79
O5 NAG Z . 18.54 -58.25 81.59
O6 NAG Z . 21.45 -60.34 82.17
O7 NAG Z . 13.30 -57.39 83.80
C1 NAG AA . 3.20 -31.24 -20.06
C2 NAG AA . 3.91 -32.42 -20.64
C3 NAG AA . 2.91 -33.21 -21.47
C4 NAG AA . 1.71 -33.60 -20.59
C5 NAG AA . 1.19 -32.43 -19.74
C6 NAG AA . 0.26 -32.89 -18.63
C7 NAG AA . 6.32 -32.41 -21.20
C8 NAG AA . 6.55 -33.29 -20.02
N2 NAG AA . 5.05 -32.04 -21.45
O3 NAG AA . 3.52 -34.37 -22.01
O4 NAG AA . 0.66 -34.05 -21.42
O5 NAG AA . 2.25 -31.68 -19.11
O6 NAG AA . -1.09 -32.88 -19.05
O7 NAG AA . 7.25 -32.05 -21.93
#